data_2QL6
#
_entry.id   2QL6
#
_cell.length_a   145.710
_cell.length_b   99.960
_cell.length_c   145.590
_cell.angle_alpha   90.000
_cell.angle_beta   91.570
_cell.angle_gamma   90.000
#
_symmetry.space_group_name_H-M   'P 1 21 1'
#
loop_
_entity.id
_entity.type
_entity.pdbx_description
1 polymer 'nicotinamide riboside kinase 1'
2 non-polymer "ADENOSINE-5'-DIPHOSPHATE"
3 non-polymer (1R)-1-[4-(AMINOCARBONYL)-1,3-THIAZOL-2-YL]-1,4-ANHYDRO-D-RIBITOL
#
_entity_poly.entity_id   1
_entity_poly.type   'polypeptide(L)'
_entity_poly.pdbx_seq_one_letter_code
;(MSE)KTFIIGISGVTNSGKTTLAKNLQKHLPNCSVISQDDFFKPESEIETDKNGFLQYDVLEALN(MSE)EK(MSE)
(MSE)SAISCW(MSE)ESARHSVVSTDQESAEEIPILIIEGFLLFNYKPLDTIWNRSYFLTIPYEECKRRRSTRVYQPPD
SPGYFDGHVWP(MSE)YLKYRQE(MSE)QDITWEVVYLDGTKSEEDLFLQVYEDLIQELAKQKCLQVTA
;
_entity_poly.pdbx_strand_id   A,B,C,D,E,F,G,H,I,J,K,L,M,N,O,P
#
# COMPACT_ATOMS: atom_id res chain seq x y z
N LYS A 2 58.23 10.26 -68.23
CA LYS A 2 57.29 11.07 -69.06
C LYS A 2 55.97 11.40 -68.35
N THR A 3 55.64 10.65 -67.30
CA THR A 3 54.42 10.90 -66.55
C THR A 3 54.75 10.84 -65.07
N PHE A 4 54.06 11.63 -64.25
CA PHE A 4 54.34 11.62 -62.83
C PHE A 4 53.10 11.03 -62.17
N ILE A 5 53.29 9.97 -61.37
CA ILE A 5 52.17 9.34 -60.67
C ILE A 5 52.31 9.62 -59.17
N ILE A 6 51.29 10.24 -58.59
CA ILE A 6 51.31 10.59 -57.17
C ILE A 6 50.29 9.80 -56.38
N GLY A 7 50.74 9.19 -55.29
CA GLY A 7 49.84 8.42 -54.45
C GLY A 7 49.50 9.18 -53.17
N ILE A 8 48.23 9.15 -52.80
CA ILE A 8 47.73 9.80 -51.60
C ILE A 8 46.78 8.85 -50.87
N SER A 9 47.24 8.26 -49.78
CA SER A 9 46.41 7.36 -49.00
C SER A 9 46.30 7.82 -47.55
N GLY A 10 45.66 7.01 -46.73
CA GLY A 10 45.49 7.39 -45.35
C GLY A 10 44.12 6.94 -44.90
N VAL A 11 43.89 6.96 -43.60
CA VAL A 11 42.62 6.55 -43.02
C VAL A 11 41.42 7.38 -43.53
N THR A 12 40.22 6.83 -43.42
CA THR A 12 39.03 7.53 -43.88
C THR A 12 38.91 8.91 -43.24
N ASN A 13 38.43 9.89 -44.00
CA ASN A 13 38.26 11.25 -43.53
C ASN A 13 39.54 11.96 -43.09
N SER A 14 40.70 11.48 -43.54
CA SER A 14 41.97 12.10 -43.16
C SER A 14 42.20 13.37 -43.96
N GLY A 15 41.45 13.47 -45.07
CA GLY A 15 41.52 14.62 -45.96
C GLY A 15 42.08 14.35 -47.34
N LYS A 16 42.04 13.10 -47.79
CA LYS A 16 42.58 12.75 -49.09
C LYS A 16 41.86 13.39 -50.29
N THR A 17 40.54 13.34 -50.28
CA THR A 17 39.79 13.90 -51.38
C THR A 17 40.12 15.36 -51.52
N THR A 18 40.18 16.04 -50.39
CA THR A 18 40.44 17.46 -50.31
C THR A 18 41.83 17.85 -50.80
N LEU A 19 42.83 17.04 -50.48
CA LEU A 19 44.18 17.35 -50.92
C LEU A 19 44.28 17.13 -52.42
N ALA A 20 43.66 16.07 -52.88
CA ALA A 20 43.65 15.72 -54.29
C ALA A 20 43.05 16.83 -55.14
N LYS A 21 41.89 17.33 -54.74
CA LYS A 21 41.22 18.41 -55.47
C LYS A 21 42.04 19.68 -55.54
N ASN A 22 42.65 20.07 -54.42
CA ASN A 22 43.48 21.28 -54.35
C ASN A 22 44.68 21.18 -55.29
N LEU A 23 45.43 20.10 -55.19
CA LEU A 23 46.57 19.94 -56.07
C LEU A 23 46.06 19.98 -57.50
N GLN A 24 44.96 19.30 -57.74
CA GLN A 24 44.34 19.23 -59.04
C GLN A 24 44.12 20.60 -59.67
N LYS A 25 43.54 21.52 -58.90
CA LYS A 25 43.30 22.88 -59.40
C LYS A 25 44.56 23.65 -59.78
N HIS A 26 45.63 23.51 -59.01
CA HIS A 26 46.85 24.25 -59.28
C HIS A 26 47.97 23.49 -60.00
N LEU A 27 47.72 22.24 -60.37
CA LEU A 27 48.70 21.43 -61.07
C LEU A 27 48.28 21.34 -62.50
N PRO A 28 49.24 21.58 -63.43
CA PRO A 28 49.01 21.56 -64.88
C PRO A 28 49.07 20.17 -65.47
N ASN A 29 48.10 19.86 -66.33
CA ASN A 29 48.07 18.56 -67.00
C ASN A 29 47.90 17.52 -65.89
N CYS A 30 46.99 17.81 -64.98
CA CYS A 30 46.78 16.96 -63.83
C CYS A 30 45.42 16.27 -63.71
N SER A 31 45.46 14.94 -63.58
CA SER A 31 44.25 14.12 -63.45
C SER A 31 44.10 13.46 -62.07
N VAL A 32 42.86 13.02 -61.79
CA VAL A 32 42.52 12.37 -60.51
C VAL A 32 41.69 11.08 -60.65
N ILE A 33 42.13 10.03 -59.97
CA ILE A 33 41.40 8.77 -59.96
C ILE A 33 41.15 8.51 -58.49
N SER A 34 39.89 8.28 -58.14
CA SER A 34 39.54 8.01 -56.76
C SER A 34 39.22 6.54 -56.59
N GLN A 35 39.97 5.89 -55.69
CA GLN A 35 39.80 4.48 -55.40
C GLN A 35 38.35 4.08 -55.07
N ASP A 36 37.57 5.01 -54.51
CA ASP A 36 36.18 4.76 -54.10
C ASP A 36 35.19 4.50 -55.23
N ASP A 37 35.57 4.87 -56.45
CA ASP A 37 34.71 4.65 -57.63
C ASP A 37 34.80 3.20 -58.04
N PHE A 38 35.71 2.48 -57.42
CA PHE A 38 35.93 1.08 -57.74
C PHE A 38 35.44 0.09 -56.72
N PHE A 39 34.46 0.47 -55.91
CA PHE A 39 33.92 -0.46 -54.92
C PHE A 39 32.98 -1.40 -55.63
N LYS A 40 32.95 -2.65 -55.17
CA LYS A 40 32.09 -3.66 -55.75
C LYS A 40 30.67 -3.33 -55.30
N PRO A 41 29.66 -3.77 -56.07
CA PRO A 41 28.30 -3.46 -55.65
C PRO A 41 27.97 -4.08 -54.30
N GLU A 42 27.00 -3.47 -53.63
CA GLU A 42 26.53 -3.91 -52.31
C GLU A 42 26.24 -5.40 -52.27
N SER A 43 25.71 -5.91 -53.37
CA SER A 43 25.36 -7.32 -53.53
C SER A 43 26.59 -8.22 -53.56
N GLU A 44 27.75 -7.60 -53.75
CA GLU A 44 28.99 -8.33 -53.81
C GLU A 44 29.79 -8.25 -52.51
N ILE A 45 29.38 -7.35 -51.61
CA ILE A 45 30.07 -7.19 -50.33
C ILE A 45 29.71 -8.29 -49.33
N GLU A 46 30.64 -8.67 -48.47
CA GLU A 46 30.36 -9.72 -47.49
C GLU A 46 30.26 -9.15 -46.08
N THR A 47 29.56 -9.86 -45.19
CA THR A 47 29.42 -9.42 -43.81
C THR A 47 30.07 -10.51 -43.00
N ASP A 48 30.87 -10.13 -42.00
CA ASP A 48 31.55 -11.13 -41.17
C ASP A 48 30.61 -11.72 -40.14
N LYS A 49 31.18 -12.60 -39.33
CA LYS A 49 30.49 -13.30 -38.25
C LYS A 49 29.58 -12.38 -37.45
N ASN A 50 30.15 -11.23 -37.07
CA ASN A 50 29.45 -10.26 -36.26
C ASN A 50 28.50 -9.32 -37.02
N GLY A 51 28.19 -9.67 -38.27
CA GLY A 51 27.28 -8.85 -39.08
C GLY A 51 27.81 -7.52 -39.59
N PHE A 52 29.12 -7.48 -39.88
CA PHE A 52 29.78 -6.27 -40.37
C PHE A 52 30.08 -6.45 -41.85
N LEU A 53 29.65 -5.51 -42.68
CA LEU A 53 29.93 -5.59 -44.11
C LEU A 53 31.41 -5.34 -44.28
N GLN A 54 32.07 -6.14 -45.12
CA GLN A 54 33.51 -6.04 -45.34
C GLN A 54 33.91 -5.04 -46.43
N TYR A 55 33.94 -3.76 -46.07
CA TYR A 55 34.28 -2.71 -47.03
C TYR A 55 35.70 -2.18 -46.96
N ASP A 56 36.32 -2.34 -45.80
CA ASP A 56 37.65 -1.81 -45.62
C ASP A 56 38.76 -2.82 -45.84
N VAL A 57 38.56 -3.63 -46.87
CA VAL A 57 39.52 -4.64 -47.30
C VAL A 57 39.66 -4.56 -48.82
N LEU A 58 40.76 -5.04 -49.37
CA LEU A 58 40.94 -4.96 -50.81
C LEU A 58 39.93 -5.74 -51.60
N GLU A 59 39.40 -6.79 -50.99
CA GLU A 59 38.40 -7.66 -51.64
C GLU A 59 37.07 -6.97 -51.94
N ALA A 60 36.83 -5.79 -51.35
CA ALA A 60 35.59 -5.07 -51.56
C ALA A 60 35.69 -4.06 -52.70
N LEU A 61 36.84 -4.07 -53.39
CA LEU A 61 37.12 -3.16 -54.49
C LEU A 61 37.58 -3.86 -55.76
N ASN A 62 37.14 -3.39 -56.92
CA ASN A 62 37.53 -3.95 -58.20
C ASN A 62 38.85 -3.29 -58.57
N GLU A 64 41.33 -4.66 -60.29
CA GLU A 64 41.82 -4.99 -61.62
C GLU A 64 41.15 -4.03 -62.61
N LYS A 65 40.01 -3.49 -62.19
CA LYS A 65 39.26 -2.53 -62.99
C LYS A 65 40.04 -1.23 -62.90
N SER A 68 43.32 -1.08 -64.67
CA SER A 68 43.05 -0.93 -66.09
C SER A 68 42.79 0.51 -66.40
N ALA A 69 42.17 1.22 -65.46
CA ALA A 69 41.88 2.62 -65.65
C ALA A 69 43.18 3.40 -65.62
N ILE A 70 44.12 2.96 -64.79
CA ILE A 70 45.41 3.63 -64.68
C ILE A 70 46.24 3.39 -65.94
N SER A 71 46.19 2.17 -66.46
CA SER A 71 46.91 1.85 -67.67
C SER A 71 46.38 2.69 -68.83
N CYS A 72 45.07 2.84 -68.92
CA CYS A 72 44.50 3.66 -69.98
C CYS A 72 45.08 5.05 -69.95
N TRP A 73 45.04 5.66 -68.77
CA TRP A 73 45.55 7.01 -68.58
C TRP A 73 47.01 7.08 -68.97
N GLU A 75 48.95 5.06 -70.88
CA GLU A 75 49.25 4.92 -72.29
C GLU A 75 48.71 6.06 -73.14
N SER A 76 47.54 6.59 -72.81
CA SER A 76 47.03 7.68 -73.63
C SER A 76 47.80 8.97 -73.31
N ALA A 77 48.49 8.96 -72.17
CA ALA A 77 49.28 10.11 -71.72
C ALA A 77 50.49 10.34 -72.60
N ARG A 78 51.09 9.25 -73.09
CA ARG A 78 52.27 9.36 -73.94
C ARG A 78 51.88 10.07 -75.24
N HIS A 79 50.70 10.70 -75.24
CA HIS A 79 50.19 11.40 -76.42
C HIS A 79 49.45 12.69 -76.08
N ILE A 92 54.16 17.80 -68.97
CA ILE A 92 54.29 16.46 -68.37
C ILE A 92 53.02 16.06 -67.61
N PRO A 93 52.31 15.00 -68.08
CA PRO A 93 51.07 14.51 -67.47
C PRO A 93 51.20 14.07 -66.02
N ILE A 94 50.23 14.47 -65.20
CA ILE A 94 50.25 14.12 -63.79
C ILE A 94 48.97 13.39 -63.36
N LEU A 95 49.16 12.28 -62.65
CA LEU A 95 48.03 11.50 -62.17
C LEU A 95 48.09 11.36 -60.66
N ILE A 96 47.02 11.80 -60.02
CA ILE A 96 46.89 11.69 -58.58
C ILE A 96 45.92 10.55 -58.33
N ILE A 97 46.41 9.54 -57.62
CA ILE A 97 45.59 8.39 -57.29
C ILE A 97 45.34 8.50 -55.79
N GLU A 98 44.11 8.83 -55.38
CA GLU A 98 43.77 8.94 -53.98
C GLU A 98 42.89 7.76 -53.56
N GLY A 99 43.17 7.25 -52.36
CA GLY A 99 42.41 6.12 -51.84
C GLY A 99 42.87 5.74 -50.45
N PHE A 100 41.96 5.15 -49.68
CA PHE A 100 42.21 4.72 -48.30
C PHE A 100 43.02 3.42 -48.16
N LEU A 101 43.24 2.71 -49.26
CA LEU A 101 43.95 1.43 -49.24
C LEU A 101 44.79 1.28 -50.53
N LEU A 102 45.94 1.93 -50.58
CA LEU A 102 46.77 1.90 -51.77
C LEU A 102 48.17 1.32 -51.63
N PHE A 103 48.83 1.61 -50.52
CA PHE A 103 50.18 1.13 -50.33
C PHE A 103 50.31 -0.31 -49.84
N ASN A 104 49.23 -1.07 -49.97
CA ASN A 104 49.26 -2.47 -49.56
C ASN A 104 48.82 -3.30 -50.75
N TYR A 105 48.61 -2.62 -51.87
CA TYR A 105 48.22 -3.27 -53.13
C TYR A 105 49.47 -3.37 -53.99
N LYS A 106 50.18 -4.49 -53.90
CA LYS A 106 51.45 -4.73 -54.62
C LYS A 106 51.63 -4.24 -56.05
N PRO A 107 50.64 -4.39 -56.92
CA PRO A 107 50.79 -3.93 -58.30
C PRO A 107 51.12 -2.44 -58.48
N LEU A 108 50.86 -1.64 -57.46
CA LEU A 108 51.09 -0.20 -57.53
C LEU A 108 52.48 0.24 -57.07
N ASP A 109 53.08 -0.52 -56.17
CA ASP A 109 54.41 -0.20 -55.63
C ASP A 109 55.46 0.28 -56.63
N THR A 110 55.46 -0.34 -57.80
CA THR A 110 56.40 -0.04 -58.89
C THR A 110 55.88 1.01 -59.85
N ILE A 111 54.94 1.81 -59.39
CA ILE A 111 54.35 2.83 -60.23
C ILE A 111 54.42 4.23 -59.61
N TRP A 112 54.43 4.29 -58.28
CA TRP A 112 54.48 5.55 -57.55
C TRP A 112 55.72 6.36 -57.91
N ASN A 113 55.57 7.68 -57.96
CA ASN A 113 56.68 8.58 -58.24
C ASN A 113 56.82 9.39 -56.95
N ARG A 114 55.70 9.50 -56.24
CA ARG A 114 55.65 10.21 -54.98
C ARG A 114 54.49 9.63 -54.17
N SER A 115 54.72 9.31 -52.90
CA SER A 115 53.66 8.75 -52.05
C SER A 115 53.48 9.60 -50.79
N TYR A 116 52.24 9.97 -50.48
CA TYR A 116 51.92 10.77 -49.28
C TYR A 116 50.91 10.03 -48.42
N PHE A 117 51.12 10.03 -47.11
CA PHE A 117 50.20 9.33 -46.23
C PHE A 117 49.69 10.28 -45.16
N LEU A 118 48.38 10.50 -45.16
CA LEU A 118 47.75 11.39 -44.21
C LEU A 118 47.38 10.68 -42.93
N THR A 119 47.78 11.27 -41.81
CA THR A 119 47.49 10.71 -40.49
C THR A 119 46.58 11.63 -39.68
N ILE A 120 45.57 11.02 -39.05
CA ILE A 120 44.59 11.74 -38.24
C ILE A 120 44.31 10.86 -37.01
N PRO A 121 44.24 11.45 -35.81
CA PRO A 121 43.98 10.70 -34.59
C PRO A 121 42.69 9.92 -34.62
N TYR A 122 42.58 8.95 -33.72
CA TYR A 122 41.39 8.10 -33.62
C TYR A 122 40.11 8.89 -33.30
N GLU A 123 40.21 9.85 -32.40
CA GLU A 123 39.07 10.68 -31.99
C GLU A 123 38.55 11.62 -33.07
N GLU A 124 39.47 12.23 -33.80
CA GLU A 124 39.12 13.14 -34.87
C GLU A 124 38.47 12.37 -36.01
N CYS A 125 39.12 11.27 -36.38
CA CYS A 125 38.66 10.37 -37.44
C CYS A 125 37.24 9.88 -37.20
N LYS A 126 37.00 9.40 -35.99
CA LYS A 126 35.70 8.87 -35.61
C LYS A 126 34.66 9.96 -35.64
N ARG A 127 35.07 11.18 -35.32
CA ARG A 127 34.19 12.31 -35.31
C ARG A 127 33.78 12.72 -36.71
N ARG A 128 34.77 12.90 -37.57
CA ARG A 128 34.54 13.28 -38.96
C ARG A 128 33.65 12.25 -39.63
N ARG A 129 33.95 10.99 -39.35
CA ARG A 129 33.22 9.87 -39.92
C ARG A 129 31.73 9.94 -39.62
N SER A 130 31.39 10.33 -38.41
CA SER A 130 30.00 10.42 -38.01
C SER A 130 29.21 11.59 -38.63
N THR A 131 29.88 12.52 -39.30
CA THR A 131 29.21 13.65 -39.93
C THR A 131 28.85 13.29 -41.36
N ARG A 132 29.20 12.08 -41.75
CA ARG A 132 28.94 11.62 -43.10
C ARG A 132 28.02 10.42 -43.10
N VAL A 133 26.97 10.50 -43.91
CA VAL A 133 26.02 9.41 -44.03
C VAL A 133 26.49 8.59 -45.22
N TYR A 134 26.90 7.36 -44.96
CA TYR A 134 27.35 6.47 -46.02
C TYR A 134 26.18 5.61 -46.52
N GLN A 135 26.45 4.81 -47.55
CA GLN A 135 25.46 3.91 -48.13
C GLN A 135 26.12 2.63 -48.57
N PRO A 136 25.86 1.52 -47.86
CA PRO A 136 24.99 1.41 -46.69
C PRO A 136 25.54 2.20 -45.51
N PRO A 137 24.65 2.71 -44.66
CA PRO A 137 25.05 3.48 -43.47
C PRO A 137 25.82 2.66 -42.44
N ASP A 138 26.74 3.32 -41.73
CA ASP A 138 27.53 2.66 -40.70
C ASP A 138 26.60 2.02 -39.66
N SER A 139 26.70 0.69 -39.53
CA SER A 139 25.88 0.00 -38.54
C SER A 139 26.36 0.40 -37.13
N PRO A 140 25.60 0.03 -36.09
CA PRO A 140 26.05 0.42 -34.75
C PRO A 140 27.40 -0.21 -34.43
N GLY A 141 28.36 0.63 -34.06
CA GLY A 141 29.68 0.14 -33.71
C GLY A 141 30.48 -0.40 -34.88
N TYR A 142 30.10 0.07 -36.07
CA TYR A 142 30.78 -0.32 -37.29
C TYR A 142 32.19 0.25 -37.29
N PHE A 143 32.34 1.53 -36.91
CA PHE A 143 33.65 2.20 -36.85
C PHE A 143 34.69 1.43 -36.03
N ASP A 144 34.34 1.14 -34.78
CA ASP A 144 35.22 0.42 -33.89
C ASP A 144 35.33 -1.04 -34.24
N GLY A 145 34.21 -1.59 -34.73
CA GLY A 145 34.17 -2.99 -35.08
C GLY A 145 34.76 -3.40 -36.42
N HIS A 146 34.90 -2.46 -37.36
CA HIS A 146 35.44 -2.79 -38.67
C HIS A 146 36.38 -1.75 -39.24
N VAL A 147 35.92 -0.50 -39.30
CA VAL A 147 36.72 0.57 -39.85
C VAL A 147 38.07 0.78 -39.19
N TRP A 148 38.11 1.02 -37.87
CA TRP A 148 39.41 1.26 -37.21
C TRP A 148 40.32 0.04 -37.28
N PRO A 149 39.81 -1.14 -36.92
CA PRO A 149 40.57 -2.40 -36.95
C PRO A 149 41.23 -2.65 -38.29
N TYR A 151 41.97 -0.36 -40.60
CA TYR A 151 42.98 0.66 -40.87
C TYR A 151 44.27 0.22 -40.21
N LEU A 152 44.20 -0.16 -38.93
CA LEU A 152 45.35 -0.65 -38.17
C LEU A 152 46.01 -1.85 -38.84
N LYS A 153 45.17 -2.72 -39.41
CA LYS A 153 45.65 -3.88 -40.13
C LYS A 153 46.37 -3.45 -41.41
N TYR A 154 45.96 -2.30 -41.95
CA TYR A 154 46.56 -1.73 -43.16
C TYR A 154 47.87 -1.07 -42.79
N ARG A 155 47.90 -0.36 -41.67
CA ARG A 155 49.12 0.32 -41.19
C ARG A 155 50.21 -0.69 -40.96
N GLN A 156 49.81 -1.89 -40.58
CA GLN A 156 50.76 -2.93 -40.32
C GLN A 156 51.27 -3.56 -41.58
N GLU A 157 50.40 -3.68 -42.59
CA GLU A 157 50.79 -4.26 -43.87
C GLU A 157 51.72 -3.29 -44.61
N GLN A 159 54.42 -1.83 -42.89
CA GLN A 159 55.70 -1.92 -42.19
C GLN A 159 56.73 -2.52 -43.17
N ASP A 160 56.22 -3.20 -44.21
CA ASP A 160 57.03 -3.85 -45.23
C ASP A 160 57.47 -2.94 -46.36
N ILE A 161 56.81 -1.79 -46.50
CA ILE A 161 57.14 -0.83 -47.56
C ILE A 161 58.64 -0.56 -47.68
N THR A 162 59.17 -0.77 -48.89
CA THR A 162 60.59 -0.54 -49.15
C THR A 162 60.78 0.88 -49.65
N TRP A 163 59.79 1.46 -50.34
CA TRP A 163 59.97 2.81 -50.84
C TRP A 163 59.64 3.92 -49.83
N GLU A 164 59.72 5.18 -50.28
CA GLU A 164 59.50 6.30 -49.39
C GLU A 164 58.13 6.95 -49.44
N VAL A 165 57.47 6.93 -48.29
CA VAL A 165 56.17 7.54 -48.15
C VAL A 165 56.37 8.76 -47.25
N VAL A 166 55.90 9.91 -47.74
CA VAL A 166 55.99 11.17 -47.01
C VAL A 166 54.75 11.33 -46.11
N TYR A 167 54.93 11.20 -44.81
CA TYR A 167 53.79 11.32 -43.89
C TYR A 167 53.32 12.75 -43.62
N LEU A 168 52.02 12.94 -43.72
CA LEU A 168 51.40 14.24 -43.49
C LEU A 168 50.51 14.25 -42.24
N ASP A 169 50.43 15.42 -41.61
CA ASP A 169 49.61 15.61 -40.42
C ASP A 169 48.23 16.11 -40.86
N GLY A 170 47.23 15.22 -40.86
CA GLY A 170 45.89 15.61 -41.29
C GLY A 170 45.14 16.58 -40.40
N THR A 171 45.70 16.90 -39.23
CA THR A 171 45.09 17.84 -38.29
C THR A 171 45.49 19.28 -38.67
N LYS A 172 46.57 19.36 -39.45
CA LYS A 172 47.10 20.62 -39.96
C LYS A 172 46.07 21.35 -40.79
N SER A 173 46.45 22.53 -41.23
CA SER A 173 45.60 23.37 -42.06
C SER A 173 45.36 22.66 -43.38
N GLU A 174 44.24 22.95 -44.03
CA GLU A 174 43.95 22.33 -45.29
C GLU A 174 44.90 22.89 -46.34
N GLU A 175 45.20 24.18 -46.23
CA GLU A 175 46.10 24.82 -47.18
C GLU A 175 47.55 24.55 -46.81
N ASP A 176 47.80 24.24 -45.54
CA ASP A 176 49.16 23.96 -45.09
C ASP A 176 49.58 22.62 -45.59
N LEU A 177 48.63 21.69 -45.70
CA LEU A 177 48.94 20.36 -46.22
C LEU A 177 49.19 20.49 -47.72
N PHE A 178 48.28 21.20 -48.39
CA PHE A 178 48.37 21.45 -49.83
C PHE A 178 49.72 22.06 -50.18
N LEU A 179 50.09 23.10 -49.45
CA LEU A 179 51.35 23.80 -49.68
C LEU A 179 52.57 22.92 -49.43
N GLN A 180 52.50 22.08 -48.41
CA GLN A 180 53.61 21.18 -48.10
C GLN A 180 53.80 20.25 -49.27
N VAL A 181 52.70 19.71 -49.76
CA VAL A 181 52.75 18.82 -50.90
C VAL A 181 53.13 19.53 -52.20
N TYR A 182 52.57 20.74 -52.38
CA TYR A 182 52.82 21.54 -53.58
C TYR A 182 54.28 21.91 -53.81
N GLU A 183 54.96 22.35 -52.74
CA GLU A 183 56.36 22.72 -52.82
C GLU A 183 57.12 21.53 -53.30
N ASP A 184 57.08 20.48 -52.47
CA ASP A 184 57.76 19.21 -52.70
C ASP A 184 57.61 18.69 -54.13
N LEU A 185 56.38 18.80 -54.64
CA LEU A 185 56.02 18.35 -55.99
C LEU A 185 56.73 19.14 -57.07
N ILE A 186 57.18 20.34 -56.73
CA ILE A 186 57.92 21.15 -57.69
C ILE A 186 59.43 20.91 -57.46
N GLN A 187 59.77 20.57 -56.21
CA GLN A 187 61.15 20.26 -55.84
C GLN A 187 61.45 18.79 -56.27
N GLU A 188 60.44 18.18 -56.90
CA GLU A 188 60.53 16.81 -57.42
C GLU A 188 60.45 16.87 -58.94
N LEU A 189 59.68 17.86 -59.43
CA LEU A 189 59.54 18.10 -60.86
C LEU A 189 60.77 18.90 -61.28
N ALA A 190 61.36 19.61 -60.32
CA ALA A 190 62.54 20.40 -60.59
C ALA A 190 63.60 19.45 -61.15
N LYS A 191 63.79 18.30 -60.49
CA LYS A 191 64.75 17.32 -60.95
C LYS A 191 64.24 16.55 -62.17
N GLN A 192 63.43 17.22 -63.01
CA GLN A 192 62.88 16.61 -64.23
C GLN A 192 63.34 17.42 -65.45
N LYS B 2 71.70 -4.07 -57.36
CA LYS B 2 71.96 -5.23 -56.44
C LYS B 2 71.30 -6.53 -56.89
N THR B 3 70.31 -6.41 -57.78
CA THR B 3 69.60 -7.59 -58.32
C THR B 3 69.37 -7.36 -59.82
N PHE B 4 69.43 -8.45 -60.58
CA PHE B 4 69.22 -8.38 -62.02
C PHE B 4 67.91 -9.07 -62.35
N ILE B 5 66.95 -8.32 -62.92
CA ILE B 5 65.64 -8.89 -63.25
C ILE B 5 65.52 -9.08 -64.75
N ILE B 6 65.23 -10.30 -65.16
CA ILE B 6 65.12 -10.67 -66.57
C ILE B 6 63.72 -11.07 -67.02
N GLY B 7 63.23 -10.45 -68.10
CA GLY B 7 61.92 -10.77 -68.61
C GLY B 7 61.97 -11.61 -69.88
N ILE B 8 61.14 -12.65 -69.94
CA ILE B 8 61.09 -13.54 -71.10
C ILE B 8 59.65 -13.75 -71.50
N SER B 9 59.21 -13.07 -72.54
CA SER B 9 57.85 -13.21 -72.98
C SER B 9 57.75 -13.71 -74.44
N GLY B 10 56.52 -13.83 -74.94
CA GLY B 10 56.32 -14.29 -76.30
C GLY B 10 55.08 -15.16 -76.36
N VAL B 11 54.58 -15.39 -77.56
CA VAL B 11 53.39 -16.20 -77.77
C VAL B 11 53.55 -17.59 -77.13
N THR B 12 52.41 -18.26 -76.88
CA THR B 12 52.41 -19.59 -76.28
C THR B 12 53.23 -20.58 -77.09
N ASN B 13 53.94 -21.45 -76.39
CA ASN B 13 54.80 -22.45 -77.01
C ASN B 13 55.95 -21.87 -77.83
N SER B 14 56.30 -20.61 -77.62
CA SER B 14 57.42 -20.03 -78.37
C SER B 14 58.72 -20.58 -77.80
N GLY B 15 58.64 -21.15 -76.60
CA GLY B 15 59.79 -21.76 -75.97
C GLY B 15 60.31 -21.05 -74.74
N LYS B 16 59.45 -20.30 -74.07
CA LYS B 16 59.80 -19.53 -72.88
C LYS B 16 60.22 -20.38 -71.69
N THR B 17 59.44 -21.40 -71.36
CA THR B 17 59.76 -22.26 -70.23
C THR B 17 61.13 -22.91 -70.44
N THR B 18 61.38 -23.32 -71.67
CA THR B 18 62.63 -23.95 -71.99
C THR B 18 63.83 -23.01 -71.89
N LEU B 19 63.69 -21.78 -72.34
CA LEU B 19 64.82 -20.88 -72.26
C LEU B 19 65.11 -20.57 -70.81
N ALA B 20 64.04 -20.31 -70.04
CA ALA B 20 64.17 -19.99 -68.61
C ALA B 20 64.92 -21.07 -67.85
N LYS B 21 64.52 -22.32 -68.07
CA LYS B 21 65.14 -23.48 -67.41
C LYS B 21 66.61 -23.62 -67.73
N ASN B 22 66.97 -23.42 -68.99
CA ASN B 22 68.36 -23.54 -69.41
C ASN B 22 69.22 -22.52 -68.69
N LEU B 23 68.83 -21.25 -68.82
CA LEU B 23 69.55 -20.16 -68.20
C LEU B 23 69.72 -20.43 -66.71
N GLN B 24 68.62 -20.78 -66.09
CA GLN B 24 68.59 -21.10 -64.67
C GLN B 24 69.70 -22.09 -64.30
N LYS B 25 69.80 -23.20 -65.01
CA LYS B 25 70.80 -24.22 -64.73
C LYS B 25 72.22 -23.69 -64.77
N HIS B 26 72.50 -22.80 -65.72
CA HIS B 26 73.84 -22.27 -65.83
C HIS B 26 74.03 -20.89 -65.23
N LEU B 27 73.00 -20.32 -64.65
CA LEU B 27 73.14 -19.02 -64.03
C LEU B 27 73.26 -19.21 -62.52
N PRO B 28 74.19 -18.48 -61.89
CA PRO B 28 74.43 -18.57 -60.45
C PRO B 28 73.54 -17.67 -59.67
N ASN B 29 72.95 -18.20 -58.60
CA ASN B 29 72.09 -17.40 -57.73
C ASN B 29 70.97 -16.90 -58.64
N CYS B 30 70.31 -17.84 -59.32
CA CYS B 30 69.25 -17.50 -60.24
C CYS B 30 67.92 -18.21 -59.95
N SER B 31 66.84 -17.42 -59.88
CA SER B 31 65.50 -17.95 -59.62
C SER B 31 64.51 -17.74 -60.77
N VAL B 32 63.42 -18.49 -60.75
CA VAL B 32 62.44 -18.38 -61.83
C VAL B 32 60.99 -18.29 -61.34
N ILE B 33 60.23 -17.37 -61.95
CA ILE B 33 58.82 -17.18 -61.65
C ILE B 33 58.09 -17.34 -62.97
N SER B 34 57.13 -18.25 -63.00
CA SER B 34 56.35 -18.49 -64.21
C SER B 34 54.97 -17.85 -64.05
N GLN B 35 54.63 -16.99 -64.98
CA GLN B 35 53.37 -16.30 -64.91
C GLN B 35 52.18 -17.24 -64.89
N ASP B 36 52.36 -18.48 -65.36
CA ASP B 36 51.28 -19.47 -65.41
C ASP B 36 50.85 -20.02 -64.07
N ASP B 37 51.70 -19.84 -63.08
CA ASP B 37 51.39 -20.31 -61.74
C ASP B 37 50.44 -19.34 -61.09
N PHE B 38 50.05 -18.31 -61.83
CA PHE B 38 49.16 -17.27 -61.31
C PHE B 38 47.82 -17.11 -62.02
N PHE B 39 47.35 -18.17 -62.66
CA PHE B 39 46.07 -18.13 -63.32
C PHE B 39 44.96 -18.28 -62.30
N LYS B 40 43.92 -17.48 -62.47
CA LYS B 40 42.78 -17.54 -61.59
C LYS B 40 42.15 -18.93 -61.77
N PRO B 41 41.38 -19.40 -60.77
CA PRO B 41 40.76 -20.72 -60.93
C PRO B 41 39.75 -20.74 -62.07
N GLU B 42 39.49 -21.93 -62.59
CA GLU B 42 38.57 -22.10 -63.70
C GLU B 42 37.20 -21.44 -63.45
N SER B 43 36.76 -21.44 -62.19
CA SER B 43 35.46 -20.88 -61.82
C SER B 43 35.46 -19.35 -61.84
N GLU B 44 36.63 -18.75 -62.07
CA GLU B 44 36.77 -17.29 -62.13
C GLU B 44 37.00 -16.79 -63.55
N ILE B 45 37.24 -17.73 -64.47
CA ILE B 45 37.47 -17.38 -65.88
C ILE B 45 36.13 -17.14 -66.56
N GLU B 46 36.12 -16.30 -67.59
CA GLU B 46 34.87 -16.00 -68.28
C GLU B 46 34.89 -16.44 -69.73
N THR B 47 33.70 -16.66 -70.28
CA THR B 47 33.55 -17.07 -71.66
C THR B 47 32.77 -15.98 -72.41
N ASP B 48 33.34 -15.52 -73.53
CA ASP B 48 32.74 -14.47 -74.35
C ASP B 48 31.49 -14.99 -75.05
N LYS B 49 30.86 -14.08 -75.77
CA LYS B 49 29.65 -14.31 -76.56
C LYS B 49 29.66 -15.66 -77.27
N ASN B 50 30.74 -15.90 -77.99
CA ASN B 50 30.92 -17.12 -78.77
C ASN B 50 31.36 -18.34 -77.95
N GLY B 51 31.40 -18.16 -76.62
CA GLY B 51 31.78 -19.22 -75.71
C GLY B 51 33.25 -19.58 -75.79
N PHE B 52 34.08 -18.59 -75.49
CA PHE B 52 35.53 -18.79 -75.50
C PHE B 52 36.04 -18.40 -74.13
N LEU B 53 36.66 -19.34 -73.43
CA LEU B 53 37.17 -19.04 -72.10
C LEU B 53 38.30 -18.01 -72.24
N GLN B 54 38.17 -16.91 -71.47
CA GLN B 54 39.12 -15.82 -71.52
C GLN B 54 40.41 -16.04 -70.75
N TYR B 55 41.27 -16.91 -71.27
CA TYR B 55 42.56 -17.19 -70.65
C TYR B 55 43.77 -16.35 -71.15
N ASP B 56 43.68 -15.82 -72.36
CA ASP B 56 44.77 -15.06 -72.90
C ASP B 56 44.63 -13.56 -72.71
N VAL B 57 44.23 -13.15 -71.52
CA VAL B 57 44.02 -11.75 -71.16
C VAL B 57 44.51 -11.57 -69.73
N LEU B 58 44.98 -10.36 -69.39
CA LEU B 58 45.49 -10.09 -68.06
C LEU B 58 44.50 -10.39 -66.95
N GLU B 59 43.22 -10.32 -67.30
CA GLU B 59 42.11 -10.57 -66.39
C GLU B 59 41.94 -12.02 -65.93
N ALA B 60 42.70 -12.95 -66.51
CA ALA B 60 42.60 -14.36 -66.16
C ALA B 60 43.66 -14.75 -65.18
N LEU B 61 44.47 -13.77 -64.79
CA LEU B 61 45.59 -13.98 -63.88
C LEU B 61 45.57 -13.11 -62.62
N ASN B 62 46.01 -13.68 -61.49
CA ASN B 62 46.13 -12.95 -60.24
C ASN B 62 47.49 -12.27 -60.32
N GLU B 64 48.30 -9.41 -58.96
CA GLU B 64 48.67 -8.74 -57.72
C GLU B 64 49.31 -9.80 -56.81
N LYS B 65 48.98 -11.07 -57.08
CA LYS B 65 49.55 -12.19 -56.36
C LYS B 65 51.01 -12.34 -56.83
N SER B 68 53.44 -9.58 -55.82
CA SER B 68 53.78 -9.77 -54.42
C SER B 68 54.88 -10.79 -54.26
N ALA B 69 54.82 -11.85 -55.06
CA ALA B 69 55.82 -12.91 -55.04
C ALA B 69 57.13 -12.30 -55.47
N ILE B 70 57.06 -11.38 -56.43
CA ILE B 70 58.23 -10.70 -56.94
C ILE B 70 58.80 -9.77 -55.87
N SER B 71 57.92 -9.15 -55.07
CA SER B 71 58.39 -8.24 -54.03
C SER B 71 59.06 -8.99 -52.92
N CYS B 72 58.59 -10.22 -52.68
CA CYS B 72 59.17 -11.08 -51.64
C CYS B 72 60.55 -11.54 -52.05
N TRP B 73 60.74 -11.81 -53.32
CA TRP B 73 62.03 -12.24 -53.81
C TRP B 73 63.02 -11.06 -53.76
N GLU B 75 63.05 -8.18 -52.00
CA GLU B 75 63.44 -7.75 -50.65
C GLU B 75 64.24 -8.81 -49.90
N SER B 76 63.84 -10.07 -50.03
CA SER B 76 64.57 -11.11 -49.32
C SER B 76 65.91 -11.27 -50.02
N ALA B 77 66.00 -10.79 -51.25
CA ALA B 77 67.24 -10.89 -52.00
C ALA B 77 68.31 -9.95 -51.44
N ARG B 78 67.91 -8.80 -50.92
CA ARG B 78 68.88 -7.87 -50.37
C ARG B 78 69.55 -8.48 -49.14
N HIS B 79 69.48 -9.81 -49.03
CA HIS B 79 70.09 -10.54 -47.92
C HIS B 79 70.67 -11.88 -48.41
N ILE B 92 75.42 -11.93 -57.23
CA ILE B 92 74.27 -11.05 -57.47
C ILE B 92 73.03 -11.86 -57.81
N PRO B 93 71.93 -11.70 -57.04
CA PRO B 93 70.67 -12.42 -57.25
C PRO B 93 70.03 -12.18 -58.60
N ILE B 94 69.59 -13.26 -59.25
CA ILE B 94 68.99 -13.14 -60.56
C ILE B 94 67.57 -13.75 -60.57
N LEU B 95 66.64 -13.02 -61.17
CA LEU B 95 65.26 -13.48 -61.26
C LEU B 95 64.79 -13.47 -62.68
N ILE B 96 64.39 -14.63 -63.18
CA ILE B 96 63.89 -14.73 -64.53
C ILE B 96 62.38 -14.83 -64.44
N ILE B 97 61.67 -13.87 -65.00
CA ILE B 97 60.22 -13.89 -64.99
C ILE B 97 59.76 -14.30 -66.39
N GLU B 98 59.21 -15.51 -66.54
CA GLU B 98 58.73 -15.96 -67.85
C GLU B 98 57.22 -15.91 -67.88
N GLY B 99 56.66 -15.37 -68.96
CA GLY B 99 55.22 -15.28 -69.06
C GLY B 99 54.78 -14.82 -70.45
N PHE B 100 53.66 -15.34 -70.91
CA PHE B 100 53.15 -14.99 -72.23
C PHE B 100 52.54 -13.58 -72.35
N LEU B 101 52.37 -12.90 -71.23
CA LEU B 101 51.72 -11.58 -71.22
C LEU B 101 52.42 -10.78 -70.13
N LEU B 102 53.55 -10.16 -70.44
CA LEU B 102 54.34 -9.41 -69.44
C LEU B 102 54.68 -7.98 -69.78
N PHE B 103 54.95 -7.72 -71.04
CA PHE B 103 55.34 -6.38 -71.44
C PHE B 103 54.18 -5.44 -71.74
N ASN B 104 52.99 -5.83 -71.29
CA ASN B 104 51.80 -5.03 -71.47
C ASN B 104 51.20 -4.79 -70.08
N TYR B 105 51.89 -5.29 -69.05
CA TYR B 105 51.46 -5.09 -67.67
C TYR B 105 52.36 -3.99 -67.13
N LYS B 106 51.82 -2.77 -67.02
CA LYS B 106 52.55 -1.56 -66.59
C LYS B 106 53.46 -1.64 -65.36
N PRO B 107 52.99 -2.25 -64.26
CA PRO B 107 53.77 -2.37 -63.02
C PRO B 107 55.16 -2.98 -63.19
N LEU B 108 55.36 -3.73 -64.26
CA LEU B 108 56.64 -4.39 -64.50
C LEU B 108 57.63 -3.56 -65.30
N ASP B 109 57.15 -2.63 -66.09
CA ASP B 109 58.02 -1.82 -66.93
C ASP B 109 59.27 -1.21 -66.26
N THR B 110 59.10 -0.71 -65.05
CA THR B 110 60.20 -0.07 -64.32
C THR B 110 60.97 -1.03 -63.41
N ILE B 111 60.98 -2.30 -63.77
CA ILE B 111 61.64 -3.34 -62.99
C ILE B 111 62.59 -4.15 -63.87
N TRP B 112 62.26 -4.25 -65.15
CA TRP B 112 63.06 -4.99 -66.12
C TRP B 112 64.48 -4.45 -66.23
N ASN B 113 65.44 -5.37 -66.25
CA ASN B 113 66.85 -5.04 -66.40
C ASN B 113 67.15 -5.44 -67.83
N ARG B 114 66.53 -6.55 -68.22
CA ARG B 114 66.68 -7.09 -69.56
C ARG B 114 65.38 -7.75 -69.94
N SER B 115 64.91 -7.48 -71.15
CA SER B 115 63.68 -8.07 -71.62
C SER B 115 63.92 -8.77 -72.94
N TYR B 116 63.36 -9.98 -73.06
CA TYR B 116 63.50 -10.78 -74.27
C TYR B 116 62.13 -11.18 -74.80
N PHE B 117 61.99 -11.30 -76.12
CA PHE B 117 60.72 -11.67 -76.72
C PHE B 117 60.85 -12.74 -77.80
N LEU B 118 60.33 -13.94 -77.53
CA LEU B 118 60.38 -15.07 -78.46
C LEU B 118 59.32 -15.05 -79.55
N THR B 119 59.76 -15.10 -80.81
CA THR B 119 58.84 -15.10 -81.94
C THR B 119 58.82 -16.41 -82.71
N ILE B 120 57.62 -16.92 -82.90
CA ILE B 120 57.37 -18.16 -83.61
C ILE B 120 56.20 -17.89 -84.55
N PRO B 121 56.29 -18.36 -85.81
CA PRO B 121 55.25 -18.18 -86.81
C PRO B 121 53.92 -18.80 -86.43
N TYR B 122 52.87 -18.37 -87.10
CA TYR B 122 51.53 -18.86 -86.85
C TYR B 122 51.40 -20.37 -87.01
N GLU B 123 51.97 -20.92 -88.07
CA GLU B 123 51.86 -22.35 -88.29
C GLU B 123 52.63 -23.19 -87.29
N GLU B 124 53.78 -22.70 -86.85
CA GLU B 124 54.60 -23.44 -85.89
C GLU B 124 54.00 -23.41 -84.49
N CYS B 125 53.39 -22.29 -84.15
CA CYS B 125 52.78 -22.10 -82.85
C CYS B 125 51.50 -22.93 -82.71
N LYS B 126 50.69 -22.95 -83.77
CA LYS B 126 49.45 -23.69 -83.76
C LYS B 126 49.71 -25.19 -83.65
N ARG B 127 50.78 -25.63 -84.29
CA ARG B 127 51.21 -27.02 -84.30
C ARG B 127 51.63 -27.45 -82.90
N ARG B 128 52.63 -26.75 -82.37
CA ARG B 128 53.16 -27.03 -81.02
C ARG B 128 52.04 -27.08 -80.03
N ARG B 129 51.19 -26.07 -80.07
CA ARG B 129 50.04 -25.95 -79.19
C ARG B 129 49.18 -27.22 -79.17
N SER B 130 48.99 -27.83 -80.34
CA SER B 130 48.16 -29.02 -80.48
C SER B 130 48.76 -30.31 -79.91
N THR B 131 50.03 -30.28 -79.53
CA THR B 131 50.69 -31.47 -78.97
C THR B 131 50.50 -31.51 -77.45
N ARG B 132 50.01 -30.40 -76.92
CA ARG B 132 49.80 -30.20 -75.50
C ARG B 132 48.32 -30.22 -75.13
N VAL B 133 47.97 -31.06 -74.17
CA VAL B 133 46.60 -31.17 -73.70
C VAL B 133 46.46 -30.22 -72.52
N TYR B 134 45.71 -29.15 -72.69
CA TYR B 134 45.50 -28.19 -71.61
C TYR B 134 44.29 -28.57 -70.75
N GLN B 135 44.12 -27.85 -69.65
CA GLN B 135 42.98 -28.07 -68.77
C GLN B 135 42.45 -26.71 -68.31
N PRO B 136 41.25 -26.33 -68.78
CA PRO B 136 40.38 -27.04 -69.71
C PRO B 136 40.97 -27.11 -71.11
N PRO B 137 40.78 -28.25 -71.80
CA PRO B 137 41.26 -28.49 -73.15
C PRO B 137 40.81 -27.43 -74.16
N ASP B 138 41.64 -27.23 -75.19
CA ASP B 138 41.33 -26.26 -76.24
C ASP B 138 40.04 -26.61 -76.95
N SER B 139 39.05 -25.73 -76.90
CA SER B 139 37.78 -26.01 -77.59
C SER B 139 38.04 -26.03 -79.10
N PRO B 140 37.02 -26.42 -79.89
CA PRO B 140 37.26 -26.44 -81.34
C PRO B 140 37.43 -25.00 -81.85
N GLY B 141 38.49 -24.73 -82.59
CA GLY B 141 38.71 -23.39 -83.10
C GLY B 141 39.13 -22.35 -82.06
N TYR B 142 39.55 -22.82 -80.89
CA TYR B 142 39.97 -21.96 -79.79
C TYR B 142 41.23 -21.19 -80.16
N PHE B 143 42.21 -21.90 -80.71
CA PHE B 143 43.44 -21.27 -81.12
C PHE B 143 43.21 -20.06 -82.02
N ASP B 144 42.46 -20.26 -83.09
CA ASP B 144 42.17 -19.19 -84.06
C ASP B 144 41.20 -18.16 -83.54
N GLY B 145 40.27 -18.60 -82.70
CA GLY B 145 39.30 -17.69 -82.15
C GLY B 145 39.68 -16.90 -80.90
N HIS B 146 40.66 -17.37 -80.15
CA HIS B 146 41.02 -16.64 -78.95
C HIS B 146 42.53 -16.50 -78.82
N VAL B 147 43.22 -17.62 -78.83
CA VAL B 147 44.66 -17.64 -78.65
C VAL B 147 45.46 -16.76 -79.60
N TRP B 148 45.25 -16.91 -80.91
CA TRP B 148 46.01 -16.07 -81.82
C TRP B 148 45.54 -14.62 -81.82
N PRO B 149 44.23 -14.38 -81.89
CA PRO B 149 43.76 -13.00 -81.87
C PRO B 149 44.30 -12.24 -80.68
N TYR B 151 47.00 -12.85 -79.00
CA TYR B 151 48.43 -12.64 -79.05
C TYR B 151 48.70 -11.38 -79.88
N LEU B 152 48.02 -11.27 -81.01
CA LEU B 152 48.19 -10.13 -81.87
C LEU B 152 47.79 -8.84 -81.17
N LYS B 153 46.76 -8.91 -80.34
CA LYS B 153 46.31 -7.76 -79.58
C LYS B 153 47.44 -7.37 -78.59
N TYR B 154 48.13 -8.36 -78.05
CA TYR B 154 49.25 -8.12 -77.14
C TYR B 154 50.42 -7.50 -77.89
N ARG B 155 50.78 -8.05 -79.04
CA ARG B 155 51.86 -7.49 -79.84
C ARG B 155 51.62 -6.01 -80.06
N GLN B 156 50.36 -5.69 -80.30
CA GLN B 156 49.97 -4.33 -80.56
C GLN B 156 50.10 -3.43 -79.36
N GLU B 157 49.74 -3.92 -78.17
CA GLU B 157 49.82 -3.14 -76.94
C GLU B 157 51.26 -2.99 -76.52
N GLN B 159 53.49 -1.78 -79.05
CA GLN B 159 54.03 -0.82 -80.00
C GLN B 159 54.41 0.45 -79.26
N ASP B 160 53.87 0.56 -78.05
CA ASP B 160 54.10 1.70 -77.20
C ASP B 160 55.38 1.58 -76.36
N ILE B 161 55.83 0.35 -76.11
CA ILE B 161 57.02 0.12 -75.29
C ILE B 161 58.12 1.16 -75.53
N THR B 162 58.65 1.71 -74.45
CA THR B 162 59.68 2.72 -74.55
C THR B 162 61.07 2.13 -74.31
N TRP B 163 61.13 1.04 -73.54
CA TRP B 163 62.42 0.44 -73.26
C TRP B 163 62.81 -0.55 -74.33
N GLU B 164 63.96 -1.19 -74.13
CA GLU B 164 64.47 -2.13 -75.12
C GLU B 164 64.22 -3.63 -74.90
N VAL B 165 63.53 -4.21 -75.87
CA VAL B 165 63.23 -5.63 -75.89
C VAL B 165 64.09 -6.24 -77.02
N VAL B 166 64.82 -7.29 -76.67
CA VAL B 166 65.68 -8.02 -77.59
C VAL B 166 64.84 -9.15 -78.19
N TYR B 167 64.51 -9.05 -79.47
CA TYR B 167 63.71 -10.10 -80.11
C TYR B 167 64.50 -11.36 -80.53
N LEU B 168 63.96 -12.52 -80.16
CA LEU B 168 64.58 -13.80 -80.43
C LEU B 168 63.74 -14.63 -81.41
N ASP B 169 64.42 -15.43 -82.23
CA ASP B 169 63.79 -16.28 -83.22
C ASP B 169 63.49 -17.65 -82.56
N GLY B 170 62.22 -17.94 -82.27
CA GLY B 170 61.89 -19.19 -81.61
C GLY B 170 62.07 -20.45 -82.43
N THR B 171 62.25 -20.28 -83.73
CA THR B 171 62.44 -21.41 -84.65
C THR B 171 63.89 -21.90 -84.58
N LYS B 172 64.77 -21.03 -84.10
CA LYS B 172 66.17 -21.35 -83.94
C LYS B 172 66.33 -22.51 -82.97
N SER B 173 67.56 -22.97 -82.90
CA SER B 173 67.93 -24.05 -82.04
C SER B 173 67.62 -23.68 -80.61
N GLU B 174 67.40 -24.67 -79.78
CA GLU B 174 67.11 -24.45 -78.39
C GLU B 174 68.39 -24.00 -77.72
N GLU B 175 69.51 -24.59 -78.13
CA GLU B 175 70.78 -24.23 -77.55
C GLU B 175 71.29 -22.96 -78.14
N ASP B 176 70.86 -22.68 -79.36
CA ASP B 176 71.30 -21.45 -79.98
C ASP B 176 70.67 -20.23 -79.30
N LEU B 177 69.41 -20.36 -78.91
CA LEU B 177 68.72 -19.27 -78.21
C LEU B 177 69.32 -19.12 -76.82
N PHE B 178 69.59 -20.24 -76.17
CA PHE B 178 70.19 -20.21 -74.86
C PHE B 178 71.53 -19.47 -74.89
N LEU B 179 72.34 -19.75 -75.89
CA LEU B 179 73.64 -19.11 -75.98
C LEU B 179 73.59 -17.64 -76.37
N GLN B 180 72.58 -17.27 -77.14
CA GLN B 180 72.41 -15.88 -77.55
C GLN B 180 72.08 -15.01 -76.32
N VAL B 181 71.25 -15.55 -75.43
CA VAL B 181 70.85 -14.82 -74.25
C VAL B 181 71.96 -14.92 -73.20
N TYR B 182 72.58 -16.08 -73.12
CA TYR B 182 73.65 -16.31 -72.16
C TYR B 182 74.82 -15.36 -72.31
N GLU B 183 75.23 -15.10 -73.55
CA GLU B 183 76.34 -14.20 -73.85
C GLU B 183 75.95 -12.83 -73.43
N ASP B 184 74.81 -12.39 -73.98
CA ASP B 184 74.26 -11.08 -73.69
C ASP B 184 74.13 -10.78 -72.21
N LEU B 185 73.68 -11.79 -71.46
CA LEU B 185 73.52 -11.68 -70.03
C LEU B 185 74.87 -11.54 -69.32
N ILE B 186 75.97 -11.94 -69.96
CA ILE B 186 77.27 -11.77 -69.32
C ILE B 186 77.83 -10.43 -69.81
N GLN B 187 77.41 -10.06 -71.01
CA GLN B 187 77.81 -8.78 -71.60
C GLN B 187 76.84 -7.68 -71.08
N GLU B 188 76.28 -7.88 -69.89
CA GLU B 188 75.35 -6.94 -69.24
C GLU B 188 75.68 -7.02 -67.77
N LEU B 189 76.25 -8.17 -67.37
CA LEU B 189 76.67 -8.38 -65.99
C LEU B 189 78.13 -7.96 -65.95
N ALA B 190 78.73 -7.83 -67.14
CA ALA B 190 80.12 -7.38 -67.25
C ALA B 190 80.11 -5.91 -66.77
N LYS B 191 79.08 -5.19 -67.23
CA LYS B 191 78.89 -3.79 -66.87
C LYS B 191 78.33 -3.59 -65.45
N GLN B 192 78.56 -4.58 -64.57
CA GLN B 192 78.11 -4.52 -63.16
C GLN B 192 79.34 -4.53 -62.24
N LYS C 2 32.94 6.99 9.51
CA LYS C 2 34.01 6.33 10.34
C LYS C 2 35.24 5.89 9.50
N THR C 3 35.07 5.88 8.18
CA THR C 3 36.15 5.48 7.29
C THR C 3 36.09 6.38 6.06
N PHE C 4 37.26 6.76 5.57
CA PHE C 4 37.34 7.63 4.41
C PHE C 4 37.82 6.80 3.23
N ILE C 5 36.99 6.72 2.19
CA ILE C 5 37.31 5.96 0.98
C ILE C 5 37.70 6.94 -0.11
N ILE C 6 38.83 6.68 -0.77
CA ILE C 6 39.31 7.54 -1.82
C ILE C 6 39.44 6.77 -3.12
N GLY C 7 39.01 7.38 -4.21
CA GLY C 7 39.10 6.76 -5.49
C GLY C 7 40.09 7.46 -6.40
N ILE C 8 40.99 6.72 -7.03
CA ILE C 8 41.99 7.29 -7.94
C ILE C 8 41.98 6.52 -9.27
N SER C 9 41.39 7.11 -10.30
CA SER C 9 41.32 6.46 -11.59
C SER C 9 41.99 7.30 -12.67
N GLY C 10 42.00 6.79 -13.88
CA GLY C 10 42.61 7.48 -14.99
C GLY C 10 43.18 6.47 -15.95
N VAL C 11 43.46 6.89 -17.17
CA VAL C 11 44.01 5.99 -18.18
C VAL C 11 45.27 5.32 -17.65
N THR C 12 45.70 4.27 -18.35
CA THR C 12 46.89 3.53 -17.98
C THR C 12 48.13 4.44 -17.98
N ASN C 13 49.04 4.20 -17.04
CA ASN C 13 50.28 4.96 -16.93
C ASN C 13 50.07 6.45 -16.73
N SER C 14 48.98 6.83 -16.11
CA SER C 14 48.71 8.24 -15.88
C SER C 14 49.41 8.71 -14.59
N GLY C 15 49.76 7.72 -13.76
CA GLY C 15 50.44 7.96 -12.50
C GLY C 15 49.68 7.48 -11.28
N LYS C 16 48.67 6.64 -11.48
CA LYS C 16 47.83 6.13 -10.38
C LYS C 16 48.53 5.37 -9.29
N THR C 17 49.30 4.36 -9.66
CA THR C 17 50.03 3.59 -8.66
C THR C 17 50.92 4.53 -7.87
N THR C 18 51.65 5.39 -8.56
CA THR C 18 52.57 6.33 -7.93
C THR C 18 51.93 7.30 -6.96
N LEU C 19 50.71 7.76 -7.26
CA LEU C 19 50.03 8.70 -6.35
C LEU C 19 49.53 7.95 -5.10
N ALA C 20 49.01 6.75 -5.32
CA ALA C 20 48.52 5.95 -4.23
C ALA C 20 49.64 5.68 -3.23
N LYS C 21 50.80 5.28 -3.72
CA LYS C 21 51.98 4.96 -2.89
C LYS C 21 52.47 6.15 -2.10
N ASN C 22 52.52 7.32 -2.74
CA ASN C 22 52.93 8.56 -2.08
C ASN C 22 52.02 8.89 -0.89
N LEU C 23 50.71 8.95 -1.14
CA LEU C 23 49.71 9.26 -0.12
C LEU C 23 49.78 8.24 0.99
N GLN C 24 49.86 6.99 0.59
CA GLN C 24 49.97 5.88 1.52
C GLN C 24 51.04 6.19 2.58
N LYS C 25 52.28 6.38 2.11
CA LYS C 25 53.41 6.69 2.97
C LYS C 25 53.19 7.79 3.99
N HIS C 26 52.55 8.88 3.60
CA HIS C 26 52.32 9.99 4.53
C HIS C 26 50.93 10.10 5.16
N LEU C 27 50.05 9.16 4.84
CA LEU C 27 48.73 9.17 5.41
C LEU C 27 48.73 8.15 6.52
N PRO C 28 48.09 8.49 7.65
CA PRO C 28 48.01 7.60 8.80
C PRO C 28 46.80 6.65 8.70
N ASN C 29 47.01 5.38 9.09
CA ASN C 29 45.92 4.39 9.08
C ASN C 29 45.37 4.35 7.65
N CYS C 30 46.30 4.21 6.70
CA CYS C 30 46.01 4.22 5.25
C CYS C 30 46.33 2.92 4.49
N SER C 31 45.30 2.34 3.87
CA SER C 31 45.46 1.11 3.10
C SER C 31 45.30 1.34 1.59
N VAL C 32 45.75 0.38 0.80
CA VAL C 32 45.64 0.48 -0.65
C VAL C 32 45.16 -0.81 -1.37
N ILE C 33 44.17 -0.64 -2.25
CA ILE C 33 43.65 -1.74 -3.05
C ILE C 33 43.84 -1.36 -4.51
N SER C 34 44.58 -2.19 -5.25
CA SER C 34 44.84 -1.96 -6.67
C SER C 34 43.89 -2.80 -7.51
N GLN C 35 43.21 -2.16 -8.44
CA GLN C 35 42.25 -2.88 -9.27
C GLN C 35 42.88 -3.93 -10.16
N ASP C 36 44.19 -3.87 -10.35
CA ASP C 36 44.92 -4.82 -11.21
C ASP C 36 45.19 -6.16 -10.57
N ASP C 37 45.03 -6.25 -9.26
CA ASP C 37 45.23 -7.50 -8.54
C ASP C 37 43.98 -8.38 -8.77
N PHE C 38 42.97 -7.83 -9.45
CA PHE C 38 41.74 -8.55 -9.68
C PHE C 38 41.43 -8.88 -11.13
N PHE C 39 42.46 -9.06 -11.93
CA PHE C 39 42.24 -9.40 -13.32
C PHE C 39 41.94 -10.90 -13.40
N LYS C 40 41.06 -11.28 -14.32
CA LYS C 40 40.75 -12.69 -14.48
C LYS C 40 41.98 -13.35 -15.11
N PRO C 41 42.19 -14.64 -14.87
CA PRO C 41 43.36 -15.29 -15.47
C PRO C 41 43.41 -15.15 -16.99
N GLU C 42 44.58 -15.41 -17.57
CA GLU C 42 44.77 -15.28 -19.01
C GLU C 42 43.84 -16.16 -19.87
N SER C 43 43.55 -17.34 -19.35
CA SER C 43 42.67 -18.30 -20.02
C SER C 43 41.22 -17.87 -19.97
N GLU C 44 40.92 -16.83 -19.19
CA GLU C 44 39.57 -16.32 -19.06
C GLU C 44 39.32 -15.07 -19.90
N ILE C 45 40.37 -14.44 -20.39
CA ILE C 45 40.25 -13.24 -21.22
C ILE C 45 39.82 -13.62 -22.62
N GLU C 46 39.21 -12.67 -23.35
CA GLU C 46 38.74 -12.96 -24.70
C GLU C 46 39.44 -12.07 -25.73
N THR C 47 39.51 -12.55 -26.97
CA THR C 47 40.13 -11.78 -28.06
C THR C 47 39.06 -11.44 -29.14
N ASP C 48 38.87 -10.15 -29.44
CA ASP C 48 37.85 -9.77 -30.40
C ASP C 48 38.14 -10.28 -31.78
N LYS C 49 37.24 -9.91 -32.70
CA LYS C 49 37.31 -10.26 -34.10
C LYS C 49 38.74 -10.09 -34.65
N ASN C 50 39.33 -8.94 -34.33
CA ASN C 50 40.66 -8.55 -34.80
C ASN C 50 41.84 -9.06 -33.94
N GLY C 51 41.57 -10.05 -33.12
CA GLY C 51 42.61 -10.65 -32.28
C GLY C 51 43.26 -9.75 -31.26
N PHE C 52 42.42 -9.09 -30.47
CA PHE C 52 42.88 -8.17 -29.43
C PHE C 52 42.35 -8.65 -28.09
N LEU C 53 43.25 -9.04 -27.19
CA LEU C 53 42.84 -9.49 -25.88
C LEU C 53 42.05 -8.41 -25.14
N GLN C 54 40.82 -8.77 -24.74
CA GLN C 54 39.93 -7.85 -24.04
C GLN C 54 40.31 -7.67 -22.57
N TYR C 55 41.27 -6.77 -22.32
CA TYR C 55 41.74 -6.49 -20.97
C TYR C 55 41.23 -5.20 -20.38
N ASP C 56 41.03 -4.20 -21.24
CA ASP C 56 40.57 -2.87 -20.87
C ASP C 56 39.06 -2.68 -20.76
N VAL C 57 38.38 -3.73 -20.29
CA VAL C 57 36.92 -3.74 -20.13
C VAL C 57 36.61 -4.37 -18.78
N LEU C 58 35.51 -3.95 -18.15
CA LEU C 58 35.14 -4.49 -16.83
C LEU C 58 35.07 -6.01 -16.79
N GLU C 59 34.73 -6.62 -17.93
CA GLU C 59 34.61 -8.07 -18.08
C GLU C 59 35.92 -8.85 -17.93
N ALA C 60 37.06 -8.16 -17.91
CA ALA C 60 38.35 -8.83 -17.72
C ALA C 60 38.78 -8.86 -16.25
N LEU C 61 37.92 -8.39 -15.36
CA LEU C 61 38.21 -8.32 -13.92
C LEU C 61 37.15 -8.98 -13.03
N ASN C 62 37.59 -9.56 -11.91
CA ASN C 62 36.67 -10.18 -10.95
C ASN C 62 36.31 -9.06 -10.01
N GLU C 64 33.53 -8.75 -8.31
CA GLU C 64 32.77 -9.17 -7.13
C GLU C 64 33.75 -9.64 -6.06
N LYS C 65 34.96 -9.97 -6.50
CA LYS C 65 36.07 -10.39 -5.66
C LYS C 65 36.64 -9.13 -5.03
N SER C 68 34.21 -7.66 -2.58
CA SER C 68 34.27 -8.38 -1.34
C SER C 68 35.51 -8.01 -0.52
N ALA C 69 36.62 -7.74 -1.19
CA ALA C 69 37.87 -7.35 -0.53
C ALA C 69 37.69 -6.02 0.18
N ILE C 70 36.84 -5.17 -0.40
CA ILE C 70 36.53 -3.83 0.11
C ILE C 70 35.61 -3.95 1.30
N SER C 71 34.72 -4.94 1.26
CA SER C 71 33.76 -5.21 2.33
C SER C 71 34.48 -5.68 3.58
N CYS C 72 35.54 -6.46 3.38
CA CYS C 72 36.35 -6.99 4.48
C CYS C 72 37.11 -5.86 5.13
N TRP C 73 37.59 -4.93 4.31
CA TRP C 73 38.35 -3.80 4.84
C TRP C 73 37.46 -2.89 5.69
N GLU C 75 34.41 -3.37 7.09
CA GLU C 75 33.87 -3.95 8.31
C GLU C 75 34.91 -4.24 9.39
N SER C 76 36.12 -4.62 8.99
CA SER C 76 37.19 -4.88 9.97
C SER C 76 37.76 -3.55 10.46
N ALA C 77 37.52 -2.50 9.69
CA ALA C 77 37.97 -1.16 10.01
C ALA C 77 37.17 -0.57 11.18
N ARG C 78 35.91 -1.01 11.30
CA ARG C 78 35.04 -0.53 12.38
C ARG C 78 35.58 -1.00 13.72
N HIS C 79 36.82 -1.46 13.74
CA HIS C 79 37.40 -1.96 14.98
C HIS C 79 38.84 -1.47 15.14
N ILE C 92 41.27 7.62 12.10
CA ILE C 92 40.25 7.26 11.11
C ILE C 92 40.86 6.46 9.94
N PRO C 93 40.33 5.25 9.67
CA PRO C 93 40.78 4.36 8.60
C PRO C 93 40.59 4.94 7.20
N ILE C 94 41.64 4.88 6.41
CA ILE C 94 41.61 5.39 5.05
C ILE C 94 41.93 4.31 4.04
N LEU C 95 41.13 4.28 2.98
CA LEU C 95 41.31 3.31 1.93
C LEU C 95 41.44 3.95 0.58
N ILE C 96 42.55 3.69 -0.08
CA ILE C 96 42.77 4.22 -1.40
C ILE C 96 42.50 3.08 -2.35
N ILE C 97 41.59 3.32 -3.30
CA ILE C 97 41.26 2.34 -4.31
C ILE C 97 41.76 2.90 -5.63
N GLU C 98 42.86 2.34 -6.15
CA GLU C 98 43.36 2.83 -7.43
C GLU C 98 42.99 1.81 -8.48
N GLY C 99 42.71 2.28 -9.70
CA GLY C 99 42.34 1.40 -10.79
C GLY C 99 42.04 2.19 -12.04
N PHE C 100 42.35 1.62 -13.19
CA PHE C 100 42.10 2.29 -14.46
C PHE C 100 40.63 2.31 -14.91
N LEU C 101 39.77 1.59 -14.21
CA LEU C 101 38.35 1.51 -14.60
C LEU C 101 37.48 1.45 -13.33
N LEU C 102 37.25 2.60 -12.71
CA LEU C 102 36.51 2.63 -11.46
C LEU C 102 35.18 3.37 -11.42
N PHE C 103 35.19 4.59 -11.93
CA PHE C 103 34.02 5.44 -11.91
C PHE C 103 32.92 5.11 -12.92
N ASN C 104 32.97 3.91 -13.47
CA ASN C 104 31.96 3.49 -14.42
C ASN C 104 31.33 2.21 -13.85
N TYR C 105 31.84 1.78 -12.69
CA TYR C 105 31.35 0.60 -12.01
C TYR C 105 30.39 1.13 -10.93
N LYS C 106 29.10 1.01 -11.22
CA LYS C 106 28.01 1.47 -10.36
C LYS C 106 28.08 1.11 -8.87
N PRO C 107 28.34 -0.17 -8.54
CA PRO C 107 28.41 -0.55 -7.13
C PRO C 107 29.27 0.38 -6.25
N LEU C 108 30.31 0.99 -6.83
CA LEU C 108 31.22 1.84 -6.06
C LEU C 108 30.75 3.29 -5.88
N ASP C 109 29.87 3.77 -6.76
CA ASP C 109 29.41 5.16 -6.74
C ASP C 109 28.97 5.76 -5.42
N THR C 110 28.29 4.96 -4.61
CA THR C 110 27.78 5.43 -3.32
C THR C 110 28.76 5.15 -2.18
N ILE C 111 30.02 4.91 -2.51
CA ILE C 111 31.00 4.60 -1.49
C ILE C 111 32.13 5.64 -1.44
N TRP C 112 32.49 6.18 -2.60
CA TRP C 112 33.55 7.17 -2.71
C TRP C 112 33.35 8.32 -1.75
N ASN C 113 34.43 8.75 -1.11
CA ASN C 113 34.37 9.88 -0.19
C ASN C 113 35.05 11.03 -0.94
N ARG C 114 35.99 10.62 -1.79
CA ARG C 114 36.75 11.54 -2.60
C ARG C 114 37.18 10.80 -3.86
N SER C 115 36.98 11.43 -5.01
CA SER C 115 37.35 10.83 -6.28
C SER C 115 38.37 11.71 -7.01
N TYR C 116 39.43 11.09 -7.53
CA TYR C 116 40.44 11.82 -8.29
C TYR C 116 40.64 11.15 -9.66
N PHE C 117 40.81 11.93 -10.71
CA PHE C 117 41.00 11.39 -12.05
C PHE C 117 42.20 12.05 -12.74
N LEU C 118 43.23 11.23 -12.98
CA LEU C 118 44.46 11.66 -13.63
C LEU C 118 44.36 11.64 -15.15
N THR C 119 44.74 12.73 -15.78
CA THR C 119 44.67 12.83 -17.23
C THR C 119 46.03 13.06 -17.82
N ILE C 120 46.33 12.30 -18.86
CA ILE C 120 47.61 12.40 -19.54
C ILE C 120 47.30 12.40 -21.03
N PRO C 121 48.07 13.14 -21.83
CA PRO C 121 47.84 13.19 -23.27
C PRO C 121 48.14 11.85 -23.99
N TYR C 122 47.51 11.66 -25.14
CA TYR C 122 47.66 10.46 -25.95
C TYR C 122 49.10 10.07 -26.25
N GLU C 123 49.93 11.05 -26.63
CA GLU C 123 51.33 10.78 -26.96
C GLU C 123 52.15 10.38 -25.75
N GLU C 124 51.90 11.03 -24.62
CA GLU C 124 52.63 10.70 -23.39
C GLU C 124 52.29 9.28 -22.90
N CYS C 125 51.00 8.97 -22.82
CA CYS C 125 50.52 7.67 -22.38
C CYS C 125 51.02 6.51 -23.24
N LYS C 126 51.05 6.74 -24.55
CA LYS C 126 51.51 5.74 -25.49
C LYS C 126 52.98 5.46 -25.27
N ARG C 127 53.72 6.53 -24.97
CA ARG C 127 55.14 6.45 -24.73
C ARG C 127 55.44 5.67 -23.46
N ARG C 128 54.88 6.14 -22.35
CA ARG C 128 55.06 5.50 -21.05
C ARG C 128 54.66 4.04 -21.17
N ARG C 129 53.53 3.79 -21.84
CA ARG C 129 53.04 2.43 -22.02
C ARG C 129 54.11 1.54 -22.64
N SER C 130 54.85 2.07 -23.61
CA SER C 130 55.86 1.30 -24.34
C SER C 130 57.14 1.01 -23.60
N THR C 131 57.28 1.50 -22.38
CA THR C 131 58.49 1.25 -21.61
C THR C 131 58.21 0.17 -20.60
N ARG C 132 57.01 -0.38 -20.67
CA ARG C 132 56.61 -1.43 -19.75
C ARG C 132 56.27 -2.68 -20.56
N VAL C 133 56.86 -3.80 -20.16
CA VAL C 133 56.60 -5.06 -20.82
C VAL C 133 55.50 -5.75 -20.05
N TYR C 134 54.31 -5.86 -20.65
CA TYR C 134 53.17 -6.50 -19.99
C TYR C 134 53.17 -8.02 -20.25
N GLN C 135 52.27 -8.74 -19.57
CA GLN C 135 52.14 -10.19 -19.76
C GLN C 135 50.69 -10.64 -19.77
N PRO C 136 50.16 -11.01 -20.94
CA PRO C 136 50.84 -11.06 -22.22
C PRO C 136 51.27 -9.67 -22.70
N PRO C 137 52.24 -9.63 -23.63
CA PRO C 137 52.82 -8.43 -24.24
C PRO C 137 51.85 -7.74 -25.20
N ASP C 138 51.93 -6.40 -25.25
CA ASP C 138 51.06 -5.64 -26.13
C ASP C 138 51.35 -6.08 -27.56
N SER C 139 50.29 -6.57 -28.22
CA SER C 139 50.43 -7.04 -29.60
C SER C 139 50.69 -5.82 -30.51
N PRO C 140 50.94 -6.07 -31.81
CA PRO C 140 51.19 -4.92 -32.67
C PRO C 140 49.93 -4.07 -32.81
N GLY C 141 50.05 -2.77 -32.50
CA GLY C 141 48.93 -1.85 -32.60
C GLY C 141 47.85 -2.05 -31.54
N TYR C 142 48.22 -2.71 -30.44
CA TYR C 142 47.32 -3.01 -29.35
C TYR C 142 46.86 -1.75 -28.64
N PHE C 143 47.78 -0.79 -28.52
CA PHE C 143 47.49 0.49 -27.87
C PHE C 143 46.41 1.28 -28.59
N ASP C 144 46.59 1.49 -29.88
CA ASP C 144 45.62 2.23 -30.69
C ASP C 144 44.37 1.42 -30.95
N GLY C 145 44.52 0.11 -31.02
CA GLY C 145 43.39 -0.76 -31.33
C GLY C 145 42.51 -1.15 -30.19
N HIS C 146 43.06 -1.15 -28.98
CA HIS C 146 42.26 -1.54 -27.84
C HIS C 146 42.42 -0.61 -26.64
N VAL C 147 43.65 -0.38 -26.20
CA VAL C 147 43.91 0.44 -25.04
C VAL C 147 43.34 1.85 -25.13
N TRP C 148 43.68 2.61 -26.17
CA TRP C 148 43.12 3.97 -26.25
C TRP C 148 41.61 4.00 -26.52
N PRO C 149 41.11 3.20 -27.49
CA PRO C 149 39.68 3.18 -27.79
C PRO C 149 38.85 2.88 -26.57
N TYR C 151 39.76 3.43 -23.41
CA TYR C 151 39.85 4.50 -22.43
C TYR C 151 38.83 5.59 -22.78
N LEU C 152 38.75 5.93 -24.06
CA LEU C 152 37.81 6.93 -24.55
C LEU C 152 36.36 6.52 -24.31
N LYS C 153 36.13 5.20 -24.34
CA LYS C 153 34.82 4.62 -24.12
C LYS C 153 34.48 4.79 -22.64
N TYR C 154 35.51 4.71 -21.81
CA TYR C 154 35.38 4.87 -20.38
C TYR C 154 35.12 6.34 -20.04
N ARG C 155 35.89 7.25 -20.64
CA ARG C 155 35.68 8.68 -20.38
C ARG C 155 34.22 9.00 -20.63
N GLN C 156 33.71 8.47 -21.74
CA GLN C 156 32.36 8.70 -22.15
C GLN C 156 31.38 8.15 -21.12
N GLU C 157 31.62 6.93 -20.64
CA GLU C 157 30.76 6.32 -19.66
C GLU C 157 30.81 7.06 -18.34
N GLN C 159 30.46 10.64 -18.43
CA GLN C 159 29.73 11.89 -18.67
C GLN C 159 28.47 11.91 -17.80
N ASP C 160 28.04 10.73 -17.36
CA ASP C 160 26.83 10.59 -16.56
C ASP C 160 27.10 10.87 -15.09
N ILE C 161 28.34 10.66 -14.65
CA ILE C 161 28.69 10.85 -13.24
C ILE C 161 27.91 11.97 -12.60
N THR C 162 27.31 11.66 -11.48
CA THR C 162 26.50 12.62 -10.75
C THR C 162 27.29 13.35 -9.64
N TRP C 163 28.28 12.65 -9.07
CA TRP C 163 29.10 13.22 -8.00
C TRP C 163 30.31 14.01 -8.49
N GLU C 164 31.14 14.47 -7.57
CA GLU C 164 32.31 15.26 -7.97
C GLU C 164 33.64 14.54 -8.07
N VAL C 165 34.21 14.55 -9.26
CA VAL C 165 35.51 13.96 -9.49
C VAL C 165 36.48 15.11 -9.71
N VAL C 166 37.58 15.14 -8.94
CA VAL C 166 38.60 16.19 -9.05
C VAL C 166 39.61 15.75 -10.09
N TYR C 167 39.67 16.45 -11.22
CA TYR C 167 40.61 16.07 -12.27
C TYR C 167 41.99 16.58 -12.00
N LEU C 168 42.97 15.68 -12.18
CA LEU C 168 44.37 15.99 -11.98
C LEU C 168 45.16 15.89 -13.28
N ASP C 169 46.18 16.73 -13.39
CA ASP C 169 47.05 16.80 -14.56
C ASP C 169 48.22 15.82 -14.36
N GLY C 170 48.17 14.68 -15.05
CA GLY C 170 49.20 13.67 -14.91
C GLY C 170 50.55 14.05 -15.46
N THR C 171 50.62 15.17 -16.18
CA THR C 171 51.88 15.64 -16.75
C THR C 171 52.63 16.42 -15.66
N LYS C 172 51.89 16.91 -14.69
CA LYS C 172 52.49 17.65 -13.59
C LYS C 172 53.54 16.83 -12.86
N SER C 173 54.24 17.50 -11.95
CA SER C 173 55.26 16.89 -11.11
C SER C 173 54.61 15.78 -10.31
N GLU C 174 55.41 14.78 -9.98
CA GLU C 174 54.95 13.65 -9.19
C GLU C 174 54.65 14.11 -7.77
N GLU C 175 55.48 15.01 -7.24
CA GLU C 175 55.27 15.51 -5.89
C GLU C 175 54.19 16.59 -5.90
N ASP C 176 54.05 17.30 -7.02
CA ASP C 176 53.04 18.33 -7.13
C ASP C 176 51.64 17.75 -7.09
N LEU C 177 51.47 16.58 -7.70
CA LEU C 177 50.19 15.90 -7.71
C LEU C 177 49.89 15.37 -6.33
N PHE C 178 50.92 14.82 -5.71
CA PHE C 178 50.82 14.27 -4.36
C PHE C 178 50.35 15.35 -3.41
N LEU C 179 50.97 16.53 -3.49
CA LEU C 179 50.65 17.67 -2.64
C LEU C 179 49.27 18.23 -2.85
N GLN C 180 48.85 18.32 -4.10
CA GLN C 180 47.53 18.84 -4.43
C GLN C 180 46.42 17.96 -3.82
N VAL C 181 46.64 16.65 -3.83
CA VAL C 181 45.66 15.74 -3.26
C VAL C 181 45.83 15.76 -1.76
N TYR C 182 47.07 15.73 -1.29
CA TYR C 182 47.36 15.74 0.14
C TYR C 182 46.73 16.91 0.91
N GLU C 183 46.77 18.11 0.31
CA GLU C 183 46.19 19.31 0.93
C GLU C 183 44.69 19.09 1.04
N ASP C 184 44.11 18.78 -0.12
CA ASP C 184 42.67 18.52 -0.26
C ASP C 184 42.15 17.47 0.71
N LEU C 185 42.99 16.46 0.96
CA LEU C 185 42.65 15.36 1.86
C LEU C 185 42.61 15.77 3.31
N ILE C 186 43.26 16.88 3.64
CA ILE C 186 43.25 17.36 5.02
C ILE C 186 42.18 18.45 5.11
N GLN C 187 41.91 19.08 3.97
CA GLN C 187 40.87 20.11 3.85
C GLN C 187 39.55 19.40 3.53
N GLU C 188 39.48 18.12 3.89
CA GLU C 188 38.30 17.27 3.70
C GLU C 188 38.15 16.53 5.02
N LEU C 189 39.29 16.17 5.62
CA LEU C 189 39.32 15.48 6.90
C LEU C 189 39.17 16.53 8.00
N ALA C 190 39.40 17.79 7.61
CA ALA C 190 39.28 18.94 8.51
C ALA C 190 37.80 19.03 8.91
N LYS C 191 36.93 18.73 7.94
CA LYS C 191 35.48 18.75 8.12
C LYS C 191 34.92 17.43 8.69
N GLN C 192 35.77 16.71 9.44
CA GLN C 192 35.43 15.42 10.09
C GLN C 192 35.54 15.60 11.62
N LYS D 2 83.48 -20.73 -14.08
CA LYS D 2 83.86 -21.82 -13.14
C LYS D 2 83.36 -23.23 -13.54
N THR D 3 82.19 -23.30 -14.20
CA THR D 3 81.63 -24.57 -14.65
C THR D 3 81.33 -24.49 -16.14
N PHE D 4 81.48 -25.63 -16.85
CA PHE D 4 81.23 -25.67 -18.28
C PHE D 4 79.97 -26.50 -18.57
N ILE D 5 78.96 -25.86 -19.14
CA ILE D 5 77.70 -26.54 -19.46
C ILE D 5 77.63 -26.85 -20.96
N ILE D 6 77.37 -28.11 -21.28
CA ILE D 6 77.29 -28.54 -22.67
C ILE D 6 75.91 -29.08 -23.01
N GLY D 7 75.37 -28.59 -24.11
CA GLY D 7 74.06 -29.03 -24.56
C GLY D 7 74.18 -29.90 -25.79
N ILE D 8 73.42 -30.99 -25.80
CA ILE D 8 73.41 -31.91 -26.92
C ILE D 8 71.97 -32.26 -27.20
N SER D 9 71.45 -31.81 -28.34
CA SER D 9 70.06 -32.08 -28.69
C SER D 9 70.02 -32.70 -30.09
N GLY D 10 68.82 -32.90 -30.60
CA GLY D 10 68.67 -33.49 -31.91
C GLY D 10 67.47 -34.40 -31.90
N VAL D 11 67.04 -34.84 -33.07
CA VAL D 11 65.87 -35.69 -33.16
C VAL D 11 66.07 -37.02 -32.38
N THR D 12 64.99 -37.77 -32.18
CA THR D 12 65.07 -39.03 -31.46
C THR D 12 65.95 -40.02 -32.21
N ASN D 13 66.78 -40.75 -31.47
CA ASN D 13 67.70 -41.76 -32.03
C ASN D 13 68.72 -41.16 -32.97
N SER D 14 69.09 -39.91 -32.75
CA SER D 14 70.10 -39.31 -33.59
C SER D 14 71.48 -39.72 -33.03
N GLY D 15 71.47 -40.20 -31.79
CA GLY D 15 72.69 -40.61 -31.12
C GLY D 15 73.14 -39.72 -29.97
N LYS D 16 72.20 -39.09 -29.28
CA LYS D 16 72.56 -38.20 -28.18
C LYS D 16 73.03 -38.94 -26.93
N THR D 17 72.28 -39.94 -26.50
CA THR D 17 72.68 -40.68 -25.31
C THR D 17 74.10 -41.23 -25.47
N THR D 18 74.37 -41.75 -26.67
CA THR D 18 75.66 -42.33 -27.01
C THR D 18 76.78 -41.31 -27.00
N LEU D 19 76.55 -40.11 -27.52
CA LEU D 19 77.61 -39.10 -27.54
C LEU D 19 77.89 -38.68 -26.13
N ALA D 20 76.82 -38.47 -25.37
CA ALA D 20 76.92 -38.08 -23.97
C ALA D 20 77.78 -39.07 -23.16
N LYS D 21 77.48 -40.36 -23.28
CA LYS D 21 78.22 -41.38 -22.54
C LYS D 21 79.69 -41.42 -22.89
N ASN D 22 80.02 -41.30 -24.17
CA ASN D 22 81.40 -41.32 -24.66
C ASN D 22 82.21 -40.20 -24.04
N LEU D 23 81.74 -38.97 -24.23
CA LEU D 23 82.39 -37.80 -23.67
C LEU D 23 82.56 -38.02 -22.17
N GLN D 24 81.45 -38.36 -21.53
CA GLN D 24 81.45 -38.59 -20.10
C GLN D 24 82.57 -39.51 -19.66
N LYS D 25 82.85 -40.56 -20.42
CA LYS D 25 83.93 -41.47 -20.05
C LYS D 25 85.30 -40.83 -20.17
N HIS D 26 85.50 -39.97 -21.17
CA HIS D 26 86.80 -39.35 -21.36
C HIS D 26 86.87 -37.91 -20.93
N LEU D 27 85.92 -37.47 -20.12
CA LEU D 27 85.98 -36.11 -19.64
C LEU D 27 86.11 -36.18 -18.13
N PRO D 28 87.01 -35.37 -17.56
CA PRO D 28 87.23 -35.33 -16.12
C PRO D 28 86.18 -34.45 -15.45
N ASN D 29 85.80 -34.82 -14.22
CA ASN D 29 84.83 -34.02 -13.50
C ASN D 29 83.72 -33.69 -14.47
N CYS D 30 83.10 -34.73 -15.02
CA CYS D 30 82.00 -34.57 -15.99
C CYS D 30 80.72 -35.32 -15.56
N SER D 31 79.59 -34.60 -15.54
CA SER D 31 78.31 -35.18 -15.17
C SER D 31 77.30 -35.18 -16.32
N VAL D 32 76.24 -35.98 -16.17
CA VAL D 32 75.20 -36.07 -17.20
C VAL D 32 73.77 -35.97 -16.69
N ILE D 33 72.94 -35.21 -17.41
CA ILE D 33 71.53 -35.05 -17.08
C ILE D 33 70.77 -35.40 -18.37
N SER D 34 69.81 -36.32 -18.28
CA SER D 34 69.02 -36.72 -19.43
C SER D 34 67.65 -36.08 -19.34
N GLN D 35 67.25 -35.37 -20.40
CA GLN D 35 65.95 -34.72 -20.40
C GLN D 35 64.78 -35.69 -20.32
N ASP D 36 65.02 -36.96 -20.60
CA ASP D 36 63.99 -38.00 -20.57
C ASP D 36 63.63 -38.47 -19.17
N ASP D 37 64.48 -38.19 -18.19
CA ASP D 37 64.18 -38.60 -16.83
C ASP D 37 63.16 -37.62 -16.26
N PHE D 38 62.82 -36.61 -17.04
CA PHE D 38 61.89 -35.58 -16.62
C PHE D 38 60.53 -35.57 -17.32
N PHE D 39 60.14 -36.72 -17.86
CA PHE D 39 58.86 -36.84 -18.53
C PHE D 39 57.77 -36.92 -17.49
N LYS D 40 56.63 -36.32 -17.78
CA LYS D 40 55.52 -36.36 -16.85
C LYS D 40 54.99 -37.78 -16.89
N PRO D 41 54.31 -38.21 -15.82
CA PRO D 41 53.78 -39.57 -15.82
C PRO D 41 52.79 -39.82 -16.95
N GLU D 42 52.63 -41.07 -17.29
CA GLU D 42 51.73 -41.41 -18.37
C GLU D 42 50.37 -40.78 -18.16
N SER D 43 49.89 -40.81 -16.91
CA SER D 43 48.59 -40.27 -16.55
C SER D 43 48.40 -38.75 -16.74
N GLU D 44 49.50 -38.04 -16.93
CA GLU D 44 49.44 -36.60 -17.14
C GLU D 44 49.62 -36.23 -18.62
N ILE D 45 49.96 -37.22 -19.44
CA ILE D 45 50.12 -36.98 -20.88
C ILE D 45 48.76 -36.86 -21.56
N GLU D 46 48.71 -36.14 -22.68
CA GLU D 46 47.46 -35.96 -23.38
C GLU D 46 47.51 -36.56 -24.78
N THR D 47 46.34 -36.83 -25.35
CA THR D 47 46.24 -37.40 -26.67
C THR D 47 45.46 -36.41 -27.53
N ASP D 48 46.03 -36.02 -28.67
CA ASP D 48 45.37 -35.07 -29.57
C ASP D 48 44.10 -35.66 -30.17
N LYS D 49 43.46 -34.89 -31.07
CA LYS D 49 42.22 -35.28 -31.76
C LYS D 49 42.32 -36.65 -32.42
N ASN D 50 43.50 -36.97 -32.94
CA ASN D 50 43.71 -38.22 -33.64
C ASN D 50 44.22 -39.35 -32.74
N GLY D 51 44.05 -39.17 -31.44
CA GLY D 51 44.50 -40.17 -30.49
C GLY D 51 46.00 -40.41 -30.46
N PHE D 52 46.78 -39.32 -30.42
CA PHE D 52 48.25 -39.40 -30.39
C PHE D 52 48.74 -38.80 -29.07
N LEU D 53 49.46 -39.61 -28.31
CA LEU D 53 49.96 -39.12 -27.04
C LEU D 53 50.96 -38.01 -27.28
N GLN D 54 50.70 -36.86 -26.67
CA GLN D 54 51.56 -35.70 -26.80
C GLN D 54 52.85 -35.81 -26.00
N TYR D 55 53.80 -36.59 -26.50
CA TYR D 55 55.08 -36.75 -25.81
C TYR D 55 56.23 -35.86 -26.30
N ASP D 56 56.21 -35.50 -27.58
CA ASP D 56 57.26 -34.69 -28.21
C ASP D 56 57.04 -33.18 -28.17
N VAL D 57 56.55 -32.68 -27.03
CA VAL D 57 56.28 -31.27 -26.81
C VAL D 57 56.76 -30.93 -25.40
N LEU D 58 57.26 -29.71 -25.19
CA LEU D 58 57.75 -29.34 -23.86
C LEU D 58 56.77 -29.58 -22.70
N GLU D 59 55.47 -29.56 -23.01
CA GLU D 59 54.41 -29.79 -22.04
C GLU D 59 54.37 -31.19 -21.43
N ALA D 60 55.12 -32.12 -22.00
CA ALA D 60 55.16 -33.50 -21.52
C ALA D 60 56.34 -33.72 -20.58
N LEU D 61 57.01 -32.62 -20.25
CA LEU D 61 58.18 -32.67 -19.40
C LEU D 61 58.12 -31.67 -18.25
N ASN D 62 58.52 -32.14 -17.06
CA ASN D 62 58.57 -31.32 -15.85
C ASN D 62 59.87 -30.56 -15.98
N GLU D 64 60.64 -27.54 -14.99
CA GLU D 64 61.03 -26.75 -13.83
C GLU D 64 61.73 -27.71 -12.87
N LYS D 65 61.37 -28.98 -12.94
CA LYS D 65 62.01 -30.01 -12.13
C LYS D 65 63.46 -30.20 -12.62
N SER D 68 65.70 -27.20 -11.85
CA SER D 68 66.07 -27.25 -10.45
C SER D 68 67.22 -28.22 -10.26
N ALA D 69 67.20 -29.33 -11.00
CA ALA D 69 68.25 -30.34 -10.92
C ALA D 69 69.55 -29.77 -11.44
N ILE D 70 69.45 -28.86 -12.40
CA ILE D 70 70.61 -28.18 -12.99
C ILE D 70 71.18 -27.15 -12.02
N SER D 71 70.30 -26.46 -11.31
CA SER D 71 70.69 -25.46 -10.34
C SER D 71 71.43 -26.13 -9.19
N CYS D 72 70.94 -27.29 -8.75
CA CYS D 72 71.59 -28.03 -7.68
C CYS D 72 73.00 -28.37 -8.08
N TRP D 73 73.17 -28.88 -9.30
CA TRP D 73 74.49 -29.26 -9.80
C TRP D 73 75.43 -28.06 -9.88
N GLU D 75 75.28 -25.10 -8.34
CA GLU D 75 75.66 -24.48 -7.07
C GLU D 75 76.53 -25.36 -6.19
N SER D 76 76.29 -26.67 -6.21
CA SER D 76 77.10 -27.57 -5.39
C SER D 76 78.44 -27.76 -6.07
N ALA D 77 78.50 -27.40 -7.35
CA ALA D 77 79.72 -27.53 -8.15
C ALA D 77 80.74 -26.46 -7.76
N ARG D 78 80.26 -25.29 -7.35
CA ARG D 78 81.16 -24.21 -6.94
C ARG D 78 81.91 -24.66 -5.68
N HIS D 79 81.97 -25.97 -5.43
CA HIS D 79 82.62 -26.51 -4.24
C HIS D 79 83.37 -27.82 -4.51
N ILE D 92 87.70 -28.39 -13.33
CA ILE D 92 86.54 -27.58 -13.72
C ILE D 92 85.38 -28.51 -14.02
N PRO D 93 84.30 -28.38 -13.25
CA PRO D 93 83.10 -29.21 -13.42
C PRO D 93 82.47 -29.12 -14.80
N ILE D 94 82.07 -30.26 -15.32
CA ILE D 94 81.43 -30.30 -16.62
C ILE D 94 80.07 -30.99 -16.54
N LEU D 95 79.06 -30.35 -17.15
CA LEU D 95 77.71 -30.88 -17.19
C LEU D 95 77.22 -31.06 -18.61
N ILE D 96 76.87 -32.29 -18.97
CA ILE D 96 76.34 -32.57 -20.28
C ILE D 96 74.84 -32.72 -20.15
N ILE D 97 74.08 -31.87 -20.83
CA ILE D 97 72.62 -31.93 -20.76
C ILE D 97 72.18 -32.43 -22.13
N GLU D 98 71.72 -33.68 -22.19
CA GLU D 98 71.26 -34.26 -23.44
C GLU D 98 69.75 -34.35 -23.42
N GLY D 99 69.14 -34.14 -24.58
CA GLY D 99 67.69 -34.18 -24.64
C GLY D 99 67.22 -33.79 -26.02
N PHE D 100 66.09 -34.36 -26.41
CA PHE D 100 65.54 -34.12 -27.73
C PHE D 100 64.89 -32.75 -27.95
N LEU D 101 64.62 -32.01 -26.89
CA LEU D 101 63.95 -30.70 -26.99
C LEU D 101 64.57 -29.72 -25.98
N LEU D 102 65.70 -29.14 -26.33
CA LEU D 102 66.41 -28.26 -25.41
C LEU D 102 66.68 -26.84 -25.87
N PHE D 103 66.89 -26.64 -27.16
CA PHE D 103 67.22 -25.30 -27.62
C PHE D 103 66.02 -24.44 -27.91
N ASN D 104 64.85 -24.93 -27.51
CA ASN D 104 63.59 -24.21 -27.72
C ASN D 104 62.97 -23.94 -26.36
N TYR D 105 63.75 -24.20 -25.31
CA TYR D 105 63.34 -23.92 -23.93
C TYR D 105 64.19 -22.70 -23.57
N LYS D 106 63.56 -21.54 -23.51
CA LYS D 106 64.22 -20.27 -23.23
C LYS D 106 65.09 -20.16 -21.99
N PRO D 107 64.64 -20.71 -20.86
CA PRO D 107 65.48 -20.60 -19.67
C PRO D 107 66.92 -21.08 -19.87
N LEU D 108 67.11 -22.06 -20.73
CA LEU D 108 68.44 -22.62 -20.96
C LEU D 108 69.39 -21.85 -21.85
N ASP D 109 68.86 -20.99 -22.72
CA ASP D 109 69.68 -20.20 -23.64
C ASP D 109 70.89 -19.46 -23.03
N THR D 110 70.68 -18.85 -21.88
CA THR D 110 71.72 -18.09 -21.23
C THR D 110 72.54 -18.94 -20.28
N ILE D 111 72.58 -20.24 -20.54
CA ILE D 111 73.32 -21.16 -19.69
C ILE D 111 74.33 -21.97 -20.49
N TRP D 112 73.98 -22.25 -21.73
CA TRP D 112 74.86 -23.02 -22.59
C TRP D 112 76.25 -22.41 -22.67
N ASN D 113 77.24 -23.30 -22.72
CA ASN D 113 78.64 -22.93 -22.88
C ASN D 113 79.03 -23.46 -24.24
N ARG D 114 78.40 -24.57 -24.61
CA ARG D 114 78.62 -25.19 -25.92
C ARG D 114 77.37 -25.97 -26.27
N SER D 115 76.86 -25.78 -27.48
CA SER D 115 75.64 -26.47 -27.91
C SER D 115 75.87 -27.25 -29.20
N TYR D 116 75.54 -28.52 -29.18
CA TYR D 116 75.69 -29.36 -30.36
C TYR D 116 74.34 -29.92 -30.78
N PHE D 117 74.09 -29.98 -32.08
CA PHE D 117 72.85 -30.50 -32.60
C PHE D 117 73.06 -31.63 -33.61
N LEU D 118 72.62 -32.83 -33.26
CA LEU D 118 72.76 -34.01 -34.11
C LEU D 118 71.66 -34.11 -35.14
N THR D 119 72.04 -34.39 -36.39
CA THR D 119 71.05 -34.52 -37.45
C THR D 119 71.15 -35.88 -38.13
N ILE D 120 69.99 -36.50 -38.28
CA ILE D 120 69.85 -37.81 -38.90
C ILE D 120 68.68 -37.67 -39.88
N PRO D 121 68.78 -38.34 -41.04
CA PRO D 121 67.73 -38.29 -42.05
C PRO D 121 66.41 -38.89 -41.58
N TYR D 122 65.33 -38.58 -42.28
CA TYR D 122 64.02 -39.11 -41.96
C TYR D 122 63.94 -40.64 -41.95
N GLU D 123 64.54 -41.25 -42.98
CA GLU D 123 64.53 -42.71 -43.15
C GLU D 123 65.38 -43.46 -42.14
N GLU D 124 66.42 -42.80 -41.66
CA GLU D 124 67.34 -43.42 -40.70
C GLU D 124 66.76 -43.34 -39.30
N CYS D 125 66.15 -42.21 -39.01
CA CYS D 125 65.51 -41.94 -37.73
C CYS D 125 64.32 -42.93 -37.55
N LYS D 126 63.48 -43.00 -38.56
CA LYS D 126 62.33 -43.85 -38.52
C LYS D 126 62.74 -45.31 -38.28
N ARG D 127 63.82 -45.71 -38.92
CA ARG D 127 64.32 -47.06 -38.80
C ARG D 127 64.86 -47.34 -37.40
N ARG D 128 65.75 -46.49 -36.91
CA ARG D 128 66.31 -46.66 -35.58
C ARG D 128 65.22 -46.71 -34.54
N ARG D 129 64.25 -45.83 -34.71
CA ARG D 129 63.11 -45.71 -33.79
C ARG D 129 62.32 -47.01 -33.66
N SER D 130 62.20 -47.73 -34.76
CA SER D 130 61.46 -48.98 -34.79
C SER D 130 62.15 -50.15 -34.13
N THR D 131 63.43 -49.98 -33.79
CA THR D 131 64.18 -51.06 -33.13
C THR D 131 64.05 -50.97 -31.60
N ARG D 132 63.41 -49.91 -31.14
CA ARG D 132 63.24 -49.66 -29.72
C ARG D 132 61.78 -49.68 -29.30
N VAL D 133 61.46 -50.57 -28.37
CA VAL D 133 60.11 -50.70 -27.84
C VAL D 133 59.94 -49.69 -26.72
N TYR D 134 59.20 -48.61 -26.96
CA TYR D 134 58.97 -47.61 -25.93
C TYR D 134 57.84 -48.00 -24.97
N GLN D 135 57.55 -47.14 -24.00
CA GLN D 135 56.45 -47.37 -23.07
C GLN D 135 55.80 -46.05 -22.68
N PRO D 136 54.56 -45.80 -23.14
CA PRO D 136 53.71 -46.64 -24.00
C PRO D 136 54.30 -46.82 -25.39
N PRO D 137 54.00 -47.95 -26.05
CA PRO D 137 54.48 -48.29 -27.39
C PRO D 137 53.99 -47.34 -28.46
N ASP D 138 54.80 -47.16 -29.50
CA ASP D 138 54.42 -46.30 -30.59
C ASP D 138 53.14 -46.87 -31.23
N SER D 139 52.07 -46.07 -31.21
CA SER D 139 50.83 -46.51 -31.83
C SER D 139 51.11 -46.64 -33.32
N PRO D 140 50.13 -47.13 -34.09
CA PRO D 140 50.39 -47.25 -35.53
C PRO D 140 50.49 -45.84 -36.12
N GLY D 141 51.51 -45.62 -36.94
CA GLY D 141 51.70 -44.32 -37.57
C GLY D 141 51.94 -43.18 -36.60
N TYR D 142 52.57 -43.50 -35.47
CA TYR D 142 52.86 -42.53 -34.42
C TYR D 142 54.06 -41.67 -34.80
N PHE D 143 55.01 -42.29 -35.48
CA PHE D 143 56.20 -41.60 -35.93
C PHE D 143 55.85 -40.49 -36.92
N ASP D 144 55.11 -40.85 -37.95
CA ASP D 144 54.72 -39.90 -38.96
C ASP D 144 53.66 -38.91 -38.45
N GLY D 145 52.75 -39.39 -37.62
CA GLY D 145 51.70 -38.53 -37.08
C GLY D 145 52.06 -37.58 -35.95
N HIS D 146 53.08 -37.93 -35.17
CA HIS D 146 53.50 -37.10 -34.05
C HIS D 146 55.01 -36.84 -33.96
N VAL D 147 55.79 -37.91 -33.94
CA VAL D 147 57.22 -37.75 -33.80
C VAL D 147 57.93 -36.87 -34.83
N TRP D 148 57.72 -37.09 -36.13
CA TRP D 148 58.41 -36.27 -37.14
C TRP D 148 57.85 -34.85 -37.19
N PRO D 149 56.52 -34.72 -37.30
CA PRO D 149 55.90 -33.39 -37.34
C PRO D 149 56.44 -32.49 -36.21
N TYR D 151 59.27 -32.81 -34.50
CA TYR D 151 60.68 -32.54 -34.62
C TYR D 151 60.75 -31.30 -35.49
N LEU D 152 60.29 -31.44 -36.72
CA LEU D 152 60.29 -30.31 -37.64
C LEU D 152 59.80 -29.00 -36.99
N LYS D 153 58.75 -29.10 -36.18
CA LYS D 153 58.22 -27.91 -35.51
C LYS D 153 59.28 -27.38 -34.55
N TYR D 154 60.15 -28.27 -34.07
CA TYR D 154 61.20 -27.90 -33.14
C TYR D 154 62.35 -27.26 -33.90
N ARG D 155 62.63 -27.80 -35.09
CA ARG D 155 63.68 -27.27 -35.95
C ARG D 155 63.34 -25.83 -36.33
N GLN D 156 62.05 -25.56 -36.46
CA GLN D 156 61.55 -24.23 -36.84
C GLN D 156 61.56 -23.23 -35.70
N GLU D 157 61.38 -23.73 -34.48
CA GLU D 157 61.42 -22.87 -33.31
C GLU D 157 62.87 -22.57 -32.95
N GLN D 159 64.95 -21.50 -35.61
CA GLN D 159 65.33 -20.52 -36.62
C GLN D 159 65.59 -19.16 -35.94
N ASP D 160 65.15 -19.01 -34.69
CA ASP D 160 65.31 -17.78 -33.92
C ASP D 160 66.58 -17.76 -33.08
N ILE D 161 67.12 -18.93 -32.77
CA ILE D 161 68.33 -19.04 -31.96
C ILE D 161 69.36 -17.95 -32.28
N THR D 162 69.84 -17.23 -31.27
CA THR D 162 70.81 -16.17 -31.54
C THR D 162 72.23 -16.64 -31.30
N TRP D 163 72.42 -17.63 -30.42
CA TRP D 163 73.77 -18.13 -30.15
C TRP D 163 74.25 -19.17 -31.16
N GLU D 164 75.43 -19.74 -30.92
CA GLU D 164 76.00 -20.73 -31.85
C GLU D 164 75.85 -22.21 -31.54
N VAL D 165 75.14 -22.91 -32.42
CA VAL D 165 74.92 -24.35 -32.31
C VAL D 165 75.78 -25.04 -33.36
N VAL D 166 76.66 -25.93 -32.91
CA VAL D 166 77.54 -26.70 -33.80
C VAL D 166 76.71 -27.90 -34.28
N TYR D 167 76.48 -28.00 -35.59
CA TYR D 167 75.70 -29.11 -36.12
C TYR D 167 76.53 -30.34 -36.43
N LEU D 168 76.03 -31.49 -36.00
CA LEU D 168 76.72 -32.77 -36.20
C LEU D 168 75.94 -33.72 -37.09
N ASP D 169 76.68 -34.50 -37.90
CA ASP D 169 76.09 -35.48 -38.82
C ASP D 169 75.99 -36.84 -38.10
N GLY D 170 74.78 -37.17 -37.64
CA GLY D 170 74.56 -38.42 -36.92
C GLY D 170 74.73 -39.71 -37.70
N THR D 171 74.96 -39.59 -38.99
CA THR D 171 75.16 -40.74 -39.85
C THR D 171 76.63 -41.10 -39.79
N LYS D 172 77.45 -40.16 -39.33
CA LYS D 172 78.89 -40.36 -39.18
C LYS D 172 79.19 -41.44 -38.14
N SER D 173 80.46 -41.81 -38.05
CA SER D 173 80.89 -42.82 -37.11
C SER D 173 80.59 -42.39 -35.70
N GLU D 174 80.32 -43.35 -34.85
CA GLU D 174 80.05 -43.06 -33.46
C GLU D 174 81.30 -42.47 -32.78
N GLU D 175 82.49 -42.93 -33.22
CA GLU D 175 83.75 -42.43 -32.66
C GLU D 175 84.18 -41.16 -33.36
N ASP D 176 83.77 -41.02 -34.62
CA ASP D 176 84.11 -39.82 -35.36
C ASP D 176 83.37 -38.66 -34.74
N LEU D 177 82.10 -38.86 -34.44
CA LEU D 177 81.33 -37.81 -33.80
C LEU D 177 81.93 -37.45 -32.45
N PHE D 178 82.33 -38.46 -31.68
CA PHE D 178 82.92 -38.26 -30.36
C PHE D 178 84.16 -37.39 -30.42
N LEU D 179 85.04 -37.72 -31.36
CA LEU D 179 86.29 -37.00 -31.55
C LEU D 179 86.09 -35.57 -32.04
N GLN D 180 85.12 -35.40 -32.93
CA GLN D 180 84.85 -34.08 -33.45
C GLN D 180 84.45 -33.13 -32.32
N VAL D 181 83.69 -33.66 -31.38
CA VAL D 181 83.24 -32.88 -30.23
C VAL D 181 84.35 -32.79 -29.20
N TYR D 182 85.04 -33.91 -29.00
CA TYR D 182 86.13 -33.98 -28.02
C TYR D 182 87.24 -32.96 -28.28
N GLU D 183 87.65 -32.80 -29.53
CA GLU D 183 88.69 -31.84 -29.90
C GLU D 183 88.24 -30.45 -29.56
N ASP D 184 87.06 -30.12 -30.08
CA ASP D 184 86.46 -28.81 -29.90
C ASP D 184 86.35 -28.45 -28.43
N LEU D 185 85.98 -29.43 -27.62
CA LEU D 185 85.83 -29.19 -26.21
C LEU D 185 87.12 -28.79 -25.55
N ILE D 186 88.23 -29.30 -26.06
CA ILE D 186 89.55 -28.98 -25.54
C ILE D 186 90.05 -27.68 -26.19
N GLN D 187 89.48 -27.34 -27.34
CA GLN D 187 89.85 -26.11 -28.03
C GLN D 187 88.93 -24.96 -27.57
N GLU D 188 88.17 -25.22 -26.50
CA GLU D 188 87.25 -24.26 -25.89
C GLU D 188 87.71 -24.16 -24.45
N LEU D 189 88.16 -25.30 -23.93
CA LEU D 189 88.68 -25.37 -22.57
C LEU D 189 90.11 -24.85 -22.60
N ALA D 190 90.69 -24.79 -23.79
CA ALA D 190 92.05 -24.27 -23.96
C ALA D 190 91.93 -22.78 -23.60
N LYS D 191 90.84 -22.17 -24.08
CA LYS D 191 90.57 -20.77 -23.82
C LYS D 191 89.99 -20.51 -22.43
N GLN D 192 90.39 -21.34 -21.46
CA GLN D 192 89.95 -21.18 -20.07
C GLN D 192 91.22 -21.00 -19.23
N LYS E 2 13.07 22.02 -35.49
CA LYS E 2 14.10 21.43 -34.58
C LYS E 2 15.37 21.05 -35.33
N THR E 3 15.23 20.84 -36.64
CA THR E 3 16.34 20.49 -37.56
C THR E 3 16.32 21.38 -38.80
N PHE E 4 17.50 21.78 -39.24
CA PHE E 4 17.66 22.63 -40.41
C PHE E 4 18.26 21.78 -41.55
N ILE E 5 17.51 21.63 -42.65
CA ILE E 5 17.93 20.86 -43.83
C ILE E 5 18.31 21.84 -44.93
N ILE E 6 19.52 21.69 -45.46
CA ILE E 6 20.04 22.56 -46.50
C ILE E 6 20.34 21.80 -47.77
N GLY E 7 19.87 22.34 -48.89
CA GLY E 7 20.10 21.69 -50.17
C GLY E 7 21.07 22.45 -51.03
N ILE E 8 22.02 21.75 -51.63
CA ILE E 8 23.02 22.36 -52.51
C ILE E 8 23.08 21.57 -53.83
N SER E 9 22.52 22.13 -54.90
CA SER E 9 22.53 21.45 -56.19
C SER E 9 23.25 22.30 -57.24
N GLY E 10 23.31 21.77 -58.45
CA GLY E 10 23.98 22.47 -59.52
C GLY E 10 24.64 21.46 -60.46
N VAL E 11 25.04 21.93 -61.63
CA VAL E 11 25.66 21.04 -62.59
C VAL E 11 26.88 20.37 -61.96
N THR E 12 27.42 19.39 -62.67
CA THR E 12 28.59 18.64 -62.26
C THR E 12 29.82 19.54 -62.24
N ASN E 13 30.61 19.41 -61.19
CA ASN E 13 31.82 20.20 -61.04
C ASN E 13 31.54 21.68 -60.83
N SER E 14 30.37 22.02 -60.32
CA SER E 14 30.10 23.43 -60.09
C SER E 14 30.79 23.85 -58.78
N GLY E 15 31.04 22.88 -57.91
CA GLY E 15 31.70 23.12 -56.64
C GLY E 15 30.84 22.67 -55.48
N LYS E 16 29.88 21.79 -55.71
CA LYS E 16 28.99 21.34 -54.65
C LYS E 16 29.65 20.62 -53.49
N THR E 17 30.50 19.65 -53.80
CA THR E 17 31.20 18.89 -52.76
C THR E 17 32.06 19.83 -51.89
N THR E 18 32.79 20.73 -52.57
CA THR E 18 33.65 21.68 -51.92
C THR E 18 32.90 22.58 -50.96
N LEU E 19 31.76 23.10 -51.39
CA LEU E 19 30.95 24.00 -50.57
C LEU E 19 30.40 23.25 -49.38
N ALA E 20 29.92 22.03 -49.61
CA ALA E 20 29.39 21.23 -48.52
C ALA E 20 30.45 20.99 -47.42
N LYS E 21 31.68 20.64 -47.82
CA LYS E 21 32.78 20.37 -46.86
C LYS E 21 33.18 21.60 -46.05
N ASN E 22 33.28 22.74 -46.71
CA ASN E 22 33.65 23.97 -46.07
C ASN E 22 32.70 24.30 -44.96
N LEU E 23 31.40 24.33 -45.27
CA LEU E 23 30.35 24.65 -44.30
C LEU E 23 30.37 23.65 -43.16
N GLN E 24 30.45 22.38 -43.54
CA GLN E 24 30.49 21.27 -42.61
C GLN E 24 31.52 21.56 -41.53
N LYS E 25 32.74 21.88 -41.94
CA LYS E 25 33.79 22.17 -40.98
C LYS E 25 33.44 23.29 -40.01
N HIS E 26 32.86 24.38 -40.49
CA HIS E 26 32.54 25.51 -39.59
C HIS E 26 31.12 25.59 -39.07
N LEU E 27 30.35 24.55 -39.34
CA LEU E 27 29.00 24.52 -38.84
C LEU E 27 28.94 23.51 -37.71
N PRO E 28 28.28 23.89 -36.61
CA PRO E 28 28.16 22.99 -35.45
C PRO E 28 27.00 22.02 -35.65
N ASN E 29 27.18 20.80 -35.14
CA ASN E 29 26.13 19.79 -35.23
C ASN E 29 25.63 19.73 -36.67
N CYS E 30 26.57 19.55 -37.59
CA CYS E 30 26.26 19.53 -39.02
C CYS E 30 26.77 18.29 -39.73
N SER E 31 25.86 17.62 -40.47
CA SER E 31 26.14 16.40 -41.22
C SER E 31 26.04 16.61 -42.74
N VAL E 32 26.52 15.63 -43.52
CA VAL E 32 26.49 15.73 -44.98
C VAL E 32 26.12 14.45 -45.72
N ILE E 33 25.16 14.56 -46.63
CA ILE E 33 24.73 13.44 -47.47
C ILE E 33 25.03 13.80 -48.92
N SER E 34 25.76 12.92 -49.60
CA SER E 34 26.09 13.15 -50.99
C SER E 34 25.20 12.28 -51.85
N GLN E 35 24.54 12.89 -52.81
CA GLN E 35 23.67 12.14 -53.67
C GLN E 35 24.41 11.09 -54.48
N ASP E 36 25.72 11.26 -54.64
CA ASP E 36 26.56 10.35 -55.43
C ASP E 36 26.86 8.99 -54.81
N ASP E 37 26.64 8.88 -53.51
CA ASP E 37 26.83 7.62 -52.80
C ASP E 37 25.65 6.70 -53.07
N PHE E 38 24.66 7.21 -53.80
CA PHE E 38 23.44 6.47 -54.11
C PHE E 38 23.24 6.07 -55.56
N PHE E 39 24.32 5.98 -56.32
CA PHE E 39 24.25 5.58 -57.72
C PHE E 39 24.02 4.07 -57.85
N LYS E 40 23.10 3.67 -58.72
CA LYS E 40 22.84 2.25 -58.93
C LYS E 40 24.11 1.64 -59.48
N PRO E 41 24.31 0.32 -59.27
CA PRO E 41 25.52 -0.34 -59.78
C PRO E 41 25.61 -0.31 -61.29
N GLU E 42 26.84 -0.27 -61.79
CA GLU E 42 27.10 -0.19 -63.23
C GLU E 42 26.26 -1.14 -64.09
N SER E 43 25.90 -2.30 -63.55
CA SER E 43 25.11 -3.29 -64.28
C SER E 43 23.62 -2.95 -64.33
N GLU E 44 23.22 -1.90 -63.62
CA GLU E 44 21.83 -1.47 -63.59
C GLU E 44 21.66 -0.20 -64.44
N ILE E 45 22.77 0.40 -64.88
CA ILE E 45 22.67 1.60 -65.70
C ILE E 45 22.39 1.24 -67.13
N GLU E 46 21.66 2.09 -67.83
CA GLU E 46 21.30 1.81 -69.20
C GLU E 46 21.97 2.71 -70.20
N THR E 47 22.10 2.22 -71.43
CA THR E 47 22.73 3.01 -72.48
C THR E 47 21.68 3.34 -73.55
N ASP E 48 21.65 4.60 -73.98
CA ASP E 48 20.69 5.02 -74.99
C ASP E 48 21.10 4.59 -76.40
N LYS E 49 20.23 4.91 -77.35
CA LYS E 49 20.41 4.60 -78.75
C LYS E 49 21.84 4.80 -79.19
N ASN E 50 22.37 5.97 -78.89
CA ASN E 50 23.73 6.36 -79.27
C ASN E 50 24.82 5.85 -78.33
N GLY E 51 24.52 4.82 -77.53
CA GLY E 51 25.50 4.26 -76.62
C GLY E 51 26.06 5.18 -75.54
N PHE E 52 25.17 5.86 -74.83
CA PHE E 52 25.52 6.76 -73.72
C PHE E 52 24.87 6.19 -72.46
N LEU E 53 25.71 5.84 -71.48
CA LEU E 53 25.20 5.32 -70.23
C LEU E 53 24.40 6.43 -69.58
N GLN E 54 23.18 6.11 -69.19
CA GLN E 54 22.27 7.06 -68.56
C GLN E 54 22.53 7.31 -67.07
N TYR E 55 23.53 8.13 -66.77
CA TYR E 55 23.87 8.46 -65.39
C TYR E 55 23.27 9.76 -64.87
N ASP E 56 23.04 10.71 -65.77
CA ASP E 56 22.51 12.01 -65.40
C ASP E 56 20.97 12.13 -65.40
N VAL E 57 20.32 11.08 -64.92
CA VAL E 57 18.87 11.01 -64.82
C VAL E 57 18.53 10.37 -63.47
N LEU E 58 17.40 10.76 -62.89
CA LEU E 58 17.00 10.23 -61.58
C LEU E 58 16.96 8.71 -61.53
N GLU E 59 16.81 8.09 -62.71
CA GLU E 59 16.72 6.64 -62.84
C GLU E 59 18.04 5.91 -62.52
N ALA E 60 19.16 6.62 -62.58
CA ALA E 60 20.44 6.01 -62.31
C ALA E 60 20.83 6.02 -60.81
N LEU E 61 19.90 6.44 -59.96
CA LEU E 61 20.12 6.52 -58.52
C LEU E 61 19.03 5.82 -57.69
N ASN E 62 19.43 5.30 -56.53
CA ASN E 62 18.51 4.63 -55.60
C ASN E 62 18.04 5.71 -54.65
N GLU E 64 15.22 5.99 -53.15
CA GLU E 64 14.46 5.57 -51.99
C GLU E 64 15.44 5.15 -50.90
N LYS E 65 16.67 4.88 -51.32
CA LYS E 65 17.75 4.49 -50.41
C LYS E 65 18.25 5.73 -49.71
N SER E 68 15.56 7.21 -47.34
CA SER E 68 15.57 6.47 -46.09
C SER E 68 16.72 6.92 -45.21
N ALA E 69 17.88 7.15 -45.83
CA ALA E 69 19.05 7.61 -45.09
C ALA E 69 18.79 8.99 -44.46
N ILE E 70 17.92 9.77 -45.12
CA ILE E 70 17.56 11.10 -44.65
C ILE E 70 16.56 10.97 -43.50
N SER E 71 15.66 10.00 -43.59
CA SER E 71 14.66 9.79 -42.55
C SER E 71 15.36 9.38 -41.26
N CYS E 72 16.35 8.49 -41.40
CA CYS E 72 17.11 8.03 -40.26
C CYS E 72 17.81 9.20 -39.59
N TRP E 73 18.45 10.05 -40.38
CA TRP E 73 19.13 11.22 -39.83
C TRP E 73 18.15 12.12 -39.05
N GLU E 75 15.02 11.44 -37.80
CA GLU E 75 14.38 10.80 -36.64
C GLU E 75 15.35 10.59 -35.46
N SER E 76 16.62 10.34 -35.77
CA SER E 76 17.66 10.15 -34.74
C SER E 76 18.27 11.53 -34.34
N ALA E 77 17.83 12.59 -34.99
CA ALA E 77 18.30 13.94 -34.68
C ALA E 77 17.42 14.51 -33.58
N ARG E 78 16.16 14.06 -33.50
CA ARG E 78 15.25 14.54 -32.45
C ARG E 78 15.76 14.02 -31.11
N HIS E 79 17.02 13.59 -31.08
CA HIS E 79 17.59 13.06 -29.85
C HIS E 79 19.03 13.52 -29.59
N ILE E 92 21.36 22.76 -32.64
CA ILE E 92 20.34 22.37 -33.61
C ILE E 92 21.02 21.55 -34.71
N PRO E 93 20.52 20.34 -34.96
CA PRO E 93 21.10 19.49 -36.00
C PRO E 93 20.95 20.09 -37.38
N ILE E 94 22.01 20.05 -38.16
CA ILE E 94 22.00 20.57 -39.54
C ILE E 94 22.40 19.48 -40.52
N LEU E 95 21.65 19.36 -41.62
CA LEU E 95 21.91 18.36 -42.64
C LEU E 95 22.09 18.99 -43.99
N ILE E 96 23.29 18.84 -44.56
CA ILE E 96 23.52 19.37 -45.89
C ILE E 96 23.33 18.20 -46.85
N ILE E 97 22.47 18.40 -47.84
CA ILE E 97 22.25 17.37 -48.86
C ILE E 97 22.81 17.93 -50.15
N GLU E 98 23.95 17.41 -50.63
CA GLU E 98 24.53 17.90 -51.88
C GLU E 98 24.31 16.87 -52.99
N GLY E 99 24.03 17.37 -54.19
CA GLY E 99 23.78 16.47 -55.29
C GLY E 99 23.44 17.22 -56.56
N PHE E 100 23.84 16.65 -57.69
CA PHE E 100 23.60 17.28 -58.99
C PHE E 100 22.16 17.21 -59.53
N LEU E 101 21.28 16.48 -58.84
CA LEU E 101 19.91 16.33 -59.30
C LEU E 101 19.01 16.24 -58.08
N LEU E 102 18.70 17.39 -57.46
CA LEU E 102 17.90 17.41 -56.23
C LEU E 102 16.57 18.16 -56.23
N PHE E 103 16.53 19.31 -56.89
CA PHE E 103 15.32 20.13 -56.89
C PHE E 103 14.28 19.69 -57.90
N ASN E 104 14.47 18.53 -58.49
CA ASN E 104 13.53 18.01 -59.48
C ASN E 104 12.96 16.69 -58.96
N TYR E 105 13.34 16.35 -57.73
CA TYR E 105 12.87 15.13 -57.07
C TYR E 105 11.85 15.62 -56.04
N LYS E 106 10.57 15.46 -56.40
CA LYS E 106 9.44 15.91 -55.58
C LYS E 106 9.47 15.58 -54.10
N PRO E 107 9.73 14.34 -53.74
CA PRO E 107 9.77 13.98 -52.33
C PRO E 107 10.59 14.89 -51.43
N LEU E 108 11.51 15.65 -51.99
CA LEU E 108 12.38 16.50 -51.20
C LEU E 108 11.89 17.91 -50.99
N ASP E 109 11.08 18.39 -51.93
CA ASP E 109 10.54 19.75 -51.92
C ASP E 109 10.03 20.27 -50.56
N THR E 110 9.26 19.44 -49.88
CA THR E 110 8.68 19.84 -48.60
C THR E 110 9.59 19.58 -47.42
N ILE E 111 10.90 19.49 -47.67
CA ILE E 111 11.87 19.24 -46.60
C ILE E 111 12.94 20.35 -46.50
N TRP E 112 13.28 20.94 -47.64
CA TRP E 112 14.29 21.99 -47.72
C TRP E 112 13.98 23.08 -46.74
N ASN E 113 15.04 23.62 -46.13
CA ASN E 113 14.96 24.72 -45.17
C ASN E 113 15.62 25.88 -45.86
N ARG E 114 16.61 25.53 -46.68
CA ARG E 114 17.38 26.48 -47.49
C ARG E 114 17.90 25.73 -48.72
N SER E 115 17.69 26.30 -49.91
CA SER E 115 18.15 25.67 -51.14
C SER E 115 19.12 26.61 -51.84
N TYR E 116 20.21 26.06 -52.36
CA TYR E 116 21.22 26.84 -53.05
C TYR E 116 21.52 26.12 -54.34
N PHE E 117 21.80 26.89 -55.39
CA PHE E 117 22.10 26.32 -56.71
C PHE E 117 23.33 26.92 -57.37
N LEU E 118 24.41 26.17 -57.44
CA LEU E 118 25.64 26.65 -58.05
C LEU E 118 25.60 26.66 -59.58
N THR E 119 25.96 27.79 -60.17
CA THR E 119 25.97 27.95 -61.62
C THR E 119 27.36 28.18 -62.20
N ILE E 120 27.75 27.35 -63.17
CA ILE E 120 29.06 27.47 -63.79
C ILE E 120 28.85 27.38 -65.33
N PRO E 121 29.58 28.21 -66.10
CA PRO E 121 29.50 28.24 -67.57
C PRO E 121 29.84 26.92 -68.24
N TYR E 122 29.31 26.73 -69.45
CA TYR E 122 29.54 25.52 -70.21
C TYR E 122 31.02 25.21 -70.36
N GLU E 123 31.80 26.20 -70.79
CA GLU E 123 33.22 25.99 -71.02
C GLU E 123 34.04 25.61 -69.80
N GLU E 124 33.66 26.15 -68.64
CA GLU E 124 34.35 25.89 -67.37
C GLU E 124 34.03 24.48 -66.85
N CYS E 125 32.75 24.13 -66.90
CA CYS E 125 32.27 22.82 -66.45
C CYS E 125 32.90 21.69 -67.27
N LYS E 126 32.94 21.87 -68.59
CA LYS E 126 33.50 20.87 -69.49
C LYS E 126 34.97 20.68 -69.13
N ARG E 127 35.65 21.79 -68.88
CA ARG E 127 37.05 21.77 -68.52
C ARG E 127 37.24 21.00 -67.21
N ARG E 128 36.66 21.51 -66.14
CA ARG E 128 36.78 20.83 -64.84
C ARG E 128 36.47 19.34 -64.99
N ARG E 129 35.39 19.05 -65.70
CA ARG E 129 34.99 17.68 -65.89
C ARG E 129 36.10 16.82 -66.44
N SER E 130 36.84 17.35 -67.41
CA SER E 130 37.91 16.59 -68.08
C SER E 130 39.15 16.28 -67.25
N THR E 131 39.27 16.90 -66.08
CA THR E 131 40.42 16.66 -65.19
C THR E 131 40.09 15.52 -64.24
N ARG E 132 38.86 15.03 -64.31
CA ARG E 132 38.42 13.96 -63.45
C ARG E 132 38.17 12.69 -64.22
N VAL E 133 38.81 11.61 -63.78
CA VAL E 133 38.63 10.32 -64.43
C VAL E 133 37.52 9.62 -63.68
N TYR E 134 36.39 9.44 -64.34
CA TYR E 134 35.25 8.78 -63.72
C TYR E 134 35.29 7.28 -63.98
N GLN E 135 34.35 6.54 -63.39
CA GLN E 135 34.27 5.09 -63.57
C GLN E 135 32.82 4.64 -63.65
N PRO E 136 32.36 4.21 -64.83
CA PRO E 136 33.08 4.12 -66.11
C PRO E 136 33.51 5.49 -66.61
N PRO E 137 34.58 5.55 -67.41
CA PRO E 137 35.08 6.81 -67.94
C PRO E 137 34.14 7.46 -68.95
N ASP E 138 34.26 8.78 -69.09
CA ASP E 138 33.46 9.53 -70.04
C ASP E 138 33.81 9.04 -71.45
N SER E 139 32.83 8.51 -72.17
CA SER E 139 33.08 8.03 -73.52
C SER E 139 33.39 9.25 -74.38
N PRO E 140 33.63 9.05 -75.68
CA PRO E 140 33.93 10.21 -76.52
C PRO E 140 32.67 11.03 -76.80
N GLY E 141 32.74 12.33 -76.45
CA GLY E 141 31.63 13.23 -76.65
C GLY E 141 30.44 13.02 -75.72
N TYR E 142 30.71 12.37 -74.59
CA TYR E 142 29.71 12.05 -73.57
C TYR E 142 29.21 13.35 -72.90
N PHE E 143 30.11 14.31 -72.71
CA PHE E 143 29.75 15.58 -72.08
C PHE E 143 28.67 16.34 -72.85
N ASP E 144 28.88 16.50 -74.15
CA ASP E 144 27.94 17.20 -75.02
C ASP E 144 26.72 16.35 -75.34
N GLY E 145 26.93 15.05 -75.47
CA GLY E 145 25.84 14.15 -75.79
C GLY E 145 24.92 13.73 -74.65
N HIS E 146 25.40 13.83 -73.41
CA HIS E 146 24.57 13.39 -72.29
C HIS E 146 24.62 14.33 -71.11
N VAL E 147 25.82 14.56 -70.59
CA VAL E 147 25.99 15.41 -69.43
C VAL E 147 25.35 16.77 -69.56
N TRP E 148 25.73 17.55 -70.57
CA TRP E 148 25.13 18.89 -70.71
C TRP E 148 23.64 18.88 -71.03
N PRO E 149 23.24 18.11 -72.05
CA PRO E 149 21.82 18.03 -72.42
C PRO E 149 20.93 17.72 -71.21
N TYR E 151 21.66 18.28 -68.04
CA TYR E 151 21.67 19.34 -67.07
C TYR E 151 20.58 20.34 -67.49
N LEU E 152 20.61 20.77 -68.75
CA LEU E 152 19.63 21.71 -69.27
C LEU E 152 18.21 21.20 -69.08
N LYS E 153 18.04 19.89 -69.22
CA LYS E 153 16.73 19.26 -69.03
C LYS E 153 16.30 19.33 -67.56
N TYR E 154 17.28 19.34 -66.65
CA TYR E 154 17.02 19.45 -65.23
C TYR E 154 16.72 20.90 -64.93
N ARG E 155 17.47 21.81 -65.54
CA ARG E 155 17.25 23.24 -65.34
C ARG E 155 15.81 23.56 -65.69
N GLN E 156 15.35 22.92 -66.74
CA GLN E 156 14.00 23.13 -67.21
C GLN E 156 12.93 22.55 -66.29
N GLU E 157 13.23 21.41 -65.67
CA GLU E 157 12.29 20.76 -64.75
C GLU E 157 12.21 21.57 -63.45
N GLN E 159 11.76 25.10 -63.68
CA GLN E 159 11.04 26.33 -63.98
C GLN E 159 9.73 26.30 -63.22
N ASP E 160 9.41 25.14 -62.66
CA ASP E 160 8.19 24.91 -61.88
C ASP E 160 8.33 25.20 -60.37
N ILE E 161 9.53 24.96 -59.82
CA ILE E 161 9.80 25.19 -58.39
C ILE E 161 8.93 26.33 -57.89
N THR E 162 8.31 26.14 -56.72
CA THR E 162 7.46 27.18 -56.14
C THR E 162 8.19 27.88 -54.98
N TRP E 163 9.19 27.21 -54.42
CA TRP E 163 9.94 27.77 -53.29
C TRP E 163 11.15 28.58 -53.73
N GLU E 164 11.91 29.07 -52.76
CA GLU E 164 13.08 29.88 -53.09
C GLU E 164 14.47 29.23 -53.13
N VAL E 165 15.07 29.21 -54.32
CA VAL E 165 16.41 28.68 -54.50
C VAL E 165 17.32 29.86 -54.68
N VAL E 166 18.40 29.89 -53.89
CA VAL E 166 19.40 30.93 -53.95
C VAL E 166 20.52 30.51 -54.92
N TYR E 167 20.61 31.22 -56.05
CA TYR E 167 21.62 30.92 -57.05
C TYR E 167 22.96 31.53 -56.72
N LEU E 168 23.98 30.70 -56.83
CA LEU E 168 25.35 31.08 -56.53
C LEU E 168 26.18 31.04 -57.81
N ASP E 169 27.25 31.82 -57.83
CA ASP E 169 28.15 31.90 -58.97
C ASP E 169 29.33 30.98 -58.67
N GLY E 170 29.37 29.83 -59.30
CA GLY E 170 30.46 28.91 -59.06
C GLY E 170 31.83 29.29 -59.61
N THR E 171 31.91 30.45 -60.28
CA THR E 171 33.16 30.93 -60.85
C THR E 171 33.82 31.79 -59.78
N LYS E 172 33.04 32.16 -58.79
CA LYS E 172 33.51 32.98 -57.70
C LYS E 172 34.54 32.22 -56.87
N SER E 173 35.14 32.95 -55.94
CA SER E 173 36.13 32.40 -55.04
C SER E 173 35.48 31.24 -54.28
N GLU E 174 36.32 30.29 -53.88
CA GLU E 174 35.87 29.14 -53.13
C GLU E 174 35.51 29.54 -51.70
N GLU E 175 36.21 30.55 -51.18
CA GLU E 175 35.91 31.05 -49.84
C GLU E 175 34.78 32.07 -49.94
N ASP E 176 34.68 32.73 -51.08
CA ASP E 176 33.62 33.72 -51.28
C ASP E 176 32.23 33.07 -51.28
N LEU E 177 32.13 31.90 -51.90
CA LEU E 177 30.88 31.17 -51.96
C LEU E 177 30.55 30.67 -50.59
N PHE E 178 31.57 30.16 -49.90
CA PHE E 178 31.43 29.65 -48.53
C PHE E 178 30.87 30.74 -47.62
N LEU E 179 31.53 31.90 -47.66
CA LEU E 179 31.12 33.02 -46.85
C LEU E 179 29.74 33.56 -47.20
N GLN E 180 29.37 33.53 -48.47
CA GLN E 180 28.06 34.00 -48.88
C GLN E 180 26.96 33.11 -48.26
N VAL E 181 27.17 31.81 -48.30
CA VAL E 181 26.20 30.89 -47.73
C VAL E 181 26.26 31.01 -46.22
N TYR E 182 27.48 31.03 -45.67
CA TYR E 182 27.69 31.11 -44.23
C TYR E 182 26.93 32.22 -43.52
N GLU E 183 26.94 33.41 -44.11
CA GLU E 183 26.26 34.59 -43.54
C GLU E 183 24.80 34.31 -43.51
N ASP E 184 24.30 34.00 -44.70
CA ASP E 184 22.91 33.68 -44.92
C ASP E 184 22.39 32.60 -43.99
N LEU E 185 23.22 31.59 -43.73
CA LEU E 185 22.83 30.51 -42.84
C LEU E 185 22.68 30.97 -41.39
N ILE E 186 23.41 32.01 -41.00
CA ILE E 186 23.30 32.51 -39.64
C ILE E 186 22.18 33.57 -39.64
N GLN E 187 21.92 34.14 -40.81
CA GLN E 187 20.86 35.12 -40.94
C GLN E 187 19.53 34.42 -41.18
N GLU E 188 19.50 33.10 -41.00
CA GLU E 188 18.31 32.25 -41.16
C GLU E 188 18.15 31.51 -39.84
N LEU E 189 19.31 31.24 -39.23
CA LEU E 189 19.35 30.58 -37.94
C LEU E 189 19.06 31.64 -36.88
N ALA E 190 19.24 32.89 -37.26
CA ALA E 190 19.00 34.02 -36.36
C ALA E 190 17.51 34.01 -36.03
N LYS E 191 16.71 33.78 -37.07
CA LYS E 191 15.25 33.72 -36.94
C LYS E 191 14.73 32.36 -36.39
N GLN E 192 15.59 31.71 -35.59
CA GLN E 192 15.30 30.43 -34.95
C GLN E 192 15.29 30.67 -33.43
N LYS F 2 76.18 -4.08 -26.17
CA LYS F 2 75.20 -3.27 -26.96
C LYS F 2 73.95 -2.95 -26.17
N THR F 3 73.70 -3.73 -25.11
CA THR F 3 72.55 -3.51 -24.25
C THR F 3 72.96 -3.65 -22.78
N PHE F 4 72.40 -2.78 -21.94
CA PHE F 4 72.69 -2.82 -20.51
C PHE F 4 71.52 -3.44 -19.74
N ILE F 5 71.79 -4.49 -18.97
CA ILE F 5 70.73 -5.18 -18.22
C ILE F 5 70.91 -4.95 -16.74
N ILE F 6 69.90 -4.42 -16.09
CA ILE F 6 69.98 -4.13 -14.67
C ILE F 6 69.01 -4.94 -13.83
N GLY F 7 69.51 -5.54 -12.76
CA GLY F 7 68.67 -6.32 -11.87
C GLY F 7 68.48 -5.68 -10.52
N ILE F 8 67.23 -5.65 -10.08
CA ILE F 8 66.83 -5.07 -8.79
C ILE F 8 65.94 -6.07 -8.04
N SER F 9 66.49 -6.67 -6.99
CA SER F 9 65.76 -7.64 -6.20
C SER F 9 65.80 -7.21 -4.71
N GLY F 10 65.14 -7.97 -3.86
CA GLY F 10 65.10 -7.62 -2.46
C GLY F 10 63.77 -8.07 -1.91
N VAL F 11 63.68 -8.22 -0.59
CA VAL F 11 62.45 -8.67 0.02
C VAL F 11 61.26 -7.81 -0.43
N THR F 12 60.05 -8.35 -0.22
CA THR F 12 58.81 -7.66 -0.58
C THR F 12 58.71 -6.32 0.16
N ASN F 13 58.23 -5.31 -0.56
CA ASN F 13 58.07 -3.95 -0.03
C ASN F 13 59.38 -3.27 0.34
N SER F 14 60.49 -3.69 -0.26
CA SER F 14 61.76 -3.05 0.05
C SER F 14 61.90 -1.78 -0.78
N GLY F 15 61.06 -1.64 -1.81
CA GLY F 15 61.09 -0.47 -2.66
C GLY F 15 61.51 -0.66 -4.11
N LYS F 16 61.58 -1.92 -4.56
CA LYS F 16 62.00 -2.25 -5.93
C LYS F 16 61.15 -1.64 -7.03
N THR F 17 59.83 -1.68 -6.86
CA THR F 17 58.94 -1.12 -7.89
C THR F 17 59.22 0.35 -8.03
N THR F 18 59.35 1.01 -6.89
CA THR F 18 59.60 2.44 -6.81
C THR F 18 60.93 2.85 -7.41
N LEU F 19 61.99 2.11 -7.10
CA LEU F 19 63.30 2.45 -7.64
C LEU F 19 63.34 2.23 -9.15
N ALA F 20 62.68 1.16 -9.61
CA ALA F 20 62.66 0.85 -11.03
C ALA F 20 61.97 1.95 -11.84
N LYS F 21 60.85 2.47 -11.32
CA LYS F 21 60.11 3.53 -12.01
C LYS F 21 60.90 4.82 -12.05
N ASN F 22 61.62 5.12 -10.96
CA ASN F 22 62.40 6.34 -10.90
C ASN F 22 63.45 6.32 -11.97
N LEU F 23 64.26 5.28 -11.95
CA LEU F 23 65.34 5.12 -12.94
C LEU F 23 64.77 5.18 -14.34
N GLN F 24 63.65 4.50 -14.51
CA GLN F 24 62.96 4.45 -15.79
C GLN F 24 62.72 5.86 -16.30
N LYS F 25 62.13 6.70 -15.46
CA LYS F 25 61.79 8.07 -15.80
C LYS F 25 62.95 8.91 -16.29
N HIS F 26 64.13 8.72 -15.72
CA HIS F 26 65.28 9.53 -16.12
C HIS F 26 66.33 8.76 -16.95
N LEU F 27 66.06 7.50 -17.24
CA LEU F 27 66.98 6.71 -18.02
C LEU F 27 66.51 6.67 -19.46
N PRO F 28 67.41 7.05 -20.41
CA PRO F 28 67.06 7.08 -21.83
C PRO F 28 67.05 5.69 -22.43
N ASN F 29 66.06 5.43 -23.29
CA ASN F 29 65.96 4.14 -23.99
C ASN F 29 65.97 3.02 -22.94
N CYS F 30 65.13 3.20 -21.93
CA CYS F 30 65.02 2.27 -20.82
C CYS F 30 63.65 1.63 -20.65
N SER F 31 63.67 0.30 -20.48
CA SER F 31 62.45 -0.51 -20.30
C SER F 31 62.40 -1.18 -18.94
N VAL F 32 61.22 -1.68 -18.58
CA VAL F 32 61.03 -2.34 -17.29
C VAL F 32 60.19 -3.63 -17.33
N ILE F 33 60.72 -4.71 -16.77
CA ILE F 33 60.01 -5.98 -16.69
C ILE F 33 59.84 -6.29 -15.22
N SER F 34 58.61 -6.59 -14.80
CA SER F 34 58.34 -6.91 -13.40
C SER F 34 58.08 -8.40 -13.19
N GLN F 35 58.87 -8.99 -12.30
CA GLN F 35 58.74 -10.40 -12.00
C GLN F 35 57.35 -10.85 -11.60
N ASP F 36 56.57 -9.93 -11.04
CA ASP F 36 55.22 -10.21 -10.57
C ASP F 36 54.20 -10.40 -11.67
N ASP F 37 54.48 -9.92 -12.88
CA ASP F 37 53.54 -10.10 -13.99
C ASP F 37 53.59 -11.54 -14.49
N PHE F 38 54.49 -12.34 -13.91
CA PHE F 38 54.68 -13.74 -14.31
C PHE F 38 54.23 -14.81 -13.30
N PHE F 39 53.40 -14.43 -12.35
CA PHE F 39 52.89 -15.37 -11.35
C PHE F 39 51.88 -16.32 -11.98
N LYS F 40 52.03 -17.62 -11.72
CA LYS F 40 51.08 -18.57 -12.27
C LYS F 40 49.72 -18.22 -11.69
N PRO F 41 48.63 -18.66 -12.34
CA PRO F 41 47.29 -18.35 -11.82
C PRO F 41 47.03 -19.04 -10.49
N GLU F 42 46.15 -18.44 -9.70
CA GLU F 42 45.79 -18.92 -8.38
C GLU F 42 45.51 -20.43 -8.32
N SER F 43 44.94 -20.97 -9.39
CA SER F 43 44.60 -22.38 -9.45
C SER F 43 45.84 -23.25 -9.63
N GLU F 44 46.98 -22.63 -9.92
CA GLU F 44 48.22 -23.37 -10.11
C GLU F 44 49.13 -23.34 -8.89
N ILE F 45 48.82 -22.45 -7.94
CA ILE F 45 49.60 -22.28 -6.72
C ILE F 45 49.27 -23.38 -5.71
N GLU F 46 50.25 -23.78 -4.92
CA GLU F 46 50.02 -24.84 -3.95
C GLU F 46 50.01 -24.37 -2.51
N THR F 47 49.41 -25.17 -1.63
CA THR F 47 49.36 -24.81 -0.21
C THR F 47 50.03 -25.91 0.65
N ASP F 48 51.08 -25.52 1.38
CA ASP F 48 51.81 -26.47 2.21
C ASP F 48 50.93 -27.08 3.30
N LYS F 49 51.52 -27.97 4.09
CA LYS F 49 50.84 -28.67 5.17
C LYS F 49 49.99 -27.77 6.04
N ASN F 50 50.56 -26.63 6.40
CA ASN F 50 49.92 -25.65 7.28
C ASN F 50 48.96 -24.63 6.61
N GLY F 51 48.46 -24.99 5.42
CA GLY F 51 47.56 -24.13 4.67
C GLY F 51 48.15 -22.77 4.31
N PHE F 52 49.33 -22.77 3.69
CA PHE F 52 50.01 -21.56 3.27
C PHE F 52 50.24 -21.60 1.77
N LEU F 53 49.69 -20.64 1.05
CA LEU F 53 49.86 -20.62 -0.39
C LEU F 53 51.33 -20.39 -0.71
N GLN F 54 51.89 -21.25 -1.55
CA GLN F 54 53.30 -21.15 -1.93
C GLN F 54 53.55 -20.12 -3.01
N TYR F 55 53.61 -18.85 -2.62
CA TYR F 55 53.83 -17.77 -3.59
C TYR F 55 55.25 -17.25 -3.62
N ASP F 56 55.94 -17.35 -2.50
CA ASP F 56 57.31 -16.86 -2.40
C ASP F 56 58.37 -17.92 -2.74
N VAL F 57 58.16 -18.63 -3.85
CA VAL F 57 59.09 -19.65 -4.32
C VAL F 57 59.09 -19.59 -5.85
N LEU F 58 60.19 -20.01 -6.48
CA LEU F 58 60.28 -19.98 -7.94
C LEU F 58 59.15 -20.72 -8.62
N GLU F 59 58.71 -21.80 -8.00
CA GLU F 59 57.62 -22.63 -8.55
C GLU F 59 56.28 -21.92 -8.70
N ALA F 60 56.14 -20.74 -8.11
CA ALA F 60 54.87 -20.01 -8.21
C ALA F 60 54.84 -19.03 -9.39
N LEU F 61 55.90 -19.01 -10.19
CA LEU F 61 56.00 -18.13 -11.33
C LEU F 61 56.36 -18.85 -12.60
N ASN F 62 55.93 -18.26 -13.72
CA ASN F 62 56.22 -18.77 -15.07
C ASN F 62 57.52 -18.09 -15.46
N GLU F 64 59.89 -19.42 -17.45
CA GLU F 64 60.26 -19.63 -18.85
C GLU F 64 59.53 -18.59 -19.71
N LYS F 65 58.39 -18.11 -19.22
CA LYS F 65 57.60 -17.08 -19.90
C LYS F 65 58.35 -15.74 -19.82
N SER F 68 61.57 -15.62 -21.87
CA SER F 68 61.25 -15.43 -23.28
C SER F 68 60.92 -13.97 -23.53
N ALA F 69 60.39 -13.31 -22.51
CA ALA F 69 60.03 -11.91 -22.64
C ALA F 69 61.33 -11.15 -22.68
N ILE F 70 62.31 -11.62 -21.91
CA ILE F 70 63.61 -10.97 -21.87
C ILE F 70 64.37 -11.17 -23.19
N SER F 71 64.20 -12.35 -23.79
CA SER F 71 64.84 -12.68 -25.06
C SER F 71 64.25 -11.90 -26.23
N CYS F 72 62.96 -11.54 -26.13
CA CYS F 72 62.31 -10.77 -27.17
C CYS F 72 62.78 -9.34 -27.07
N TRP F 73 62.99 -8.87 -25.85
CA TRP F 73 63.45 -7.50 -25.66
C TRP F 73 64.89 -7.42 -26.15
N GLU F 75 66.70 -9.40 -28.25
CA GLU F 75 66.91 -9.50 -29.70
C GLU F 75 66.29 -8.36 -30.51
N SER F 76 65.16 -7.82 -30.07
CA SER F 76 64.53 -6.73 -30.79
C SER F 76 65.31 -5.47 -30.49
N ALA F 77 66.10 -5.52 -29.42
CA ALA F 77 66.90 -4.41 -28.98
C ALA F 77 68.01 -4.14 -29.97
N ARG F 78 68.60 -5.20 -30.52
CA ARG F 78 69.69 -5.05 -31.47
C ARG F 78 69.25 -4.28 -32.73
N HIS F 79 68.09 -3.62 -32.63
CA HIS F 79 67.57 -2.86 -33.75
C HIS F 79 66.99 -1.53 -33.25
N ILE F 92 71.85 3.42 -26.30
CA ILE F 92 72.04 2.05 -25.82
C ILE F 92 70.84 1.61 -24.98
N PRO F 93 70.16 0.54 -25.42
CA PRO F 93 68.98 0.00 -24.72
C PRO F 93 69.25 -0.45 -23.30
N ILE F 94 68.34 -0.10 -22.41
CA ILE F 94 68.49 -0.47 -21.02
C ILE F 94 67.24 -1.22 -20.55
N LEU F 95 67.47 -2.35 -19.87
CA LEU F 95 66.38 -3.14 -19.35
C LEU F 95 66.52 -3.31 -17.86
N ILE F 96 65.48 -2.94 -17.14
CA ILE F 96 65.47 -3.07 -15.71
C ILE F 96 64.55 -4.22 -15.40
N ILE F 97 65.08 -5.22 -14.71
CA ILE F 97 64.29 -6.39 -14.35
C ILE F 97 64.14 -6.34 -12.85
N GLU F 98 62.94 -6.02 -12.36
CA GLU F 98 62.73 -5.94 -10.93
C GLU F 98 61.94 -7.17 -10.51
N GLY F 99 62.29 -7.73 -9.36
CA GLY F 99 61.60 -8.90 -8.85
C GLY F 99 62.14 -9.32 -7.51
N PHE F 100 61.29 -9.90 -6.68
CA PHE F 100 61.68 -10.34 -5.34
C PHE F 100 62.51 -11.62 -5.29
N LEU F 101 62.62 -12.33 -6.40
CA LEU F 101 63.35 -13.60 -6.45
C LEU F 101 64.09 -13.72 -7.79
N LEU F 102 65.19 -13.01 -7.96
CA LEU F 102 65.93 -13.01 -9.21
C LEU F 102 67.33 -13.60 -9.21
N PHE F 103 68.10 -13.33 -8.15
CA PHE F 103 69.48 -13.78 -8.07
C PHE F 103 69.70 -15.23 -7.67
N ASN F 104 68.61 -15.97 -7.54
CA ASN F 104 68.70 -17.38 -7.17
C ASN F 104 68.20 -18.20 -8.35
N TYR F 105 67.83 -17.50 -9.44
CA TYR F 105 67.38 -18.13 -10.69
C TYR F 105 68.59 -18.15 -11.64
N LYS F 106 69.23 -19.30 -11.74
CA LYS F 106 70.44 -19.48 -12.55
C LYS F 106 70.49 -18.92 -13.97
N PRO F 107 69.40 -19.06 -14.75
CA PRO F 107 69.37 -18.56 -16.14
C PRO F 107 69.67 -17.08 -16.31
N LEU F 108 69.52 -16.32 -15.24
CA LEU F 108 69.77 -14.88 -15.29
C LEU F 108 71.18 -14.44 -14.94
N ASP F 109 71.90 -15.23 -14.15
CA ASP F 109 73.24 -14.92 -13.70
C ASP F 109 74.23 -14.35 -14.75
N THR F 110 74.27 -14.98 -15.93
CA THR F 110 75.18 -14.55 -16.99
C THR F 110 74.62 -13.47 -17.87
N ILE F 111 73.59 -12.78 -17.39
CA ILE F 111 72.93 -11.72 -18.15
C ILE F 111 73.04 -10.35 -17.50
N TRP F 112 73.08 -10.35 -16.17
CA TRP F 112 73.21 -9.12 -15.39
C TRP F 112 74.44 -8.29 -15.78
N ASN F 113 74.26 -6.99 -15.83
CA ASN F 113 75.34 -6.07 -16.15
C ASN F 113 75.58 -5.34 -14.82
N ARG F 114 74.51 -5.27 -14.05
CA ARG F 114 74.55 -4.58 -12.77
C ARG F 114 73.41 -5.17 -11.94
N SER F 115 73.75 -5.57 -10.71
CA SER F 115 72.77 -6.15 -9.80
C SER F 115 72.72 -5.36 -8.50
N TYR F 116 71.50 -5.00 -8.09
CA TYR F 116 71.27 -4.25 -6.86
C TYR F 116 70.33 -5.04 -5.98
N PHE F 117 70.52 -4.94 -4.67
CA PHE F 117 69.68 -5.69 -3.72
C PHE F 117 69.21 -4.80 -2.57
N LEU F 118 67.92 -4.52 -2.54
CA LEU F 118 67.37 -3.69 -1.49
C LEU F 118 67.12 -4.44 -0.19
N THR F 119 67.56 -3.86 0.91
CA THR F 119 67.37 -4.48 2.20
C THR F 119 66.54 -3.60 3.14
N ILE F 120 65.56 -4.22 3.78
CA ILE F 120 64.68 -3.53 4.71
C ILE F 120 64.54 -4.47 5.92
N PRO F 121 64.50 -3.91 7.14
CA PRO F 121 64.36 -4.69 8.38
C PRO F 121 63.09 -5.52 8.39
N TYR F 122 63.04 -6.50 9.28
CA TYR F 122 61.87 -7.36 9.43
C TYR F 122 60.61 -6.56 9.84
N GLU F 123 60.74 -5.71 10.86
CA GLU F 123 59.63 -4.89 11.35
C GLU F 123 59.07 -3.91 10.31
N GLU F 124 59.93 -3.26 9.54
CA GLU F 124 59.50 -2.29 8.53
C GLU F 124 58.82 -2.96 7.37
N CYS F 125 59.31 -4.15 7.02
CA CYS F 125 58.81 -4.98 5.92
C CYS F 125 57.43 -5.51 6.24
N LYS F 126 57.29 -5.96 7.47
CA LYS F 126 56.04 -6.50 7.95
C LYS F 126 54.98 -5.40 7.98
N ARG F 127 55.41 -4.20 8.37
CA ARG F 127 54.53 -3.06 8.44
C ARG F 127 54.03 -2.62 7.08
N ARG F 128 54.96 -2.38 6.18
CA ARG F 128 54.62 -1.99 4.82
C ARG F 128 53.70 -3.03 4.19
N ARG F 129 54.09 -4.29 4.28
CA ARG F 129 53.31 -5.38 3.72
C ARG F 129 51.85 -5.34 4.15
N SER F 130 51.59 -4.95 5.39
CA SER F 130 50.23 -4.92 5.94
C SER F 130 49.35 -3.78 5.45
N THR F 131 49.96 -2.82 4.78
CA THR F 131 49.24 -1.67 4.23
C THR F 131 48.72 -2.01 2.83
N ARG F 132 49.10 -3.19 2.35
CA ARG F 132 48.74 -3.64 1.01
C ARG F 132 47.82 -4.86 1.08
N VAL F 133 46.70 -4.77 0.38
CA VAL F 133 45.73 -5.87 0.32
C VAL F 133 46.08 -6.68 -0.94
N TYR F 134 46.60 -7.89 -0.74
CA TYR F 134 46.99 -8.74 -1.89
C TYR F 134 45.78 -9.55 -2.31
N GLN F 135 45.96 -10.37 -3.33
CA GLN F 135 44.89 -11.22 -3.86
C GLN F 135 45.50 -12.49 -4.43
N PRO F 136 45.31 -13.63 -3.75
CA PRO F 136 44.57 -13.78 -2.51
C PRO F 136 45.23 -13.01 -1.35
N PRO F 137 44.42 -12.53 -0.38
CA PRO F 137 44.87 -11.78 0.79
C PRO F 137 45.78 -12.58 1.72
N ASP F 138 46.66 -11.88 2.44
CA ASP F 138 47.55 -12.58 3.34
C ASP F 138 46.70 -13.29 4.40
N SER F 139 46.84 -14.61 4.52
CA SER F 139 46.09 -15.36 5.52
C SER F 139 46.67 -14.96 6.87
N PRO F 140 46.06 -15.42 7.98
CA PRO F 140 46.59 -15.06 9.30
C PRO F 140 47.98 -15.66 9.51
N GLY F 141 48.95 -14.80 9.84
CA GLY F 141 50.30 -15.25 10.08
C GLY F 141 51.05 -15.73 8.85
N TYR F 142 50.62 -15.23 7.69
CA TYR F 142 51.23 -15.60 6.42
C TYR F 142 52.62 -15.02 6.31
N PHE F 143 52.78 -13.78 6.74
CA PHE F 143 54.07 -13.12 6.69
C PHE F 143 55.15 -13.89 7.44
N ASP F 144 54.88 -14.25 8.69
CA ASP F 144 55.82 -14.97 9.53
C ASP F 144 55.93 -16.43 9.18
N GLY F 145 54.85 -16.99 8.63
CA GLY F 145 54.81 -18.40 8.26
C GLY F 145 55.33 -18.75 6.88
N HIS F 146 55.16 -17.83 5.92
CA HIS F 146 55.61 -18.09 4.56
C HIS F 146 56.49 -17.00 4.01
N VAL F 147 56.01 -15.77 4.08
CA VAL F 147 56.78 -14.66 3.54
C VAL F 147 58.20 -14.52 4.10
N TRP F 148 58.34 -14.28 5.40
CA TRP F 148 59.70 -14.11 5.91
C TRP F 148 60.63 -15.33 5.79
N PRO F 149 60.17 -16.52 6.16
CA PRO F 149 60.98 -17.74 6.07
C PRO F 149 61.52 -17.96 4.68
N TYR F 151 62.08 -15.60 2.45
CA TYR F 151 63.04 -14.56 2.11
C TYR F 151 64.37 -15.01 2.61
N LEU F 152 64.42 -15.40 3.88
CA LEU F 152 65.66 -15.87 4.49
C LEU F 152 66.26 -17.04 3.71
N LYS F 153 65.39 -17.90 3.20
CA LYS F 153 65.83 -19.04 2.41
C LYS F 153 66.42 -18.54 1.09
N TYR F 154 65.89 -17.43 0.57
CA TYR F 154 66.38 -16.85 -0.66
C TYR F 154 67.71 -16.19 -0.40
N ARG F 155 67.81 -15.46 0.71
CA ARG F 155 69.04 -14.78 1.10
C ARG F 155 70.20 -15.78 1.21
N GLN F 156 69.84 -17.01 1.57
CA GLN F 156 70.80 -18.08 1.78
C GLN F 156 71.28 -18.72 0.49
N GLU F 157 70.37 -18.81 -0.47
CA GLU F 157 70.63 -19.38 -1.78
C GLU F 157 71.49 -18.41 -2.56
N GLN F 159 74.24 -16.88 -0.93
CA GLN F 159 75.58 -16.94 -0.37
C GLN F 159 76.54 -17.46 -1.41
N ASP F 160 75.98 -18.14 -2.40
CA ASP F 160 76.75 -18.77 -3.46
C ASP F 160 77.12 -17.83 -4.62
N ILE F 161 76.34 -16.76 -4.80
CA ILE F 161 76.58 -15.79 -5.87
C ILE F 161 78.06 -15.52 -6.09
N THR F 162 78.50 -15.57 -7.35
CA THR F 162 79.91 -15.32 -7.67
C THR F 162 80.11 -13.90 -8.18
N TRP F 163 79.08 -13.31 -8.75
CA TRP F 163 79.23 -11.94 -9.23
C TRP F 163 78.97 -10.88 -8.15
N GLU F 164 79.08 -9.59 -8.52
CA GLU F 164 78.90 -8.51 -7.56
C GLU F 164 77.54 -7.85 -7.51
N VAL F 165 76.88 -7.99 -6.34
CA VAL F 165 75.57 -7.39 -6.06
C VAL F 165 75.80 -6.20 -5.13
N VAL F 166 75.28 -5.04 -5.51
CA VAL F 166 75.40 -3.81 -4.73
C VAL F 166 74.23 -3.69 -3.75
N TYR F 167 74.51 -3.90 -2.46
CA TYR F 167 73.46 -3.82 -1.47
C TYR F 167 73.01 -2.40 -1.12
N LEU F 168 71.71 -2.17 -1.23
CA LEU F 168 71.17 -0.87 -0.94
C LEU F 168 70.39 -0.89 0.38
N ASP F 169 70.30 0.26 1.03
CA ASP F 169 69.58 0.36 2.30
C ASP F 169 68.16 0.86 2.00
N GLY F 170 67.17 -0.01 2.08
CA GLY F 170 65.80 0.40 1.77
C GLY F 170 65.09 1.36 2.70
N THR F 171 65.70 1.68 3.83
CA THR F 171 65.10 2.60 4.80
C THR F 171 65.52 4.01 4.41
N LYS F 172 66.55 4.08 3.59
CA LYS F 172 67.04 5.38 3.14
C LYS F 172 65.94 6.11 2.40
N SER F 173 66.29 7.29 1.93
CA SER F 173 65.39 8.13 1.16
C SER F 173 65.07 7.49 -0.18
N GLU F 174 63.88 7.76 -0.66
CA GLU F 174 63.46 7.24 -1.94
C GLU F 174 64.30 7.90 -3.02
N GLU F 175 64.60 9.19 -2.86
CA GLU F 175 65.42 9.86 -3.84
C GLU F 175 66.89 9.53 -3.63
N ASP F 176 67.30 9.34 -2.38
CA ASP F 176 68.69 8.99 -2.12
C ASP F 176 69.03 7.67 -2.78
N LEU F 177 68.13 6.70 -2.72
CA LEU F 177 68.39 5.40 -3.32
C LEU F 177 68.45 5.54 -4.83
N PHE F 178 67.60 6.40 -5.37
CA PHE F 178 67.57 6.63 -6.79
C PHE F 178 68.89 7.26 -7.26
N LEU F 179 69.35 8.24 -6.50
CA LEU F 179 70.60 8.93 -6.82
C LEU F 179 71.83 8.04 -6.70
N GLN F 180 71.84 7.17 -5.69
CA GLN F 180 72.96 6.27 -5.49
C GLN F 180 73.10 5.36 -6.71
N VAL F 181 71.98 4.82 -7.15
CA VAL F 181 71.96 3.93 -8.31
C VAL F 181 72.21 4.71 -9.59
N TYR F 182 71.60 5.89 -9.69
CA TYR F 182 71.71 6.73 -10.88
C TYR F 182 73.14 7.11 -11.22
N GLU F 183 73.93 7.51 -10.20
CA GLU F 183 75.34 7.91 -10.39
C GLU F 183 76.14 6.74 -10.90
N ASP F 184 76.01 5.62 -10.17
CA ASP F 184 76.70 4.39 -10.48
C ASP F 184 76.42 3.92 -11.91
N LEU F 185 75.17 4.08 -12.34
CA LEU F 185 74.75 3.67 -13.67
C LEU F 185 75.38 4.49 -14.75
N ILE F 186 75.87 5.66 -14.41
CA ILE F 186 76.53 6.51 -15.39
C ILE F 186 78.03 6.29 -15.24
N GLN F 187 78.43 5.86 -14.04
CA GLN F 187 79.83 5.55 -13.74
C GLN F 187 80.06 4.05 -14.11
N GLU F 188 79.18 3.55 -14.98
CA GLU F 188 79.21 2.17 -15.48
C GLU F 188 79.00 2.27 -16.98
N LEU F 189 78.25 3.30 -17.37
CA LEU F 189 77.97 3.59 -18.78
C LEU F 189 79.14 4.39 -19.27
N ALA F 190 79.80 5.08 -18.35
CA ALA F 190 80.96 5.89 -18.70
C ALA F 190 82.00 4.97 -19.37
N LYS F 191 82.17 3.78 -18.79
CA LYS F 191 83.12 2.80 -19.30
C LYS F 191 82.53 2.03 -20.51
N GLN F 192 81.57 2.68 -21.20
CA GLN F 192 80.93 2.10 -22.38
C GLN F 192 81.31 2.99 -23.57
N LYS G 2 -4.05 -45.96 -14.68
CA LYS G 2 -3.45 -45.84 -13.32
C LYS G 2 -2.87 -44.46 -13.05
N THR G 3 -2.57 -43.72 -14.10
CA THR G 3 -2.03 -42.36 -13.96
C THR G 3 -2.80 -41.44 -14.90
N PHE G 4 -2.90 -40.17 -14.51
CA PHE G 4 -3.61 -39.19 -15.33
C PHE G 4 -2.60 -38.14 -15.82
N ILE G 5 -2.41 -38.06 -17.15
CA ILE G 5 -1.49 -37.11 -17.77
C ILE G 5 -2.26 -35.97 -18.40
N ILE G 6 -1.91 -34.75 -18.03
CA ILE G 6 -2.58 -33.56 -18.56
C ILE G 6 -1.66 -32.62 -19.31
N GLY G 7 -2.08 -32.25 -20.52
CA GLY G 7 -1.31 -31.35 -21.35
C GLY G 7 -1.89 -29.95 -21.43
N ILE G 8 -1.03 -28.96 -21.21
CA ILE G 8 -1.44 -27.57 -21.26
C ILE G 8 -0.49 -26.76 -22.16
N SER G 9 -0.95 -26.43 -23.37
CA SER G 9 -0.13 -25.65 -24.29
C SER G 9 -0.81 -24.31 -24.62
N GLY G 10 -0.21 -23.56 -25.53
CA GLY G 10 -0.75 -22.26 -25.89
C GLY G 10 0.43 -21.36 -26.18
N VAL G 11 0.15 -20.20 -26.75
CA VAL G 11 1.20 -19.25 -27.08
C VAL G 11 1.91 -18.72 -25.83
N THR G 12 3.11 -18.17 -26.00
CA THR G 12 3.87 -17.61 -24.88
C THR G 12 3.02 -16.61 -24.09
N ASN G 13 3.18 -16.59 -22.78
CA ASN G 13 2.42 -15.68 -21.92
C ASN G 13 0.90 -15.78 -22.04
N SER G 14 0.40 -16.96 -22.41
CA SER G 14 -1.03 -17.13 -22.50
C SER G 14 -1.55 -17.43 -21.09
N GLY G 15 -0.66 -17.89 -20.23
CA GLY G 15 -1.03 -18.20 -18.87
C GLY G 15 -0.81 -19.62 -18.42
N LYS G 16 -0.07 -20.39 -19.23
CA LYS G 16 0.21 -21.80 -18.93
C LYS G 16 0.90 -22.05 -17.57
N THR G 17 2.00 -21.34 -17.30
CA THR G 17 2.68 -21.52 -16.04
C THR G 17 1.71 -21.33 -14.89
N THR G 18 0.96 -20.24 -14.96
CA THR G 18 0.01 -19.92 -13.92
C THR G 18 -1.05 -20.99 -13.70
N LEU G 19 -1.62 -21.52 -14.78
CA LEU G 19 -2.68 -22.51 -14.64
C LEU G 19 -2.18 -23.79 -14.02
N ALA G 20 -0.97 -24.17 -14.41
CA ALA G 20 -0.35 -25.37 -13.93
C ALA G 20 -0.13 -25.30 -12.42
N LYS G 21 0.45 -24.20 -11.95
CA LYS G 21 0.72 -24.03 -10.52
C LYS G 21 -0.54 -24.10 -9.68
N ASN G 22 -1.60 -23.44 -10.15
CA ASN G 22 -2.89 -23.42 -9.47
C ASN G 22 -3.46 -24.82 -9.32
N LEU G 23 -3.53 -25.54 -10.43
CA LEU G 23 -4.05 -26.90 -10.41
C LEU G 23 -3.19 -27.75 -9.50
N GLN G 24 -1.90 -27.53 -9.59
CA GLN G 24 -0.95 -28.26 -8.78
C GLN G 24 -1.27 -28.12 -7.28
N LYS G 25 -1.54 -26.89 -6.85
CA LYS G 25 -1.84 -26.60 -5.45
C LYS G 25 -3.10 -27.30 -4.93
N HIS G 26 -4.13 -27.44 -5.74
CA HIS G 26 -5.35 -28.08 -5.25
C HIS G 26 -5.58 -29.48 -5.76
N LEU G 27 -4.60 -30.05 -6.46
CA LEU G 27 -4.75 -31.41 -6.95
C LEU G 27 -3.86 -32.29 -6.09
N PRO G 28 -4.38 -33.48 -5.70
CA PRO G 28 -3.70 -34.48 -4.87
C PRO G 28 -2.83 -35.42 -5.68
N ASN G 29 -1.58 -35.61 -5.23
CA ASN G 29 -0.62 -36.51 -5.88
C ASN G 29 -0.34 -35.99 -7.29
N CYS G 30 -0.07 -34.69 -7.37
CA CYS G 30 0.12 -34.01 -8.63
C CYS G 30 1.54 -33.48 -8.86
N SER G 31 2.05 -33.73 -10.07
CA SER G 31 3.39 -33.27 -10.50
C SER G 31 3.37 -32.31 -11.69
N VAL G 32 4.48 -31.60 -11.89
CA VAL G 32 4.61 -30.66 -12.98
C VAL G 32 5.96 -30.68 -13.72
N ILE G 33 5.86 -30.75 -15.04
CA ILE G 33 7.02 -30.74 -15.90
C ILE G 33 6.81 -29.56 -16.83
N SER G 34 7.82 -28.67 -16.87
CA SER G 34 7.78 -27.49 -17.72
C SER G 34 8.68 -27.70 -18.93
N GLN G 35 8.11 -27.49 -20.12
CA GLN G 35 8.84 -27.68 -21.35
C GLN G 35 10.03 -26.73 -21.49
N ASP G 36 10.02 -25.65 -20.70
CA ASP G 36 11.09 -24.66 -20.76
C ASP G 36 12.35 -25.02 -20.05
N ASP G 37 12.29 -26.06 -19.21
CA ASP G 37 13.48 -26.49 -18.49
C ASP G 37 14.30 -27.35 -19.42
N PHE G 38 13.79 -27.54 -20.64
CA PHE G 38 14.43 -28.38 -21.63
C PHE G 38 14.91 -27.67 -22.88
N PHE G 39 15.29 -26.40 -22.73
CA PHE G 39 15.80 -25.61 -23.83
C PHE G 39 17.28 -25.88 -24.00
N LYS G 40 17.70 -26.09 -25.25
CA LYS G 40 19.12 -26.33 -25.52
C LYS G 40 19.92 -25.11 -25.07
N PRO G 41 21.19 -25.30 -24.67
CA PRO G 41 21.96 -24.13 -24.24
C PRO G 41 22.11 -23.12 -25.37
N GLU G 42 22.20 -21.86 -24.99
CA GLU G 42 22.35 -20.77 -25.94
C GLU G 42 23.34 -21.05 -27.09
N SER G 43 24.42 -21.77 -26.80
CA SER G 43 25.43 -22.08 -27.83
C SER G 43 24.94 -23.07 -28.87
N GLU G 44 23.81 -23.72 -28.57
CA GLU G 44 23.24 -24.72 -29.47
C GLU G 44 22.11 -24.20 -30.33
N ILE G 45 21.67 -22.97 -30.06
CA ILE G 45 20.58 -22.37 -30.80
C ILE G 45 21.14 -21.77 -32.09
N GLU G 46 20.27 -21.63 -33.10
CA GLU G 46 20.69 -21.08 -34.38
C GLU G 46 19.98 -19.79 -34.71
N THR G 47 20.58 -19.00 -35.58
CA THR G 47 19.99 -17.74 -35.98
C THR G 47 19.73 -17.80 -37.47
N ASP G 48 18.52 -17.48 -37.87
CA ASP G 48 18.14 -17.54 -39.26
C ASP G 48 18.81 -16.44 -40.06
N LYS G 49 18.52 -16.42 -41.36
CA LYS G 49 19.03 -15.44 -42.30
C LYS G 49 18.91 -14.01 -41.82
N ASN G 50 17.82 -13.71 -41.11
CA ASN G 50 17.56 -12.36 -40.58
C ASN G 50 18.06 -12.07 -39.17
N GLY G 51 18.91 -12.96 -38.66
CA GLY G 51 19.51 -12.80 -37.35
C GLY G 51 18.59 -13.04 -36.17
N PHE G 52 17.70 -14.02 -36.31
CA PHE G 52 16.72 -14.35 -35.29
C PHE G 52 17.02 -15.70 -34.71
N LEU G 53 17.37 -15.74 -33.42
CA LEU G 53 17.66 -16.98 -32.73
C LEU G 53 16.44 -17.90 -32.79
N GLN G 54 16.66 -19.13 -33.26
CA GLN G 54 15.59 -20.11 -33.39
C GLN G 54 15.18 -20.78 -32.07
N TYR G 55 14.36 -20.09 -31.27
CA TYR G 55 13.89 -20.65 -29.99
C TYR G 55 12.47 -21.24 -30.03
N ASP G 56 11.63 -20.71 -30.91
CA ASP G 56 10.24 -21.17 -30.98
C ASP G 56 9.97 -22.29 -31.99
N VAL G 57 10.84 -23.29 -31.97
CA VAL G 57 10.78 -24.47 -32.84
C VAL G 57 11.22 -25.66 -31.98
N LEU G 58 10.72 -26.86 -32.30
CA LEU G 58 11.07 -28.04 -31.50
C LEU G 58 12.56 -28.25 -31.43
N GLU G 59 13.25 -27.85 -32.48
CA GLU G 59 14.70 -28.00 -32.56
C GLU G 59 15.48 -27.27 -31.47
N ALA G 60 14.85 -26.33 -30.79
CA ALA G 60 15.50 -25.54 -29.73
C ALA G 60 15.35 -26.17 -28.33
N LEU G 61 14.79 -27.38 -28.28
CA LEU G 61 14.58 -28.07 -27.03
C LEU G 61 15.13 -29.49 -27.07
N ASN G 62 15.56 -29.98 -25.91
CA ASN G 62 16.06 -31.34 -25.79
C ASN G 62 14.81 -32.13 -25.40
N GLU G 64 14.08 -35.33 -26.21
CA GLU G 64 14.32 -36.71 -25.81
C GLU G 64 14.68 -36.71 -24.34
N LYS G 65 15.16 -35.55 -23.88
CA LYS G 65 15.51 -35.37 -22.48
C LYS G 65 14.21 -35.29 -21.66
N SER G 68 12.28 -38.52 -21.52
CA SER G 68 12.87 -39.40 -20.51
C SER G 68 12.34 -39.02 -19.13
N ALA G 69 12.31 -37.73 -18.87
CA ALA G 69 11.82 -37.21 -17.62
C ALA G 69 10.40 -37.70 -17.35
N ILE G 70 9.62 -37.81 -18.42
CA ILE G 70 8.22 -38.26 -18.33
C ILE G 70 8.15 -39.77 -18.15
N SER G 71 9.13 -40.51 -18.67
CA SER G 71 9.14 -41.95 -18.52
C SER G 71 9.51 -42.30 -17.10
N CYS G 72 10.45 -41.56 -16.55
CA CYS G 72 10.86 -41.77 -15.17
C CYS G 72 9.64 -41.58 -14.29
N TRP G 73 8.96 -40.46 -14.46
CA TRP G 73 7.78 -40.18 -13.66
C TRP G 73 6.72 -41.29 -13.81
N GLU G 75 6.89 -44.53 -14.86
CA GLU G 75 7.22 -45.83 -14.28
C GLU G 75 7.34 -45.77 -12.77
N SER G 76 7.97 -44.73 -12.24
CA SER G 76 8.11 -44.65 -10.79
C SER G 76 6.76 -44.38 -10.18
N ALA G 77 5.80 -43.95 -10.98
CA ALA G 77 4.48 -43.65 -10.46
C ALA G 77 3.71 -44.94 -10.20
N ARG G 78 4.04 -46.00 -10.95
CA ARG G 78 3.35 -47.26 -10.74
C ARG G 78 3.72 -47.83 -9.37
N HIS G 79 4.22 -46.96 -8.49
CA HIS G 79 4.61 -47.36 -7.16
C HIS G 79 4.24 -46.31 -6.12
N ILE G 92 -4.30 -41.57 -7.16
CA ILE G 92 -3.91 -41.66 -8.58
C ILE G 92 -2.96 -40.52 -8.95
N PRO G 93 -1.75 -40.87 -9.42
CA PRO G 93 -0.72 -39.90 -9.81
C PRO G 93 -1.14 -39.04 -10.97
N ILE G 94 -0.86 -37.75 -10.87
CA ILE G 94 -1.21 -36.81 -11.92
C ILE G 94 0.01 -36.02 -12.36
N LEU G 95 0.20 -35.99 -13.68
CA LEU G 95 1.31 -35.27 -14.29
C LEU G 95 0.83 -34.20 -15.24
N ILE G 96 1.17 -32.96 -14.90
CA ILE G 96 0.81 -31.82 -15.72
C ILE G 96 2.05 -31.50 -16.52
N ILE G 97 1.89 -31.45 -17.83
CA ILE G 97 3.00 -31.12 -18.72
C ILE G 97 2.65 -29.80 -19.39
N GLU G 98 3.27 -28.69 -18.97
CA GLU G 98 2.97 -27.41 -19.58
C GLU G 98 4.06 -27.04 -20.54
N GLY G 99 3.67 -26.51 -21.70
CA GLY G 99 4.64 -26.12 -22.70
C GLY G 99 4.00 -25.36 -23.84
N PHE G 100 4.78 -24.48 -24.47
CA PHE G 100 4.29 -23.70 -25.60
C PHE G 100 4.24 -24.46 -26.94
N LEU G 101 4.94 -25.59 -27.02
CA LEU G 101 5.01 -26.41 -28.24
C LEU G 101 4.84 -27.90 -27.86
N LEU G 102 3.62 -28.34 -27.57
CA LEU G 102 3.38 -29.73 -27.14
C LEU G 102 2.57 -30.63 -28.07
N PHE G 103 1.50 -30.10 -28.64
CA PHE G 103 0.62 -30.88 -29.49
C PHE G 103 1.09 -31.04 -30.92
N ASN G 104 2.35 -30.71 -31.17
CA ASN G 104 2.88 -30.86 -32.52
C ASN G 104 4.07 -31.82 -32.45
N TYR G 105 4.31 -32.34 -31.24
CA TYR G 105 5.37 -33.32 -30.95
C TYR G 105 4.66 -34.68 -30.87
N LYS G 106 4.79 -35.47 -31.94
CA LYS G 106 4.13 -36.76 -32.09
C LYS G 106 4.24 -37.79 -30.96
N PRO G 107 5.42 -37.91 -30.32
CA PRO G 107 5.61 -38.86 -29.21
C PRO G 107 4.62 -38.71 -28.03
N LEU G 108 4.11 -37.50 -27.81
CA LEU G 108 3.17 -37.25 -26.72
C LEU G 108 1.71 -37.54 -27.02
N ASP G 109 1.35 -37.51 -28.30
CA ASP G 109 -0.02 -37.71 -28.77
C ASP G 109 -0.79 -38.88 -28.13
N THR G 110 -0.09 -40.01 -27.94
CA THR G 110 -0.71 -41.21 -27.37
C THR G 110 -0.57 -41.30 -25.87
N ILE G 111 -0.30 -40.16 -25.23
CA ILE G 111 -0.10 -40.13 -23.78
C ILE G 111 -1.11 -39.23 -23.05
N TRP G 112 -1.54 -38.18 -23.73
CA TRP G 112 -2.49 -37.22 -23.16
C TRP G 112 -3.75 -37.93 -22.66
N ASN G 113 -4.25 -37.48 -21.51
CA ASN G 113 -5.48 -38.01 -20.90
C ASN G 113 -6.48 -36.86 -21.02
N ARG G 114 -5.93 -35.66 -21.09
CA ARG G 114 -6.72 -34.45 -21.20
C ARG G 114 -5.78 -33.38 -21.77
N SER G 115 -6.22 -32.68 -22.82
CA SER G 115 -5.40 -31.64 -23.44
C SER G 115 -6.13 -30.29 -23.46
N TYR G 116 -5.42 -29.25 -23.02
CA TYR G 116 -5.97 -27.88 -22.95
C TYR G 116 -5.11 -26.90 -23.75
N PHE G 117 -5.75 -25.94 -24.39
CA PHE G 117 -5.02 -24.96 -25.21
C PHE G 117 -5.46 -23.53 -24.91
N LEU G 118 -4.59 -22.77 -24.25
CA LEU G 118 -4.88 -21.38 -23.89
C LEU G 118 -4.71 -20.46 -25.08
N THR G 119 -5.67 -19.56 -25.27
CA THR G 119 -5.60 -18.63 -26.37
C THR G 119 -5.68 -17.20 -25.85
N ILE G 120 -4.77 -16.38 -26.37
CA ILE G 120 -4.68 -14.98 -26.02
C ILE G 120 -4.47 -14.20 -27.35
N PRO G 121 -5.14 -13.04 -27.49
CA PRO G 121 -5.00 -12.23 -28.71
C PRO G 121 -3.58 -11.71 -28.94
N TYR G 122 -3.28 -11.39 -30.19
CA TYR G 122 -1.97 -10.88 -30.59
C TYR G 122 -1.49 -9.71 -29.72
N GLU G 123 -2.34 -8.69 -29.60
CA GLU G 123 -1.99 -7.48 -28.84
C GLU G 123 -1.69 -7.71 -27.35
N GLU G 124 -2.44 -8.62 -26.74
CA GLU G 124 -2.26 -8.93 -25.32
C GLU G 124 -1.00 -9.72 -25.07
N CYS G 125 -0.74 -10.71 -25.93
CA CYS G 125 0.44 -11.57 -25.86
C CYS G 125 1.74 -10.78 -26.08
N LYS G 126 1.70 -9.84 -27.02
CA LYS G 126 2.84 -8.99 -27.33
C LYS G 126 3.15 -8.13 -26.13
N ARG G 127 2.08 -7.59 -25.52
CA ARG G 127 2.19 -6.74 -24.35
C ARG G 127 2.74 -7.47 -23.11
N ARG G 128 2.15 -8.62 -22.78
CA ARG G 128 2.65 -9.41 -21.65
C ARG G 128 4.11 -9.76 -21.89
N ARG G 129 4.40 -10.26 -23.10
CA ARG G 129 5.77 -10.62 -23.47
C ARG G 129 6.79 -9.49 -23.22
N SER G 130 6.39 -8.25 -23.48
CA SER G 130 7.29 -7.12 -23.30
C SER G 130 7.62 -6.74 -21.86
N THR G 131 6.89 -7.31 -20.92
CA THR G 131 7.08 -7.06 -19.48
C THR G 131 8.12 -8.01 -18.89
N ARG G 132 8.43 -9.05 -19.66
CA ARG G 132 9.36 -10.08 -19.24
C ARG G 132 10.70 -9.93 -19.94
N VAL G 133 11.78 -9.95 -19.17
CA VAL G 133 13.11 -9.82 -19.75
C VAL G 133 13.65 -11.23 -19.88
N TYR G 134 13.78 -11.68 -21.12
CA TYR G 134 14.30 -13.01 -21.40
C TYR G 134 15.82 -12.98 -21.49
N GLN G 135 16.39 -14.17 -21.64
CA GLN G 135 17.84 -14.34 -21.76
C GLN G 135 18.19 -15.47 -22.75
N PRO G 136 18.69 -15.12 -23.96
CA PRO G 136 18.95 -13.79 -24.50
C PRO G 136 17.71 -12.92 -24.65
N PRO G 137 17.88 -11.61 -24.50
CA PRO G 137 16.78 -10.66 -24.61
C PRO G 137 16.18 -10.66 -26.00
N ASP G 138 14.87 -10.36 -26.07
CA ASP G 138 14.19 -10.29 -27.35
C ASP G 138 14.90 -9.22 -28.18
N SER G 139 15.31 -9.56 -29.40
CA SER G 139 15.97 -8.60 -30.27
C SER G 139 14.91 -7.65 -30.83
N PRO G 140 15.32 -6.55 -31.46
CA PRO G 140 14.31 -5.64 -32.00
C PRO G 140 13.41 -6.32 -33.04
N GLY G 141 12.11 -6.38 -32.77
CA GLY G 141 11.17 -7.00 -33.70
C GLY G 141 11.07 -8.52 -33.68
N TYR G 142 11.75 -9.13 -32.72
CA TYR G 142 11.78 -10.58 -32.56
C TYR G 142 10.36 -11.16 -32.42
N PHE G 143 9.49 -10.46 -31.69
CA PHE G 143 8.14 -10.94 -31.49
C PHE G 143 7.42 -11.15 -32.82
N ASP G 144 7.42 -10.12 -33.65
CA ASP G 144 6.75 -10.18 -34.94
C ASP G 144 7.47 -10.99 -36.00
N GLY G 145 8.80 -11.04 -35.89
CA GLY G 145 9.61 -11.77 -36.85
C GLY G 145 9.84 -13.25 -36.58
N HIS G 146 9.75 -13.67 -35.33
CA HIS G 146 9.99 -15.07 -35.00
C HIS G 146 8.92 -15.65 -34.11
N VAL G 147 8.67 -14.99 -32.98
CA VAL G 147 7.68 -15.47 -32.01
C VAL G 147 6.29 -15.68 -32.59
N TRP G 148 5.65 -14.62 -33.06
CA TRP G 148 4.30 -14.83 -33.60
C TRP G 148 4.20 -15.78 -34.81
N PRO G 149 5.05 -15.58 -35.83
CA PRO G 149 5.07 -16.42 -37.02
C PRO G 149 5.21 -17.91 -36.68
N TYR G 151 4.21 -19.21 -33.86
CA TYR G 151 3.02 -19.63 -33.14
C TYR G 151 1.99 -20.05 -34.15
N LEU G 152 1.80 -19.22 -35.17
CA LEU G 152 0.84 -19.49 -36.25
C LEU G 152 1.21 -20.72 -37.03
N LYS G 153 2.51 -21.00 -37.08
CA LYS G 153 3.02 -22.18 -37.76
C LYS G 153 2.65 -23.43 -36.93
N TYR G 154 2.68 -23.28 -35.61
CA TYR G 154 2.36 -24.35 -34.66
C TYR G 154 0.88 -24.61 -34.67
N ARG G 155 0.07 -23.53 -34.72
CA ARG G 155 -1.40 -23.64 -34.75
C ARG G 155 -1.82 -24.41 -35.96
N GLN G 156 -1.02 -24.29 -37.02
CA GLN G 156 -1.28 -24.92 -38.30
C GLN G 156 -0.91 -26.38 -38.31
N GLU G 157 0.16 -26.72 -37.61
CA GLU G 157 0.59 -28.10 -37.51
C GLU G 157 -0.35 -28.88 -36.58
N GLN G 159 -3.76 -28.49 -37.02
CA GLN G 159 -5.01 -28.65 -37.78
C GLN G 159 -5.29 -30.14 -38.03
N ASP G 160 -4.24 -30.92 -37.85
CA ASP G 160 -4.27 -32.37 -38.06
C ASP G 160 -4.67 -33.19 -36.81
N ILE G 161 -4.51 -32.61 -35.62
CA ILE G 161 -4.82 -33.31 -34.36
C ILE G 161 -6.08 -34.14 -34.51
N THR G 162 -6.01 -35.42 -34.11
CA THR G 162 -7.17 -36.32 -34.19
C THR G 162 -7.88 -36.44 -32.83
N TRP G 163 -7.17 -36.13 -31.74
CA TRP G 163 -7.81 -36.21 -30.43
C TRP G 163 -8.44 -34.88 -30.02
N GLU G 164 -9.08 -34.86 -28.86
CA GLU G 164 -9.75 -33.65 -28.39
C GLU G 164 -8.98 -32.70 -27.47
N VAL G 165 -8.82 -31.46 -27.94
CA VAL G 165 -8.15 -30.41 -27.19
C VAL G 165 -9.24 -29.41 -26.76
N VAL G 166 -9.28 -29.10 -25.47
CA VAL G 166 -10.24 -28.14 -24.93
C VAL G 166 -9.62 -26.72 -24.93
N TYR G 167 -10.10 -25.87 -25.82
CA TYR G 167 -9.61 -24.50 -25.91
C TYR G 167 -10.10 -23.58 -24.78
N LEU G 168 -9.18 -22.84 -24.20
CA LEU G 168 -9.47 -21.94 -23.09
C LEU G 168 -9.20 -20.50 -23.44
N ASP G 169 -9.99 -19.61 -22.86
CA ASP G 169 -9.83 -18.18 -23.11
C ASP G 169 -8.85 -17.58 -22.10
N GLY G 170 -7.63 -17.30 -22.56
CA GLY G 170 -6.61 -16.74 -21.67
C GLY G 170 -6.85 -15.33 -21.18
N THR G 171 -7.84 -14.65 -21.73
CA THR G 171 -8.13 -13.29 -21.30
C THR G 171 -9.05 -13.39 -20.09
N LYS G 172 -9.59 -14.59 -19.88
CA LYS G 172 -10.47 -14.79 -18.74
C LYS G 172 -9.73 -14.63 -17.43
N SER G 173 -10.51 -14.68 -16.37
CA SER G 173 -10.00 -14.55 -15.05
C SER G 173 -8.98 -15.65 -14.84
N GLU G 174 -8.04 -15.40 -13.96
CA GLU G 174 -7.04 -16.40 -13.65
C GLU G 174 -7.69 -17.54 -12.86
N GLU G 175 -8.62 -17.21 -11.97
CA GLU G 175 -9.33 -18.21 -11.18
C GLU G 175 -10.44 -18.86 -11.97
N ASP G 176 -10.97 -18.14 -12.95
CA ASP G 176 -12.01 -18.71 -13.78
C ASP G 176 -11.47 -19.81 -14.66
N LEU G 177 -10.25 -19.63 -15.15
CA LEU G 177 -9.61 -20.64 -16.00
C LEU G 177 -9.30 -21.86 -15.16
N PHE G 178 -8.79 -21.63 -13.96
CA PHE G 178 -8.45 -22.68 -13.01
C PHE G 178 -9.67 -23.52 -12.69
N LEU G 179 -10.78 -22.84 -12.39
CA LEU G 179 -12.05 -23.50 -12.05
C LEU G 179 -12.63 -24.27 -13.21
N GLN G 180 -12.48 -23.73 -14.41
CA GLN G 180 -13.00 -24.38 -15.61
C GLN G 180 -12.29 -25.70 -15.85
N VAL G 181 -11.00 -25.70 -15.59
CA VAL G 181 -10.21 -26.90 -15.77
C VAL G 181 -10.43 -27.83 -14.59
N TYR G 182 -10.54 -27.23 -13.41
CA TYR G 182 -10.71 -27.97 -12.17
C TYR G 182 -12.01 -28.82 -12.13
N GLU G 183 -13.12 -28.29 -12.65
CA GLU G 183 -14.37 -29.02 -12.65
C GLU G 183 -14.23 -30.20 -13.56
N ASP G 184 -13.86 -29.90 -14.80
CA ASP G 184 -13.66 -30.90 -15.82
C ASP G 184 -12.73 -32.02 -15.37
N LEU G 185 -11.67 -31.67 -14.63
CA LEU G 185 -10.71 -32.64 -14.16
C LEU G 185 -11.26 -33.60 -13.11
N ILE G 186 -12.34 -33.18 -12.46
CA ILE G 186 -12.98 -34.06 -11.50
C ILE G 186 -14.09 -34.80 -12.26
N GLN G 187 -14.67 -34.12 -13.25
CA GLN G 187 -15.69 -34.70 -14.12
C GLN G 187 -14.99 -35.49 -15.24
N GLU G 188 -13.81 -36.01 -14.92
CA GLU G 188 -13.01 -36.82 -15.84
C GLU G 188 -12.37 -37.89 -14.98
N LEU G 189 -12.22 -37.55 -13.69
CA LEU G 189 -11.67 -38.43 -12.68
C LEU G 189 -12.84 -39.16 -12.06
N ALA G 190 -14.03 -38.59 -12.24
CA ALA G 190 -15.24 -39.21 -11.69
C ALA G 190 -15.41 -40.54 -12.42
N LYS G 191 -15.14 -40.51 -13.72
CA LYS G 191 -15.25 -41.69 -14.57
C LYS G 191 -14.02 -42.61 -14.43
N GLN G 192 -13.36 -42.51 -13.28
CA GLN G 192 -12.17 -43.32 -12.97
C GLN G 192 -12.54 -44.25 -11.81
N LYS H 2 15.05 7.88 -10.34
CA LYS H 2 14.23 7.85 -11.57
C LYS H 2 13.68 6.45 -11.86
N THR H 3 14.26 5.45 -11.22
CA THR H 3 13.81 4.08 -11.40
C THR H 3 13.76 3.31 -10.06
N PHE H 4 12.66 2.57 -9.86
CA PHE H 4 12.50 1.80 -8.64
C PHE H 4 12.90 0.33 -8.90
N ILE H 5 13.93 -0.15 -8.18
CA ILE H 5 14.40 -1.52 -8.33
C ILE H 5 14.00 -2.31 -7.09
N ILE H 6 13.32 -3.43 -7.32
CA ILE H 6 12.84 -4.27 -6.24
C ILE H 6 13.48 -5.64 -6.27
N GLY H 7 13.93 -6.08 -5.10
CA GLY H 7 14.53 -7.39 -4.95
C GLY H 7 13.61 -8.36 -4.20
N ILE H 8 13.43 -9.55 -4.76
CA ILE H 8 12.59 -10.57 -4.15
C ILE H 8 13.34 -11.87 -4.08
N SER H 9 13.89 -12.21 -2.92
CA SER H 9 14.64 -13.45 -2.77
C SER H 9 14.01 -14.41 -1.74
N GLY H 10 14.63 -15.58 -1.58
CA GLY H 10 14.12 -16.56 -0.63
C GLY H 10 14.47 -17.95 -1.12
N VAL H 11 14.26 -18.96 -0.26
CA VAL H 11 14.55 -20.34 -0.62
C VAL H 11 13.68 -20.78 -1.79
N THR H 12 14.11 -21.81 -2.51
CA THR H 12 13.37 -22.35 -3.65
C THR H 12 11.95 -22.68 -3.24
N ASN H 13 10.99 -22.46 -4.14
CA ASN H 13 9.57 -22.71 -3.89
C ASN H 13 8.93 -21.97 -2.73
N SER H 14 9.50 -20.83 -2.37
CA SER H 14 8.96 -20.00 -1.31
C SER H 14 7.79 -19.17 -1.89
N GLY H 15 7.81 -18.99 -3.20
CA GLY H 15 6.77 -18.23 -3.88
C GLY H 15 7.24 -16.96 -4.56
N LYS H 16 8.52 -16.89 -4.91
CA LYS H 16 9.06 -15.70 -5.53
C LYS H 16 8.53 -15.42 -6.93
N THR H 17 8.47 -16.44 -7.78
CA THR H 17 8.00 -16.25 -9.15
C THR H 17 6.56 -15.79 -9.18
N THR H 18 5.78 -16.35 -8.27
CA THR H 18 4.36 -16.05 -8.13
C THR H 18 4.06 -14.65 -7.61
N LEU H 19 4.95 -14.11 -6.77
CA LEU H 19 4.73 -12.76 -6.23
C LEU H 19 5.16 -11.74 -7.27
N ALA H 20 6.20 -12.08 -8.00
CA ALA H 20 6.73 -11.22 -9.05
C ALA H 20 5.65 -11.02 -10.11
N LYS H 21 5.03 -12.13 -10.52
CA LYS H 21 3.97 -12.11 -11.54
C LYS H 21 2.73 -11.33 -11.11
N ASN H 22 2.35 -11.44 -9.84
CA ASN H 22 1.20 -10.71 -9.34
C ASN H 22 1.50 -9.22 -9.37
N LEU H 23 2.58 -8.81 -8.72
CA LEU H 23 2.97 -7.40 -8.70
C LEU H 23 3.10 -6.86 -10.12
N GLN H 24 3.70 -7.66 -10.98
CA GLN H 24 3.88 -7.30 -12.38
C GLN H 24 2.55 -6.89 -13.00
N LYS H 25 1.56 -7.77 -12.89
CA LYS H 25 0.21 -7.51 -13.44
C LYS H 25 -0.47 -6.22 -12.94
N HIS H 26 -0.28 -5.87 -11.68
CA HIS H 26 -0.90 -4.67 -11.15
C HIS H 26 0.03 -3.47 -10.95
N LEU H 27 1.26 -3.58 -11.45
CA LEU H 27 2.19 -2.46 -11.34
C LEU H 27 2.37 -1.88 -12.73
N PRO H 28 2.33 -0.54 -12.81
CA PRO H 28 2.48 0.17 -14.09
C PRO H 28 3.96 0.38 -14.46
N ASN H 29 4.27 0.17 -15.73
CA ASN H 29 5.64 0.37 -16.18
C ASN H 29 6.54 -0.50 -15.30
N CYS H 30 6.18 -1.78 -15.19
CA CYS H 30 6.93 -2.71 -14.36
C CYS H 30 7.48 -3.91 -15.15
N SER H 31 8.78 -4.17 -15.00
CA SER H 31 9.45 -5.30 -15.68
C SER H 31 9.93 -6.39 -14.71
N VAL H 32 10.23 -7.56 -15.25
CA VAL H 32 10.72 -8.66 -14.42
C VAL H 32 11.95 -9.39 -14.99
N ILE H 33 12.93 -9.62 -14.11
CA ILE H 33 14.13 -10.37 -14.46
C ILE H 33 14.21 -11.53 -13.47
N SER H 34 14.39 -12.73 -14.00
CA SER H 34 14.50 -13.94 -13.19
C SER H 34 15.94 -14.41 -13.19
N GLN H 35 16.49 -14.63 -11.99
CA GLN H 35 17.86 -15.06 -11.86
C GLN H 35 18.12 -16.47 -12.43
N ASP H 36 17.04 -17.22 -12.68
CA ASP H 36 17.13 -18.58 -13.22
C ASP H 36 17.38 -18.60 -14.72
N ASP H 37 17.15 -17.47 -15.37
CA ASP H 37 17.41 -17.36 -16.80
C ASP H 37 18.93 -17.21 -17.01
N PHE H 38 19.67 -17.12 -15.90
CA PHE H 38 21.10 -16.94 -15.95
C PHE H 38 21.95 -18.08 -15.39
N PHE H 39 21.43 -19.30 -15.48
CA PHE H 39 22.19 -20.44 -15.02
C PHE H 39 23.13 -20.80 -16.15
N LYS H 40 24.30 -21.28 -15.79
CA LYS H 40 25.26 -21.70 -16.78
C LYS H 40 24.74 -23.02 -17.36
N PRO H 41 25.23 -23.41 -18.52
CA PRO H 41 24.75 -24.66 -19.11
C PRO H 41 25.16 -25.83 -18.24
N GLU H 42 24.41 -26.92 -18.35
CA GLU H 42 24.63 -28.16 -17.59
C GLU H 42 26.08 -28.64 -17.63
N SER H 43 26.71 -28.47 -18.80
CA SER H 43 28.09 -28.88 -19.02
C SER H 43 29.08 -28.07 -18.23
N GLU H 44 28.62 -26.92 -17.72
CA GLU H 44 29.48 -26.02 -16.95
C GLU H 44 29.30 -26.16 -15.45
N ILE H 45 28.31 -26.93 -15.03
CA ILE H 45 28.06 -27.13 -13.60
C ILE H 45 29.01 -28.19 -13.04
N GLU H 46 29.22 -28.18 -11.74
CA GLU H 46 30.12 -29.16 -11.17
C GLU H 46 29.44 -30.04 -10.14
N THR H 47 29.99 -31.23 -9.94
CA THR H 47 29.46 -32.16 -8.94
C THR H 47 30.52 -32.33 -7.85
N ASP H 48 30.11 -32.20 -6.58
CA ASP H 48 31.07 -32.31 -5.50
C ASP H 48 31.45 -33.78 -5.28
N LYS H 49 32.30 -33.99 -4.27
CA LYS H 49 32.81 -35.30 -3.88
C LYS H 49 31.72 -36.35 -3.87
N ASN H 50 30.58 -36.00 -3.26
CA ASN H 50 29.45 -36.92 -3.10
C ASN H 50 28.50 -36.97 -4.28
N GLY H 51 28.94 -36.46 -5.42
CA GLY H 51 28.12 -36.47 -6.61
C GLY H 51 26.85 -35.65 -6.52
N PHE H 52 27.00 -34.36 -6.22
CA PHE H 52 25.88 -33.44 -6.12
C PHE H 52 26.16 -32.27 -7.05
N LEU H 53 25.28 -32.05 -8.02
CA LEU H 53 25.48 -30.94 -8.94
C LEU H 53 25.41 -29.63 -8.19
N GLN H 54 26.41 -28.78 -8.36
CA GLN H 54 26.49 -27.51 -7.67
C GLN H 54 25.61 -26.42 -8.29
N TYR H 55 24.30 -26.46 -8.08
CA TYR H 55 23.43 -25.45 -8.66
C TYR H 55 23.04 -24.32 -7.72
N ASP H 56 23.05 -24.62 -6.42
CA ASP H 56 22.67 -23.65 -5.40
C ASP H 56 23.82 -22.85 -4.86
N VAL H 57 24.65 -22.35 -5.77
CA VAL H 57 25.81 -21.52 -5.46
C VAL H 57 25.95 -20.47 -6.57
N LEU H 58 26.50 -19.31 -6.21
CA LEU H 58 26.66 -18.23 -7.18
C LEU H 58 27.48 -18.61 -8.40
N GLU H 59 28.36 -19.59 -8.23
CA GLU H 59 29.24 -20.11 -9.28
C GLU H 59 28.48 -20.81 -10.41
N ALA H 60 27.21 -21.16 -10.18
CA ALA H 60 26.42 -21.84 -11.19
C ALA H 60 25.65 -20.90 -12.13
N LEU H 61 25.80 -19.60 -11.91
CA LEU H 61 25.09 -18.61 -12.70
C LEU H 61 26.00 -17.54 -13.30
N ASN H 62 25.67 -17.13 -14.52
CA ASN H 62 26.42 -16.09 -15.24
C ASN H 62 25.95 -14.74 -14.69
N GLU H 64 27.51 -11.91 -14.37
CA GLU H 64 27.98 -10.74 -15.10
C GLU H 64 27.07 -10.53 -16.32
N LYS H 65 26.43 -11.62 -16.76
CA LYS H 65 25.48 -11.60 -17.84
C LYS H 65 24.20 -10.93 -17.32
N SER H 68 24.54 -7.20 -16.60
CA SER H 68 24.49 -6.51 -17.87
C SER H 68 23.05 -6.33 -18.30
N ALA H 69 22.23 -7.35 -18.07
CA ALA H 69 20.81 -7.26 -18.43
C ALA H 69 20.14 -6.16 -17.61
N ILE H 70 20.61 -6.00 -16.38
CA ILE H 70 20.08 -5.00 -15.46
C ILE H 70 20.54 -3.61 -15.86
N SER H 71 21.79 -3.50 -16.31
CA SER H 71 22.31 -2.21 -16.75
C SER H 71 21.55 -1.73 -17.99
N CYS H 72 21.32 -2.62 -18.95
CA CYS H 72 20.57 -2.29 -20.17
C CYS H 72 19.19 -1.76 -19.82
N TRP H 73 18.52 -2.45 -18.91
CA TRP H 73 17.19 -2.03 -18.47
C TRP H 73 17.23 -0.64 -17.81
N GLU H 75 19.59 1.85 -17.99
CA GLU H 75 19.91 2.97 -18.90
C GLU H 75 18.82 3.21 -19.96
N SER H 76 18.25 2.14 -20.51
CA SER H 76 17.22 2.34 -21.53
C SER H 76 15.97 2.89 -20.86
N ALA H 77 15.91 2.75 -19.54
CA ALA H 77 14.77 3.20 -18.74
C ALA H 77 14.76 4.73 -18.56
N ARG H 78 15.93 5.35 -18.60
CA ARG H 78 16.02 6.81 -18.48
C ARG H 78 15.46 7.43 -19.75
N HIS H 79 14.59 6.70 -20.45
CA HIS H 79 13.99 7.18 -21.69
C HIS H 79 12.54 6.72 -21.82
N ILE H 92 7.08 6.15 -13.70
CA ILE H 92 8.36 5.74 -13.13
C ILE H 92 8.55 4.24 -13.38
N PRO H 93 9.66 3.87 -14.06
CA PRO H 93 9.98 2.48 -14.38
C PRO H 93 10.30 1.62 -13.18
N ILE H 94 9.71 0.42 -13.18
CA ILE H 94 9.90 -0.52 -12.09
C ILE H 94 10.47 -1.87 -12.57
N LEU H 95 11.49 -2.33 -11.86
CA LEU H 95 12.14 -3.60 -12.18
C LEU H 95 12.10 -4.53 -10.98
N ILE H 96 11.51 -5.69 -11.20
CA ILE H 96 11.45 -6.69 -10.16
C ILE H 96 12.50 -7.74 -10.50
N ILE H 97 13.48 -7.89 -9.63
CA ILE H 97 14.54 -8.90 -9.80
C ILE H 97 14.23 -10.05 -8.82
N GLU H 98 13.84 -11.22 -9.35
CA GLU H 98 13.54 -12.35 -8.47
C GLU H 98 14.62 -13.39 -8.64
N GLY H 99 15.03 -13.99 -7.53
CA GLY H 99 16.08 -14.98 -7.59
C GLY H 99 16.32 -15.55 -6.22
N PHE H 100 16.70 -16.83 -6.19
CA PHE H 100 16.95 -17.56 -4.94
C PHE H 100 18.31 -17.22 -4.28
N LEU H 101 19.13 -16.43 -4.95
CA LEU H 101 20.44 -16.11 -4.40
C LEU H 101 20.76 -14.68 -4.85
N LEU H 102 20.20 -13.68 -4.19
CA LEU H 102 20.41 -12.29 -4.59
C LEU H 102 21.09 -11.35 -3.62
N PHE H 103 20.69 -11.42 -2.34
CA PHE H 103 21.23 -10.55 -1.30
C PHE H 103 22.62 -10.90 -0.76
N ASN H 104 23.29 -11.85 -1.40
CA ASN H 104 24.63 -12.25 -1.00
C ASN H 104 25.62 -11.91 -2.14
N TYR H 105 25.08 -11.31 -3.20
CA TYR H 105 25.85 -10.90 -4.37
C TYR H 105 26.10 -9.39 -4.26
N LYS H 106 27.25 -9.04 -3.70
CA LYS H 106 27.67 -7.67 -3.46
C LYS H 106 27.36 -6.60 -4.47
N PRO H 107 27.57 -6.87 -5.76
CA PRO H 107 27.26 -5.82 -6.75
C PRO H 107 25.82 -5.30 -6.70
N LEU H 108 24.89 -6.08 -6.19
CA LEU H 108 23.49 -5.64 -6.18
C LEU H 108 23.07 -4.79 -4.99
N ASP H 109 23.80 -4.92 -3.89
CA ASP H 109 23.51 -4.21 -2.64
C ASP H 109 23.20 -2.72 -2.75
N THR H 110 23.95 -2.05 -3.60
CA THR H 110 23.79 -0.62 -3.79
C THR H 110 22.84 -0.29 -4.94
N ILE H 111 21.95 -1.23 -5.26
CA ILE H 111 21.01 -1.03 -6.33
C ILE H 111 19.56 -1.17 -5.88
N TRP H 112 19.35 -2.01 -4.86
CA TRP H 112 18.02 -2.27 -4.30
C TRP H 112 17.34 -1.00 -3.79
N ASN H 113 16.05 -0.90 -4.05
CA ASN H 113 15.23 0.22 -3.61
C ASN H 113 14.32 -0.35 -2.52
N ARG H 114 14.06 -1.64 -2.65
CA ARG H 114 13.22 -2.38 -1.71
C ARG H 114 13.61 -3.83 -1.85
N SER H 115 13.86 -4.49 -0.72
CA SER H 115 14.25 -5.90 -0.71
C SER H 115 13.25 -6.72 0.11
N TYR H 116 12.79 -7.83 -0.46
CA TYR H 116 11.85 -8.69 0.22
C TYR H 116 12.41 -10.10 0.32
N PHE H 117 12.14 -10.78 1.42
CA PHE H 117 12.65 -12.13 1.57
C PHE H 117 11.58 -13.12 2.04
N LEU H 118 11.23 -14.06 1.18
CA LEU H 118 10.23 -15.06 1.49
C LEU H 118 10.79 -16.20 2.29
N THR H 119 10.14 -16.53 3.40
CA THR H 119 10.57 -17.63 4.26
C THR H 119 9.49 -18.71 4.32
N ILE H 120 9.90 -19.96 4.15
CA ILE H 120 8.99 -21.09 4.18
C ILE H 120 9.68 -22.21 4.99
N PRO H 121 8.91 -22.94 5.81
CA PRO H 121 9.45 -24.03 6.64
C PRO H 121 10.12 -25.16 5.80
N TYR H 122 11.05 -25.87 6.42
CA TYR H 122 11.76 -26.99 5.77
C TYR H 122 10.85 -28.07 5.19
N GLU H 123 9.78 -28.42 5.91
CA GLU H 123 8.86 -29.45 5.48
C GLU H 123 8.01 -29.01 4.30
N GLU H 124 7.63 -27.74 4.30
CA GLU H 124 6.82 -27.18 3.22
C GLU H 124 7.63 -27.04 1.93
N CYS H 125 8.85 -26.55 2.09
CA CYS H 125 9.75 -26.35 0.97
C CYS H 125 10.12 -27.65 0.29
N LYS H 126 10.42 -28.65 1.10
CA LYS H 126 10.82 -29.97 0.61
C LYS H 126 9.70 -30.60 -0.17
N ARG H 127 8.48 -30.35 0.29
CA ARG H 127 7.28 -30.89 -0.33
C ARG H 127 7.08 -30.26 -1.68
N ARG H 128 6.95 -28.93 -1.70
CA ARG H 128 6.75 -28.18 -2.92
C ARG H 128 7.82 -28.57 -3.95
N ARG H 129 9.05 -28.65 -3.47
CA ARG H 129 10.17 -29.01 -4.33
C ARG H 129 9.88 -30.32 -5.09
N SER H 130 9.34 -31.30 -4.38
CA SER H 130 9.07 -32.62 -4.94
C SER H 130 7.89 -32.72 -5.89
N THR H 131 7.20 -31.62 -6.14
CA THR H 131 6.07 -31.64 -7.07
C THR H 131 6.53 -31.10 -8.41
N ARG H 132 7.77 -30.64 -8.44
CA ARG H 132 8.39 -30.06 -9.64
C ARG H 132 9.55 -30.95 -10.16
N VAL H 133 9.46 -31.33 -11.43
CA VAL H 133 10.51 -32.12 -12.04
C VAL H 133 11.55 -31.16 -12.64
N TYR H 134 12.74 -31.13 -12.07
CA TYR H 134 13.77 -30.24 -12.59
C TYR H 134 14.57 -30.89 -13.72
N GLN H 135 15.51 -30.14 -14.28
CA GLN H 135 16.38 -30.65 -15.34
C GLN H 135 17.78 -30.08 -15.17
N PRO H 136 18.76 -30.90 -14.77
CA PRO H 136 18.62 -32.32 -14.46
C PRO H 136 17.73 -32.52 -13.22
N PRO H 137 17.18 -33.73 -13.06
CA PRO H 137 16.32 -34.06 -11.95
C PRO H 137 17.08 -34.12 -10.63
N ASP H 138 16.37 -33.86 -9.54
CA ASP H 138 16.96 -33.91 -8.23
C ASP H 138 17.44 -35.33 -8.00
N SER H 139 18.72 -35.50 -7.71
CA SER H 139 19.26 -36.83 -7.46
C SER H 139 18.70 -37.29 -6.11
N PRO H 140 18.93 -38.57 -5.73
CA PRO H 140 18.39 -39.01 -4.44
C PRO H 140 19.04 -38.25 -3.28
N GLY H 141 18.20 -37.70 -2.40
CA GLY H 141 18.68 -36.94 -1.26
C GLY H 141 19.39 -35.67 -1.64
N TYR H 142 19.05 -35.12 -2.81
CA TYR H 142 19.67 -33.88 -3.31
C TYR H 142 19.23 -32.68 -2.48
N PHE H 143 17.94 -32.65 -2.15
CA PHE H 143 17.38 -31.58 -1.34
C PHE H 143 18.10 -31.42 -0.01
N ASP H 144 18.24 -32.52 0.73
CA ASP H 144 18.91 -32.50 2.03
C ASP H 144 20.42 -32.40 1.90
N GLY H 145 20.94 -32.85 0.77
CA GLY H 145 22.38 -32.81 0.57
C GLY H 145 22.97 -31.60 -0.10
N HIS H 146 22.15 -30.82 -0.79
CA HIS H 146 22.68 -29.65 -1.46
C HIS H 146 21.75 -28.46 -1.39
N VAL H 147 20.47 -28.69 -1.66
CA VAL H 147 19.52 -27.61 -1.65
C VAL H 147 19.35 -26.99 -0.25
N TRP H 148 18.95 -27.75 0.75
CA TRP H 148 18.78 -27.13 2.06
C TRP H 148 20.10 -26.61 2.67
N PRO H 149 21.17 -27.40 2.62
CA PRO H 149 22.43 -26.92 3.17
C PRO H 149 22.87 -25.58 2.54
N TYR H 151 20.98 -23.30 1.14
CA TYR H 151 20.06 -22.24 1.51
C TYR H 151 20.47 -21.66 2.86
N LEU H 152 20.80 -22.54 3.80
CA LEU H 152 21.21 -22.15 5.15
C LEU H 152 22.51 -21.38 5.10
N LYS H 153 23.37 -21.77 4.15
CA LYS H 153 24.65 -21.10 3.97
C LYS H 153 24.43 -19.69 3.44
N TYR H 154 23.34 -19.52 2.69
CA TYR H 154 22.94 -18.23 2.13
C TYR H 154 22.29 -17.36 3.21
N ARG H 155 21.42 -17.95 4.03
CA ARG H 155 20.79 -17.21 5.12
C ARG H 155 21.84 -16.61 6.01
N GLN H 156 22.95 -17.33 6.15
CA GLN H 156 24.04 -16.90 7.01
C GLN H 156 24.85 -15.76 6.37
N GLU H 157 25.10 -15.87 5.07
CA GLU H 157 25.86 -14.87 4.35
C GLU H 157 25.06 -13.62 4.28
N GLN H 159 23.54 -12.46 7.31
CA GLN H 159 23.65 -11.89 8.67
C GLN H 159 24.43 -10.56 8.64
N ASP H 160 25.19 -10.35 7.56
CA ASP H 160 26.03 -9.18 7.34
C ASP H 160 25.30 -8.00 6.70
N ILE H 161 24.18 -8.29 6.03
CA ILE H 161 23.40 -7.26 5.34
C ILE H 161 23.25 -5.99 6.19
N THR H 162 23.64 -4.86 5.61
CA THR H 162 23.56 -3.58 6.30
C THR H 162 22.24 -2.85 6.02
N TRP H 163 21.60 -3.17 4.90
CA TRP H 163 20.34 -2.51 4.55
C TRP H 163 19.12 -3.27 5.08
N GLU H 164 17.92 -2.78 4.76
CA GLU H 164 16.70 -3.40 5.27
C GLU H 164 15.95 -4.28 4.31
N VAL H 165 15.85 -5.55 4.69
CA VAL H 165 15.13 -6.57 3.93
C VAL H 165 13.81 -6.85 4.67
N VAL H 166 12.69 -6.76 3.95
CA VAL H 166 11.40 -7.02 4.53
C VAL H 166 11.11 -8.50 4.41
N TYR H 167 11.04 -9.21 5.54
CA TYR H 167 10.77 -10.64 5.51
C TYR H 167 9.30 -10.96 5.41
N LEU H 168 8.99 -11.91 4.53
CA LEU H 168 7.63 -12.31 4.27
C LEU H 168 7.46 -13.76 4.62
N ASP H 169 6.25 -14.11 5.06
CA ASP H 169 5.87 -15.46 5.44
C ASP H 169 5.30 -16.15 4.21
N GLY H 170 6.06 -17.06 3.61
CA GLY H 170 5.60 -17.76 2.42
C GLY H 170 4.43 -18.72 2.61
N THR H 171 4.11 -19.01 3.87
CA THR H 171 3.01 -19.92 4.17
C THR H 171 1.70 -19.19 4.06
N LYS H 172 1.78 -17.87 4.06
CA LYS H 172 0.60 -17.01 3.95
C LYS H 172 -0.06 -17.15 2.60
N SER H 173 -1.26 -16.61 2.52
CA SER H 173 -2.05 -16.62 1.30
C SER H 173 -1.20 -15.98 0.21
N GLU H 174 -1.43 -16.41 -1.02
CA GLU H 174 -0.71 -15.89 -2.17
C GLU H 174 -1.13 -14.45 -2.46
N GLU H 175 -2.41 -14.14 -2.19
CA GLU H 175 -2.92 -12.79 -2.42
C GLU H 175 -2.57 -11.92 -1.24
N ASP H 176 -2.45 -12.55 -0.07
CA ASP H 176 -2.10 -11.82 1.14
C ASP H 176 -0.69 -11.28 1.07
N LEU H 177 0.24 -12.09 0.57
CA LEU H 177 1.63 -11.66 0.41
C LEU H 177 1.71 -10.52 -0.61
N PHE H 178 0.97 -10.70 -1.71
CA PHE H 178 0.89 -9.74 -2.80
C PHE H 178 0.43 -8.38 -2.27
N LEU H 179 -0.64 -8.39 -1.51
CA LEU H 179 -1.17 -7.15 -0.99
C LEU H 179 -0.22 -6.52 0.00
N GLN H 180 0.47 -7.35 0.78
CA GLN H 180 1.41 -6.84 1.77
C GLN H 180 2.50 -6.01 1.10
N VAL H 181 3.03 -6.55 0.01
CA VAL H 181 4.08 -5.90 -0.75
C VAL H 181 3.51 -4.73 -1.53
N TYR H 182 2.36 -4.94 -2.15
CA TYR H 182 1.70 -3.94 -2.96
C TYR H 182 1.43 -2.64 -2.18
N GLU H 183 0.96 -2.75 -0.93
CA GLU H 183 0.70 -1.56 -0.14
C GLU H 183 2.01 -0.87 0.07
N ASP H 184 2.92 -1.61 0.69
CA ASP H 184 4.26 -1.11 0.98
C ASP H 184 4.92 -0.43 -0.20
N LEU H 185 4.67 -0.99 -1.38
CA LEU H 185 5.24 -0.45 -2.59
C LEU H 185 4.66 0.93 -2.92
N ILE H 186 3.39 1.14 -2.55
CA ILE H 186 2.77 2.43 -2.80
C ILE H 186 3.13 3.39 -1.66
N GLN H 187 3.45 2.81 -0.51
CA GLN H 187 3.83 3.60 0.65
C GLN H 187 5.35 3.89 0.63
N GLU H 188 5.95 3.69 -0.54
CA GLU H 188 7.39 3.93 -0.77
C GLU H 188 7.48 4.82 -1.99
N LEU H 189 6.48 4.67 -2.88
CA LEU H 189 6.39 5.48 -4.09
C LEU H 189 5.70 6.77 -3.66
N ALA H 190 4.95 6.70 -2.56
CA ALA H 190 4.22 7.85 -2.01
C ALA H 190 5.26 8.92 -1.67
N LYS H 191 6.44 8.44 -1.29
CA LYS H 191 7.57 9.31 -0.94
C LYS H 191 8.44 9.66 -2.17
N GLN H 192 7.86 9.49 -3.37
CA GLN H 192 8.55 9.80 -4.64
C GLN H 192 7.91 11.05 -5.28
N LYS I 2 -46.00 15.89 75.13
CA LYS I 2 -45.00 15.23 76.02
C LYS I 2 -43.71 14.80 75.31
N THR I 3 -43.81 14.56 74.00
CA THR I 3 -42.66 14.14 73.18
C THR I 3 -42.64 14.97 71.91
N PHE I 4 -41.45 15.26 71.39
CA PHE I 4 -41.34 16.05 70.16
C PHE I 4 -40.75 15.18 69.07
N ILE I 5 -41.47 15.03 67.95
CA ILE I 5 -41.01 14.21 66.81
C ILE I 5 -40.67 15.09 65.60
N ILE I 6 -39.44 14.92 65.14
CA ILE I 6 -38.89 15.70 64.04
C ILE I 6 -38.58 14.83 62.82
N GLY I 7 -39.06 15.28 61.67
CA GLY I 7 -38.81 14.56 60.43
C GLY I 7 -37.86 15.30 59.52
N ILE I 8 -36.82 14.60 59.08
CA ILE I 8 -35.82 15.17 58.18
C ILE I 8 -35.73 14.29 56.94
N SER I 9 -36.21 14.80 55.82
CA SER I 9 -36.16 14.04 54.56
C SER I 9 -35.44 14.81 53.44
N GLY I 10 -35.34 14.20 52.28
CA GLY I 10 -34.69 14.84 51.16
C GLY I 10 -34.00 13.84 50.25
N VAL I 11 -33.65 14.26 49.04
CA VAL I 11 -32.98 13.37 48.11
C VAL I 11 -31.75 12.75 48.76
N THR I 12 -31.16 11.75 48.12
CA THR I 12 -29.98 11.11 48.67
C THR I 12 -28.82 12.10 48.72
N ASN I 13 -27.95 11.93 49.71
CA ASN I 13 -26.78 12.78 49.91
C ASN I 13 -27.09 14.26 50.04
N SER I 14 -28.25 14.59 50.57
CA SER I 14 -28.60 15.99 50.72
C SER I 14 -28.07 16.50 52.07
N GLY I 15 -27.58 15.58 52.89
CA GLY I 15 -27.05 15.94 54.20
C GLY I 15 -27.95 15.61 55.39
N LYS I 16 -28.91 14.69 55.21
CA LYS I 16 -29.83 14.30 56.29
C LYS I 16 -29.14 13.62 57.47
N THR I 17 -28.28 12.64 57.21
CA THR I 17 -27.58 11.96 58.28
C THR I 17 -26.73 12.93 59.09
N THR I 18 -26.05 13.83 58.39
CA THR I 18 -25.19 14.83 59.01
C THR I 18 -25.95 15.84 59.86
N LEU I 19 -27.13 16.26 59.41
CA LEU I 19 -27.92 17.23 60.16
C LEU I 19 -28.51 16.59 61.39
N ALA I 20 -28.93 15.33 61.25
CA ALA I 20 -29.50 14.59 62.36
C ALA I 20 -28.45 14.35 63.46
N LYS I 21 -27.21 14.07 63.07
CA LYS I 21 -26.16 13.82 64.03
C LYS I 21 -25.78 15.06 64.78
N ASN I 22 -25.75 16.20 64.09
CA ASN I 22 -25.39 17.46 64.71
C ASN I 22 -26.40 17.82 65.76
N LEU I 23 -27.67 17.84 65.37
CA LEU I 23 -28.76 18.17 66.28
C LEU I 23 -28.70 17.27 67.50
N GLN I 24 -28.57 15.98 67.23
CA GLN I 24 -28.46 14.96 68.26
C GLN I 24 -27.40 15.26 69.31
N LYS I 25 -26.24 15.76 68.89
CA LYS I 25 -25.18 16.08 69.83
C LYS I 25 -25.54 17.22 70.72
N HIS I 26 -26.23 18.22 70.18
CA HIS I 26 -26.58 19.38 70.98
C HIS I 26 -28.02 19.43 71.47
N LEU I 27 -28.76 18.35 71.26
CA LEU I 27 -30.13 18.31 71.75
C LEU I 27 -30.22 17.36 72.93
N PRO I 28 -30.81 17.84 74.03
CA PRO I 28 -30.98 17.07 75.26
C PRO I 28 -32.13 16.07 75.20
N ASN I 29 -31.85 14.84 75.58
CA ASN I 29 -32.89 13.81 75.58
C ASN I 29 -33.36 13.64 74.13
N CYS I 30 -32.39 13.45 73.24
CA CYS I 30 -32.67 13.35 71.83
C CYS I 30 -32.21 12.02 71.21
N SER I 31 -33.11 11.35 70.49
CA SER I 31 -32.82 10.07 69.81
C SER I 31 -32.91 10.16 68.28
N VAL I 32 -32.37 9.16 67.61
CA VAL I 32 -32.39 9.15 66.14
C VAL I 32 -32.75 7.79 65.53
N ILE I 33 -33.61 7.80 64.52
CA ILE I 33 -33.96 6.57 63.82
C ILE I 33 -33.68 6.85 62.36
N SER I 34 -32.90 5.98 61.72
CA SER I 34 -32.56 6.13 60.30
C SER I 34 -33.40 5.19 59.47
N GLN I 35 -34.08 5.73 58.48
CA GLN I 35 -34.93 4.93 57.60
C GLN I 35 -34.20 3.82 56.84
N ASP I 36 -32.88 3.97 56.72
CA ASP I 36 -32.03 3.01 55.99
C ASP I 36 -31.69 1.74 56.76
N ASP I 37 -31.99 1.73 58.05
CA ASP I 37 -31.75 0.53 58.87
C ASP I 37 -32.92 -0.40 58.63
N PHE I 38 -33.86 0.05 57.82
CA PHE I 38 -35.05 -0.72 57.55
C PHE I 38 -35.21 -1.21 56.13
N PHE I 39 -34.11 -1.30 55.38
CA PHE I 39 -34.17 -1.78 54.00
C PHE I 39 -34.35 -3.26 53.98
N LYS I 40 -35.26 -3.75 53.16
CA LYS I 40 -35.46 -5.18 53.05
C LYS I 40 -34.16 -5.78 52.55
N PRO I 41 -33.91 -7.07 52.86
CA PRO I 41 -32.67 -7.69 52.39
C PRO I 41 -32.59 -7.74 50.87
N GLU I 42 -31.37 -7.74 50.38
CA GLU I 42 -31.14 -7.77 48.95
C GLU I 42 -32.02 -8.80 48.22
N SER I 43 -32.20 -9.96 48.85
CA SER I 43 -32.99 -11.05 48.28
C SER I 43 -34.46 -10.74 48.15
N GLU I 44 -34.90 -9.67 48.79
CA GLU I 44 -36.31 -9.28 48.73
C GLU I 44 -36.53 -8.11 47.80
N ILE I 45 -35.45 -7.53 47.27
CA ILE I 45 -35.59 -6.39 46.39
C ILE I 45 -35.88 -6.86 44.97
N GLU I 46 -36.53 -6.01 44.19
CA GLU I 46 -36.87 -6.38 42.82
C GLU I 46 -36.13 -5.51 41.82
N THR I 47 -36.02 -6.00 40.59
CA THR I 47 -35.37 -5.29 39.49
C THR I 47 -36.42 -5.06 38.38
N ASP I 48 -36.57 -3.83 37.93
CA ASP I 48 -37.55 -3.56 36.88
C ASP I 48 -37.12 -4.16 35.53
N LYS I 49 -37.99 -3.98 34.54
CA LYS I 49 -37.79 -4.46 33.18
C LYS I 49 -36.37 -4.21 32.65
N ASN I 50 -35.82 -3.05 32.99
CA ASN I 50 -34.48 -2.64 32.55
C ASN I 50 -33.38 -2.98 33.54
N GLY I 51 -33.66 -3.98 34.37
CA GLY I 51 -32.69 -4.47 35.34
C GLY I 51 -32.17 -3.44 36.33
N PHE I 52 -33.08 -2.73 36.97
CA PHE I 52 -32.70 -1.72 37.96
C PHE I 52 -33.27 -2.17 39.28
N LEU I 53 -32.43 -2.32 40.29
CA LEU I 53 -32.97 -2.73 41.57
C LEU I 53 -33.91 -1.63 42.07
N GLN I 54 -35.08 -1.99 42.58
CA GLN I 54 -36.04 -1.01 43.08
C GLN I 54 -35.79 -0.66 44.54
N TYR I 55 -34.79 0.17 44.80
CA TYR I 55 -34.48 0.57 46.18
C TYR I 55 -35.08 1.89 46.63
N ASP I 56 -35.32 2.79 45.68
CA ASP I 56 -35.86 4.09 46.00
C ASP I 56 -37.39 4.16 46.00
N VAL I 57 -38.02 3.11 46.51
CA VAL I 57 -39.46 3.03 46.58
C VAL I 57 -39.84 2.48 47.97
N LEU I 58 -40.99 2.87 48.50
CA LEU I 58 -41.39 2.41 49.83
C LEU I 58 -41.42 0.89 49.98
N GLU I 59 -41.60 0.18 48.87
CA GLU I 59 -41.67 -1.28 48.88
C GLU I 59 -40.33 -1.97 49.14
N ALA I 60 -39.26 -1.19 49.18
CA ALA I 60 -37.96 -1.78 49.45
C ALA I 60 -37.58 -1.64 50.93
N LEU I 61 -38.54 -1.21 51.75
CA LEU I 61 -38.32 -0.98 53.18
C LEU I 61 -39.41 -1.53 54.08
N ASN I 62 -39.00 -2.11 55.20
CA ASN I 62 -39.89 -2.69 56.21
C ASN I 62 -40.40 -1.54 57.06
N GLU I 64 -43.36 -1.22 58.40
CA GLU I 64 -44.18 -1.58 59.53
C GLU I 64 -43.22 -1.87 60.69
N LYS I 65 -41.98 -2.25 60.35
CA LYS I 65 -40.92 -2.55 61.31
C LYS I 65 -40.45 -1.23 61.94
N SER I 68 -43.01 0.31 64.18
CA SER I 68 -42.96 -0.42 65.44
C SER I 68 -41.83 0.10 66.32
N ALA I 69 -40.70 0.43 65.70
CA ALA I 69 -39.58 0.96 66.45
C ALA I 69 -39.97 2.33 66.97
N ILE I 70 -40.75 3.07 66.20
CA ILE I 70 -41.21 4.40 66.61
C ILE I 70 -42.21 4.33 67.77
N SER I 71 -43.14 3.37 67.72
CA SER I 71 -44.12 3.20 68.80
C SER I 71 -43.43 2.80 70.09
N CYS I 72 -42.38 1.98 70.01
CA CYS I 72 -41.67 1.55 71.20
C CYS I 72 -40.96 2.76 71.83
N TRP I 73 -40.42 3.61 70.98
CA TRP I 73 -39.73 4.78 71.50
C TRP I 73 -40.78 5.64 72.19
N GLU I 75 -43.83 5.09 73.40
CA GLU I 75 -44.46 4.66 74.63
C GLU I 75 -43.48 4.53 75.80
N SER I 76 -42.23 4.19 75.51
CA SER I 76 -41.23 4.05 76.55
C SER I 76 -40.77 5.43 76.95
N ALA I 77 -41.05 6.41 76.09
CA ALA I 77 -40.70 7.82 76.35
C ALA I 77 -41.54 8.42 77.49
N ARG I 78 -42.85 8.12 77.49
CA ARG I 78 -43.74 8.63 78.53
C ARG I 78 -43.26 8.16 79.92
N HIS I 79 -42.00 7.74 80.02
CA HIS I 79 -41.43 7.30 81.30
C HIS I 79 -39.94 7.68 81.36
N ILE I 92 -37.94 16.85 78.08
CA ILE I 92 -38.88 16.39 77.05
C ILE I 92 -38.19 15.59 75.97
N PRO I 93 -38.58 14.30 75.80
CA PRO I 93 -37.98 13.41 74.81
C PRO I 93 -38.09 13.90 73.35
N ILE I 94 -36.99 13.78 72.62
CA ILE I 94 -36.95 14.19 71.21
C ILE I 94 -36.53 13.03 70.29
N LEU I 95 -37.31 12.81 69.24
CA LEU I 95 -37.01 11.78 68.28
C LEU I 95 -36.85 12.34 66.88
N ILE I 96 -35.66 12.20 66.33
CA ILE I 96 -35.38 12.66 64.99
C ILE I 96 -35.50 11.47 64.07
N ILE I 97 -36.36 11.57 63.08
CA ILE I 97 -36.52 10.49 62.11
C ILE I 97 -35.96 11.02 60.79
N GLU I 98 -34.81 10.51 60.39
CA GLU I 98 -34.18 10.95 59.14
C GLU I 98 -34.33 9.87 58.07
N GLY I 99 -34.64 10.26 56.83
CA GLY I 99 -34.80 9.27 55.78
C GLY I 99 -35.20 9.86 54.44
N PHE I 100 -34.73 9.24 53.38
CA PHE I 100 -34.98 9.74 52.02
C PHE I 100 -36.42 9.65 51.50
N LEU I 101 -37.27 8.91 52.19
CA LEU I 101 -38.64 8.70 51.75
C LEU I 101 -39.57 8.66 52.97
N LEU I 102 -39.94 9.82 53.50
CA LEU I 102 -40.77 9.92 54.69
C LEU I 102 -42.11 10.64 54.61
N PHE I 103 -42.16 11.73 53.88
CA PHE I 103 -43.39 12.52 53.79
C PHE I 103 -44.39 12.01 52.76
N ASN I 104 -44.19 10.78 52.30
CA ASN I 104 -45.08 10.19 51.34
C ASN I 104 -45.58 8.88 51.92
N TYR I 105 -45.25 8.65 53.19
CA TYR I 105 -45.69 7.47 53.92
C TYR I 105 -46.74 7.99 54.90
N LYS I 106 -48.02 7.82 54.52
CA LYS I 106 -49.19 8.27 55.29
C LYS I 106 -49.24 8.08 56.81
N PRO I 107 -48.89 6.89 57.31
CA PRO I 107 -48.92 6.70 58.77
C PRO I 107 -48.12 7.73 59.58
N LEU I 108 -47.15 8.39 58.96
CA LEU I 108 -46.34 9.35 59.70
C LEU I 108 -46.87 10.76 59.71
N ASP I 109 -47.70 11.09 58.73
CA ASP I 109 -48.26 12.43 58.63
C ASP I 109 -48.80 12.99 59.94
N THR I 110 -49.54 12.15 60.67
CA THR I 110 -50.13 12.56 61.94
C THR I 110 -49.24 12.32 63.15
N ILE I 111 -47.93 12.35 62.93
CA ILE I 111 -46.95 12.13 63.98
C ILE I 111 -45.89 13.20 64.05
N TRP I 112 -45.63 13.84 62.93
CA TRP I 112 -44.63 14.87 62.86
C TRP I 112 -44.97 16.04 63.77
N ASN I 113 -43.93 16.66 64.34
CA ASN I 113 -44.10 17.84 65.16
C ASN I 113 -43.48 18.96 64.37
N ARG I 114 -42.46 18.59 63.62
CA ARG I 114 -41.73 19.50 62.76
C ARG I 114 -41.22 18.66 61.57
N SER I 115 -41.26 19.21 60.38
CA SER I 115 -40.78 18.51 59.21
C SER I 115 -39.79 19.37 58.41
N TYR I 116 -38.63 18.81 58.09
CA TYR I 116 -37.63 19.55 57.31
C TYR I 116 -37.32 18.78 56.02
N PHE I 117 -37.09 19.49 54.94
CA PHE I 117 -36.80 18.85 53.66
C PHE I 117 -35.58 19.47 53.03
N LEU I 118 -34.52 18.68 52.86
CA LEU I 118 -33.28 19.17 52.28
C LEU I 118 -33.27 19.09 50.76
N THR I 119 -32.84 20.18 50.13
CA THR I 119 -32.79 20.23 48.67
C THR I 119 -31.39 20.49 48.15
N ILE I 120 -30.96 19.62 47.27
CA ILE I 120 -29.66 19.70 46.64
C ILE I 120 -29.90 19.58 45.10
N PRO I 121 -29.12 20.33 44.29
CA PRO I 121 -29.25 20.30 42.83
C PRO I 121 -28.94 18.94 42.20
N TYR I 122 -29.38 18.74 40.96
CA TYR I 122 -29.15 17.49 40.26
C TYR I 122 -27.69 17.14 40.07
N GLU I 123 -26.86 18.13 39.79
CA GLU I 123 -25.44 17.89 39.56
C GLU I 123 -24.67 17.58 40.82
N GLU I 124 -25.04 18.25 41.92
CA GLU I 124 -24.37 18.08 43.21
C GLU I 124 -24.72 16.75 43.87
N CYS I 125 -25.96 16.34 43.66
CA CYS I 125 -26.51 15.11 44.20
C CYS I 125 -25.85 13.90 43.51
N LYS I 126 -25.74 14.01 42.20
CA LYS I 126 -25.14 12.99 41.37
C LYS I 126 -23.69 12.80 41.74
N ARG I 127 -23.00 13.92 41.94
CA ARG I 127 -21.59 13.96 42.28
C ARG I 127 -21.31 13.37 43.67
N ARG I 128 -22.05 13.81 44.66
CA ARG I 128 -21.87 13.30 46.00
C ARG I 128 -22.12 11.79 45.97
N ARG I 129 -23.17 11.38 45.25
CA ARG I 129 -23.54 9.98 45.15
C ARG I 129 -22.47 9.05 44.57
N SER I 130 -21.60 9.62 43.75
CA SER I 130 -20.55 8.81 43.15
C SER I 130 -19.29 8.69 44.03
N THR I 131 -19.33 9.30 45.21
CA THR I 131 -18.21 9.26 46.15
C THR I 131 -18.48 8.16 47.20
N ARG I 132 -19.64 7.54 47.07
CA ARG I 132 -20.05 6.50 47.97
C ARG I 132 -20.29 5.19 47.22
N VAL I 133 -19.71 4.12 47.75
CA VAL I 133 -19.85 2.79 47.20
C VAL I 133 -20.95 2.15 48.06
N TYR I 134 -22.11 1.87 47.46
CA TYR I 134 -23.24 1.26 48.17
C TYR I 134 -23.17 -0.27 48.13
N GLN I 135 -24.02 -1.00 48.88
CA GLN I 135 -23.95 -2.47 48.73
C GLN I 135 -24.65 -2.70 47.44
N PRO I 136 -25.19 -3.88 47.08
CA PRO I 136 -25.48 -3.53 45.66
C PRO I 136 -25.03 -2.18 45.08
N PRO I 137 -23.83 -2.16 44.49
CA PRO I 137 -23.22 -0.98 43.89
C PRO I 137 -24.09 -0.42 42.79
N ASP I 138 -24.04 0.90 42.63
CA ASP I 138 -24.82 1.54 41.60
C ASP I 138 -24.47 0.94 40.23
N SER I 139 -25.48 0.44 39.52
CA SER I 139 -25.23 -0.12 38.21
C SER I 139 -24.95 1.06 37.27
N PRO I 140 -24.54 0.78 36.01
CA PRO I 140 -24.26 1.90 35.09
C PRO I 140 -25.54 2.66 34.78
N GLY I 141 -25.54 3.95 35.07
CA GLY I 141 -26.70 4.79 34.82
C GLY I 141 -27.86 4.56 35.77
N TYR I 142 -27.55 4.07 36.97
CA TYR I 142 -28.56 3.77 37.98
C TYR I 142 -29.15 5.04 38.51
N PHE I 143 -28.30 6.04 38.68
CA PHE I 143 -28.70 7.35 39.18
C PHE I 143 -29.77 7.99 38.29
N ASP I 144 -29.48 8.05 37.00
CA ASP I 144 -30.41 8.63 36.04
C ASP I 144 -31.59 7.74 35.78
N GLY I 145 -31.38 6.43 35.80
CA GLY I 145 -32.46 5.52 35.52
C GLY I 145 -33.39 5.17 36.66
N HIS I 146 -32.94 5.38 37.89
CA HIS I 146 -33.78 5.03 39.03
C HIS I 146 -33.73 6.00 40.20
N VAL I 147 -32.52 6.40 40.58
CA VAL I 147 -32.39 7.29 41.72
C VAL I 147 -33.04 8.64 41.49
N TRP I 148 -32.69 9.33 40.41
CA TRP I 148 -33.29 10.63 40.18
C TRP I 148 -34.78 10.54 39.85
N PRO I 149 -35.16 9.63 38.96
CA PRO I 149 -36.57 9.47 38.60
C PRO I 149 -37.48 9.26 39.81
N TYR I 151 -36.84 10.09 42.89
CA TYR I 151 -36.84 11.25 43.79
C TYR I 151 -37.91 12.22 43.33
N LEU I 152 -37.93 12.48 42.02
CA LEU I 152 -38.88 13.40 41.42
C LEU I 152 -40.32 12.89 41.60
N LYS I 153 -40.48 11.57 41.56
CA LYS I 153 -41.78 10.94 41.76
C LYS I 153 -42.21 11.14 43.24
N TYR I 154 -41.22 11.19 44.14
CA TYR I 154 -41.47 11.40 45.55
C TYR I 154 -41.82 12.88 45.79
N ARG I 155 -41.16 13.78 45.06
CA ARG I 155 -41.44 15.23 45.16
C ARG I 155 -42.88 15.45 44.75
N GLN I 156 -43.30 14.70 43.76
CA GLN I 156 -44.64 14.84 43.25
C GLN I 156 -45.67 14.39 44.25
N GLU I 157 -45.43 13.23 44.86
CA GLU I 157 -46.33 12.66 45.86
C GLU I 157 -46.38 13.51 47.13
N GLN I 159 -46.81 17.00 46.70
CA GLN I 159 -47.62 18.16 46.29
C GLN I 159 -48.97 18.15 47.02
N ASP I 160 -49.27 17.03 47.67
CA ASP I 160 -50.53 16.86 48.39
C ASP I 160 -50.43 17.26 49.87
N ILE I 161 -49.23 17.15 50.43
CA ILE I 161 -48.99 17.48 51.82
C ILE I 161 -49.88 18.65 52.30
N THR I 162 -50.57 18.44 53.42
CA THR I 162 -51.43 19.47 53.97
C THR I 162 -50.71 20.23 55.10
N TRP I 163 -49.70 19.62 55.71
CA TRP I 163 -48.96 20.29 56.78
C TRP I 163 -47.73 21.08 56.34
N GLU I 164 -47.06 21.70 57.30
CA GLU I 164 -45.91 22.53 56.98
C GLU I 164 -44.53 21.89 57.06
N VAL I 165 -43.88 21.84 55.89
CA VAL I 165 -42.55 21.29 55.75
C VAL I 165 -41.67 22.50 55.52
N VAL I 166 -40.61 22.60 56.31
CA VAL I 166 -39.62 23.68 56.22
C VAL I 166 -38.52 23.21 55.26
N TYR I 167 -38.40 23.86 54.11
CA TYR I 167 -37.39 23.49 53.14
C TYR I 167 -36.07 24.13 53.47
N LEU I 168 -35.02 23.32 53.35
CA LEU I 168 -33.66 23.76 53.62
C LEU I 168 -32.82 23.65 52.37
N ASP I 169 -31.77 24.47 52.30
CA ASP I 169 -30.86 24.47 51.18
C ASP I 169 -29.66 23.59 51.56
N GLY I 170 -29.55 22.41 50.96
CA GLY I 170 -28.47 21.52 51.30
C GLY I 170 -27.10 21.89 50.77
N THR I 171 -27.03 22.97 49.98
CA THR I 171 -25.77 23.45 49.42
C THR I 171 -25.13 24.40 50.45
N LYS I 172 -25.98 24.91 51.35
CA LYS I 172 -25.54 25.79 52.40
C LYS I 172 -24.49 25.09 53.25
N SER I 173 -23.98 25.84 54.21
CA SER I 173 -22.99 25.33 55.13
C SER I 173 -23.65 24.26 55.97
N GLU I 174 -22.81 23.38 56.50
CA GLU I 174 -23.28 22.27 57.32
C GLU I 174 -23.68 22.83 58.68
N GLU I 175 -22.95 23.83 59.14
CA GLU I 175 -23.24 24.44 60.43
C GLU I 175 -24.37 25.43 60.29
N ASP I 176 -24.48 26.03 59.11
CA ASP I 176 -25.56 26.98 58.83
C ASP I 176 -26.93 26.27 58.83
N LEU I 177 -26.98 25.08 58.24
CA LEU I 177 -28.22 24.31 58.23
C LEU I 177 -28.54 23.88 59.66
N PHE I 178 -27.52 23.38 60.37
CA PHE I 178 -27.69 22.96 61.74
C PHE I 178 -28.28 24.07 62.59
N LEU I 179 -27.69 25.27 62.47
CA LEU I 179 -28.15 26.41 63.23
C LEU I 179 -29.53 26.85 62.83
N GLN I 180 -29.83 26.83 61.54
CA GLN I 180 -31.14 27.25 61.10
C GLN I 180 -32.21 26.39 61.76
N VAL I 181 -31.95 25.09 61.81
CA VAL I 181 -32.88 24.14 62.39
C VAL I 181 -32.86 24.25 63.91
N TYR I 182 -31.67 24.39 64.48
CA TYR I 182 -31.49 24.51 65.93
C TYR I 182 -32.32 25.68 66.51
N GLU I 183 -32.21 26.87 65.92
CA GLU I 183 -32.97 28.05 66.38
C GLU I 183 -34.44 27.69 66.41
N ASP I 184 -34.97 27.45 65.22
CA ASP I 184 -36.37 27.07 65.05
C ASP I 184 -36.88 26.05 66.05
N LEU I 185 -36.07 25.03 66.31
CA LEU I 185 -36.41 23.96 67.24
C LEU I 185 -36.58 24.45 68.66
N ILE I 186 -35.93 25.55 69.01
CA ILE I 186 -36.07 26.07 70.36
C ILE I 186 -37.19 27.09 70.29
N GLN I 187 -37.36 27.74 69.14
CA GLN I 187 -38.43 28.72 68.95
C GLN I 187 -39.73 27.96 68.72
N GLU I 188 -39.68 26.65 68.97
CA GLU I 188 -40.85 25.77 68.84
C GLU I 188 -41.03 25.11 70.20
N LEU I 189 -39.91 24.84 70.87
CA LEU I 189 -39.93 24.28 72.21
C LEU I 189 -40.18 25.42 73.17
N ALA I 190 -40.01 26.64 72.66
CA ALA I 190 -40.24 27.86 73.44
C ALA I 190 -41.73 27.82 73.76
N LYS I 191 -42.52 27.49 72.73
CA LYS I 191 -43.97 27.38 72.82
C LYS I 191 -44.43 26.04 73.43
N GLN I 192 -43.57 25.47 74.30
CA GLN I 192 -43.86 24.22 75.01
C GLN I 192 -43.88 24.52 76.51
N LYS J 2 -64.45 20.39 61.45
CA LYS J 2 -65.35 20.19 60.27
C LYS J 2 -65.73 18.73 60.07
N THR J 3 -64.96 17.81 60.67
CA THR J 3 -65.23 16.39 60.53
C THR J 3 -65.17 15.70 61.89
N PHE J 4 -66.08 14.75 62.13
CA PHE J 4 -66.09 14.04 63.41
C PHE J 4 -65.58 12.59 63.22
N ILE J 5 -64.44 12.28 63.85
CA ILE J 5 -63.84 10.95 63.76
C ILE J 5 -64.09 10.16 65.04
N ILE J 6 -64.69 8.99 64.87
CA ILE J 6 -65.03 8.12 65.97
C ILE J 6 -64.31 6.79 65.86
N GLY J 7 -63.71 6.38 66.99
CA GLY J 7 -62.99 5.12 67.07
C GLY J 7 -63.74 4.11 67.93
N ILE J 8 -63.82 2.88 67.44
CA ILE J 8 -64.49 1.80 68.15
C ILE J 8 -63.64 0.54 68.15
N SER J 9 -62.96 0.30 69.26
CA SER J 9 -62.13 -0.89 69.37
C SER J 9 -62.65 -1.86 70.43
N GLY J 10 -61.92 -2.95 70.66
CA GLY J 10 -62.33 -3.96 71.61
C GLY J 10 -61.97 -5.33 71.11
N VAL J 11 -61.96 -6.30 72.01
CA VAL J 11 -61.60 -7.67 71.65
C VAL J 11 -62.49 -8.23 70.54
N THR J 12 -62.00 -9.25 69.84
CA THR J 12 -62.76 -9.87 68.75
C THR J 12 -64.14 -10.27 69.25
N ASN J 13 -65.15 -10.10 68.41
CA ASN J 13 -66.51 -10.46 68.76
C ASN J 13 -67.07 -9.74 69.98
N SER J 14 -66.60 -8.52 70.24
CA SER J 14 -67.09 -7.76 71.39
C SER J 14 -68.33 -7.00 70.93
N GLY J 15 -68.53 -6.95 69.62
CA GLY J 15 -69.69 -6.29 69.04
C GLY J 15 -69.40 -5.03 68.23
N LYS J 16 -68.14 -4.81 67.87
CA LYS J 16 -67.73 -3.63 67.13
C LYS J 16 -68.41 -3.37 65.78
N THR J 17 -68.49 -4.40 64.94
CA THR J 17 -69.11 -4.27 63.63
C THR J 17 -70.57 -3.88 63.82
N THR J 18 -71.23 -4.58 64.73
CA THR J 18 -72.63 -4.33 64.99
C THR J 18 -72.90 -2.90 65.45
N LEU J 19 -72.12 -2.38 66.40
CA LEU J 19 -72.34 -1.02 66.90
C LEU J 19 -72.06 -0.01 65.80
N ALA J 20 -71.07 -0.30 64.98
CA ALA J 20 -70.72 0.60 63.87
C ALA J 20 -71.88 0.72 62.89
N LYS J 21 -72.47 -0.43 62.51
CA LYS J 21 -73.59 -0.44 61.56
C LYS J 21 -74.79 0.31 62.10
N ASN J 22 -75.17 0.05 63.35
CA ASN J 22 -76.31 0.71 63.98
C ASN J 22 -76.15 2.21 63.94
N LEU J 23 -75.01 2.68 64.44
CA LEU J 23 -74.71 4.12 64.45
C LEU J 23 -74.81 4.71 63.05
N GLN J 24 -74.18 4.03 62.11
CA GLN J 24 -74.19 4.44 60.71
C GLN J 24 -75.63 4.66 60.22
N LYS J 25 -76.51 3.69 60.44
CA LYS J 25 -77.90 3.80 59.98
C LYS J 25 -78.58 5.07 60.48
N HIS J 26 -78.40 5.39 61.76
CA HIS J 26 -79.06 6.57 62.30
C HIS J 26 -78.22 7.83 62.39
N LEU J 27 -77.01 7.78 61.83
CA LEU J 27 -76.17 8.96 61.83
C LEU J 27 -76.16 9.56 60.42
N PRO J 28 -76.36 10.88 60.33
CA PRO J 28 -76.37 11.57 59.04
C PRO J 28 -74.96 11.95 58.56
N ASN J 29 -74.70 11.63 57.28
CA ASN J 29 -73.42 11.94 56.66
C ASN J 29 -72.37 11.14 57.42
N CYS J 30 -72.64 9.83 57.54
CA CYS J 30 -71.79 8.92 58.29
C CYS J 30 -71.19 7.79 57.45
N SER J 31 -69.88 7.60 57.62
CA SER J 31 -69.12 6.58 56.91
C SER J 31 -68.48 5.57 57.85
N VAL J 32 -68.03 4.46 57.28
CA VAL J 32 -67.41 3.41 58.07
C VAL J 32 -66.22 2.74 57.40
N ILE J 33 -65.18 2.54 58.21
CA ILE J 33 -63.97 1.89 57.77
C ILE J 33 -63.76 0.78 58.77
N SER J 34 -63.56 -0.43 58.28
CA SER J 34 -63.30 -1.58 59.12
C SER J 34 -61.84 -1.91 58.98
N GLN J 35 -61.21 -2.14 60.10
CA GLN J 35 -59.80 -2.45 60.09
C GLN J 35 -59.51 -3.80 59.43
N ASP J 36 -60.53 -4.66 59.40
CA ASP J 36 -60.39 -6.01 58.84
C ASP J 36 -60.37 -6.06 57.34
N ASP J 37 -60.63 -4.94 56.70
CA ASP J 37 -60.56 -4.89 55.26
C ASP J 37 -59.10 -4.68 54.88
N PHE J 38 -58.24 -4.52 55.88
CA PHE J 38 -56.84 -4.26 55.65
C PHE J 38 -55.83 -5.35 56.05
N PHE J 39 -56.31 -6.56 56.19
CA PHE J 39 -55.43 -7.66 56.56
C PHE J 39 -54.51 -8.05 55.40
N LYS J 40 -53.23 -8.24 55.68
CA LYS J 40 -52.30 -8.64 54.64
C LYS J 40 -52.73 -9.99 54.15
N PRO J 41 -52.40 -10.35 52.89
CA PRO J 41 -52.79 -11.66 52.37
C PRO J 41 -52.24 -12.79 53.21
N GLU J 42 -52.80 -13.97 53.02
CA GLU J 42 -52.40 -15.13 53.79
C GLU J 42 -50.95 -15.51 53.66
N SER J 43 -50.40 -15.30 52.47
CA SER J 43 -48.99 -15.61 52.17
C SER J 43 -48.03 -14.60 52.82
N GLU J 44 -48.59 -13.52 53.37
CA GLU J 44 -47.80 -12.49 54.04
C GLU J 44 -47.80 -12.64 55.56
N ILE J 45 -48.68 -13.49 56.08
CA ILE J 45 -48.76 -13.70 57.52
C ILE J 45 -47.68 -14.68 58.00
N GLU J 46 -47.25 -14.50 59.25
CA GLU J 46 -46.23 -15.36 59.83
C GLU J 46 -46.69 -16.24 60.98
N THR J 47 -46.06 -17.40 61.11
CA THR J 47 -46.40 -18.34 62.16
C THR J 47 -45.23 -18.37 63.15
N ASP J 48 -45.55 -18.25 64.43
CA ASP J 48 -44.52 -18.27 65.47
C ASP J 48 -44.02 -19.71 65.67
N LYS J 49 -43.03 -19.82 66.54
CA LYS J 49 -42.39 -21.10 66.89
C LYS J 49 -43.39 -22.25 67.06
N ASN J 50 -44.54 -21.95 67.69
CA ASN J 50 -45.55 -22.95 67.98
C ASN J 50 -46.59 -23.18 66.90
N GLY J 51 -46.29 -22.64 65.72
CA GLY J 51 -47.14 -22.77 64.54
C GLY J 51 -48.44 -22.02 64.64
N PHE J 52 -48.37 -20.77 65.10
CA PHE J 52 -49.54 -19.92 65.26
C PHE J 52 -49.46 -18.77 64.30
N LEU J 53 -50.44 -18.67 63.41
CA LEU J 53 -50.45 -17.59 62.46
C LEU J 53 -50.61 -16.30 63.23
N GLN J 54 -49.69 -15.37 62.99
CA GLN J 54 -49.67 -14.05 63.63
C GLN J 54 -50.69 -13.07 63.03
N TYR J 55 -51.96 -13.20 63.39
CA TYR J 55 -53.02 -12.32 62.88
C TYR J 55 -53.45 -11.24 63.86
N ASP J 56 -53.25 -11.47 65.14
CA ASP J 56 -53.66 -10.50 66.13
C ASP J 56 -52.56 -9.54 66.54
N VAL J 57 -51.84 -9.03 65.54
CA VAL J 57 -50.75 -8.08 65.75
C VAL J 57 -50.84 -7.03 64.65
N LEU J 58 -50.40 -5.81 64.93
CA LEU J 58 -50.44 -4.75 63.91
C LEU J 58 -49.76 -5.18 62.62
N GLU J 59 -48.70 -5.99 62.75
CA GLU J 59 -47.94 -6.50 61.63
C GLU J 59 -48.71 -7.39 60.66
N ALA J 60 -49.98 -7.67 60.93
CA ALA J 60 -50.75 -8.51 60.03
C ALA J 60 -51.73 -7.69 59.21
N LEU J 61 -51.56 -6.38 59.27
CA LEU J 61 -52.44 -5.49 58.54
C LEU J 61 -51.65 -4.44 57.77
N ASN J 62 -52.25 -3.97 56.68
CA ASN J 62 -51.69 -2.92 55.85
C ASN J 62 -52.24 -1.63 56.45
N GLU J 64 -50.76 1.28 56.44
CA GLU J 64 -50.47 2.45 55.65
C GLU J 64 -51.51 2.55 54.56
N LYS J 65 -52.08 1.40 54.24
CA LYS J 65 -53.17 1.31 53.27
C LYS J 65 -54.43 1.92 53.91
N SER J 68 -54.06 5.78 54.53
CA SER J 68 -54.29 6.45 53.27
C SER J 68 -55.78 6.57 52.97
N ALA J 69 -56.52 5.50 53.20
CA ALA J 69 -57.95 5.49 52.97
C ALA J 69 -58.66 6.51 53.86
N ILE J 70 -58.06 6.76 55.03
CA ILE J 70 -58.59 7.71 56.02
C ILE J 70 -58.27 9.15 55.58
N SER J 71 -57.15 9.33 54.86
CA SER J 71 -56.75 10.65 54.38
C SER J 71 -57.61 10.99 53.18
N CYS J 72 -57.97 9.98 52.40
CA CYS J 72 -58.83 10.24 51.25
C CYS J 72 -60.19 10.72 51.75
N TRP J 73 -60.74 10.00 52.72
CA TRP J 73 -62.02 10.37 53.29
C TRP J 73 -62.00 11.79 53.84
N GLU J 75 -59.87 14.45 53.41
CA GLU J 75 -59.70 15.55 52.49
C GLU J 75 -60.84 15.66 51.50
N SER J 76 -61.47 14.54 51.17
CA SER J 76 -62.59 14.60 50.22
C SER J 76 -63.83 15.07 50.97
N ALA J 77 -63.81 14.93 52.29
CA ALA J 77 -64.93 15.36 53.13
C ALA J 77 -65.05 16.90 53.25
N ARG J 78 -63.92 17.62 53.15
CA ARG J 78 -63.95 19.11 53.23
C ARG J 78 -64.68 19.67 52.00
N HIS J 79 -65.53 18.83 51.40
CA HIS J 79 -66.29 19.19 50.21
C HIS J 79 -67.62 18.42 50.26
N ILE J 92 -72.21 17.79 58.83
CA ILE J 92 -70.86 17.51 59.29
C ILE J 92 -70.50 16.04 59.12
N PRO J 93 -69.54 15.75 58.22
CA PRO J 93 -69.07 14.38 57.93
C PRO J 93 -68.63 13.60 59.17
N ILE J 94 -69.08 12.35 59.25
CA ILE J 94 -68.72 11.48 60.38
C ILE J 94 -68.10 10.18 59.91
N LEU J 95 -66.97 9.82 60.49
CA LEU J 95 -66.29 8.58 60.13
C LEU J 95 -66.10 7.71 61.35
N ILE J 96 -66.58 6.48 61.24
CA ILE J 96 -66.46 5.53 62.32
C ILE J 96 -65.37 4.55 61.92
N ILE J 97 -64.35 4.45 62.74
CA ILE J 97 -63.26 3.54 62.46
C ILE J 97 -63.36 2.39 63.46
N GLU J 98 -63.85 1.24 63.00
CA GLU J 98 -63.97 0.09 63.89
C GLU J 98 -62.81 -0.88 63.65
N GLY J 99 -62.21 -1.34 64.73
CA GLY J 99 -61.10 -2.26 64.59
C GLY J 99 -60.69 -2.88 65.91
N PHE J 100 -60.17 -4.10 65.85
CA PHE J 100 -59.77 -4.79 67.06
C PHE J 100 -58.41 -4.34 67.61
N LEU J 101 -57.70 -3.50 66.86
CA LEU J 101 -56.37 -3.05 67.23
C LEU J 101 -56.19 -1.61 66.72
N LEU J 102 -56.77 -0.65 67.42
CA LEU J 102 -56.72 0.75 67.00
C LEU J 102 -56.00 1.72 67.94
N PHE J 103 -56.28 1.64 69.23
CA PHE J 103 -55.68 2.55 70.20
C PHE J 103 -54.24 2.26 70.63
N ASN J 104 -53.52 1.47 69.83
CA ASN J 104 -52.13 1.15 70.12
C ASN J 104 -51.30 1.50 68.86
N TYR J 105 -52.00 2.03 67.85
CA TYR J 105 -51.38 2.45 66.59
C TYR J 105 -51.29 3.97 66.68
N LYS J 106 -50.10 4.44 67.03
CA LYS J 106 -49.78 5.87 67.23
C LYS J 106 -50.26 6.91 66.22
N PRO J 107 -50.25 6.59 64.92
CA PRO J 107 -50.70 7.52 63.89
C PRO J 107 -52.13 7.97 64.03
N LEU J 108 -52.91 7.24 64.82
CA LEU J 108 -54.33 7.56 65.00
C LEU J 108 -54.65 8.40 66.22
N ASP J 109 -53.76 8.39 67.20
CA ASP J 109 -53.98 9.11 68.44
C ASP J 109 -54.49 10.55 68.30
N THR J 110 -53.83 11.30 67.45
CA THR J 110 -54.19 12.71 67.24
C THR J 110 -55.30 12.93 66.21
N ILE J 111 -56.17 11.93 66.04
CA ILE J 111 -57.24 11.99 65.07
C ILE J 111 -58.59 11.69 65.68
N TRP J 112 -58.58 10.91 66.75
CA TRP J 112 -59.82 10.53 67.44
C TRP J 112 -60.55 11.74 67.97
N ASN J 113 -61.87 11.74 67.82
CA ASN J 113 -62.71 12.81 68.33
C ASN J 113 -63.43 12.20 69.51
N ARG J 114 -63.63 10.89 69.41
CA ARG J 114 -64.30 10.14 70.44
C ARG J 114 -63.85 8.72 70.26
N SER J 115 -63.42 8.10 71.36
CA SER J 115 -62.95 6.71 71.33
C SER J 115 -63.80 5.85 72.26
N TYR J 116 -64.21 4.69 71.76
CA TYR J 116 -65.01 3.77 72.54
C TYR J 116 -64.34 2.40 72.55
N PHE J 117 -64.42 1.70 73.69
CA PHE J 117 -63.81 0.38 73.83
C PHE J 117 -64.74 -0.67 74.43
N LEU J 118 -65.17 -1.63 73.61
CA LEU J 118 -66.08 -2.70 74.02
C LEU J 118 -65.43 -3.82 74.79
N THR J 119 -65.92 -4.09 75.99
CA THR J 119 -65.35 -5.16 76.83
C THR J 119 -66.26 -6.38 76.97
N ILE J 120 -65.71 -7.56 76.76
CA ILE J 120 -66.50 -8.77 76.87
C ILE J 120 -65.67 -9.81 77.65
N PRO J 121 -66.30 -10.60 78.52
CA PRO J 121 -65.59 -11.62 79.31
C PRO J 121 -64.95 -12.71 78.48
N TYR J 122 -63.89 -13.29 79.03
CA TYR J 122 -63.14 -14.33 78.36
C TYR J 122 -64.00 -15.47 77.81
N GLU J 123 -64.94 -15.96 78.62
CA GLU J 123 -65.80 -17.08 78.24
C GLU J 123 -66.81 -16.77 77.14
N GLU J 124 -67.34 -15.56 77.18
CA GLU J 124 -68.30 -15.11 76.19
C GLU J 124 -67.58 -14.89 74.85
N CYS J 125 -66.43 -14.25 74.92
CA CYS J 125 -65.62 -13.97 73.73
C CYS J 125 -65.16 -15.25 73.02
N LYS J 126 -64.75 -16.24 73.80
CA LYS J 126 -64.29 -17.51 73.27
C LYS J 126 -65.47 -18.26 72.65
N ARG J 127 -66.64 -18.10 73.25
CA ARG J 127 -67.84 -18.74 72.78
C ARG J 127 -68.29 -18.11 71.47
N ARG J 128 -68.50 -16.79 71.46
CA ARG J 128 -68.92 -16.10 70.24
C ARG J 128 -67.96 -16.46 69.09
N ARG J 129 -66.66 -16.34 69.35
CA ARG J 129 -65.61 -16.66 68.38
C ARG J 129 -65.77 -18.03 67.71
N SER J 130 -66.19 -19.03 68.49
CA SER J 130 -66.32 -20.37 67.97
C SER J 130 -67.50 -20.58 67.06
N THR J 131 -68.40 -19.61 67.02
CA THR J 131 -69.56 -19.73 66.15
C THR J 131 -69.21 -19.24 64.74
N ARG J 132 -68.07 -18.58 64.65
CA ARG J 132 -67.60 -17.99 63.41
C ARG J 132 -66.46 -18.80 62.77
N VAL J 133 -66.64 -19.17 61.50
CA VAL J 133 -65.61 -19.92 60.78
C VAL J 133 -64.71 -18.90 60.09
N TYR J 134 -63.45 -18.81 60.52
CA TYR J 134 -62.56 -17.86 59.90
C TYR J 134 -61.86 -18.56 58.75
N GLN J 135 -61.02 -17.81 58.05
CA GLN J 135 -60.23 -18.34 56.93
C GLN J 135 -58.89 -17.60 56.88
N PRO J 136 -57.78 -18.29 57.22
CA PRO J 136 -57.72 -19.69 57.64
C PRO J 136 -58.41 -19.90 58.98
N PRO J 137 -59.06 -21.07 59.17
CA PRO J 137 -59.78 -21.49 60.37
C PRO J 137 -58.91 -21.54 61.65
N ASP J 138 -59.52 -21.17 62.78
CA ASP J 138 -58.82 -21.20 64.05
C ASP J 138 -58.22 -22.57 64.27
N SER J 139 -56.90 -22.64 64.45
CA SER J 139 -56.24 -23.91 64.68
C SER J 139 -56.63 -24.38 66.08
N PRO J 140 -56.33 -25.64 66.42
CA PRO J 140 -56.68 -26.13 67.76
C PRO J 140 -55.92 -25.29 68.80
N GLY J 141 -56.63 -24.73 69.77
CA GLY J 141 -55.97 -23.94 70.81
C GLY J 141 -55.43 -22.62 70.35
N TYR J 142 -55.91 -22.14 69.20
CA TYR J 142 -55.47 -20.87 68.64
C TYR J 142 -55.98 -19.70 69.49
N PHE J 143 -57.20 -19.85 70.04
CA PHE J 143 -57.78 -18.79 70.86
C PHE J 143 -56.98 -18.53 72.14
N ASP J 144 -56.61 -19.60 72.83
CA ASP J 144 -55.87 -19.48 74.08
C ASP J 144 -54.40 -19.19 73.84
N GLY J 145 -53.89 -19.66 72.70
CA GLY J 145 -52.50 -19.45 72.38
C GLY J 145 -52.15 -18.16 71.66
N HIS J 146 -53.06 -17.59 70.89
CA HIS J 146 -52.73 -16.36 70.18
C HIS J 146 -53.74 -15.25 70.38
N VAL J 147 -55.01 -15.55 70.10
CA VAL J 147 -56.05 -14.55 70.23
C VAL J 147 -56.11 -13.89 71.60
N TRP J 148 -56.35 -14.65 72.65
CA TRP J 148 -56.45 -14.01 73.97
C TRP J 148 -55.15 -13.37 74.50
N PRO J 149 -54.01 -14.05 74.36
CA PRO J 149 -52.76 -13.49 74.85
C PRO J 149 -52.50 -12.15 74.15
N TYR J 151 -54.75 -10.09 72.89
CA TYR J 151 -55.68 -9.06 73.30
C TYR J 151 -55.20 -8.45 74.59
N LEU J 152 -54.75 -9.29 75.52
CA LEU J 152 -54.25 -8.80 76.80
C LEU J 152 -53.04 -7.89 76.60
N LYS J 153 -52.20 -8.28 75.64
CA LYS J 153 -51.01 -7.52 75.32
C LYS J 153 -51.43 -6.16 74.79
N TYR J 154 -52.58 -6.12 74.13
CA TYR J 154 -53.11 -4.88 73.56
C TYR J 154 -53.68 -4.01 74.66
N ARG J 155 -54.35 -4.64 75.61
CA ARG J 155 -54.92 -3.91 76.74
C ARG J 155 -53.82 -3.18 77.49
N GLN J 156 -52.68 -3.84 77.60
CA GLN J 156 -51.53 -3.30 78.30
C GLN J 156 -50.90 -2.12 77.56
N GLU J 157 -50.71 -2.26 76.25
CA GLU J 157 -50.12 -1.19 75.46
C GLU J 157 -51.06 0.01 75.47
N GLN J 159 -52.28 1.13 78.53
CA GLN J 159 -52.16 1.71 79.86
C GLN J 159 -51.50 3.06 79.71
N ASP J 160 -50.96 3.29 78.52
CA ASP J 160 -50.26 4.52 78.20
C ASP J 160 -51.18 5.61 77.69
N ILE J 161 -52.29 5.20 77.09
CA ILE J 161 -53.23 6.17 76.53
C ILE J 161 -53.31 7.42 77.40
N THR J 162 -53.25 8.57 76.74
CA THR J 162 -53.32 9.84 77.42
C THR J 162 -54.73 10.39 77.29
N TRP J 163 -55.35 10.15 76.13
CA TRP J 163 -56.71 10.64 75.91
C TRP J 163 -57.82 9.78 76.55
N GLU J 164 -59.05 10.25 76.44
CA GLU J 164 -60.20 9.58 77.04
C GLU J 164 -60.91 8.56 76.17
N VAL J 165 -60.97 7.34 76.67
CA VAL J 165 -61.62 6.24 75.99
C VAL J 165 -62.83 5.83 76.85
N VAL J 166 -64.01 5.85 76.23
CA VAL J 166 -65.25 5.48 76.93
C VAL J 166 -65.46 3.96 76.86
N TYR J 167 -65.34 3.28 77.99
CA TYR J 167 -65.51 1.82 78.01
C TYR J 167 -66.95 1.41 78.05
N LEU J 168 -67.28 0.43 77.22
CA LEU J 168 -68.63 -0.07 77.10
C LEU J 168 -68.72 -1.56 77.44
N ASP J 169 -69.84 -1.95 78.00
CA ASP J 169 -70.09 -3.34 78.39
C ASP J 169 -70.66 -4.16 77.20
N GLY J 170 -69.81 -4.98 76.59
CA GLY J 170 -70.24 -5.77 75.45
C GLY J 170 -71.29 -6.84 75.74
N THR J 171 -71.61 -7.04 77.01
CA THR J 171 -72.60 -8.04 77.41
C THR J 171 -73.99 -7.40 77.43
N LYS J 172 -73.99 -6.08 77.47
CA LYS J 172 -75.23 -5.34 77.49
C LYS J 172 -76.00 -5.59 76.22
N SER J 173 -77.17 -5.01 76.19
CA SER J 173 -78.05 -5.13 75.06
C SER J 173 -77.36 -4.51 73.85
N GLU J 174 -77.74 -4.98 72.67
CA GLU J 174 -77.19 -4.46 71.43
C GLU J 174 -77.75 -3.05 71.20
N GLU J 175 -79.03 -2.85 71.51
CA GLU J 175 -79.65 -1.54 71.35
C GLU J 175 -79.28 -0.65 72.52
N ASP J 176 -79.00 -1.25 73.67
CA ASP J 176 -78.60 -0.45 74.82
C ASP J 176 -77.21 0.14 74.57
N LEU J 177 -76.31 -0.62 73.93
CA LEU J 177 -74.98 -0.10 73.62
C LEU J 177 -75.07 0.99 72.57
N PHE J 178 -75.96 0.79 71.61
CA PHE J 178 -76.18 1.76 70.55
C PHE J 178 -76.73 3.08 71.13
N LEU J 179 -77.64 2.99 72.07
CA LEU J 179 -78.23 4.19 72.64
C LEU J 179 -77.28 4.94 73.55
N GLN J 180 -76.45 4.20 74.25
CA GLN J 180 -75.48 4.81 75.14
C GLN J 180 -74.56 5.70 74.34
N VAL J 181 -74.09 5.17 73.21
CA VAL J 181 -73.18 5.87 72.31
C VAL J 181 -73.93 6.97 71.56
N TYR J 182 -75.09 6.63 71.03
CA TYR J 182 -75.90 7.57 70.28
C TYR J 182 -76.18 8.89 71.03
N GLU J 183 -76.49 8.79 72.32
CA GLU J 183 -76.77 9.97 73.13
C GLU J 183 -75.52 10.79 73.21
N ASP J 184 -74.47 10.12 73.69
CA ASP J 184 -73.17 10.73 73.85
C ASP J 184 -72.74 11.48 72.60
N LEU J 185 -72.93 10.85 71.44
CA LEU J 185 -72.55 11.46 70.17
C LEU J 185 -73.31 12.75 69.84
N ILE J 186 -74.49 12.94 70.41
CA ILE J 186 -75.24 14.15 70.16
C ILE J 186 -74.84 15.15 71.25
N GLN J 187 -74.53 14.62 72.43
CA GLN J 187 -74.10 15.42 73.56
C GLN J 187 -72.59 15.73 73.41
N GLU J 188 -72.11 15.62 72.19
CA GLU J 188 -70.72 15.92 71.85
C GLU J 188 -70.86 16.77 70.59
N LEU J 189 -71.88 16.49 69.78
CA LEU J 189 -72.15 17.23 68.55
C LEU J 189 -72.98 18.45 68.93
N ALA J 190 -73.50 18.41 70.17
CA ALA J 190 -74.29 19.51 70.74
C ALA J 190 -73.33 20.67 70.93
N LYS J 191 -72.11 20.34 71.36
CA LYS J 191 -71.04 21.30 71.57
C LYS J 191 -70.33 21.66 70.25
N GLN J 192 -71.01 21.45 69.12
CA GLN J 192 -70.45 21.78 67.81
C GLN J 192 -71.28 22.91 67.15
N LYS K 2 -17.81 31.15 -0.10
CA LYS K 2 -18.87 31.90 -0.86
C LYS K 2 -20.11 32.18 -0.01
N THR K 3 -20.31 31.37 1.02
CA THR K 3 -21.45 31.49 1.93
C THR K 3 -20.97 31.39 3.36
N PHE K 4 -21.56 32.18 4.25
CA PHE K 4 -21.17 32.15 5.66
C PHE K 4 -22.24 31.42 6.45
N ILE K 5 -21.84 30.35 7.15
CA ILE K 5 -22.78 29.58 7.97
C ILE K 5 -22.52 29.80 9.45
N ILE K 6 -23.54 30.30 10.14
CA ILE K 6 -23.42 30.59 11.56
C ILE K 6 -24.32 29.69 12.41
N GLY K 7 -23.74 29.15 13.47
CA GLY K 7 -24.49 28.28 14.35
C GLY K 7 -24.70 28.95 15.68
N ILE K 8 -25.91 28.84 16.20
CA ILE K 8 -26.25 29.43 17.50
C ILE K 8 -26.97 28.39 18.33
N SER K 9 -26.30 27.85 19.33
CA SER K 9 -26.93 26.86 20.21
C SER K 9 -26.93 27.37 21.66
N GLY K 10 -27.51 26.57 22.55
CA GLY K 10 -27.57 26.93 23.95
C GLY K 10 -28.78 26.28 24.55
N VAL K 11 -28.86 26.24 25.87
CA VAL K 11 -29.99 25.62 26.55
C VAL K 11 -31.29 26.32 26.17
N THR K 12 -32.42 25.66 26.41
CA THR K 12 -33.73 26.22 26.10
C THR K 12 -33.92 27.59 26.75
N ASN K 13 -34.52 28.52 26.01
CA ASN K 13 -34.77 29.84 26.53
C ASN K 13 -33.49 30.59 26.92
N SER K 14 -32.40 30.34 26.21
CA SER K 14 -31.18 31.04 26.55
C SER K 14 -31.18 32.35 25.77
N GLY K 15 -32.11 32.43 24.81
CA GLY K 15 -32.25 33.60 23.97
C GLY K 15 -31.82 33.42 22.52
N LYS K 16 -31.70 32.17 22.05
CA LYS K 16 -31.28 31.86 20.67
C LYS K 16 -32.16 32.43 19.57
N THR K 17 -33.47 32.30 19.73
CA THR K 17 -34.40 32.80 18.72
C THR K 17 -34.28 34.30 18.64
N THR K 18 -34.16 34.92 19.81
CA THR K 18 -34.05 36.37 19.84
C THR K 18 -32.79 36.90 19.20
N LEU K 19 -31.68 36.20 19.38
CA LEU K 19 -30.40 36.61 18.78
C LEU K 19 -30.39 36.37 17.27
N ALA K 20 -31.05 35.30 16.85
CA ALA K 20 -31.13 34.96 15.44
C ALA K 20 -31.91 36.03 14.65
N LYS K 21 -33.04 36.47 15.21
CA LYS K 21 -33.88 37.50 14.59
C LYS K 21 -33.20 38.86 14.55
N ASN K 22 -32.45 39.19 15.60
CA ASN K 22 -31.81 40.46 15.65
C ASN K 22 -30.77 40.57 14.56
N LEU K 23 -29.88 39.59 14.52
CA LEU K 23 -28.84 39.57 13.50
C LEU K 23 -29.49 39.53 12.13
N GLN K 24 -30.49 38.68 11.98
CA GLN K 24 -31.19 38.58 10.72
C GLN K 24 -31.65 39.95 10.18
N LYS K 25 -32.20 40.78 11.06
CA LYS K 25 -32.70 42.11 10.67
C LYS K 25 -31.63 43.06 10.18
N HIS K 26 -30.44 42.96 10.75
CA HIS K 26 -29.38 43.88 10.35
C HIS K 26 -28.30 43.23 9.54
N LEU K 27 -28.54 42.00 9.09
CA LEU K 27 -27.56 41.31 8.27
C LEU K 27 -28.07 41.20 6.86
N PRO K 28 -27.24 41.60 5.89
CA PRO K 28 -27.63 41.53 4.47
C PRO K 28 -27.51 40.15 3.82
N ASN K 29 -28.56 39.75 3.09
CA ASN K 29 -28.55 38.48 2.39
C ASN K 29 -28.47 37.40 3.48
N CYS K 30 -29.27 37.58 4.53
CA CYS K 30 -29.27 36.66 5.65
C CYS K 30 -30.52 35.84 5.80
N SER K 31 -30.34 34.53 6.01
CA SER K 31 -31.44 33.57 6.20
C SER K 31 -31.37 32.84 7.55
N VAL K 32 -32.50 32.30 7.98
CA VAL K 32 -32.53 31.62 9.27
C VAL K 32 -33.25 30.29 9.23
N ILE K 33 -32.63 29.29 9.84
CA ILE K 33 -33.22 27.95 9.97
C ILE K 33 -33.31 27.61 11.43
N SER K 34 -34.51 27.28 11.91
CA SER K 34 -34.69 26.94 13.32
C SER K 34 -34.82 25.44 13.52
N GLN K 35 -34.00 24.89 14.39
CA GLN K 35 -34.01 23.47 14.64
C GLN K 35 -35.34 22.95 15.08
N ASP K 36 -36.16 23.83 15.68
CA ASP K 36 -37.48 23.47 16.20
C ASP K 36 -38.54 23.17 15.17
N ASP K 37 -38.34 23.65 13.95
CA ASP K 37 -39.31 23.37 12.89
C ASP K 37 -39.17 21.93 12.41
N PHE K 38 -38.20 21.20 12.98
CA PHE K 38 -37.91 19.82 12.58
C PHE K 38 -38.18 18.71 13.60
N PHE K 39 -38.96 19.02 14.62
CA PHE K 39 -39.32 18.05 15.63
C PHE K 39 -40.28 17.02 15.06
N LYS K 40 -40.02 15.74 15.35
CA LYS K 40 -40.91 14.67 14.89
C LYS K 40 -42.30 14.89 15.48
N PRO K 41 -43.35 14.36 14.83
CA PRO K 41 -44.69 14.55 15.39
C PRO K 41 -44.84 13.87 16.77
N GLU K 42 -45.79 14.37 17.55
CA GLU K 42 -46.06 13.86 18.91
C GLU K 42 -46.28 12.34 18.98
N SER K 43 -46.84 11.75 17.93
CA SER K 43 -47.08 10.31 17.91
C SER K 43 -45.77 9.53 17.64
N GLU K 44 -44.70 10.26 17.38
CA GLU K 44 -43.40 9.67 17.10
C GLU K 44 -42.45 9.82 18.27
N ILE K 45 -42.84 10.62 19.26
CA ILE K 45 -41.99 10.83 20.42
C ILE K 45 -42.11 9.70 21.42
N GLU K 46 -41.04 9.45 22.17
CA GLU K 46 -41.05 8.36 23.13
C GLU K 46 -41.01 8.79 24.57
N THR K 47 -41.59 7.99 25.46
CA THR K 47 -41.57 8.31 26.88
C THR K 47 -40.69 7.26 27.58
N ASP K 48 -39.80 7.71 28.45
CA ASP K 48 -38.92 6.79 29.16
C ASP K 48 -39.72 6.12 30.27
N LYS K 49 -39.04 5.28 31.05
CA LYS K 49 -39.61 4.53 32.18
C LYS K 49 -40.50 5.36 33.12
N ASN K 50 -40.06 6.57 33.42
CA ASN K 50 -40.75 7.45 34.35
C ASN K 50 -41.85 8.32 33.72
N GLY K 51 -42.16 8.01 32.45
CA GLY K 51 -43.19 8.74 31.73
C GLY K 51 -42.76 10.15 31.33
N PHE K 52 -41.57 10.26 30.73
CA PHE K 52 -41.02 11.54 30.30
C PHE K 52 -40.84 11.54 28.80
N LEU K 53 -41.59 12.37 28.08
CA LEU K 53 -41.48 12.46 26.63
C LEU K 53 -40.06 12.87 26.24
N GLN K 54 -39.44 12.07 25.38
CA GLN K 54 -38.08 12.31 24.93
C GLN K 54 -37.93 13.38 23.84
N TYR K 55 -38.07 14.64 24.24
CA TYR K 55 -37.94 15.80 23.34
C TYR K 55 -36.57 16.47 23.30
N ASP K 56 -35.79 16.34 24.37
CA ASP K 56 -34.48 16.95 24.43
C ASP K 56 -33.34 16.01 24.02
N VAL K 57 -33.56 15.27 22.94
CA VAL K 57 -32.56 14.34 22.40
C VAL K 57 -32.59 14.47 20.87
N LEU K 58 -31.49 14.12 20.21
CA LEU K 58 -31.46 14.22 18.75
C LEU K 58 -32.55 13.37 18.11
N GLU K 59 -32.89 12.27 18.78
CA GLU K 59 -33.91 11.33 18.30
C GLU K 59 -35.32 11.89 18.09
N ALA K 60 -35.62 13.03 18.71
CA ALA K 60 -36.95 13.63 18.58
C ALA K 60 -37.04 14.64 17.45
N LEU K 61 -36.01 14.66 16.59
CA LEU K 61 -35.97 15.60 15.48
C LEU K 61 -35.65 14.94 14.15
N ASN K 62 -36.26 15.44 13.08
CA ASN K 62 -35.98 14.90 11.76
C ASN K 62 -34.76 15.65 11.26
N GLU K 64 -32.43 14.64 9.23
CA GLU K 64 -32.09 14.45 7.83
C GLU K 64 -32.95 15.41 7.02
N LYS K 65 -34.08 15.80 7.62
CA LYS K 65 -35.00 16.76 7.01
C LYS K 65 -34.37 18.17 7.06
N SER K 68 -31.20 18.43 4.83
CA SER K 68 -31.64 18.59 3.45
C SER K 68 -32.02 20.02 3.16
N ALA K 69 -32.69 20.65 4.13
CA ALA K 69 -33.12 22.04 3.99
C ALA K 69 -31.90 22.94 3.90
N ILE K 70 -30.83 22.55 4.58
CA ILE K 70 -29.57 23.29 4.59
C ILE K 70 -28.88 23.13 3.23
N SER K 71 -28.91 21.92 2.70
CA SER K 71 -28.30 21.63 1.41
C SER K 71 -29.00 22.43 0.32
N CYS K 72 -30.33 22.57 0.43
CA CYS K 72 -31.09 23.34 -0.56
C CYS K 72 -30.65 24.79 -0.56
N TRP K 73 -30.48 25.34 0.64
CA TRP K 73 -30.08 26.71 0.79
C TRP K 73 -28.67 26.95 0.26
N GLU K 75 -26.76 25.24 -1.82
CA GLU K 75 -26.70 24.99 -3.26
C GLU K 75 -27.42 26.08 -4.08
N SER K 76 -28.55 26.55 -3.59
CA SER K 76 -29.29 27.58 -4.30
C SER K 76 -28.64 28.92 -4.00
N ALA K 77 -27.74 28.92 -3.03
CA ALA K 77 -27.06 30.14 -2.63
C ALA K 77 -25.99 30.49 -3.66
N ARG K 78 -25.36 29.47 -4.25
CA ARG K 78 -24.33 29.68 -5.25
C ARG K 78 -24.94 30.35 -6.47
N HIS K 79 -26.08 31.02 -6.29
CA HIS K 79 -26.76 31.72 -7.37
C HIS K 79 -27.51 32.94 -6.85
N ILE K 92 -22.75 38.28 -0.17
CA ILE K 92 -22.43 36.96 0.35
C ILE K 92 -23.56 36.40 1.24
N PRO K 93 -24.18 35.28 0.81
CA PRO K 93 -25.27 34.58 1.50
C PRO K 93 -24.95 34.15 2.92
N ILE K 94 -25.80 34.52 3.86
CA ILE K 94 -25.54 34.16 5.23
C ILE K 94 -26.64 33.25 5.73
N LEU K 95 -26.27 32.25 6.51
CA LEU K 95 -27.27 31.36 7.08
C LEU K 95 -27.08 31.22 8.57
N ILE K 96 -28.15 31.48 9.31
CA ILE K 96 -28.09 31.35 10.75
C ILE K 96 -28.85 30.06 11.10
N ILE K 97 -28.18 29.15 11.77
CA ILE K 97 -28.84 27.93 12.15
C ILE K 97 -28.93 27.96 13.68
N GLU K 98 -30.13 28.25 14.21
CA GLU K 98 -30.33 28.30 15.65
C GLU K 98 -30.98 27.00 16.11
N GLY K 99 -30.51 26.47 17.25
CA GLY K 99 -31.07 25.24 17.78
C GLY K 99 -30.48 24.90 19.13
N PHE K 100 -31.28 24.24 19.97
CA PHE K 100 -30.83 23.84 21.32
C PHE K 100 -29.92 22.61 21.38
N LEU K 101 -29.73 21.96 20.22
CA LEU K 101 -28.94 20.73 20.15
C LEU K 101 -28.28 20.70 18.79
N LEU K 102 -27.20 21.45 18.62
CA LEU K 102 -26.50 21.54 17.33
C LEU K 102 -25.05 21.05 17.29
N PHE K 103 -24.27 21.47 18.27
CA PHE K 103 -22.85 21.09 18.29
C PHE K 103 -22.50 19.67 18.71
N ASN K 104 -23.49 18.80 18.69
CA ASN K 104 -23.27 17.42 19.08
C ASN K 104 -23.76 16.56 17.93
N TYR K 105 -24.17 17.23 16.85
CA TYR K 105 -24.64 16.55 15.64
C TYR K 105 -23.47 16.63 14.65
N LYS K 106 -22.73 15.54 14.50
CA LYS K 106 -21.54 15.42 13.65
C LYS K 106 -21.59 15.94 12.22
N PRO K 107 -22.68 15.67 11.47
CA PRO K 107 -22.78 16.15 10.09
C PRO K 107 -22.58 17.66 9.93
N LEU K 108 -22.82 18.43 11.00
CA LEU K 108 -22.73 19.88 10.95
C LEU K 108 -21.37 20.43 11.29
N ASP K 109 -20.58 19.67 12.02
CA ASP K 109 -19.26 20.14 12.45
C ASP K 109 -18.37 20.81 11.39
N THR K 110 -18.33 20.21 10.21
CA THR K 110 -17.50 20.70 9.11
C THR K 110 -18.23 21.68 8.21
N ILE K 111 -19.16 22.44 8.77
CA ILE K 111 -19.94 23.37 7.98
C ILE K 111 -19.93 24.74 8.61
N TRP K 112 -19.92 24.75 9.94
CA TRP K 112 -19.89 25.96 10.75
C TRP K 112 -18.76 26.88 10.33
N ASN K 113 -19.08 28.16 10.18
CA ASN K 113 -18.10 29.17 9.83
C ASN K 113 -17.83 29.92 11.12
N ARG K 114 -18.84 29.93 11.99
CA ARG K 114 -18.78 30.60 13.26
C ARG K 114 -19.78 29.86 14.12
N SER K 115 -19.42 29.63 15.38
CA SER K 115 -20.32 28.95 16.30
C SER K 115 -20.40 29.76 17.58
N TYR K 116 -21.62 29.94 18.08
CA TYR K 116 -21.86 30.70 19.32
C TYR K 116 -22.66 29.83 20.27
N PHE K 117 -22.42 29.97 21.57
CA PHE K 117 -23.17 29.18 22.56
C PHE K 117 -23.61 30.01 23.75
N LEU K 118 -24.92 30.24 23.86
CA LEU K 118 -25.53 31.04 24.94
C LEU K 118 -25.71 30.26 26.23
N THR K 119 -25.22 30.82 27.33
CA THR K 119 -25.32 30.17 28.63
C THR K 119 -26.19 30.96 29.59
N ILE K 120 -27.09 30.25 30.26
CA ILE K 120 -28.01 30.86 31.20
C ILE K 120 -28.03 29.92 32.42
N PRO K 121 -28.04 30.50 33.62
CA PRO K 121 -28.06 29.72 34.86
C PRO K 121 -29.29 28.83 35.02
N TYR K 122 -29.18 27.85 35.90
CA TYR K 122 -30.27 26.92 36.14
C TYR K 122 -31.58 27.58 36.56
N GLU K 123 -31.49 28.53 37.48
CA GLU K 123 -32.68 29.20 38.00
C GLU K 123 -33.37 30.09 36.98
N GLU K 124 -32.58 30.76 36.14
CA GLU K 124 -33.10 31.67 35.12
C GLU K 124 -33.77 30.92 33.99
N CYS K 125 -33.16 29.81 33.59
CA CYS K 125 -33.67 28.95 32.53
C CYS K 125 -34.98 28.30 33.00
N LYS K 126 -35.02 27.86 34.25
CA LYS K 126 -36.21 27.22 34.78
C LYS K 126 -37.37 28.20 34.86
N ARG K 127 -37.05 29.45 35.16
CA ARG K 127 -38.03 30.50 35.27
C ARG K 127 -38.62 30.89 33.91
N ARG K 128 -37.76 31.24 32.96
CA ARG K 128 -38.20 31.61 31.62
C ARG K 128 -39.05 30.50 31.04
N ARG K 129 -38.55 29.26 31.19
CA ARG K 129 -39.23 28.07 30.70
C ARG K 129 -40.68 27.98 31.17
N SER K 130 -40.93 28.34 32.43
CA SER K 130 -42.26 28.27 33.01
C SER K 130 -43.24 29.34 32.53
N THR K 131 -42.75 30.33 31.79
CA THR K 131 -43.61 31.39 31.27
C THR K 131 -44.06 31.03 29.86
N ARG K 132 -43.66 29.86 29.40
CA ARG K 132 -44.00 29.38 28.07
C ARG K 132 -44.80 28.09 28.15
N VAL K 133 -45.95 28.08 27.52
CA VAL K 133 -46.79 26.91 27.50
C VAL K 133 -46.46 26.14 26.24
N TYR K 134 -45.80 24.98 26.41
CA TYR K 134 -45.43 24.14 25.29
C TYR K 134 -46.56 23.19 24.93
N GLN K 135 -46.39 22.44 23.85
CA GLN K 135 -47.39 21.45 23.42
C GLN K 135 -46.71 20.19 22.89
N PRO K 136 -46.83 19.05 23.62
CA PRO K 136 -47.52 18.81 24.88
C PRO K 136 -46.90 19.63 25.99
N PRO K 137 -47.70 20.05 26.99
CA PRO K 137 -47.26 20.85 28.14
C PRO K 137 -46.34 20.16 29.11
N ASP K 138 -45.35 20.89 29.60
CA ASP K 138 -44.40 20.35 30.57
C ASP K 138 -45.10 19.59 31.69
N SER K 139 -44.87 18.28 31.75
CA SER K 139 -45.46 17.48 32.80
C SER K 139 -44.83 17.94 34.13
N PRO K 140 -45.36 17.48 35.26
CA PRO K 140 -44.82 17.86 36.57
C PRO K 140 -43.38 17.32 36.72
N GLY K 141 -42.43 18.20 37.08
CA GLY K 141 -41.05 17.76 37.24
C GLY K 141 -40.35 17.40 35.94
N TYR K 142 -40.83 17.93 34.83
CA TYR K 142 -40.25 17.65 33.51
C TYR K 142 -38.93 18.37 33.34
N PHE K 143 -38.90 19.63 33.77
CA PHE K 143 -37.69 20.42 33.65
C PHE K 143 -36.53 19.78 34.37
N ASP K 144 -36.74 19.40 35.61
CA ASP K 144 -35.69 18.78 36.42
C ASP K 144 -35.42 17.36 35.98
N GLY K 145 -36.48 16.68 35.55
CA GLY K 145 -36.38 15.29 35.13
C GLY K 145 -35.93 14.94 33.71
N HIS K 146 -36.05 15.87 32.78
CA HIS K 146 -35.64 15.59 31.42
C HIS K 146 -34.90 16.76 30.80
N VAL K 147 -35.47 17.95 30.88
CA VAL K 147 -34.87 19.14 30.29
C VAL K 147 -33.49 19.49 30.77
N TRP K 148 -33.31 19.67 32.09
CA TRP K 148 -31.98 20.02 32.59
C TRP K 148 -30.97 18.90 32.47
N PRO K 149 -31.33 17.67 32.86
CA PRO K 149 -30.43 16.53 32.75
C PRO K 149 -29.90 16.36 31.34
N TYR K 151 -29.68 18.66 29.05
CA TYR K 151 -28.87 19.78 28.64
C TYR K 151 -27.45 19.48 29.06
N LEU K 152 -27.27 19.09 30.31
CA LEU K 152 -25.96 18.78 30.85
C LEU K 152 -25.31 17.63 30.08
N LYS K 153 -26.13 16.70 29.62
CA LYS K 153 -25.62 15.57 28.85
C LYS K 153 -25.12 16.11 27.52
N TYR K 154 -25.76 17.16 27.01
CA TYR K 154 -25.35 17.80 25.75
C TYR K 154 -24.08 18.61 26.00
N ARG K 155 -24.00 19.32 27.12
CA ARG K 155 -22.82 20.10 27.44
C ARG K 155 -21.61 19.19 27.46
N GLN K 156 -21.83 17.96 27.89
CA GLN K 156 -20.77 16.96 28.00
C GLN K 156 -20.34 16.42 26.64
N GLU K 157 -21.31 16.19 25.78
CA GLU K 157 -21.04 15.67 24.45
C GLU K 157 -20.34 16.73 23.62
N GLN K 159 -17.57 18.36 25.10
CA GLN K 159 -16.24 18.44 25.68
C GLN K 159 -15.24 17.98 24.63
N ASP K 160 -15.76 17.29 23.64
CA ASP K 160 -14.95 16.75 22.56
C ASP K 160 -14.69 17.74 21.44
N ILE K 161 -15.64 18.65 21.19
CA ILE K 161 -15.51 19.67 20.12
C ILE K 161 -14.06 20.05 19.90
N THR K 162 -13.63 20.06 18.65
CA THR K 162 -12.27 20.41 18.29
C THR K 162 -12.21 21.81 17.70
N TRP K 163 -13.35 22.36 17.29
CA TRP K 163 -13.34 23.70 16.73
C TRP K 163 -13.64 24.75 17.79
N GLU K 164 -13.75 26.01 17.38
CA GLU K 164 -13.99 27.08 18.32
C GLU K 164 -15.40 27.61 18.42
N VAL K 165 -15.93 27.51 19.63
CA VAL K 165 -17.25 28.02 19.93
C VAL K 165 -17.05 29.25 20.81
N VAL K 166 -17.69 30.35 20.43
CA VAL K 166 -17.64 31.58 21.20
C VAL K 166 -18.79 31.54 22.21
N TYR K 167 -18.45 31.45 23.51
CA TYR K 167 -19.48 31.42 24.54
C TYR K 167 -20.01 32.81 24.89
N LEU K 168 -21.34 32.91 24.99
CA LEU K 168 -22.02 34.16 25.29
C LEU K 168 -22.82 34.09 26.59
N ASP K 169 -22.95 35.24 27.25
CA ASP K 169 -23.68 35.33 28.51
C ASP K 169 -25.14 35.64 28.23
N GLY K 170 -26.00 34.65 28.39
CA GLY K 170 -27.41 34.85 28.11
C GLY K 170 -28.16 35.77 29.07
N THR K 171 -27.52 36.08 30.19
CA THR K 171 -28.12 36.95 31.19
C THR K 171 -27.89 38.39 30.78
N LYS K 172 -26.93 38.59 29.89
CA LYS K 172 -26.61 39.91 29.41
C LYS K 172 -27.80 40.53 28.69
N SER K 173 -27.62 41.78 28.33
CA SER K 173 -28.64 42.53 27.65
C SER K 173 -28.85 41.85 26.32
N GLU K 174 -30.05 42.00 25.80
CA GLU K 174 -30.43 41.45 24.52
C GLU K 174 -29.67 42.19 23.42
N GLU K 175 -29.55 43.50 23.52
CA GLU K 175 -28.84 44.22 22.49
C GLU K 175 -27.36 44.07 22.71
N ASP K 176 -26.93 43.82 23.93
CA ASP K 176 -25.51 43.66 24.16
C ASP K 176 -25.03 42.37 23.51
N LEU K 177 -25.85 41.33 23.58
CA LEU K 177 -25.49 40.07 22.95
C LEU K 177 -25.43 40.30 21.46
N PHE K 178 -26.47 40.92 20.93
CA PHE K 178 -26.55 41.22 19.52
C PHE K 178 -25.34 41.95 19.01
N LEU K 179 -24.86 42.96 19.74
CA LEU K 179 -23.72 43.74 19.31
C LEU K 179 -22.41 43.00 19.46
N GLN K 180 -22.34 42.09 20.41
CA GLN K 180 -21.13 41.33 20.60
C GLN K 180 -20.92 40.41 19.40
N VAL K 181 -22.02 39.83 18.93
CA VAL K 181 -21.98 38.92 17.82
C VAL K 181 -21.84 39.72 16.54
N TYR K 182 -22.60 40.80 16.43
CA TYR K 182 -22.57 41.65 15.25
C TYR K 182 -21.17 42.15 14.89
N GLU K 183 -20.45 42.68 15.87
CA GLU K 183 -19.09 43.18 15.67
C GLU K 183 -18.26 42.07 15.12
N ASP K 184 -18.18 41.01 15.90
CA ASP K 184 -17.42 39.81 15.58
C ASP K 184 -17.70 39.28 14.18
N LEU K 185 -18.96 39.34 13.78
CA LEU K 185 -19.37 38.85 12.47
C LEU K 185 -18.80 39.71 11.36
N ILE K 186 -18.52 40.98 11.65
CA ILE K 186 -17.96 41.84 10.61
C ILE K 186 -16.43 41.71 10.66
N GLN K 187 -15.92 41.41 11.85
CA GLN K 187 -14.49 41.23 12.06
C GLN K 187 -14.15 39.77 11.70
N GLU K 188 -15.01 39.17 10.88
CA GLU K 188 -14.87 37.79 10.40
C GLU K 188 -15.20 37.87 8.92
N LEU K 189 -16.08 38.80 8.59
CA LEU K 189 -16.44 39.05 7.20
C LEU K 189 -15.40 40.03 6.64
N ALA K 190 -14.70 40.70 7.54
CA ALA K 190 -13.64 41.65 7.16
C ALA K 190 -12.58 40.83 6.38
N LYS K 191 -12.18 39.71 6.98
CA LYS K 191 -11.20 38.79 6.41
C LYS K 191 -11.78 37.98 5.22
N GLN K 192 -12.85 38.52 4.61
CA GLN K 192 -13.49 37.90 3.42
C GLN K 192 -13.25 38.87 2.27
N LYS L 2 -76.53 37.69 20.10
CA LYS L 2 -77.23 37.67 18.78
C LYS L 2 -77.75 36.28 18.38
N THR L 3 -77.08 35.24 18.86
CA THR L 3 -77.45 33.84 18.60
C THR L 3 -77.45 33.06 19.91
N PHE L 4 -78.32 32.04 19.96
CA PHE L 4 -78.44 31.20 21.14
C PHE L 4 -78.00 29.76 20.76
N ILE L 5 -76.95 29.26 21.42
CA ILE L 5 -76.43 27.93 21.14
C ILE L 5 -76.77 27.00 22.29
N ILE L 6 -77.42 25.88 21.95
CA ILE L 6 -77.87 24.89 22.92
C ILE L 6 -77.21 23.53 22.70
N GLY L 7 -76.73 22.94 23.78
CA GLY L 7 -76.10 21.65 23.68
C GLY L 7 -76.89 20.59 24.40
N ILE L 8 -77.12 19.48 23.71
CA ILE L 8 -77.87 18.36 24.28
C ILE L 8 -77.06 17.09 24.12
N SER L 9 -76.49 16.63 25.24
CA SER L 9 -75.68 15.41 25.22
C SER L 9 -76.22 14.34 26.17
N GLY L 10 -75.56 13.20 26.20
CA GLY L 10 -76.00 12.14 27.08
C GLY L 10 -75.68 10.83 26.42
N VAL L 11 -75.75 9.75 27.17
CA VAL L 11 -75.45 8.42 26.66
C VAL L 11 -76.32 8.07 25.44
N THR L 12 -75.90 7.07 24.69
CA THR L 12 -76.62 6.62 23.51
C THR L 12 -78.04 6.20 23.88
N ASN L 13 -78.98 6.53 23.02
CA ASN L 13 -80.41 6.23 23.17
C ASN L 13 -81.02 6.82 24.43
N SER L 14 -80.46 7.90 24.92
CA SER L 14 -81.02 8.52 26.12
C SER L 14 -82.19 9.43 25.71
N GLY L 15 -82.33 9.65 24.40
CA GLY L 15 -83.41 10.47 23.87
C GLY L 15 -82.99 11.81 23.28
N LYS L 16 -81.71 11.98 22.91
CA LYS L 16 -81.22 13.25 22.37
C LYS L 16 -81.81 13.66 21.03
N THR L 17 -81.79 12.76 20.07
CA THR L 17 -82.34 13.07 18.76
C THR L 17 -83.80 13.51 18.87
N THR L 18 -84.56 12.80 19.70
CA THR L 18 -85.98 13.09 19.89
C THR L 18 -86.26 14.43 20.54
N LEU L 19 -85.44 14.81 21.50
CA LEU L 19 -85.64 16.09 22.17
C LEU L 19 -85.27 17.21 21.21
N ALA L 20 -84.20 17.00 20.47
CA ALA L 20 -83.75 18.01 19.51
C ALA L 20 -84.80 18.27 18.44
N LYS L 21 -85.45 17.21 17.97
CA LYS L 21 -86.49 17.34 16.95
C LYS L 21 -87.72 18.06 17.49
N ASN L 22 -88.14 17.70 18.70
CA ASN L 22 -89.31 18.31 19.32
C ASN L 22 -89.12 19.80 19.45
N LEU L 23 -88.02 20.22 20.06
CA LEU L 23 -87.71 21.64 20.25
C LEU L 23 -87.65 22.34 18.89
N GLN L 24 -86.94 21.71 17.96
CA GLN L 24 -86.82 22.19 16.61
C GLN L 24 -88.19 22.59 16.07
N LYS L 25 -89.15 21.69 16.20
CA LYS L 25 -90.49 21.97 15.72
C LYS L 25 -91.15 23.22 16.31
N HIS L 26 -91.07 23.37 17.62
CA HIS L 26 -91.73 24.51 18.23
C HIS L 26 -90.88 25.73 18.49
N LEU L 27 -89.64 25.72 18.03
CA LEU L 27 -88.74 26.85 18.22
C LEU L 27 -88.59 27.59 16.90
N PRO L 28 -88.81 28.91 16.93
CA PRO L 28 -88.69 29.73 15.73
C PRO L 28 -87.22 30.03 15.42
N ASN L 29 -86.90 30.09 14.13
CA ASN L 29 -85.53 30.38 13.68
C ASN L 29 -84.57 29.40 14.40
N CYS L 30 -84.88 28.11 14.27
CA CYS L 30 -84.10 27.08 14.93
C CYS L 30 -83.57 26.01 13.99
N SER L 31 -82.27 25.73 14.12
CA SER L 31 -81.58 24.70 13.32
C SER L 31 -80.96 23.62 14.20
N VAL L 32 -80.66 22.47 13.60
CA VAL L 32 -80.08 21.35 14.33
C VAL L 32 -78.84 20.73 13.67
N ILE L 33 -77.83 20.45 14.51
CA ILE L 33 -76.61 19.81 14.05
C ILE L 33 -76.49 18.56 14.89
N SER L 34 -76.28 17.43 14.24
CA SER L 34 -76.13 16.16 14.93
C SER L 34 -74.68 15.77 14.87
N GLN L 35 -74.10 15.38 15.99
CA GLN L 35 -72.70 14.98 16.04
C GLN L 35 -72.38 13.68 15.25
N ASP L 36 -73.40 12.86 15.04
CA ASP L 36 -73.26 11.60 14.32
C ASP L 36 -73.06 11.81 12.83
N ASP L 37 -73.37 12.98 12.30
CA ASP L 37 -73.18 13.18 10.87
C ASP L 37 -71.69 13.38 10.62
N PHE L 38 -70.94 13.45 11.71
CA PHE L 38 -69.50 13.68 11.60
C PHE L 38 -68.56 12.53 11.94
N PHE L 39 -69.05 11.30 11.86
CA PHE L 39 -68.27 10.11 12.15
C PHE L 39 -67.32 9.80 11.02
N LYS L 40 -66.05 9.54 11.33
CA LYS L 40 -65.08 9.21 10.30
C LYS L 40 -65.58 7.95 9.62
N PRO L 41 -65.15 7.73 8.37
CA PRO L 41 -65.61 6.52 7.67
C PRO L 41 -65.13 5.25 8.34
N GLU L 42 -65.84 4.16 8.10
CA GLU L 42 -65.51 2.87 8.70
C GLU L 42 -64.03 2.50 8.62
N SER L 43 -63.40 2.81 7.47
CA SER L 43 -62.00 2.51 7.19
C SER L 43 -61.05 3.41 7.95
N GLU L 44 -61.59 4.36 8.70
CA GLU L 44 -60.77 5.25 9.50
C GLU L 44 -60.87 4.94 10.97
N ILE L 45 -61.81 4.06 11.34
CA ILE L 45 -61.99 3.67 12.72
C ILE L 45 -61.00 2.59 13.12
N GLU L 46 -60.65 2.53 14.41
CA GLU L 46 -59.70 1.52 14.86
C GLU L 46 -60.33 0.54 15.81
N THR L 47 -59.75 -0.67 15.87
CA THR L 47 -60.23 -1.71 16.76
C THR L 47 -59.15 -1.93 17.82
N ASP L 48 -59.57 -2.01 19.09
CA ASP L 48 -58.63 -2.21 20.18
C ASP L 48 -58.20 -3.66 20.25
N LYS L 49 -57.30 -3.94 21.19
CA LYS L 49 -56.74 -5.27 21.45
C LYS L 49 -57.79 -6.39 21.39
N ASN L 50 -58.95 -6.15 22.00
CA ASN L 50 -60.04 -7.15 22.07
C ASN L 50 -60.99 -7.16 20.89
N GLY L 51 -60.58 -6.47 19.82
CA GLY L 51 -61.39 -6.43 18.61
C GLY L 51 -62.66 -5.60 18.76
N PHE L 52 -62.52 -4.39 19.30
CA PHE L 52 -63.65 -3.50 19.48
C PHE L 52 -63.38 -2.24 18.70
N LEU L 53 -64.25 -1.97 17.72
CA LEU L 53 -64.15 -0.76 16.91
C LEU L 53 -64.34 0.43 17.84
N GLN L 54 -63.40 1.38 17.78
CA GLN L 54 -63.41 2.58 18.61
C GLN L 54 -64.31 3.70 18.11
N TYR L 55 -65.61 3.62 18.40
CA TYR L 55 -66.57 4.62 17.94
C TYR L 55 -66.98 5.61 19.01
N ASP L 56 -66.89 5.18 20.26
CA ASP L 56 -67.31 6.03 21.38
C ASP L 56 -66.20 6.91 21.99
N VAL L 57 -65.35 7.41 21.11
CA VAL L 57 -64.24 8.30 21.48
C VAL L 57 -64.20 9.49 20.52
N LEU L 58 -63.71 10.64 20.97
CA LEU L 58 -63.65 11.80 20.09
C LEU L 58 -62.86 11.59 18.83
N GLU L 59 -62.00 10.56 18.83
CA GLU L 59 -61.13 10.24 17.69
C GLU L 59 -61.87 9.66 16.48
N ALA L 60 -63.05 9.09 16.72
CA ALA L 60 -63.83 8.52 15.63
C ALA L 60 -64.70 9.55 14.91
N LEU L 61 -64.51 10.81 15.25
CA LEU L 61 -65.30 11.91 14.66
C LEU L 61 -64.44 13.05 14.13
N ASN L 62 -64.89 13.63 13.02
CA ASN L 62 -64.25 14.75 12.33
C ASN L 62 -64.79 15.99 12.99
N GLU L 64 -63.23 18.77 13.66
CA GLU L 64 -62.79 20.04 13.10
C GLU L 64 -63.75 20.33 11.94
N LYS L 65 -64.35 19.28 11.39
CA LYS L 65 -65.33 19.42 10.32
C LYS L 65 -66.60 20.00 10.92
N SER L 68 -66.37 23.53 12.02
CA SER L 68 -66.46 24.32 10.79
C SER L 68 -67.92 24.57 10.41
N ALA L 69 -68.72 23.53 10.47
CA ALA L 69 -70.15 23.59 10.16
C ALA L 69 -70.85 24.52 11.13
N ILE L 70 -70.39 24.54 12.37
CA ILE L 70 -70.96 25.39 13.40
C ILE L 70 -70.62 26.86 13.13
N SER L 71 -69.36 27.13 12.77
CA SER L 71 -68.93 28.50 12.47
C SER L 71 -69.63 29.06 11.24
N CYS L 72 -69.94 28.21 10.25
CA CYS L 72 -70.65 28.67 9.07
C CYS L 72 -72.06 29.08 9.46
N TRP L 73 -72.64 28.34 10.41
CA TRP L 73 -73.99 28.66 10.87
C TRP L 73 -73.94 29.98 11.62
N GLU L 75 -71.64 32.55 11.71
CA GLU L 75 -71.42 33.74 10.90
C GLU L 75 -72.57 34.05 9.93
N SER L 76 -73.14 33.04 9.29
CA SER L 76 -74.22 33.28 8.33
C SER L 76 -75.51 33.60 9.08
N ALA L 77 -75.45 33.49 10.40
CA ALA L 77 -76.62 33.77 11.23
C ALA L 77 -76.68 35.27 11.49
N ARG L 78 -75.52 35.92 11.59
CA ARG L 78 -75.51 37.36 11.84
C ARG L 78 -76.18 38.10 10.69
N HIS L 79 -76.91 37.35 9.86
CA HIS L 79 -77.60 37.95 8.71
C HIS L 79 -79.01 37.36 8.56
N ILE L 92 -84.25 35.79 16.68
CA ILE L 92 -82.93 35.36 17.13
C ILE L 92 -82.64 33.92 16.69
N PRO L 93 -81.53 33.70 15.95
CA PRO L 93 -81.15 32.37 15.48
C PRO L 93 -80.81 31.38 16.59
N ILE L 94 -81.38 30.20 16.51
CA ILE L 94 -81.11 29.17 17.52
C ILE L 94 -80.48 27.91 16.94
N LEU L 95 -79.41 27.44 17.57
CA LEU L 95 -78.73 26.25 17.11
C LEU L 95 -78.69 25.20 18.20
N ILE L 96 -79.29 24.06 17.94
CA ILE L 96 -79.29 22.97 18.89
C ILE L 96 -78.21 22.04 18.39
N ILE L 97 -77.26 21.73 19.26
CA ILE L 97 -76.20 20.81 18.89
C ILE L 97 -76.41 19.56 19.76
N GLU L 98 -76.87 18.46 19.17
CA GLU L 98 -77.07 17.21 19.89
C GLU L 98 -75.94 16.25 19.58
N GLY L 99 -75.49 15.48 20.58
CA GLY L 99 -74.41 14.55 20.34
C GLY L 99 -74.09 13.78 21.58
N PHE L 100 -73.61 12.56 21.43
CA PHE L 100 -73.27 11.71 22.59
C PHE L 100 -71.93 12.05 23.24
N LEU L 101 -71.16 12.95 22.66
CA LEU L 101 -69.86 13.28 23.20
C LEU L 101 -69.58 14.75 22.92
N LEU L 102 -70.17 15.65 23.70
CA LEU L 102 -70.02 17.10 23.48
C LEU L 102 -69.34 17.95 24.56
N PHE L 103 -69.67 17.69 25.82
CA PHE L 103 -69.11 18.47 26.93
C PHE L 103 -67.74 18.02 27.39
N ASN L 104 -67.04 17.30 26.53
CA ASN L 104 -65.70 16.84 26.85
C ASN L 104 -64.80 17.33 25.72
N TYR L 105 -65.40 18.08 24.80
CA TYR L 105 -64.70 18.65 23.66
C TYR L 105 -64.53 20.11 24.01
N LYS L 106 -63.30 20.46 24.41
CA LYS L 106 -62.94 21.81 24.85
C LYS L 106 -63.29 22.99 23.95
N PRO L 107 -63.13 22.84 22.63
CA PRO L 107 -63.48 23.99 21.81
C PRO L 107 -64.91 24.49 21.99
N LEU L 108 -65.81 23.61 22.40
CA LEU L 108 -67.21 23.99 22.54
C LEU L 108 -67.63 24.63 23.85
N ASP L 109 -66.83 24.44 24.89
CA ASP L 109 -67.13 24.96 26.22
C ASP L 109 -67.47 26.47 26.27
N THR L 110 -66.74 27.26 25.50
CA THR L 110 -66.95 28.69 25.43
C THR L 110 -67.94 29.08 24.33
N ILE L 111 -68.91 28.22 24.08
CA ILE L 111 -69.86 28.49 23.02
C ILE L 111 -71.27 28.26 23.46
N TRP L 112 -71.43 27.26 24.33
CA TRP L 112 -72.72 26.90 24.87
C TRP L 112 -73.38 28.13 25.47
N ASN L 113 -74.71 28.15 25.39
CA ASN L 113 -75.50 29.22 25.97
C ASN L 113 -76.32 28.49 27.02
N ARG L 114 -76.62 27.23 26.70
CA ARG L 114 -77.38 26.36 27.57
C ARG L 114 -76.95 24.93 27.27
N SER L 115 -76.70 24.17 28.33
CA SER L 115 -76.28 22.80 28.20
C SER L 115 -77.23 21.88 28.96
N TYR L 116 -77.63 20.77 28.31
CA TYR L 116 -78.53 19.78 28.89
C TYR L 116 -77.90 18.39 28.74
N PHE L 117 -78.09 17.55 29.74
CA PHE L 117 -77.53 16.23 29.72
C PHE L 117 -78.59 15.23 30.11
N LEU L 118 -78.90 14.31 29.20
CA LEU L 118 -79.90 13.29 29.45
C LEU L 118 -79.32 12.04 30.12
N THR L 119 -79.96 11.57 31.17
CA THR L 119 -79.46 10.40 31.87
C THR L 119 -80.49 9.28 31.90
N ILE L 120 -80.05 8.12 31.43
CA ILE L 120 -80.87 6.92 31.37
C ILE L 120 -80.08 5.79 32.08
N PRO L 121 -80.77 4.88 32.77
CA PRO L 121 -80.12 3.77 33.48
C PRO L 121 -79.39 2.79 32.56
N TYR L 122 -78.46 2.04 33.13
CA TYR L 122 -77.70 1.05 32.38
C TYR L 122 -78.62 0.04 31.69
N GLU L 123 -79.57 -0.51 32.41
CA GLU L 123 -80.47 -1.52 31.85
C GLU L 123 -81.31 -0.98 30.72
N GLU L 124 -81.84 0.23 30.87
CA GLU L 124 -82.67 0.83 29.85
C GLU L 124 -81.89 1.14 28.60
N CYS L 125 -80.68 1.68 28.79
CA CYS L 125 -79.77 2.06 27.71
C CYS L 125 -79.39 0.86 26.85
N LYS L 126 -79.10 -0.24 27.53
CA LYS L 126 -78.72 -1.48 26.89
C LYS L 126 -79.89 -2.03 26.12
N ARG L 127 -81.06 -1.92 26.69
CA ARG L 127 -82.27 -2.41 26.05
C ARG L 127 -82.58 -1.62 24.78
N ARG L 128 -82.75 -0.31 24.91
CA ARG L 128 -83.03 0.53 23.77
C ARG L 128 -81.97 0.22 22.68
N ARG L 129 -80.70 0.30 23.06
CA ARG L 129 -79.63 0.06 22.12
C ARG L 129 -79.73 -1.20 21.27
N SER L 130 -80.32 -2.27 21.81
CA SER L 130 -80.40 -3.52 21.06
C SER L 130 -81.56 -3.58 20.07
N THR L 131 -82.44 -2.58 20.11
CA THR L 131 -83.58 -2.50 19.20
C THR L 131 -83.17 -1.77 17.91
N ARG L 132 -81.95 -1.28 17.89
CA ARG L 132 -81.39 -0.55 16.77
C ARG L 132 -80.24 -1.34 16.15
N VAL L 133 -80.32 -1.55 14.83
CA VAL L 133 -79.27 -2.27 14.09
C VAL L 133 -78.31 -1.23 13.55
N TYR L 134 -77.11 -1.18 14.13
CA TYR L 134 -76.16 -0.19 13.68
C TYR L 134 -75.38 -0.65 12.43
N GLN L 135 -74.39 0.13 12.01
CA GLN L 135 -73.59 -0.23 10.87
C GLN L 135 -72.22 0.42 11.01
N PRO L 136 -71.19 -0.39 11.29
CA PRO L 136 -71.22 -1.84 11.48
C PRO L 136 -72.04 -2.21 12.71
N PRO L 137 -72.62 -3.41 12.72
CA PRO L 137 -73.45 -3.91 13.82
C PRO L 137 -72.69 -4.15 15.12
N ASP L 138 -73.36 -3.96 16.24
CA ASP L 138 -72.72 -4.18 17.54
C ASP L 138 -72.19 -5.62 17.60
N SER L 139 -70.89 -5.78 17.86
CA SER L 139 -70.31 -7.12 17.95
C SER L 139 -70.87 -7.76 19.23
N PRO L 140 -70.53 -9.03 19.50
CA PRO L 140 -71.06 -9.63 20.73
C PRO L 140 -70.38 -9.02 21.94
N GLY L 141 -71.17 -8.47 22.85
CA GLY L 141 -70.62 -7.86 24.04
C GLY L 141 -69.99 -6.49 23.83
N TYR L 142 -70.31 -5.87 22.69
CA TYR L 142 -69.79 -4.55 22.34
C TYR L 142 -70.27 -3.48 23.33
N PHE L 143 -71.55 -3.52 23.68
CA PHE L 143 -72.14 -2.57 24.61
C PHE L 143 -71.38 -2.51 25.92
N ASP L 144 -71.19 -3.67 26.53
CA ASP L 144 -70.49 -3.73 27.81
C ASP L 144 -69.01 -3.52 27.68
N GLY L 145 -68.45 -4.00 26.58
CA GLY L 145 -67.02 -3.92 26.33
C GLY L 145 -66.51 -2.59 25.82
N HIS L 146 -67.39 -1.81 25.20
CA HIS L 146 -66.99 -0.51 24.65
C HIS L 146 -67.97 0.64 24.93
N VAL L 147 -69.24 0.44 24.56
CA VAL L 147 -70.23 1.49 24.73
C VAL L 147 -70.40 1.98 26.15
N TRP L 148 -70.64 1.09 27.12
CA TRP L 148 -70.82 1.58 28.49
C TRP L 148 -69.54 2.12 29.11
N PRO L 149 -68.44 1.37 28.98
CA PRO L 149 -67.15 1.82 29.53
C PRO L 149 -66.75 3.20 29.04
N TYR L 151 -68.86 5.57 28.02
CA TYR L 151 -69.78 6.57 28.49
C TYR L 151 -69.34 6.99 29.88
N LEU L 152 -68.91 6.02 30.69
CA LEU L 152 -68.47 6.30 32.05
C LEU L 152 -67.19 7.14 32.07
N LYS L 153 -66.32 6.84 31.11
CA LYS L 153 -65.07 7.59 30.95
C LYS L 153 -65.43 9.05 30.62
N TYR L 154 -66.47 9.22 29.81
CA TYR L 154 -66.96 10.53 29.41
C TYR L 154 -67.59 11.23 30.61
N ARG L 155 -68.40 10.52 31.38
CA ARG L 155 -69.04 11.10 32.56
C ARG L 155 -67.97 11.66 33.47
N GLN L 156 -66.84 10.96 33.49
CA GLN L 156 -65.72 11.33 34.34
C GLN L 156 -64.95 12.54 33.82
N GLU L 157 -64.79 12.62 32.50
CA GLU L 157 -64.10 13.75 31.88
C GLU L 157 -64.97 15.01 31.97
N GLN L 159 -66.38 15.77 35.16
CA GLN L 159 -66.26 16.16 36.56
C GLN L 159 -65.53 17.51 36.67
N ASP L 160 -64.87 17.89 35.59
CA ASP L 160 -64.10 19.14 35.51
C ASP L 160 -64.91 20.32 34.99
N ILE L 161 -66.05 20.06 34.36
CA ILE L 161 -66.88 21.13 33.81
C ILE L 161 -67.07 22.29 34.79
N THR L 162 -66.73 23.48 34.33
CA THR L 162 -66.83 24.66 35.17
C THR L 162 -68.18 25.36 35.03
N TRP L 163 -68.87 25.14 33.91
CA TRP L 163 -70.16 25.79 33.68
C TRP L 163 -71.38 24.97 34.12
N GLU L 164 -72.59 25.51 33.93
CA GLU L 164 -73.80 24.80 34.35
C GLU L 164 -74.53 23.93 33.32
N VAL L 165 -74.56 22.63 33.59
CA VAL L 165 -75.24 21.67 32.75
C VAL L 165 -76.51 21.30 33.51
N VAL L 166 -77.63 21.35 32.80
CA VAL L 166 -78.94 21.00 33.35
C VAL L 166 -79.17 19.53 33.05
N TYR L 167 -79.21 18.70 34.11
CA TYR L 167 -79.43 17.27 33.94
C TYR L 167 -80.90 16.89 33.80
N LEU L 168 -81.17 16.01 32.85
CA LEU L 168 -82.52 15.57 32.58
C LEU L 168 -82.71 14.05 32.74
N ASP L 169 -83.84 13.68 33.30
CA ASP L 169 -84.20 12.28 33.52
C ASP L 169 -84.73 11.73 32.19
N GLY L 170 -83.93 10.95 31.47
CA GLY L 170 -84.39 10.40 30.21
C GLY L 170 -85.44 9.31 30.25
N THR L 171 -85.84 8.94 31.46
CA THR L 171 -86.85 7.90 31.64
C THR L 171 -88.18 8.59 31.69
N LYS L 172 -88.14 9.91 31.88
CA LYS L 172 -89.37 10.70 31.92
C LYS L 172 -90.11 10.65 30.59
N SER L 173 -91.31 11.20 30.60
CA SER L 173 -92.13 11.27 29.41
C SER L 173 -91.31 11.98 28.35
N GLU L 174 -91.64 11.76 27.10
CA GLU L 174 -90.95 12.41 26.00
C GLU L 174 -91.45 13.82 25.89
N GLU L 175 -92.72 14.04 26.25
CA GLU L 175 -93.28 15.39 26.20
C GLU L 175 -92.91 16.13 27.45
N ASP L 176 -92.73 15.39 28.54
CA ASP L 176 -92.35 15.99 29.80
C ASP L 176 -90.95 16.57 29.74
N LEU L 177 -90.06 15.88 29.03
CA LEU L 177 -88.69 16.36 28.89
C LEU L 177 -88.67 17.59 27.99
N PHE L 178 -89.45 17.54 26.90
CA PHE L 178 -89.54 18.64 25.95
C PHE L 178 -90.03 19.89 26.64
N LEU L 179 -91.05 19.74 27.47
CA LEU L 179 -91.66 20.84 28.20
C LEU L 179 -90.73 21.38 29.24
N GLN L 180 -89.89 20.53 29.79
CA GLN L 180 -88.97 20.98 30.81
C GLN L 180 -87.97 21.94 30.23
N VAL L 181 -87.44 21.56 29.08
CA VAL L 181 -86.47 22.37 28.37
C VAL L 181 -87.15 23.58 27.73
N TYR L 182 -88.32 23.35 27.14
CA TYR L 182 -89.08 24.41 26.48
C TYR L 182 -89.33 25.63 27.37
N GLU L 183 -89.74 25.40 28.62
CA GLU L 183 -90.00 26.47 29.59
C GLU L 183 -88.71 27.22 29.85
N ASP L 184 -87.73 26.47 30.34
CA ASP L 184 -86.39 26.99 30.65
C ASP L 184 -85.77 27.78 29.50
N LEU L 185 -86.03 27.35 28.26
CA LEU L 185 -85.51 28.04 27.09
C LEU L 185 -86.13 29.42 26.88
N ILE L 186 -87.38 29.59 27.33
CA ILE L 186 -88.08 30.87 27.21
C ILE L 186 -87.76 31.70 28.46
N GLN L 187 -87.46 31.02 29.56
CA GLN L 187 -87.12 31.70 30.79
C GLN L 187 -85.63 32.04 30.78
N GLU L 188 -85.05 31.99 29.58
CA GLU L 188 -83.63 32.28 29.37
C GLU L 188 -83.63 33.27 28.23
N LEU L 189 -84.63 33.13 27.36
CA LEU L 189 -84.81 34.03 26.22
C LEU L 189 -85.60 35.23 26.74
N ALA L 190 -86.19 35.05 27.93
CA ALA L 190 -86.93 36.14 28.55
C ALA L 190 -85.89 37.20 28.90
N LYS L 191 -84.73 36.73 29.37
CA LYS L 191 -83.60 37.59 29.74
C LYS L 191 -82.73 37.98 28.54
N GLN L 192 -83.38 38.10 27.37
CA GLN L 192 -82.73 38.50 26.12
C GLN L 192 -83.34 39.81 25.61
N LYS M 2 -0.40 4.47 42.83
CA LYS M 2 -1.46 5.17 42.03
C LYS M 2 -2.75 5.51 42.78
N THR M 3 -3.06 4.76 43.84
CA THR M 3 -4.23 5.02 44.65
C THR M 3 -3.86 5.01 46.15
N PHE M 4 -4.55 5.82 46.95
CA PHE M 4 -4.25 5.89 48.38
C PHE M 4 -5.43 5.33 49.17
N ILE M 5 -5.20 4.22 49.88
CA ILE M 5 -6.25 3.58 50.67
C ILE M 5 -6.09 3.92 52.16
N ILE M 6 -7.13 4.51 52.75
CA ILE M 6 -7.13 4.90 54.15
C ILE M 6 -8.13 4.12 55.00
N GLY M 7 -7.67 3.56 56.11
CA GLY M 7 -8.53 2.80 57.01
C GLY M 7 -8.90 3.56 58.28
N ILE M 8 -10.18 3.52 58.65
CA ILE M 8 -10.66 4.20 59.85
C ILE M 8 -11.57 3.27 60.65
N SER M 9 -11.03 2.73 61.73
CA SER M 9 -11.79 1.82 62.58
C SER M 9 -11.87 2.31 64.02
N GLY M 10 -12.52 1.53 64.86
CA GLY M 10 -12.64 1.89 66.25
C GLY M 10 -13.97 1.42 66.76
N VAL M 11 -14.17 1.48 68.06
CA VAL M 11 -15.42 1.06 68.67
C VAL M 11 -16.65 1.83 68.13
N THR M 12 -17.84 1.27 68.34
CA THR M 12 -19.08 1.89 67.87
C THR M 12 -19.29 3.30 68.45
N ASN M 13 -19.71 4.23 67.61
CA ASN M 13 -19.95 5.61 68.03
C ASN M 13 -18.67 6.32 68.46
N SER M 14 -17.53 5.86 67.96
CA SER M 14 -16.28 6.49 68.30
C SER M 14 -16.09 7.76 67.46
N GLY M 15 -16.87 7.87 66.38
CA GLY M 15 -16.80 9.02 65.51
C GLY M 15 -16.26 8.73 64.11
N LYS M 16 -16.31 7.47 63.70
CA LYS M 16 -15.83 7.05 62.38
C LYS M 16 -16.62 7.61 61.21
N THR M 17 -17.93 7.42 61.19
CA THR M 17 -18.71 7.94 60.08
C THR M 17 -18.47 9.45 59.89
N THR M 18 -18.36 10.16 61.01
CA THR M 18 -18.15 11.60 60.98
C THR M 18 -16.76 12.02 60.49
N LEU M 19 -15.73 11.25 60.82
CA LEU M 19 -14.39 11.62 60.37
C LEU M 19 -14.29 11.37 58.88
N ALA M 20 -14.89 10.28 58.43
CA ALA M 20 -14.85 9.92 57.03
C ALA M 20 -15.54 10.96 56.17
N LYS M 21 -16.68 11.48 56.62
CA LYS M 21 -17.43 12.47 55.84
C LYS M 21 -16.73 13.79 55.78
N ASN M 22 -16.14 14.22 56.90
CA ASN M 22 -15.42 15.50 56.92
C ASN M 22 -14.29 15.45 55.90
N LEU M 23 -13.43 14.44 56.05
CA LEU M 23 -12.31 14.23 55.14
C LEU M 23 -12.78 14.20 53.69
N GLN M 24 -13.82 13.40 53.45
CA GLN M 24 -14.40 13.25 52.13
C GLN M 24 -14.75 14.61 51.53
N LYS M 25 -15.23 15.52 52.36
CA LYS M 25 -15.63 16.84 51.87
C LYS M 25 -14.47 17.72 51.41
N HIS M 26 -13.31 17.54 52.02
CA HIS M 26 -12.14 18.34 51.68
C HIS M 26 -10.99 17.58 51.02
N LEU M 27 -11.26 16.35 50.60
CA LEU M 27 -10.24 15.58 49.91
C LEU M 27 -10.69 15.44 48.49
N PRO M 28 -9.80 15.76 47.55
CA PRO M 28 -10.13 15.65 46.13
C PRO M 28 -10.10 14.19 45.64
N ASN M 29 -11.02 13.85 44.76
CA ASN M 29 -11.03 12.52 44.20
C ASN M 29 -11.03 11.54 45.38
N CYS M 30 -12.02 11.70 46.26
CA CYS M 30 -12.14 10.88 47.45
C CYS M 30 -13.47 10.11 47.55
N SER M 31 -13.36 8.80 47.80
CA SER M 31 -14.53 7.92 47.96
C SER M 31 -14.67 7.33 49.37
N VAL M 32 -15.88 6.88 49.68
CA VAL M 32 -16.15 6.28 50.99
C VAL M 32 -16.91 4.94 50.97
N ILE M 33 -16.38 3.94 51.67
CA ILE M 33 -17.04 2.65 51.80
C ILE M 33 -17.27 2.51 53.31
N SER M 34 -18.46 2.05 53.69
CA SER M 34 -18.83 1.85 55.09
C SER M 34 -19.00 0.35 55.27
N GLN M 35 -18.34 -0.19 56.28
CA GLN M 35 -18.41 -1.62 56.54
C GLN M 35 -19.81 -2.07 56.92
N ASP M 36 -20.64 -1.13 57.37
CA ASP M 36 -22.02 -1.39 57.78
C ASP M 36 -23.00 -1.73 56.66
N ASP M 37 -22.68 -1.33 55.43
CA ASP M 37 -23.55 -1.62 54.30
C ASP M 37 -23.40 -3.08 53.90
N PHE M 38 -22.52 -3.79 54.60
CA PHE M 38 -22.22 -5.20 54.33
C PHE M 38 -22.66 -6.21 55.39
N PHE M 39 -23.57 -5.81 56.27
CA PHE M 39 -24.06 -6.72 57.29
C PHE M 39 -24.99 -7.74 56.64
N LYS M 40 -24.92 -8.99 57.13
CA LYS M 40 -25.77 -10.05 56.62
C LYS M 40 -27.19 -9.79 57.09
N PRO M 41 -28.18 -10.31 56.36
CA PRO M 41 -29.56 -10.08 56.76
C PRO M 41 -29.88 -10.59 58.13
N GLU M 42 -30.83 -9.94 58.76
CA GLU M 42 -31.24 -10.28 60.09
C GLU M 42 -31.39 -11.79 60.21
N SER M 43 -32.02 -12.39 59.22
CA SER M 43 -32.26 -13.86 59.20
C SER M 43 -30.98 -14.68 59.16
N GLU M 44 -29.86 -14.05 58.82
CA GLU M 44 -28.57 -14.73 58.75
C GLU M 44 -27.71 -14.56 60.01
N ILE M 45 -28.15 -13.69 60.92
CA ILE M 45 -27.43 -13.45 62.16
C ILE M 45 -27.78 -14.48 63.20
N GLU M 46 -26.86 -14.76 64.11
CA GLU M 46 -27.14 -15.77 65.11
C GLU M 46 -27.18 -15.19 66.49
N THR M 47 -27.81 -15.91 67.41
CA THR M 47 -27.89 -15.47 68.79
C THR M 47 -27.15 -16.51 69.65
N ASP M 48 -26.39 -16.01 70.63
CA ASP M 48 -25.64 -16.88 71.51
C ASP M 48 -26.54 -17.49 72.59
N LYS M 49 -25.93 -18.37 73.38
CA LYS M 49 -26.61 -19.07 74.44
C LYS M 49 -27.52 -18.15 75.26
N ASN M 50 -27.06 -16.93 75.51
CA ASN M 50 -27.81 -15.96 76.32
C ASN M 50 -28.76 -15.08 75.50
N GLY M 51 -29.03 -15.50 74.27
CA GLY M 51 -29.96 -14.75 73.40
C GLY M 51 -29.47 -13.38 72.97
N PHE M 52 -28.25 -13.33 72.43
CA PHE M 52 -27.64 -12.09 71.99
C PHE M 52 -27.31 -12.22 70.52
N LEU M 53 -27.87 -11.33 69.71
CA LEU M 53 -27.60 -11.39 68.30
C LEU M 53 -26.12 -11.11 68.08
N GLN M 54 -25.46 -11.97 67.31
CA GLN M 54 -24.04 -11.87 67.03
C GLN M 54 -23.74 -10.92 65.87
N TYR M 55 -23.82 -9.63 66.14
CA TYR M 55 -23.53 -8.60 65.14
C TYR M 55 -22.09 -8.03 65.19
N ASP M 56 -21.45 -8.13 66.34
CA ASP M 56 -20.11 -7.57 66.51
C ASP M 56 -18.95 -8.54 66.30
N VAL M 57 -19.09 -9.38 65.28
CA VAL M 57 -18.08 -10.34 64.91
C VAL M 57 -18.02 -10.30 63.38
N LEU M 58 -16.90 -10.70 62.80
CA LEU M 58 -16.74 -10.69 61.35
C LEU M 58 -17.74 -11.57 60.60
N GLU M 59 -18.28 -12.57 61.29
CA GLU M 59 -19.23 -13.49 60.67
C GLU M 59 -20.57 -12.85 60.35
N ALA M 60 -20.86 -11.70 60.93
CA ALA M 60 -22.13 -11.04 60.70
C ALA M 60 -22.06 -10.06 59.55
N LEU M 61 -21.01 -10.20 58.74
CA LEU M 61 -20.80 -9.31 57.60
C LEU M 61 -20.30 -10.07 56.38
N ASN M 62 -20.83 -9.71 55.21
CA ASN M 62 -20.43 -10.30 53.94
C ASN M 62 -19.15 -9.58 53.57
N GLU M 64 -16.62 -10.76 51.75
CA GLU M 64 -16.15 -11.05 50.42
C GLU M 64 -16.91 -10.11 49.48
N LYS M 65 -18.09 -9.69 49.91
CA LYS M 65 -18.90 -8.73 49.17
C LYS M 65 -18.14 -7.40 49.19
N SER M 68 -14.83 -7.30 47.21
CA SER M 68 -15.18 -7.16 45.82
C SER M 68 -15.43 -5.69 45.48
N ALA M 69 -16.19 -5.01 46.35
CA ALA M 69 -16.51 -3.61 46.16
C ALA M 69 -15.25 -2.78 46.15
N ILE M 70 -14.27 -3.20 46.95
CA ILE M 70 -13.00 -2.50 47.02
C ILE M 70 -12.15 -2.77 45.76
N SER M 71 -12.24 -4.00 45.25
CA SER M 71 -11.52 -4.36 44.04
C SER M 71 -12.06 -3.59 42.86
N CYS M 72 -13.38 -3.41 42.81
CA CYS M 72 -14.00 -2.68 41.73
C CYS M 72 -13.55 -1.24 41.73
N TRP M 73 -13.48 -0.66 42.92
CA TRP M 73 -13.05 0.71 43.04
C TRP M 73 -11.60 0.80 42.59
N GLU M 75 -9.66 -1.18 40.68
CA GLU M 75 -9.37 -1.35 39.27
C GLU M 75 -10.00 -0.28 38.36
N SER M 76 -11.16 0.23 38.73
CA SER M 76 -11.78 1.28 37.91
C SER M 76 -11.10 2.62 38.19
N ALA M 77 -10.34 2.66 39.28
CA ALA M 77 -9.62 3.87 39.68
C ALA M 77 -8.38 4.07 38.80
N ARG M 78 -7.83 2.97 38.30
CA ARG M 78 -6.65 3.04 37.43
C ARG M 78 -7.00 3.79 36.13
N HIS M 79 -8.19 4.38 36.08
CA HIS M 79 -8.64 5.08 34.88
C HIS M 79 -9.32 6.39 35.29
N ILE M 92 -4.97 11.96 42.20
CA ILE M 92 -4.81 10.62 42.76
C ILE M 92 -6.07 10.18 43.53
N PRO M 93 -6.63 9.01 43.16
CA PRO M 93 -7.84 8.43 43.76
C PRO M 93 -7.66 8.06 45.24
N ILE M 94 -8.58 8.53 46.09
CA ILE M 94 -8.51 8.21 47.51
C ILE M 94 -9.73 7.42 48.00
N LEU M 95 -9.46 6.35 48.74
CA LEU M 95 -10.53 5.54 49.28
C LEU M 95 -10.44 5.51 50.79
N ILE M 96 -11.56 5.85 51.43
CA ILE M 96 -11.66 5.80 52.86
C ILE M 96 -12.58 4.65 53.14
N ILE M 97 -12.09 3.71 53.93
CA ILE M 97 -12.83 2.52 54.31
C ILE M 97 -13.02 2.68 55.80
N GLU M 98 -14.24 2.96 56.23
CA GLU M 98 -14.53 3.11 57.65
C GLU M 98 -15.32 1.88 58.08
N GLY M 99 -15.06 1.39 59.29
CA GLY M 99 -15.78 0.23 59.77
C GLY M 99 -15.34 -0.12 61.18
N PHE M 100 -16.23 -0.69 61.97
CA PHE M 100 -15.89 -1.02 63.35
C PHE M 100 -15.03 -2.27 63.57
N LEU M 101 -14.74 -2.99 62.50
CA LEU M 101 -13.98 -4.23 62.62
C LEU M 101 -13.13 -4.40 61.38
N LEU M 102 -12.06 -3.62 61.25
CA LEU M 102 -11.25 -3.70 60.06
C LEU M 102 -9.87 -4.31 60.18
N PHE M 103 -9.10 -3.83 61.14
CA PHE M 103 -7.73 -4.29 61.30
C PHE M 103 -7.56 -5.71 61.84
N ASN M 104 -8.61 -6.50 61.83
CA ASN M 104 -8.50 -7.90 62.27
C ASN M 104 -8.94 -8.82 61.12
N TYR M 105 -9.20 -8.21 59.97
CA TYR M 105 -9.57 -8.94 58.78
C TYR M 105 -8.27 -8.98 58.00
N LYS M 106 -7.67 -10.16 57.91
CA LYS M 106 -6.39 -10.36 57.25
C LYS M 106 -6.28 -9.89 55.80
N PRO M 107 -7.32 -10.10 55.00
CA PRO M 107 -7.25 -9.67 53.60
C PRO M 107 -6.90 -8.20 53.39
N LEU M 108 -7.23 -7.35 54.35
CA LEU M 108 -6.98 -5.92 54.21
C LEU M 108 -5.59 -5.43 54.56
N ASP M 109 -4.96 -6.07 55.52
CA ASP M 109 -3.63 -5.69 55.99
C ASP M 109 -2.64 -5.20 54.92
N THR M 110 -2.63 -5.86 53.78
CA THR M 110 -1.71 -5.54 52.70
C THR M 110 -2.31 -4.59 51.68
N ILE M 111 -3.24 -3.76 52.14
CA ILE M 111 -3.93 -2.81 51.29
C ILE M 111 -3.90 -1.40 51.87
N TRP M 112 -3.95 -1.30 53.20
CA TRP M 112 -3.91 -0.02 53.90
C TRP M 112 -2.71 0.79 53.44
N ASN M 113 -2.90 2.11 53.34
CA ASN M 113 -1.85 3.04 52.98
C ASN M 113 -1.68 3.88 54.23
N ARG M 114 -2.76 3.97 54.98
CA ARG M 114 -2.80 4.72 56.23
C ARG M 114 -3.95 4.17 57.09
N SER M 115 -3.65 3.83 58.34
CA SER M 115 -4.66 3.30 59.25
C SER M 115 -4.81 4.23 60.46
N TYR M 116 -6.05 4.50 60.84
CA TYR M 116 -6.36 5.35 61.99
C TYR M 116 -7.33 4.57 62.87
N PHE M 117 -7.19 4.72 64.19
CA PHE M 117 -8.05 4.02 65.13
C PHE M 117 -8.57 4.97 66.21
N LEU M 118 -9.88 5.16 66.25
CA LEU M 118 -10.47 6.06 67.22
C LEU M 118 -10.72 5.35 68.56
N THR M 119 -10.51 6.07 69.65
CA THR M 119 -10.71 5.49 70.95
C THR M 119 -11.53 6.42 71.77
N ILE M 120 -12.60 5.87 72.33
CA ILE M 120 -13.53 6.57 73.17
C ILE M 120 -13.74 5.70 74.43
N PRO M 121 -13.83 6.32 75.60
CA PRO M 121 -14.01 5.63 76.88
C PRO M 121 -15.29 4.80 76.96
N TYR M 122 -15.31 3.82 77.86
CA TYR M 122 -16.49 2.96 78.05
C TYR M 122 -17.78 3.75 78.32
N GLU M 123 -17.75 4.66 79.28
CA GLU M 123 -18.91 5.46 79.67
C GLU M 123 -19.46 6.36 78.58
N GLU M 124 -18.57 6.83 77.71
CA GLU M 124 -18.96 7.71 76.59
C GLU M 124 -19.56 6.88 75.47
N CYS M 125 -18.85 5.81 75.12
CA CYS M 125 -19.31 4.91 74.08
C CYS M 125 -20.73 4.37 74.39
N LYS M 126 -20.93 3.93 75.64
CA LYS M 126 -22.19 3.39 76.10
C LYS M 126 -23.32 4.42 75.99
N ARG M 127 -23.00 5.64 76.36
CA ARG M 127 -23.94 6.75 76.32
C ARG M 127 -24.32 7.11 74.92
N ARG M 128 -23.33 7.27 74.05
CA ARG M 128 -23.60 7.63 72.67
C ARG M 128 -24.47 6.56 72.05
N ARG M 129 -24.08 5.32 72.28
CA ARG M 129 -24.81 4.18 71.76
C ARG M 129 -26.33 4.17 72.10
N SER M 130 -26.70 4.66 73.28
CA SER M 130 -28.08 4.70 73.73
C SER M 130 -28.91 5.82 73.12
N THR M 131 -28.27 6.69 72.35
CA THR M 131 -29.00 7.79 71.70
C THR M 131 -29.46 7.37 70.30
N ARG M 132 -28.99 6.21 69.89
CA ARG M 132 -29.32 5.67 68.57
C ARG M 132 -30.14 4.40 68.66
N VAL M 133 -31.23 4.42 67.93
CA VAL M 133 -32.11 3.28 67.90
C VAL M 133 -31.69 2.39 66.75
N TYR M 134 -31.12 1.24 67.05
CA TYR M 134 -30.69 0.31 66.01
C TYR M 134 -31.85 -0.59 65.52
N GLN M 135 -31.55 -1.47 64.58
CA GLN M 135 -32.54 -2.42 64.05
C GLN M 135 -31.85 -3.72 63.62
N PRO M 136 -32.07 -4.81 64.38
CA PRO M 136 -32.89 -4.91 65.59
C PRO M 136 -32.37 -4.06 66.74
N PRO M 137 -33.28 -3.62 67.63
CA PRO M 137 -32.91 -2.79 68.78
C PRO M 137 -31.97 -3.45 69.79
N ASP M 138 -31.20 -2.64 70.51
CA ASP M 138 -30.31 -3.19 71.54
C ASP M 138 -31.21 -3.84 72.58
N SER M 139 -31.05 -5.14 72.78
CA SER M 139 -31.83 -5.86 73.78
C SER M 139 -31.35 -5.38 75.14
N PRO M 140 -32.01 -5.80 76.21
CA PRO M 140 -31.57 -5.36 77.55
C PRO M 140 -30.18 -5.91 77.86
N GLY M 141 -29.25 -5.00 78.18
CA GLY M 141 -27.89 -5.40 78.50
C GLY M 141 -27.07 -5.95 77.34
N TYR M 142 -27.42 -5.52 76.13
CA TYR M 142 -26.72 -5.96 74.92
C TYR M 142 -25.33 -5.34 74.83
N PHE M 143 -25.25 -4.07 75.24
CA PHE M 143 -23.98 -3.34 75.24
C PHE M 143 -22.92 -4.06 76.09
N ASP M 144 -23.24 -4.26 77.36
CA ASP M 144 -22.32 -4.94 78.24
C ASP M 144 -22.13 -6.40 77.87
N GLY M 145 -23.19 -7.07 77.43
CA GLY M 145 -23.10 -8.48 77.11
C GLY M 145 -22.53 -8.91 75.77
N HIS M 146 -22.54 -8.00 74.80
CA HIS M 146 -22.03 -8.35 73.48
C HIS M 146 -21.14 -7.30 72.87
N VAL M 147 -21.67 -6.09 72.74
CA VAL M 147 -20.93 -4.99 72.12
C VAL M 147 -19.58 -4.75 72.78
N TRP M 148 -19.54 -4.40 74.07
CA TRP M 148 -18.24 -4.14 74.69
C TRP M 148 -17.31 -5.35 74.69
N PRO M 149 -17.78 -6.49 75.21
CA PRO M 149 -16.94 -7.68 75.24
C PRO M 149 -16.31 -7.92 73.86
N TYR M 151 -15.75 -5.77 71.39
CA TYR M 151 -14.80 -4.73 71.04
C TYR M 151 -13.45 -5.12 71.63
N LEU M 152 -13.43 -5.34 72.95
CA LEU M 152 -12.20 -5.70 73.65
C LEU M 152 -11.54 -6.90 72.95
N LYS M 153 -12.37 -7.82 72.48
CA LYS M 153 -11.90 -9.02 71.78
C LYS M 153 -11.21 -8.62 70.47
N TYR M 154 -11.65 -7.50 69.91
CA TYR M 154 -11.10 -6.98 68.68
C TYR M 154 -9.80 -6.24 68.98
N ARG M 155 -9.78 -5.49 70.09
CA ARG M 155 -8.59 -4.76 70.52
C ARG M 155 -7.41 -5.72 70.70
N GLN M 156 -7.73 -6.90 71.22
CA GLN M 156 -6.76 -7.96 71.51
C GLN M 156 -6.26 -8.67 70.28
N GLU M 157 -7.14 -8.85 69.29
CA GLU M 157 -6.78 -9.52 68.04
C GLU M 157 -5.95 -8.53 67.23
N GLN M 159 -3.35 -6.89 68.80
CA GLN M 159 -2.04 -6.92 69.49
C GLN M 159 -0.95 -7.47 68.56
N ASP M 160 -1.40 -8.14 67.49
CA ASP M 160 -0.54 -8.78 66.49
C ASP M 160 -0.18 -7.88 65.30
N ILE M 161 -0.96 -6.83 65.09
CA ILE M 161 -0.70 -5.91 63.99
C ILE M 161 0.80 -5.64 63.83
N THR M 162 1.29 -5.77 62.60
CA THR M 162 2.70 -5.55 62.33
C THR M 162 2.93 -4.18 61.72
N TRP M 163 1.87 -3.56 61.21
CA TRP M 163 1.99 -2.24 60.61
C TRP M 163 1.63 -1.11 61.57
N GLU M 164 1.68 0.13 61.06
CA GLU M 164 1.40 1.30 61.88
C GLU M 164 -0.02 1.85 61.88
N VAL M 165 -0.66 1.79 63.04
CA VAL M 165 -2.00 2.33 63.20
C VAL M 165 -1.82 3.58 64.05
N VAL M 166 -2.38 4.69 63.57
CA VAL M 166 -2.32 5.98 64.26
C VAL M 166 -3.54 6.06 65.14
N TYR M 167 -3.35 6.07 66.45
CA TYR M 167 -4.49 6.17 67.35
C TYR M 167 -4.99 7.61 67.55
N LEU M 168 -6.31 7.76 67.54
CA LEU M 168 -6.92 9.07 67.70
C LEU M 168 -7.79 9.08 68.93
N ASP M 169 -7.87 10.24 69.58
CA ASP M 169 -8.68 10.43 70.77
C ASP M 169 -10.06 10.84 70.27
N GLY M 170 -11.05 9.97 70.42
CA GLY M 170 -12.38 10.28 69.96
C GLY M 170 -13.15 11.28 70.79
N THR M 171 -12.60 11.61 71.97
CA THR M 171 -13.24 12.55 72.89
C THR M 171 -12.89 13.98 72.45
N LYS M 172 -11.83 14.07 71.66
CA LYS M 172 -11.37 15.35 71.13
C LYS M 172 -12.44 15.97 70.27
N SER M 173 -12.17 17.21 69.87
CA SER M 173 -13.07 17.98 69.02
C SER M 173 -13.29 17.24 67.71
N GLU M 174 -14.45 17.45 67.12
CA GLU M 174 -14.75 16.80 65.85
C GLU M 174 -13.88 17.40 64.74
N GLU M 175 -13.60 18.70 64.84
CA GLU M 175 -12.76 19.34 63.83
C GLU M 175 -11.30 19.09 64.14
N ASP M 176 -10.97 18.99 65.42
CA ASP M 176 -9.58 18.72 65.81
C ASP M 176 -9.14 17.36 65.29
N LEU M 177 -10.03 16.37 65.33
CA LEU M 177 -9.70 15.04 64.82
C LEU M 177 -9.52 15.09 63.31
N PHE M 178 -10.39 15.87 62.65
CA PHE M 178 -10.37 16.05 61.20
C PHE M 178 -9.06 16.67 60.77
N LEU M 179 -8.66 17.70 61.50
CA LEU M 179 -7.43 18.41 61.20
C LEU M 179 -6.19 17.56 61.45
N GLN M 180 -6.21 16.79 62.53
CA GLN M 180 -5.09 15.92 62.85
C GLN M 180 -4.86 14.91 61.73
N VAL M 181 -5.94 14.44 61.14
CA VAL M 181 -5.85 13.47 60.08
C VAL M 181 -5.53 14.19 58.78
N TYR M 182 -6.19 15.32 58.58
CA TYR M 182 -6.00 16.09 57.37
C TYR M 182 -4.51 16.47 57.14
N GLU M 183 -3.84 17.00 58.17
CA GLU M 183 -2.42 17.38 58.05
C GLU M 183 -1.64 16.17 57.64
N ASP M 184 -1.76 15.13 58.45
CA ASP M 184 -1.07 13.89 58.21
C ASP M 184 -1.23 13.38 56.79
N LEU M 185 -2.45 13.40 56.30
CA LEU M 185 -2.76 12.91 54.97
C LEU M 185 -2.07 13.70 53.87
N ILE M 186 -1.72 14.95 54.18
CA ILE M 186 -1.03 15.79 53.21
C ILE M 186 0.46 15.60 53.40
N GLN M 187 0.84 15.25 54.62
CA GLN M 187 2.24 15.00 54.95
C GLN M 187 2.60 13.57 54.55
N GLU M 188 1.68 12.90 53.87
CA GLU M 188 1.87 11.52 53.40
C GLU M 188 1.75 11.60 51.90
N LEU M 189 0.89 12.50 51.45
CA LEU M 189 0.69 12.70 50.03
C LEU M 189 1.85 13.56 49.54
N ALA M 190 2.47 14.26 50.47
CA ALA M 190 3.59 15.11 50.15
C ALA M 190 4.66 14.18 49.57
N LYS M 191 4.94 13.08 50.29
CA LYS M 191 5.92 12.07 49.85
C LYS M 191 5.44 11.19 48.67
N GLN M 192 4.55 11.75 47.85
CA GLN M 192 4.00 11.08 46.67
C GLN M 192 4.49 11.84 45.43
N LYS N 2 -60.47 38.19 37.11
CA LYS N 2 -59.32 37.60 37.86
C LYS N 2 -58.11 37.31 36.96
N THR N 3 -58.36 37.14 35.66
CA THR N 3 -57.30 36.86 34.70
C THR N 3 -57.49 37.71 33.45
N PHE N 4 -56.39 38.24 32.94
CA PHE N 4 -56.43 39.08 31.74
C PHE N 4 -55.91 38.28 30.53
N ILE N 5 -56.75 38.15 29.51
CA ILE N 5 -56.38 37.41 28.31
C ILE N 5 -56.16 38.35 27.15
N ILE N 6 -54.96 38.31 26.58
CA ILE N 6 -54.63 39.18 25.46
C ILE N 6 -54.44 38.39 24.17
N GLY N 7 -55.02 38.92 23.09
CA GLY N 7 -54.90 38.28 21.81
C GLY N 7 -54.09 39.15 20.89
N ILE N 8 -53.16 38.53 20.17
CA ILE N 8 -52.33 39.23 19.22
C ILE N 8 -52.30 38.47 17.90
N SER N 9 -53.03 38.96 16.90
CA SER N 9 -53.07 38.29 15.61
C SER N 9 -52.50 39.16 14.48
N GLY N 10 -52.52 38.64 13.26
CA GLY N 10 -52.01 39.37 12.11
C GLY N 10 -51.30 38.44 11.12
N VAL N 11 -51.15 38.91 9.89
CA VAL N 11 -50.51 38.11 8.86
C VAL N 11 -49.13 37.58 9.28
N THR N 12 -48.63 36.56 8.57
CA THR N 12 -47.34 35.96 8.89
C THR N 12 -46.24 37.01 8.83
N ASN N 13 -45.31 36.93 9.77
CA ASN N 13 -44.21 37.87 9.84
C ASN N 13 -44.61 39.33 10.02
N SER N 14 -45.73 39.58 10.70
CA SER N 14 -46.17 40.95 10.93
C SER N 14 -45.47 41.44 12.19
N GLY N 15 -44.91 40.49 12.94
CA GLY N 15 -44.21 40.80 14.19
C GLY N 15 -44.90 40.36 15.48
N LYS N 16 -45.81 39.39 15.40
CA LYS N 16 -46.56 38.89 16.55
C LYS N 16 -45.69 38.21 17.61
N THR N 17 -44.76 37.35 17.19
CA THR N 17 -43.91 36.67 18.15
C THR N 17 -43.11 37.72 18.91
N THR N 18 -42.51 38.64 18.14
CA THR N 18 -41.69 39.71 18.73
C THR N 18 -42.42 40.59 19.73
N LEU N 19 -43.68 40.96 19.44
CA LEU N 19 -44.44 41.78 20.37
C LEU N 19 -44.76 40.96 21.61
N ALA N 20 -45.18 39.72 21.41
CA ALA N 20 -45.51 38.84 22.52
C ALA N 20 -44.37 38.72 23.50
N LYS N 21 -43.16 38.52 22.99
CA LYS N 21 -41.96 38.36 23.83
C LYS N 21 -41.56 39.63 24.59
N ASN N 22 -41.70 40.79 23.94
CA ASN N 22 -41.35 42.03 24.59
C ASN N 22 -42.25 42.24 25.78
N LEU N 23 -43.55 42.16 25.54
CA LEU N 23 -44.58 42.31 26.58
C LEU N 23 -44.37 41.34 27.74
N GLN N 24 -44.17 40.08 27.41
CA GLN N 24 -43.93 39.05 28.40
C GLN N 24 -42.78 39.40 29.35
N LYS N 25 -41.71 39.97 28.77
CA LYS N 25 -40.53 40.39 29.53
C LYS N 25 -40.85 41.46 30.57
N HIS N 26 -41.68 42.42 30.20
CA HIS N 26 -42.00 43.50 31.11
C HIS N 26 -43.38 43.43 31.74
N LEU N 27 -44.04 42.30 31.60
CA LEU N 27 -45.34 42.12 32.22
C LEU N 27 -45.18 41.11 33.36
N PRO N 28 -45.74 41.45 34.53
CA PRO N 28 -45.65 40.58 35.70
C PRO N 28 -46.71 39.52 35.67
N ASN N 29 -46.32 38.31 36.07
CA ASN N 29 -47.23 37.18 36.12
C ASN N 29 -47.84 37.04 34.73
N CYS N 30 -46.99 37.00 33.71
CA CYS N 30 -47.45 36.90 32.34
C CYS N 30 -46.99 35.62 31.62
N SER N 31 -47.92 34.99 30.89
CA SER N 31 -47.66 33.76 30.14
C SER N 31 -47.90 33.90 28.65
N VAL N 32 -47.32 33.00 27.86
CA VAL N 32 -47.46 33.04 26.41
C VAL N 32 -47.78 31.68 25.76
N ILE N 33 -48.75 31.72 24.85
CA ILE N 33 -49.16 30.54 24.08
C ILE N 33 -49.03 30.90 22.62
N SER N 34 -48.29 30.10 21.85
CA SER N 34 -48.16 30.33 20.42
C SER N 34 -49.07 29.39 19.64
N GLN N 35 -49.88 29.96 18.77
CA GLN N 35 -50.81 29.16 17.99
C GLN N 35 -50.11 28.14 17.10
N ASP N 36 -48.82 28.37 16.85
CA ASP N 36 -48.01 27.51 15.98
C ASP N 36 -47.47 26.25 16.60
N ASP N 37 -47.56 26.14 17.92
CA ASP N 37 -47.08 24.92 18.55
C ASP N 37 -48.18 23.88 18.39
N PHE N 38 -49.30 24.30 17.80
CA PHE N 38 -50.47 23.46 17.60
C PHE N 38 -50.81 23.04 16.17
N PHE N 39 -49.82 23.08 15.29
CA PHE N 39 -50.03 22.67 13.91
C PHE N 39 -50.10 21.13 13.84
N LYS N 40 -51.02 20.61 13.03
CA LYS N 40 -51.11 19.16 12.88
C LYS N 40 -49.81 18.71 12.24
N PRO N 41 -49.47 17.40 12.35
CA PRO N 41 -48.24 16.93 11.73
C PRO N 41 -48.31 17.00 10.21
N GLU N 42 -47.15 17.01 9.56
CA GLU N 42 -47.07 17.09 8.11
C GLU N 42 -47.97 16.06 7.42
N SER N 43 -47.98 14.84 7.95
CA SER N 43 -48.79 13.74 7.40
C SER N 43 -50.30 13.95 7.49
N GLU N 44 -50.73 14.97 8.22
CA GLU N 44 -52.14 15.28 8.39
C GLU N 44 -52.57 16.48 7.54
N ILE N 45 -51.58 17.15 6.95
CA ILE N 45 -51.83 18.33 6.12
C ILE N 45 -52.24 17.96 4.70
N GLU N 46 -53.21 18.70 4.15
CA GLU N 46 -53.69 18.43 2.81
C GLU N 46 -53.20 19.41 1.76
N THR N 47 -53.08 18.94 0.52
CA THR N 47 -52.61 19.78 -0.58
C THR N 47 -53.78 19.90 -1.54
N ASP N 48 -54.11 21.14 -1.92
CA ASP N 48 -55.20 21.44 -2.84
C ASP N 48 -54.92 20.99 -4.27
N LYS N 49 -55.91 21.20 -5.15
CA LYS N 49 -55.84 20.84 -6.56
C LYS N 49 -54.52 21.22 -7.22
N ASN N 50 -53.99 22.38 -6.83
CA ASN N 50 -52.76 22.89 -7.41
C ASN N 50 -51.48 22.55 -6.63
N GLY N 51 -51.60 21.53 -5.78
CA GLY N 51 -50.48 21.07 -4.99
C GLY N 51 -49.96 22.09 -4.00
N PHE N 52 -50.88 22.62 -3.18
CA PHE N 52 -50.51 23.60 -2.17
C PHE N 52 -50.88 23.08 -0.79
N LEU N 53 -49.87 22.80 0.05
CA LEU N 53 -50.15 22.31 1.38
C LEU N 53 -51.04 23.31 2.09
N GLN N 54 -52.14 22.84 2.66
CA GLN N 54 -53.09 23.69 3.36
C GLN N 54 -52.68 24.01 4.80
N TYR N 55 -51.75 24.95 4.95
CA TYR N 55 -51.26 25.36 6.27
C TYR N 55 -51.91 26.62 6.83
N ASP N 56 -52.41 27.48 5.96
CA ASP N 56 -53.01 28.74 6.39
C ASP N 56 -54.54 28.67 6.53
N VAL N 57 -55.02 27.60 7.15
CA VAL N 57 -56.43 27.39 7.38
C VAL N 57 -56.56 26.78 8.77
N LEU N 58 -57.66 27.05 9.47
CA LEU N 58 -57.87 26.50 10.80
C LEU N 58 -57.76 24.97 10.85
N GLU N 59 -58.01 24.32 9.73
CA GLU N 59 -57.96 22.86 9.61
C GLU N 59 -56.54 22.30 9.75
N ALA N 60 -55.54 23.16 9.66
CA ALA N 60 -54.17 22.69 9.76
C ALA N 60 -53.63 22.78 11.20
N LEU N 61 -54.50 23.06 12.16
CA LEU N 61 -54.11 23.19 13.55
C LEU N 61 -55.01 22.42 14.48
N ASN N 62 -54.41 21.88 15.55
CA ASN N 62 -55.13 21.14 16.57
C ASN N 62 -55.61 22.20 17.50
N GLU N 64 -58.40 22.12 19.30
CA GLU N 64 -59.04 21.62 20.51
C GLU N 64 -57.97 21.35 21.51
N LYS N 65 -56.76 21.17 20.99
CA LYS N 65 -55.54 20.93 21.77
C LYS N 65 -55.17 22.26 22.40
N SER N 68 -57.69 23.47 25.13
CA SER N 68 -57.50 22.74 26.36
C SER N 68 -56.31 23.26 27.16
N ALA N 69 -55.31 23.76 26.44
CA ALA N 69 -54.10 24.32 27.05
C ALA N 69 -54.45 25.65 27.68
N ILE N 70 -55.39 26.35 27.07
CA ILE N 70 -55.85 27.64 27.58
C ILE N 70 -56.72 27.44 28.83
N SER N 71 -57.57 26.41 28.82
CA SER N 71 -58.44 26.07 29.95
C SER N 71 -57.55 25.68 31.11
N CYS N 72 -56.46 24.99 30.81
CA CYS N 72 -55.56 24.56 31.85
C CYS N 72 -54.98 25.79 32.50
N TRP N 73 -54.50 26.69 31.67
CA TRP N 73 -53.89 27.89 32.19
C TRP N 73 -54.91 28.65 33.07
N GLU N 75 -57.76 27.81 34.59
CA GLU N 75 -58.16 27.22 35.86
C GLU N 75 -57.02 27.10 36.87
N SER N 76 -55.80 26.90 36.40
CA SER N 76 -54.69 26.78 37.33
C SER N 76 -54.30 28.17 37.76
N ALA N 77 -54.76 29.16 36.99
CA ALA N 77 -54.48 30.57 37.27
C ALA N 77 -55.24 31.07 38.49
N ARG N 78 -56.43 30.52 38.72
CA ARG N 78 -57.26 30.91 39.87
C ARG N 78 -56.59 30.47 41.16
N HIS N 79 -55.29 30.21 41.08
CA HIS N 79 -54.51 29.78 42.23
C HIS N 79 -53.14 30.40 42.13
N ILE N 92 -52.12 39.66 39.18
CA ILE N 92 -53.15 39.18 38.26
C ILE N 92 -52.49 38.48 37.08
N PRO N 93 -52.84 37.20 36.85
CA PRO N 93 -52.30 36.37 35.75
C PRO N 93 -52.63 36.89 34.35
N ILE N 94 -51.62 36.96 33.51
CA ILE N 94 -51.81 37.47 32.16
C ILE N 94 -51.38 36.44 31.12
N LEU N 95 -52.25 36.21 30.14
CA LEU N 95 -51.98 35.26 29.08
C LEU N 95 -51.99 35.93 27.72
N ILE N 96 -50.89 35.79 26.99
CA ILE N 96 -50.81 36.35 25.67
C ILE N 96 -50.97 35.20 24.70
N ILE N 97 -51.97 35.29 23.84
CA ILE N 97 -52.18 34.24 22.87
C ILE N 97 -51.81 34.88 21.54
N GLU N 98 -50.69 34.45 20.95
CA GLU N 98 -50.30 35.00 19.67
C GLU N 98 -50.56 33.92 18.61
N GLY N 99 -51.04 34.36 17.44
CA GLY N 99 -51.34 33.44 16.35
C GLY N 99 -51.80 34.15 15.08
N PHE N 100 -51.47 33.57 13.93
CA PHE N 100 -51.84 34.19 12.66
C PHE N 100 -53.30 33.98 12.26
N LEU N 101 -54.02 33.17 13.03
CA LEU N 101 -55.43 32.86 12.73
C LEU N 101 -56.16 32.67 14.05
N LEU N 102 -56.54 33.77 14.70
CA LEU N 102 -57.23 33.71 15.99
C LEU N 102 -58.66 34.27 16.06
N PHE N 103 -58.86 35.47 15.52
CA PHE N 103 -60.15 36.12 15.62
C PHE N 103 -61.23 35.58 14.71
N ASN N 104 -60.92 34.47 14.05
CA ASN N 104 -61.88 33.86 13.14
C ASN N 104 -62.25 32.49 13.69
N TYR N 105 -61.75 32.21 14.89
CA TYR N 105 -62.03 30.96 15.60
C TYR N 105 -63.01 31.41 16.68
N LYS N 106 -64.27 31.03 16.48
CA LYS N 106 -65.38 31.39 17.37
C LYS N 106 -65.22 31.10 18.87
N PRO N 107 -64.64 29.94 19.23
CA PRO N 107 -64.47 29.63 20.66
C PRO N 107 -63.74 30.70 21.47
N LEU N 108 -62.88 31.48 20.83
CA LEU N 108 -62.09 32.50 21.55
C LEU N 108 -62.75 33.88 21.74
N ASP N 109 -63.72 34.18 20.89
CA ASP N 109 -64.39 35.46 20.94
C ASP N 109 -64.79 35.95 22.34
N THR N 110 -65.41 35.08 23.11
CA THR N 110 -65.89 35.42 24.45
C THR N 110 -64.84 35.26 25.55
N ILE N 111 -63.56 35.30 25.18
CA ILE N 111 -62.44 35.11 26.11
C ILE N 111 -61.44 36.28 26.10
N TRP N 112 -61.34 36.93 24.94
CA TRP N 112 -60.45 38.06 24.73
C TRP N 112 -60.78 39.19 25.68
N ASN N 113 -59.74 39.74 26.30
CA ASN N 113 -59.90 40.87 27.21
C ASN N 113 -59.43 42.07 26.43
N ARG N 114 -58.51 41.80 25.50
CA ARG N 114 -57.93 42.81 24.65
C ARG N 114 -57.51 42.10 23.40
N SER N 115 -57.72 42.72 22.25
CA SER N 115 -57.36 42.13 20.98
C SER N 115 -56.55 43.11 20.15
N TYR N 116 -55.42 42.63 19.61
CA TYR N 116 -54.57 43.49 18.79
C TYR N 116 -54.34 42.82 17.47
N PHE N 117 -54.20 43.61 16.40
CA PHE N 117 -53.99 43.04 15.07
C PHE N 117 -52.93 43.77 14.28
N LEU N 118 -51.78 43.15 14.11
CA LEU N 118 -50.71 43.75 13.36
C LEU N 118 -50.96 43.68 11.87
N THR N 119 -50.67 44.77 11.18
CA THR N 119 -50.84 44.85 9.74
C THR N 119 -49.52 45.22 9.09
N ILE N 120 -49.19 44.53 8.02
CA ILE N 120 -47.96 44.80 7.28
C ILE N 120 -48.35 44.72 5.80
N PRO N 121 -47.69 45.52 4.95
CA PRO N 121 -47.96 45.55 3.50
C PRO N 121 -47.59 44.26 2.77
N TYR N 122 -48.26 44.01 1.66
CA TYR N 122 -48.00 42.82 0.88
C TYR N 122 -46.51 42.61 0.60
N GLU N 123 -45.83 43.66 0.12
CA GLU N 123 -44.42 43.54 -0.25
C GLU N 123 -43.47 43.29 0.90
N GLU N 124 -43.75 43.89 2.05
CA GLU N 124 -42.93 43.73 3.25
C GLU N 124 -43.11 42.33 3.84
N CYS N 125 -44.34 41.85 3.79
CA CYS N 125 -44.68 40.53 4.29
C CYS N 125 -43.98 39.45 3.50
N LYS N 126 -44.09 39.55 2.19
CA LYS N 126 -43.47 38.60 1.26
C LYS N 126 -41.97 38.55 1.43
N ARG N 127 -41.36 39.72 1.63
CA ARG N 127 -39.92 39.85 1.81
C ARG N 127 -39.44 39.17 3.09
N ARG N 128 -40.06 39.54 4.22
CA ARG N 128 -39.73 38.94 5.52
C ARG N 128 -39.84 37.43 5.42
N ARG N 129 -41.00 36.95 4.97
CA ARG N 129 -41.29 35.53 4.79
C ARG N 129 -40.19 34.78 4.03
N SER N 130 -39.56 35.44 3.08
CA SER N 130 -38.53 34.81 2.26
C SER N 130 -37.21 34.71 2.98
N THR N 131 -37.11 35.33 4.15
CA THR N 131 -35.86 35.27 4.90
C THR N 131 -35.91 34.08 5.86
N ARG N 132 -37.09 33.49 5.94
CA ARG N 132 -37.35 32.38 6.82
C ARG N 132 -37.50 31.06 6.05
N VAL N 133 -36.77 30.05 6.47
CA VAL N 133 -36.83 28.75 5.82
C VAL N 133 -37.80 27.88 6.62
N TYR N 134 -39.02 27.70 6.13
CA TYR N 134 -40.01 26.89 6.83
C TYR N 134 -39.78 25.40 6.56
N GLN N 135 -40.62 24.58 7.18
CA GLN N 135 -40.56 23.13 7.00
C GLN N 135 -41.98 22.59 7.11
N PRO N 136 -42.54 22.10 5.99
CA PRO N 136 -41.96 22.02 4.66
C PRO N 136 -41.75 23.40 4.09
N PRO N 137 -40.70 23.57 3.28
CA PRO N 137 -40.36 24.84 2.66
C PRO N 137 -41.45 25.39 1.75
N ASP N 138 -41.45 26.71 1.59
CA ASP N 138 -42.41 27.38 0.73
C ASP N 138 -42.17 26.93 -0.70
N SER N 139 -43.17 26.29 -1.29
CA SER N 139 -43.04 25.82 -2.67
C SER N 139 -43.00 27.03 -3.56
N PRO N 140 -42.68 26.81 -4.84
CA PRO N 140 -42.64 27.94 -5.77
C PRO N 140 -44.02 28.60 -5.88
N GLY N 141 -44.08 29.90 -5.59
CA GLY N 141 -45.33 30.61 -5.68
C GLY N 141 -46.34 30.21 -4.63
N TYR N 142 -45.83 29.77 -3.48
CA TYR N 142 -46.67 29.34 -2.35
C TYR N 142 -47.25 30.57 -1.64
N PHE N 143 -46.45 31.61 -1.53
CA PHE N 143 -46.88 32.84 -0.87
C PHE N 143 -48.09 33.45 -1.59
N ASP N 144 -47.98 33.61 -2.90
CA ASP N 144 -49.06 34.19 -3.69
C ASP N 144 -50.19 33.20 -3.91
N GLY N 145 -49.81 31.93 -3.99
CA GLY N 145 -50.79 30.89 -4.22
C GLY N 145 -51.61 30.40 -3.03
N HIS N 146 -51.06 30.52 -1.82
CA HIS N 146 -51.80 30.07 -0.65
C HIS N 146 -51.74 31.03 0.53
N VAL N 147 -50.53 31.47 0.85
CA VAL N 147 -50.34 32.37 1.99
C VAL N 147 -51.11 33.66 1.88
N TRP N 148 -50.90 34.46 0.84
CA TRP N 148 -51.61 35.74 0.77
C TRP N 148 -53.12 35.62 0.60
N PRO N 149 -53.57 34.74 -0.31
CA PRO N 149 -55.02 34.58 -0.53
C PRO N 149 -55.70 34.20 0.78
N TYR N 151 -54.71 34.84 3.91
CA TYR N 151 -54.75 35.93 4.88
C TYR N 151 -55.95 36.83 4.54
N LEU N 152 -56.08 37.16 3.26
CA LEU N 152 -57.17 38.00 2.77
C LEU N 152 -58.51 37.38 3.08
N LYS N 153 -58.55 36.05 3.02
CA LYS N 153 -59.76 35.30 3.32
C LYS N 153 -60.07 35.47 4.81
N TYR N 154 -59.02 35.46 5.63
CA TYR N 154 -59.12 35.64 7.08
C TYR N 154 -59.55 37.08 7.43
N ARG N 155 -58.95 38.08 6.78
CA ARG N 155 -59.31 39.49 6.99
C ARG N 155 -60.80 39.71 6.82
N GLN N 156 -61.34 39.05 5.80
CA GLN N 156 -62.74 39.13 5.46
C GLN N 156 -63.62 38.46 6.52
N GLU N 157 -63.21 37.28 6.97
CA GLU N 157 -63.95 36.53 7.99
C GLU N 157 -63.94 37.28 9.32
N GLN N 159 -64.75 40.68 9.12
CA GLN N 159 -65.67 41.79 8.81
C GLN N 159 -66.92 41.65 9.70
N ASP N 160 -67.00 40.49 10.34
CA ASP N 160 -68.11 40.17 11.19
C ASP N 160 -67.86 40.57 12.66
N ILE N 161 -66.59 40.51 13.09
CA ILE N 161 -66.23 40.81 14.48
C ILE N 161 -67.14 41.85 15.14
N THR N 162 -67.62 41.53 16.33
CA THR N 162 -68.51 42.44 17.03
C THR N 162 -67.76 43.18 18.11
N TRP N 163 -66.65 42.61 18.57
CA TRP N 163 -65.90 43.28 19.61
C TRP N 163 -64.83 44.21 19.06
N GLU N 164 -64.02 44.77 19.96
CA GLU N 164 -62.99 45.71 19.56
C GLU N 164 -61.59 45.15 19.41
N VAL N 165 -61.02 45.36 18.23
CA VAL N 165 -59.67 44.94 17.92
C VAL N 165 -58.91 46.25 17.68
N VAL N 166 -57.76 46.40 18.35
CA VAL N 166 -56.90 47.58 18.20
C VAL N 166 -55.88 47.30 17.09
N TYR N 167 -55.99 47.99 15.95
CA TYR N 167 -55.04 47.72 14.86
C TYR N 167 -53.67 48.37 15.01
N LEU N 168 -52.64 47.59 14.76
CA LEU N 168 -51.28 48.06 14.89
C LEU N 168 -50.52 48.07 13.56
N ASP N 169 -49.60 49.02 13.44
CA ASP N 169 -48.77 49.17 12.25
C ASP N 169 -47.49 48.34 12.43
N GLY N 170 -47.41 47.21 11.74
CA GLY N 170 -46.22 46.39 11.87
C GLY N 170 -44.97 46.90 11.17
N THR N 171 -45.09 48.04 10.49
CA THR N 171 -43.97 48.65 9.79
C THR N 171 -43.28 49.59 10.79
N LYS N 172 -44.02 49.96 11.83
CA LYS N 172 -43.52 50.82 12.88
C LYS N 172 -42.34 50.16 13.55
N SER N 173 -41.77 50.90 14.48
CA SER N 173 -40.65 50.45 15.26
C SER N 173 -41.09 49.26 16.11
N GLU N 174 -40.14 48.36 16.37
CA GLU N 174 -40.41 47.19 17.19
C GLU N 174 -40.65 47.62 18.65
N GLU N 175 -39.94 48.66 19.11
CA GLU N 175 -40.14 49.15 20.47
C GLU N 175 -41.36 50.08 20.51
N ASP N 176 -41.61 50.80 19.42
CA ASP N 176 -42.77 51.69 19.36
C ASP N 176 -44.07 50.89 19.48
N LEU N 177 -44.13 49.73 18.82
CA LEU N 177 -45.31 48.87 18.88
C LEU N 177 -45.48 48.36 20.31
N PHE N 178 -44.37 47.94 20.91
CA PHE N 178 -44.35 47.44 22.28
C PHE N 178 -44.91 48.48 23.23
N LEU N 179 -44.41 49.70 23.12
CA LEU N 179 -44.85 50.77 24.00
C LEU N 179 -46.31 51.14 23.78
N GLN N 180 -46.77 51.06 22.54
CA GLN N 180 -48.14 51.38 22.24
C GLN N 180 -49.07 50.42 22.98
N VAL N 181 -48.70 49.16 22.94
CA VAL N 181 -49.48 48.12 23.58
C VAL N 181 -49.30 48.23 25.10
N TYR N 182 -48.05 48.36 25.51
CA TYR N 182 -47.70 48.46 26.91
C TYR N 182 -48.49 49.53 27.69
N GLU N 183 -48.61 50.72 27.09
CA GLU N 183 -49.32 51.80 27.74
C GLU N 183 -50.76 51.38 27.89
N ASP N 184 -51.34 50.99 26.76
CA ASP N 184 -52.72 50.58 26.70
C ASP N 184 -53.05 49.49 27.67
N LEU N 185 -52.12 48.56 27.84
CA LEU N 185 -52.33 47.45 28.75
C LEU N 185 -52.38 47.87 30.22
N ILE N 186 -51.77 49.02 30.54
CA ILE N 186 -51.80 49.51 31.91
C ILE N 186 -53.05 50.39 32.08
N GLN N 187 -53.40 51.09 30.99
CA GLN N 187 -54.56 51.95 30.95
C GLN N 187 -55.84 51.09 30.82
N GLU N 188 -55.67 49.78 30.98
CA GLU N 188 -56.78 48.82 30.88
C GLU N 188 -56.74 48.04 32.19
N LEU N 189 -55.53 47.95 32.76
CA LEU N 189 -55.33 47.28 34.03
C LEU N 189 -55.61 48.33 35.09
N ALA N 190 -55.58 49.60 34.68
CA ALA N 190 -55.86 50.70 35.59
C ALA N 190 -57.29 50.51 36.09
N LYS N 191 -58.17 50.17 35.15
CA LYS N 191 -59.58 49.94 35.43
C LYS N 191 -59.82 48.53 35.98
N GLN N 192 -58.87 48.04 36.78
CA GLN N 192 -58.95 46.70 37.43
C GLN N 192 -58.89 46.86 38.96
N LYS O 2 -33.86 -35.30 -5.05
CA LYS O 2 -34.24 -34.23 -6.04
C LYS O 2 -33.63 -32.87 -5.70
N THR O 3 -33.40 -32.61 -4.41
CA THR O 3 -32.77 -31.36 -3.98
C THR O 3 -31.59 -31.63 -3.01
N PHE O 4 -30.55 -30.81 -3.11
CA PHE O 4 -29.38 -30.96 -2.25
C PHE O 4 -29.36 -29.78 -1.25
N ILE O 5 -29.38 -30.11 0.04
CA ILE O 5 -29.39 -29.11 1.10
C ILE O 5 -28.06 -29.16 1.81
N ILE O 6 -27.37 -28.01 1.86
CA ILE O 6 -26.05 -27.91 2.47
C ILE O 6 -26.07 -26.97 3.66
N GLY O 7 -25.48 -27.44 4.76
CA GLY O 7 -25.41 -26.64 5.97
C GLY O 7 -23.99 -26.17 6.23
N ILE O 8 -23.87 -24.92 6.64
CA ILE O 8 -22.56 -24.33 6.93
C ILE O 8 -22.61 -23.53 8.22
N SER O 9 -22.15 -24.13 9.31
CA SER O 9 -22.16 -23.46 10.61
C SER O 9 -20.76 -23.17 11.14
N GLY O 10 -20.72 -22.66 12.36
CA GLY O 10 -19.46 -22.32 12.99
C GLY O 10 -19.59 -21.03 13.74
N VAL O 11 -18.60 -20.74 14.58
CA VAL O 11 -18.62 -19.53 15.38
C VAL O 11 -18.72 -18.25 14.52
N THR O 12 -19.02 -17.13 15.16
CA THR O 12 -19.14 -15.86 14.46
C THR O 12 -17.81 -15.50 13.81
N ASN O 13 -17.89 -14.90 12.63
CA ASN O 13 -16.73 -14.49 11.86
C ASN O 13 -15.79 -15.61 11.45
N SER O 14 -16.28 -16.83 11.43
CA SER O 14 -15.43 -17.95 11.05
C SER O 14 -15.23 -17.91 9.53
N GLY O 15 -16.13 -17.20 8.86
CA GLY O 15 -16.09 -17.06 7.42
C GLY O 15 -17.24 -17.75 6.71
N LYS O 16 -18.36 -17.95 7.41
CA LYS O 16 -19.53 -18.62 6.85
C LYS O 16 -20.19 -17.87 5.69
N THR O 17 -20.40 -16.57 5.86
CA THR O 17 -21.04 -15.75 4.82
C THR O 17 -20.20 -15.74 3.54
N THR O 18 -18.89 -15.73 3.72
CA THR O 18 -17.94 -15.72 2.61
C THR O 18 -17.85 -17.06 1.88
N LEU O 19 -17.99 -18.17 2.60
CA LEU O 19 -17.90 -19.47 1.98
C LEU O 19 -19.16 -19.70 1.15
N ALA O 20 -20.27 -19.27 1.72
CA ALA O 20 -21.58 -19.39 1.10
C ALA O 20 -21.64 -18.66 -0.23
N LYS O 21 -21.19 -17.41 -0.26
CA LYS O 21 -21.18 -16.58 -1.48
C LYS O 21 -20.33 -17.19 -2.60
N ASN O 22 -19.13 -17.65 -2.24
CA ASN O 22 -18.24 -18.25 -3.23
C ASN O 22 -18.93 -19.40 -3.90
N LEU O 23 -19.33 -20.40 -3.13
CA LEU O 23 -20.01 -21.57 -3.68
C LEU O 23 -21.18 -21.14 -4.53
N GLN O 24 -21.98 -20.22 -4.00
CA GLN O 24 -23.15 -19.72 -4.70
C GLN O 24 -22.77 -19.25 -6.09
N LYS O 25 -21.71 -18.45 -6.20
CA LYS O 25 -21.28 -17.97 -7.51
C LYS O 25 -20.91 -19.09 -8.50
N HIS O 26 -20.18 -20.11 -8.03
CA HIS O 26 -19.78 -21.19 -8.93
C HIS O 26 -20.66 -22.42 -8.92
N LEU O 27 -21.73 -22.39 -8.14
CA LEU O 27 -22.64 -23.52 -8.11
C LEU O 27 -23.88 -23.18 -8.94
N PRO O 28 -24.33 -24.13 -9.79
CA PRO O 28 -25.51 -23.92 -10.63
C PRO O 28 -26.82 -24.22 -9.88
N ASN O 29 -27.86 -23.45 -10.18
CA ASN O 29 -29.16 -23.66 -9.56
C ASN O 29 -28.96 -23.74 -8.03
N CYS O 30 -28.23 -22.75 -7.51
CA CYS O 30 -27.88 -22.66 -6.10
C CYS O 30 -28.45 -21.42 -5.42
N SER O 31 -29.11 -21.61 -4.27
CA SER O 31 -29.69 -20.53 -3.47
C SER O 31 -29.03 -20.44 -2.08
N VAL O 32 -29.31 -19.36 -1.36
CA VAL O 32 -28.76 -19.14 -0.02
C VAL O 32 -29.77 -18.58 0.99
N ILE O 33 -29.69 -19.08 2.22
CA ILE O 33 -30.54 -18.60 3.32
C ILE O 33 -29.58 -18.26 4.46
N SER O 34 -29.69 -17.05 5.01
CA SER O 34 -28.84 -16.64 6.12
C SER O 34 -29.66 -16.72 7.40
N GLN O 35 -29.14 -17.41 8.41
CA GLN O 35 -29.88 -17.54 9.65
C GLN O 35 -30.05 -16.21 10.35
N ASP O 36 -29.21 -15.25 9.99
CA ASP O 36 -29.23 -13.92 10.60
C ASP O 36 -30.39 -13.06 10.14
N ASP O 37 -31.00 -13.42 9.01
CA ASP O 37 -32.13 -12.66 8.51
C ASP O 37 -33.36 -13.04 9.35
N PHE O 38 -33.18 -13.98 10.29
CA PHE O 38 -34.27 -14.45 11.12
C PHE O 38 -34.19 -14.12 12.61
N PHE O 39 -33.44 -13.08 12.94
CA PHE O 39 -33.28 -12.66 14.33
C PHE O 39 -34.57 -12.01 14.76
N LYS O 40 -34.91 -12.15 16.03
CA LYS O 40 -36.10 -11.49 16.56
C LYS O 40 -35.78 -10.01 16.75
N PRO O 41 -36.81 -9.14 16.72
CA PRO O 41 -36.56 -7.71 16.89
C PRO O 41 -35.94 -7.37 18.24
N GLU O 42 -35.09 -6.35 18.24
CA GLU O 42 -34.38 -5.92 19.44
C GLU O 42 -35.28 -5.84 20.66
N SER O 43 -36.56 -5.53 20.44
CA SER O 43 -37.52 -5.43 21.54
C SER O 43 -37.96 -6.79 22.06
N GLU O 44 -37.56 -7.86 21.38
CA GLU O 44 -37.91 -9.22 21.79
C GLU O 44 -36.71 -9.95 22.38
N ILE O 45 -35.55 -9.31 22.39
CA ILE O 45 -34.36 -9.95 22.95
C ILE O 45 -34.28 -9.68 24.46
N GLU O 46 -33.71 -10.62 25.21
CA GLU O 46 -33.62 -10.46 26.65
C GLU O 46 -32.22 -10.25 27.18
N THR O 47 -32.10 -9.59 28.32
CA THR O 47 -30.79 -9.36 28.91
C THR O 47 -30.65 -10.12 30.23
N ASP O 48 -29.60 -10.90 30.35
CA ASP O 48 -29.39 -11.68 31.56
C ASP O 48 -29.05 -10.79 32.74
N LYS O 49 -28.87 -11.44 33.88
CA LYS O 49 -28.55 -10.81 35.16
C LYS O 49 -27.44 -9.78 35.02
N ASN O 50 -26.40 -10.15 34.29
CA ASN O 50 -25.24 -9.31 34.07
C ASN O 50 -25.40 -8.24 32.98
N GLY O 51 -26.63 -8.07 32.51
CA GLY O 51 -26.88 -7.08 31.48
C GLY O 51 -26.24 -7.44 30.14
N PHE O 52 -26.57 -8.62 29.63
CA PHE O 52 -26.03 -9.09 28.36
C PHE O 52 -27.22 -9.50 27.50
N LEU O 53 -27.34 -8.89 26.33
CA LEU O 53 -28.43 -9.26 25.44
C LEU O 53 -28.22 -10.70 25.00
N GLN O 54 -29.30 -11.49 25.05
CA GLN O 54 -29.25 -12.88 24.66
C GLN O 54 -29.47 -13.11 23.16
N TYR O 55 -28.41 -12.87 22.38
CA TYR O 55 -28.48 -13.04 20.93
C TYR O 55 -27.91 -14.35 20.44
N ASP O 56 -27.00 -14.94 21.22
CA ASP O 56 -26.36 -16.19 20.84
C ASP O 56 -27.03 -17.44 21.36
N VAL O 57 -28.35 -17.46 21.26
CA VAL O 57 -29.17 -18.58 21.71
C VAL O 57 -30.29 -18.71 20.70
N LEU O 58 -30.81 -19.93 20.53
CA LEU O 58 -31.89 -20.17 19.56
C LEU O 58 -33.12 -19.32 19.81
N GLU O 59 -33.32 -18.94 21.08
CA GLU O 59 -34.46 -18.13 21.49
C GLU O 59 -34.41 -16.71 20.96
N ALA O 60 -33.33 -16.33 20.30
CA ALA O 60 -33.19 -14.98 19.78
C ALA O 60 -33.49 -14.95 18.27
N LEU O 61 -34.01 -16.06 17.75
CA LEU O 61 -34.31 -16.17 16.33
C LEU O 61 -35.68 -16.80 16.08
N ASN O 62 -36.33 -16.39 14.99
CA ASN O 62 -37.64 -16.92 14.60
C ASN O 62 -37.29 -18.08 13.70
N GLU O 64 -39.08 -20.90 13.38
CA GLU O 64 -40.22 -21.50 12.73
C GLU O 64 -40.47 -20.70 11.47
N LYS O 65 -39.98 -19.47 11.43
CA LYS O 65 -40.10 -18.60 10.26
C LYS O 65 -39.08 -19.13 9.22
N SER O 68 -39.94 -22.34 7.65
CA SER O 68 -40.97 -22.11 6.65
C SER O 68 -40.34 -21.67 5.34
N ALA O 69 -39.36 -20.77 5.42
CA ALA O 69 -38.69 -20.29 4.23
C ALA O 69 -37.99 -21.44 3.55
N ILE O 70 -37.53 -22.40 4.34
CA ILE O 70 -36.84 -23.58 3.81
C ILE O 70 -37.83 -24.53 3.13
N SER O 71 -39.00 -24.67 3.73
CA SER O 71 -40.05 -25.53 3.21
C SER O 71 -40.54 -25.00 1.89
N CYS O 72 -40.74 -23.69 1.77
CA CYS O 72 -41.18 -23.09 0.51
C CYS O 72 -40.15 -23.33 -0.60
N TRP O 73 -38.88 -23.11 -0.29
CA TRP O 73 -37.84 -23.31 -1.28
C TRP O 73 -37.87 -24.78 -1.73
N GLU O 75 -40.36 -27.13 -1.57
CA GLU O 75 -41.51 -27.49 -2.39
C GLU O 75 -41.53 -26.77 -3.74
N SER O 76 -41.14 -25.50 -3.80
CA SER O 76 -41.17 -24.81 -5.10
C SER O 76 -40.01 -25.32 -5.96
N ALA O 77 -39.02 -25.91 -5.31
CA ALA O 77 -37.86 -26.46 -5.98
C ALA O 77 -38.28 -27.68 -6.81
N ARG O 78 -39.30 -28.41 -6.34
CA ARG O 78 -39.77 -29.57 -7.07
C ARG O 78 -40.38 -29.11 -8.40
N HIS O 79 -40.08 -27.88 -8.83
CA HIS O 79 -40.61 -27.37 -10.08
C HIS O 79 -39.61 -26.46 -10.82
N ILE O 92 -30.23 -29.74 -10.79
CA ILE O 92 -30.65 -30.09 -9.43
C ILE O 92 -30.54 -28.90 -8.46
N PRO O 93 -31.67 -28.43 -7.92
CA PRO O 93 -31.67 -27.30 -6.98
C PRO O 93 -30.76 -27.52 -5.78
N ILE O 94 -30.00 -26.47 -5.44
CA ILE O 94 -29.10 -26.52 -4.29
C ILE O 94 -29.38 -25.36 -3.32
N LEU O 95 -29.57 -25.70 -2.04
CA LEU O 95 -29.83 -24.69 -1.00
C LEU O 95 -28.71 -24.69 0.00
N ILE O 96 -28.08 -23.54 0.19
CA ILE O 96 -27.03 -23.41 1.17
C ILE O 96 -27.65 -22.65 2.34
N ILE O 97 -27.63 -23.27 3.52
CA ILE O 97 -28.16 -22.64 4.74
C ILE O 97 -26.96 -22.29 5.62
N GLU O 98 -26.63 -21.00 5.77
CA GLU O 98 -25.50 -20.61 6.62
C GLU O 98 -26.04 -19.97 7.90
N GLY O 99 -25.39 -20.26 9.01
CA GLY O 99 -25.82 -19.73 10.28
C GLY O 99 -24.91 -20.18 11.41
N PHE O 100 -24.82 -19.34 12.44
CA PHE O 100 -23.96 -19.62 13.59
C PHE O 100 -24.50 -20.64 14.63
N LEU O 101 -25.74 -21.06 14.46
CA LEU O 101 -26.37 -21.99 15.39
C LEU O 101 -27.33 -22.89 14.60
N LEU O 102 -26.81 -23.86 13.86
CA LEU O 102 -27.64 -24.72 13.04
C LEU O 102 -27.73 -26.20 13.39
N PHE O 103 -26.60 -26.78 13.80
CA PHE O 103 -26.55 -28.19 14.11
C PHE O 103 -27.02 -28.58 15.50
N ASN O 104 -27.73 -27.66 16.14
CA ASN O 104 -28.26 -27.89 17.49
C ASN O 104 -29.77 -27.61 17.47
N TYR O 105 -30.29 -27.44 16.26
CA TYR O 105 -31.70 -27.20 16.03
C TYR O 105 -32.15 -28.49 15.34
N LYS O 106 -32.77 -29.36 16.15
CA LYS O 106 -33.25 -30.67 15.74
C LYS O 106 -34.08 -30.75 14.49
N PRO O 107 -35.00 -29.82 14.28
CA PRO O 107 -35.76 -29.93 13.04
C PRO O 107 -34.95 -30.04 11.73
N LEU O 108 -33.72 -29.53 11.73
CA LEU O 108 -32.88 -29.56 10.53
C LEU O 108 -32.05 -30.81 10.34
N ASP O 109 -31.77 -31.49 11.44
CA ASP O 109 -30.94 -32.69 11.42
C ASP O 109 -31.28 -33.69 10.32
N THR O 110 -32.56 -33.89 10.06
CA THR O 110 -33.01 -34.83 9.05
C THR O 110 -33.23 -34.19 7.68
N ILE O 111 -32.60 -33.03 7.47
CA ILE O 111 -32.72 -32.32 6.20
C ILE O 111 -31.37 -32.16 5.50
N TRP O 112 -30.32 -31.94 6.29
CA TRP O 112 -28.96 -31.81 5.77
C TRP O 112 -28.66 -32.94 4.78
N ASN O 113 -27.87 -32.60 3.75
CA ASN O 113 -27.41 -33.54 2.74
C ASN O 113 -25.91 -33.55 2.93
N ARG O 114 -25.41 -32.40 3.39
CA ARG O 114 -24.00 -32.18 3.65
C ARG O 114 -23.91 -31.08 4.72
N SER O 115 -23.03 -31.26 5.70
CA SER O 115 -22.86 -30.30 6.76
C SER O 115 -21.39 -29.97 6.90
N TYR O 116 -21.08 -28.67 7.02
CA TYR O 116 -19.73 -28.17 7.15
C TYR O 116 -19.63 -27.27 8.37
N PHE O 117 -18.54 -27.38 9.13
CA PHE O 117 -18.39 -26.58 10.33
C PHE O 117 -17.04 -25.87 10.34
N LEU O 118 -17.05 -24.55 10.25
CA LEU O 118 -15.82 -23.79 10.24
C LEU O 118 -15.27 -23.53 11.65
N THR O 119 -13.97 -23.79 11.85
CA THR O 119 -13.34 -23.56 13.14
C THR O 119 -12.23 -22.51 13.12
N ILE O 120 -12.38 -21.49 13.96
CA ILE O 120 -11.42 -20.38 14.07
C ILE O 120 -11.05 -20.23 15.57
N PRO O 121 -9.76 -19.97 15.85
CA PRO O 121 -9.28 -19.81 17.22
C PRO O 121 -9.94 -18.67 17.99
N TYR O 122 -9.86 -18.72 19.31
CA TYR O 122 -10.45 -17.69 20.17
C TYR O 122 -9.89 -16.31 19.88
N GLU O 123 -8.58 -16.22 19.69
CA GLU O 123 -7.90 -14.95 19.44
C GLU O 123 -8.18 -14.33 18.08
N GLU O 124 -8.39 -15.17 17.07
CA GLU O 124 -8.68 -14.69 15.72
C GLU O 124 -10.15 -14.22 15.61
N CYS O 125 -11.05 -14.99 16.19
CA CYS O 125 -12.48 -14.69 16.20
C CYS O 125 -12.75 -13.38 16.98
N LYS O 126 -12.10 -13.23 18.11
CA LYS O 126 -12.29 -12.04 18.94
C LYS O 126 -11.86 -10.81 18.17
N ARG O 127 -10.79 -10.99 17.40
CA ARG O 127 -10.23 -9.93 16.59
C ARG O 127 -11.16 -9.55 15.44
N ARG O 128 -11.53 -10.52 14.62
CA ARG O 128 -12.44 -10.30 13.51
C ARG O 128 -13.75 -9.68 13.99
N ARG O 129 -14.19 -10.11 15.16
CA ARG O 129 -15.42 -9.61 15.74
C ARG O 129 -15.32 -8.13 16.07
N SER O 130 -14.13 -7.69 16.45
CA SER O 130 -13.95 -6.29 16.82
C SER O 130 -13.86 -5.29 15.65
N THR O 131 -13.84 -5.80 14.43
CA THR O 131 -13.77 -4.97 13.25
C THR O 131 -15.18 -4.71 12.66
N ARG O 132 -16.16 -5.34 13.26
CA ARG O 132 -17.54 -5.23 12.82
C ARG O 132 -18.43 -4.55 13.86
N VAL O 133 -19.08 -3.46 13.46
CA VAL O 133 -19.94 -2.71 14.36
C VAL O 133 -21.33 -3.30 14.26
N TYR O 134 -21.75 -3.99 15.32
CA TYR O 134 -23.06 -4.61 15.35
C TYR O 134 -24.12 -3.65 15.83
N GLN O 135 -25.38 -4.08 15.72
CA GLN O 135 -26.52 -3.29 16.17
C GLN O 135 -27.54 -4.18 16.85
N PRO O 136 -27.69 -4.06 18.17
CA PRO O 136 -26.97 -3.14 19.05
C PRO O 136 -25.51 -3.54 19.14
N PRO O 137 -24.62 -2.58 19.44
CA PRO O 137 -23.18 -2.76 19.57
C PRO O 137 -22.76 -3.69 20.68
N ASP O 138 -21.62 -4.36 20.50
CA ASP O 138 -21.14 -5.26 21.53
C ASP O 138 -20.89 -4.45 22.78
N SER O 139 -21.51 -4.85 23.88
CA SER O 139 -21.31 -4.15 25.14
C SER O 139 -19.89 -4.47 25.61
N PRO O 140 -19.36 -3.73 26.59
CA PRO O 140 -18.00 -4.03 27.05
C PRO O 140 -17.93 -5.46 27.63
N GLY O 141 -17.00 -6.25 27.09
CA GLY O 141 -16.82 -7.63 27.53
C GLY O 141 -17.97 -8.55 27.17
N TYR O 142 -18.64 -8.23 26.07
CA TYR O 142 -19.78 -9.00 25.61
C TYR O 142 -19.25 -10.29 25.01
N PHE O 143 -18.16 -10.17 24.26
CA PHE O 143 -17.54 -11.32 23.62
C PHE O 143 -17.22 -12.42 24.61
N ASP O 144 -16.43 -12.10 25.62
CA ASP O 144 -16.06 -13.09 26.64
C ASP O 144 -17.22 -13.52 27.55
N GLY O 145 -18.16 -12.61 27.79
CA GLY O 145 -19.30 -12.87 28.67
C GLY O 145 -20.55 -13.49 28.06
N HIS O 146 -20.68 -13.47 26.74
CA HIS O 146 -21.85 -14.06 26.11
C HIS O 146 -21.52 -14.80 24.81
N VAL O 147 -20.83 -14.11 23.91
CA VAL O 147 -20.49 -14.70 22.62
C VAL O 147 -19.64 -15.96 22.72
N TRP O 148 -18.50 -15.92 23.39
CA TRP O 148 -17.70 -17.14 23.45
C TRP O 148 -18.35 -18.21 24.30
N PRO O 149 -18.86 -17.84 25.47
CA PRO O 149 -19.51 -18.85 26.32
C PRO O 149 -20.64 -19.60 25.61
N TYR O 151 -20.89 -20.04 22.31
CA TYR O 151 -20.35 -20.82 21.21
C TYR O 151 -19.96 -22.18 21.76
N LEU O 152 -19.25 -22.16 22.89
CA LEU O 152 -18.80 -23.38 23.58
C LEU O 152 -19.97 -24.27 24.01
N LYS O 153 -21.06 -23.62 24.43
CA LYS O 153 -22.28 -24.29 24.83
C LYS O 153 -22.87 -25.02 23.63
N TYR O 154 -22.79 -24.38 22.46
CA TYR O 154 -23.27 -24.93 21.19
C TYR O 154 -22.40 -26.11 20.75
N ARG O 155 -21.08 -25.94 20.85
CA ARG O 155 -20.13 -27.00 20.49
C ARG O 155 -20.44 -28.26 21.28
N GLN O 156 -20.89 -28.04 22.51
CA GLN O 156 -21.22 -29.14 23.41
C GLN O 156 -22.55 -29.75 23.09
N GLU O 157 -23.48 -28.94 22.62
CA GLU O 157 -24.82 -29.42 22.24
C GLU O 157 -24.71 -30.15 20.90
N GLN O 159 -22.09 -32.52 20.60
CA GLN O 159 -21.41 -33.77 20.98
C GLN O 159 -22.31 -34.98 20.73
N ASP O 160 -23.60 -34.69 20.57
CA ASP O 160 -24.66 -35.67 20.35
C ASP O 160 -24.94 -35.98 18.87
N ILE O 161 -24.51 -35.08 17.98
CA ILE O 161 -24.72 -35.27 16.55
C ILE O 161 -24.47 -36.72 16.12
N THR O 162 -25.41 -37.30 15.41
CA THR O 162 -25.23 -38.67 14.97
C THR O 162 -24.75 -38.75 13.53
N TRP O 163 -24.99 -37.68 12.78
CA TRP O 163 -24.59 -37.64 11.37
C TRP O 163 -23.19 -37.03 11.20
N GLU O 164 -22.75 -36.94 9.94
CA GLU O 164 -21.41 -36.43 9.64
C GLU O 164 -21.30 -34.97 9.28
N VAL O 165 -20.45 -34.29 10.03
CA VAL O 165 -20.15 -32.89 9.81
C VAL O 165 -18.69 -32.85 9.42
N VAL O 166 -18.40 -32.14 8.33
CA VAL O 166 -17.05 -31.97 7.82
C VAL O 166 -16.46 -30.69 8.43
N TYR O 167 -15.46 -30.83 9.29
CA TYR O 167 -14.84 -29.67 9.92
C TYR O 167 -13.82 -28.98 9.02
N LEU O 168 -13.95 -27.66 8.97
CA LEU O 168 -13.11 -26.85 8.14
C LEU O 168 -12.29 -25.88 8.99
N ASP O 169 -11.04 -25.66 8.58
CA ASP O 169 -10.10 -24.76 9.27
C ASP O 169 -10.34 -23.35 8.74
N GLY O 170 -10.91 -22.50 9.57
CA GLY O 170 -11.21 -21.14 9.15
C GLY O 170 -10.05 -20.19 9.04
N THR O 171 -8.86 -20.64 9.42
CA THR O 171 -7.67 -19.81 9.33
C THR O 171 -7.11 -19.98 7.91
N LYS O 172 -7.51 -21.07 7.27
CA LYS O 172 -7.08 -21.38 5.92
C LYS O 172 -7.45 -20.29 4.92
N SER O 173 -6.84 -20.39 3.74
CA SER O 173 -7.09 -19.44 2.66
C SER O 173 -8.59 -19.37 2.42
N GLU O 174 -9.04 -18.24 1.91
CA GLU O 174 -10.45 -18.08 1.62
C GLU O 174 -10.83 -18.91 0.41
N GLU O 175 -9.91 -19.06 -0.54
CA GLU O 175 -10.17 -19.84 -1.73
C GLU O 175 -9.89 -21.30 -1.46
N ASP O 176 -8.99 -21.59 -0.55
CA ASP O 176 -8.67 -22.99 -0.22
C ASP O 176 -9.88 -23.65 0.40
N LEU O 177 -10.56 -22.94 1.29
CA LEU O 177 -11.76 -23.47 1.91
C LEU O 177 -12.81 -23.70 0.83
N PHE O 178 -12.98 -22.70 -0.04
CA PHE O 178 -13.94 -22.80 -1.12
C PHE O 178 -13.69 -24.04 -1.96
N LEU O 179 -12.44 -24.27 -2.34
CA LEU O 179 -12.09 -25.42 -3.16
C LEU O 179 -12.19 -26.73 -2.42
N GLN O 180 -11.97 -26.69 -1.12
CA GLN O 180 -12.09 -27.90 -0.30
C GLN O 180 -13.55 -28.38 -0.34
N VAL O 181 -14.48 -27.45 -0.14
CA VAL O 181 -15.89 -27.78 -0.15
C VAL O 181 -16.36 -28.07 -1.56
N TYR O 182 -15.87 -27.26 -2.52
CA TYR O 182 -16.25 -27.42 -3.93
C TYR O 182 -16.00 -28.81 -4.48
N GLU O 183 -14.80 -29.34 -4.27
CA GLU O 183 -14.44 -30.68 -4.75
C GLU O 183 -15.43 -31.68 -4.19
N ASP O 184 -15.49 -31.68 -2.85
CA ASP O 184 -16.38 -32.55 -2.09
C ASP O 184 -17.81 -32.51 -2.60
N LEU O 185 -18.32 -31.30 -2.78
CA LEU O 185 -19.67 -31.15 -3.26
C LEU O 185 -19.87 -31.87 -4.59
N ILE O 186 -18.88 -31.83 -5.49
CA ILE O 186 -19.01 -32.51 -6.79
C ILE O 186 -18.80 -34.02 -6.57
N GLN O 187 -17.98 -34.36 -5.58
CA GLN O 187 -17.70 -35.75 -5.24
C GLN O 187 -18.85 -36.32 -4.36
N GLU O 188 -19.97 -35.60 -4.35
CA GLU O 188 -21.15 -36.04 -3.63
C GLU O 188 -22.26 -35.99 -4.65
N LEU O 189 -22.20 -34.98 -5.53
CA LEU O 189 -23.17 -34.87 -6.60
C LEU O 189 -22.82 -35.93 -7.64
N ALA O 190 -21.55 -36.34 -7.65
CA ALA O 190 -21.09 -37.37 -8.58
C ALA O 190 -21.93 -38.60 -8.30
N LYS O 191 -22.23 -38.79 -7.01
CA LYS O 191 -23.05 -39.92 -6.56
C LYS O 191 -24.56 -39.63 -6.64
N GLN O 192 -24.95 -38.84 -7.64
CA GLN O 192 -26.34 -38.48 -7.88
C GLN O 192 -26.54 -38.82 -9.33
N LYS P 2 -8.48 13.13 10.85
CA LYS P 2 -8.11 12.11 11.87
C LYS P 2 -8.78 10.75 11.65
N THR P 3 -9.88 10.73 10.91
CA THR P 3 -10.56 9.47 10.59
C THR P 3 -10.94 9.53 9.12
N PHE P 4 -10.97 8.37 8.48
CA PHE P 4 -11.29 8.30 7.05
C PHE P 4 -12.59 7.52 6.94
N ILE P 5 -13.62 8.18 6.41
CA ILE P 5 -14.93 7.54 6.25
C ILE P 5 -15.15 7.24 4.78
N ILE P 6 -15.49 5.97 4.50
CA ILE P 6 -15.72 5.51 3.14
C ILE P 6 -17.12 4.97 2.94
N GLY P 7 -17.77 5.42 1.89
CA GLY P 7 -19.12 4.98 1.58
C GLY P 7 -19.15 4.08 0.36
N ILE P 8 -20.00 3.07 0.42
CA ILE P 8 -20.15 2.10 -0.65
C ILE P 8 -21.62 1.76 -0.82
N SER P 9 -22.24 2.32 -1.85
CA SER P 9 -23.65 2.04 -2.09
C SER P 9 -23.85 1.38 -3.47
N GLY P 10 -25.09 1.18 -3.86
CA GLY P 10 -25.35 0.56 -5.14
C GLY P 10 -26.55 -0.33 -5.00
N VAL P 11 -27.17 -0.69 -6.12
CA VAL P 11 -28.33 -1.55 -6.11
C VAL P 11 -28.08 -2.87 -5.38
N THR P 12 -29.15 -3.52 -4.90
CA THR P 12 -29.02 -4.77 -4.18
C THR P 12 -28.23 -5.76 -5.00
N ASN P 13 -27.43 -6.59 -4.33
CA ASN P 13 -26.60 -7.61 -4.97
C ASN P 13 -25.56 -7.12 -5.97
N SER P 14 -25.23 -5.83 -5.92
CA SER P 14 -24.23 -5.31 -6.83
C SER P 14 -22.85 -5.74 -6.37
N GLY P 15 -22.72 -6.10 -5.09
CA GLY P 15 -21.44 -6.55 -4.58
C GLY P 15 -20.90 -5.76 -3.41
N LYS P 16 -21.76 -5.01 -2.74
CA LYS P 16 -21.34 -4.19 -1.62
C LYS P 16 -20.76 -4.93 -0.43
N THR P 17 -21.53 -5.86 0.13
CA THR P 17 -21.02 -6.61 1.25
C THR P 17 -19.67 -7.25 0.94
N THR P 18 -19.53 -7.74 -0.29
CA THR P 18 -18.29 -8.40 -0.70
C THR P 18 -17.10 -7.46 -0.80
N LEU P 19 -17.31 -6.23 -1.25
CA LEU P 19 -16.20 -5.30 -1.38
C LEU P 19 -15.78 -4.82 0.00
N ALA P 20 -16.76 -4.55 0.85
CA ALA P 20 -16.49 -4.08 2.18
C ALA P 20 -15.66 -5.09 2.96
N LYS P 21 -16.01 -6.36 2.86
CA LYS P 21 -15.30 -7.39 3.58
C LYS P 21 -13.85 -7.51 3.14
N ASN P 22 -13.61 -7.45 1.83
CA ASN P 22 -12.26 -7.55 1.28
C ASN P 22 -11.38 -6.39 1.77
N LEU P 23 -11.84 -5.17 1.53
CA LEU P 23 -11.13 -3.98 1.96
C LEU P 23 -10.83 -4.13 3.46
N GLN P 24 -11.88 -4.49 4.19
CA GLN P 24 -11.78 -4.73 5.62
C GLN P 24 -10.59 -5.61 5.98
N LYS P 25 -10.46 -6.73 5.28
CA LYS P 25 -9.39 -7.65 5.55
C LYS P 25 -8.01 -7.06 5.35
N HIS P 26 -7.82 -6.25 4.31
CA HIS P 26 -6.49 -5.72 4.07
C HIS P 26 -6.29 -4.26 4.47
N LEU P 27 -7.28 -3.70 5.16
CA LEU P 27 -7.18 -2.32 5.62
C LEU P 27 -6.90 -2.30 7.10
N PRO P 28 -5.87 -1.53 7.50
CA PRO P 28 -5.50 -1.43 8.92
C PRO P 28 -6.34 -0.42 9.69
N ASN P 29 -6.71 -0.80 10.92
CA ASN P 29 -7.49 0.08 11.78
C ASN P 29 -8.76 0.39 11.00
N CYS P 30 -9.42 -0.66 10.51
CA CYS P 30 -10.62 -0.53 9.69
C CYS P 30 -11.83 -1.24 10.24
N SER P 31 -12.96 -0.54 10.26
CA SER P 31 -14.25 -1.05 10.76
C SER P 31 -15.35 -1.03 9.68
N VAL P 32 -16.41 -1.82 9.87
CA VAL P 32 -17.52 -1.87 8.92
C VAL P 32 -18.91 -1.73 9.56
N ILE P 33 -19.76 -0.92 8.94
CA ILE P 33 -21.13 -0.74 9.40
C ILE P 33 -21.99 -1.09 8.20
N SER P 34 -22.98 -1.95 8.40
CA SER P 34 -23.92 -2.36 7.36
C SER P 34 -25.29 -1.71 7.60
N GLN P 35 -25.78 -1.00 6.61
CA GLN P 35 -27.06 -0.32 6.68
C GLN P 35 -28.22 -1.30 6.89
N ASP P 36 -27.99 -2.57 6.58
CA ASP P 36 -29.02 -3.59 6.70
C ASP P 36 -29.30 -4.05 8.11
N ASP P 37 -28.41 -3.68 9.02
CA ASP P 37 -28.55 -4.00 10.43
C ASP P 37 -29.50 -2.97 11.06
N PHE P 38 -29.92 -1.99 10.28
CA PHE P 38 -30.78 -0.93 10.77
C PHE P 38 -32.19 -0.87 10.19
N PHE P 39 -32.65 -1.99 9.65
CA PHE P 39 -33.99 -2.06 9.10
C PHE P 39 -34.98 -2.10 10.26
N LYS P 40 -36.13 -1.46 10.09
CA LYS P 40 -37.15 -1.47 11.13
C LYS P 40 -37.71 -2.90 11.19
N PRO P 41 -38.37 -3.27 12.33
CA PRO P 41 -38.93 -4.62 12.44
C PRO P 41 -40.05 -4.80 11.43
N GLU P 42 -40.29 -6.05 11.06
CA GLU P 42 -41.31 -6.40 10.08
C GLU P 42 -42.65 -5.76 10.38
N SER P 43 -42.97 -5.69 11.67
CA SER P 43 -44.24 -5.10 12.12
C SER P 43 -44.31 -3.60 11.90
N GLU P 44 -43.18 -2.99 11.59
CA GLU P 44 -43.11 -1.55 11.36
C GLU P 44 -43.11 -1.18 9.91
N ILE P 45 -42.92 -2.15 9.03
CA ILE P 45 -42.90 -1.89 7.58
C ILE P 45 -44.31 -1.72 7.03
N GLU P 46 -44.44 -0.98 5.94
CA GLU P 46 -45.75 -0.78 5.34
C GLU P 46 -45.88 -1.38 3.96
N THR P 47 -47.11 -1.73 3.60
CA THR P 47 -47.34 -2.30 2.29
C THR P 47 -48.17 -1.32 1.44
N ASP P 48 -47.71 -1.04 0.23
CA ASP P 48 -48.43 -0.12 -0.63
C ASP P 48 -49.79 -0.66 -1.08
N LYS P 49 -50.42 0.08 -1.98
CA LYS P 49 -51.73 -0.23 -2.55
C LYS P 49 -51.77 -1.62 -3.13
N ASN P 50 -50.71 -1.96 -3.84
CA ASN P 50 -50.59 -3.27 -4.51
C ASN P 50 -50.08 -4.40 -3.62
N GLY P 51 -49.94 -4.13 -2.32
CA GLY P 51 -49.49 -5.16 -1.39
C GLY P 51 -48.00 -5.47 -1.48
N PHE P 52 -47.20 -4.42 -1.49
CA PHE P 52 -45.75 -4.56 -1.58
C PHE P 52 -45.10 -3.95 -0.35
N LEU P 53 -44.43 -4.77 0.43
CA LEU P 53 -43.78 -4.25 1.62
C LEU P 53 -42.74 -3.20 1.22
N GLN P 54 -42.83 -2.03 1.82
CA GLN P 54 -41.93 -0.92 1.54
C GLN P 54 -40.60 -1.03 2.25
N TYR P 55 -39.69 -1.84 1.70
CA TYR P 55 -38.35 -2.02 2.29
C TYR P 55 -37.24 -1.19 1.62
N ASP P 56 -37.44 -0.85 0.35
CA ASP P 56 -36.45 -0.11 -0.42
C ASP P 56 -36.59 1.41 -0.40
N VAL P 57 -36.92 1.91 0.78
CA VAL P 57 -37.10 3.32 1.02
C VAL P 57 -36.48 3.65 2.38
N LEU P 58 -35.95 4.85 2.53
CA LEU P 58 -35.32 5.27 3.78
C LEU P 58 -36.19 5.08 4.98
N GLU P 59 -37.51 5.11 4.78
CA GLU P 59 -38.47 4.98 5.87
C GLU P 59 -38.56 3.58 6.47
N ALA P 60 -37.87 2.62 5.88
CA ALA P 60 -37.92 1.27 6.41
C ALA P 60 -36.67 0.99 7.25
N LEU P 61 -35.89 2.03 7.49
CA LEU P 61 -34.64 1.98 8.24
C LEU P 61 -34.56 2.99 9.37
N ASN P 62 -34.00 2.57 10.50
CA ASN P 62 -33.82 3.43 11.67
C ASN P 62 -32.50 4.11 11.34
N GLU P 64 -31.60 7.20 12.30
CA GLU P 64 -31.09 7.97 13.42
C GLU P 64 -30.31 7.03 14.31
N LYS P 65 -30.71 5.76 14.31
CA LYS P 65 -30.03 4.73 15.08
C LYS P 65 -28.64 4.58 14.47
N SER P 68 -26.24 7.39 14.97
CA SER P 68 -25.79 7.31 16.35
C SER P 68 -24.62 6.36 16.48
N ALA P 69 -24.70 5.27 15.74
CA ALA P 69 -23.66 4.27 15.74
C ALA P 69 -22.39 4.83 15.08
N ILE P 70 -22.58 5.68 14.08
CA ILE P 70 -21.46 6.30 13.37
C ILE P 70 -20.80 7.39 14.21
N SER P 71 -21.59 8.09 15.02
CA SER P 71 -21.04 9.11 15.89
C SER P 71 -20.29 8.44 17.05
N CYS P 72 -20.76 7.27 17.49
CA CYS P 72 -20.08 6.55 18.56
C CYS P 72 -18.70 6.19 18.05
N TRP P 73 -18.66 5.57 16.88
CA TRP P 73 -17.40 5.15 16.28
C TRP P 73 -16.49 6.37 16.14
N GLU P 75 -16.39 9.42 17.57
CA GLU P 75 -15.82 10.00 18.77
C GLU P 75 -14.90 9.05 19.50
N SER P 76 -15.22 7.77 19.52
CA SER P 76 -14.37 6.83 20.23
C SER P 76 -13.07 6.61 19.45
N ALA P 77 -13.09 6.91 18.15
CA ALA P 77 -11.91 6.74 17.29
C ALA P 77 -10.82 7.76 17.60
N ARG P 78 -11.23 8.93 18.13
CA ARG P 78 -10.28 9.99 18.47
C ARG P 78 -9.39 9.53 19.62
N HIS P 79 -9.49 8.24 19.94
CA HIS P 79 -8.71 7.60 21.00
C HIS P 79 -8.26 6.19 20.59
N ILE P 92 -4.46 5.63 11.54
CA ILE P 92 -5.68 6.39 11.26
C ILE P 92 -6.89 5.47 11.09
N PRO P 93 -7.93 5.65 11.93
CA PRO P 93 -9.18 4.87 11.93
C PRO P 93 -10.00 4.99 10.65
N ILE P 94 -10.39 3.84 10.10
CA ILE P 94 -11.16 3.78 8.88
C ILE P 94 -12.51 3.13 9.11
N LEU P 95 -13.56 3.78 8.59
CA LEU P 95 -14.93 3.30 8.71
C LEU P 95 -15.59 3.15 7.36
N ILE P 96 -15.90 1.92 6.99
CA ILE P 96 -16.58 1.63 5.75
C ILE P 96 -18.05 1.53 6.09
N ILE P 97 -18.86 2.29 5.40
CA ILE P 97 -20.29 2.25 5.61
C ILE P 97 -20.87 1.73 4.31
N GLU P 98 -21.40 0.50 4.30
CA GLU P 98 -22.01 -0.08 3.09
C GLU P 98 -23.52 -0.09 3.26
N GLY P 99 -24.23 0.20 2.19
CA GLY P 99 -25.68 0.21 2.26
C GLY P 99 -26.26 0.52 0.91
N PHE P 100 -27.44 -0.05 0.63
CA PHE P 100 -28.09 0.14 -0.66
C PHE P 100 -28.76 1.49 -0.89
N LEU P 101 -28.78 2.33 0.13
CA LEU P 101 -29.45 3.62 0.06
C LEU P 101 -28.69 4.59 0.97
N LEU P 102 -27.56 5.14 0.51
CA LEU P 102 -26.75 6.03 1.35
C LEU P 102 -26.51 7.45 0.88
N PHE P 103 -26.36 7.65 -0.44
CA PHE P 103 -26.06 8.98 -0.94
C PHE P 103 -27.28 9.87 -1.13
N ASN P 104 -28.42 9.40 -0.64
CA ASN P 104 -29.65 10.15 -0.73
C ASN P 104 -30.09 10.50 0.69
N TYR P 105 -29.26 10.12 1.66
CA TYR P 105 -29.53 10.46 3.05
C TYR P 105 -28.63 11.68 3.31
N LYS P 106 -29.25 12.85 3.38
CA LYS P 106 -28.55 14.12 3.57
C LYS P 106 -27.59 14.25 4.73
N PRO P 107 -27.94 13.69 5.88
CA PRO P 107 -27.03 13.79 7.03
C PRO P 107 -25.61 13.29 6.76
N LEU P 108 -25.47 12.33 5.86
CA LEU P 108 -24.18 11.76 5.54
C LEU P 108 -23.33 12.53 4.53
N ASP P 109 -23.96 13.33 3.68
CA ASP P 109 -23.24 14.09 2.67
C ASP P 109 -21.96 14.78 3.13
N THR P 110 -22.02 15.40 4.30
CA THR P 110 -20.87 16.10 4.84
C THR P 110 -20.00 15.24 5.75
N ILE P 111 -19.93 13.94 5.48
CA ILE P 111 -19.14 13.02 6.29
C ILE P 111 -18.22 12.14 5.45
N TRP P 112 -18.68 11.79 4.26
CA TRP P 112 -17.93 10.98 3.32
C TRP P 112 -16.56 11.59 3.02
N ASN P 113 -15.54 10.74 2.98
CA ASN P 113 -14.18 11.13 2.64
C ASN P 113 -13.97 10.60 1.23
N ARG P 114 -14.64 9.48 0.96
CA ARG P 114 -14.59 8.81 -0.32
C ARG P 114 -15.96 8.12 -0.49
N SER P 115 -16.49 8.12 -1.71
CA SER P 115 -17.76 7.49 -2.01
C SER P 115 -17.61 6.63 -3.26
N TYR P 116 -18.13 5.40 -3.22
CA TYR P 116 -18.05 4.47 -4.35
C TYR P 116 -19.44 3.94 -4.66
N PHE P 117 -19.77 3.82 -5.94
CA PHE P 117 -21.09 3.32 -6.32
C PHE P 117 -20.96 2.16 -7.32
N LEU P 118 -21.45 0.98 -6.92
CA LEU P 118 -21.39 -0.22 -7.76
C LEU P 118 -22.59 -0.29 -8.66
N THR P 119 -22.35 -0.55 -9.94
CA THR P 119 -23.43 -0.64 -10.90
C THR P 119 -23.45 -2.04 -11.50
N ILE P 120 -24.65 -2.61 -11.53
CA ILE P 120 -24.89 -3.94 -12.09
C ILE P 120 -26.14 -3.82 -12.98
N PRO P 121 -26.19 -4.55 -14.10
CA PRO P 121 -27.34 -4.51 -15.01
C PRO P 121 -28.63 -5.08 -14.45
N TYR P 122 -29.75 -4.67 -15.05
CA TYR P 122 -31.06 -5.12 -14.61
C TYR P 122 -31.20 -6.62 -14.54
N GLU P 123 -30.70 -7.29 -15.57
CA GLU P 123 -30.80 -8.75 -15.65
C GLU P 123 -29.91 -9.49 -14.66
N GLU P 124 -28.72 -8.96 -14.42
CA GLU P 124 -27.78 -9.58 -13.49
C GLU P 124 -28.24 -9.39 -12.07
N CYS P 125 -28.73 -8.21 -11.77
CA CYS P 125 -29.25 -7.88 -10.44
C CYS P 125 -30.44 -8.75 -10.09
N LYS P 126 -31.32 -8.97 -11.06
CA LYS P 126 -32.54 -9.76 -10.88
C LYS P 126 -32.24 -11.23 -10.68
N ARG P 127 -31.16 -11.67 -11.32
CA ARG P 127 -30.73 -13.05 -11.26
C ARG P 127 -30.09 -13.32 -9.90
N ARG P 128 -29.13 -12.50 -9.50
CA ARG P 128 -28.48 -12.68 -8.22
C ARG P 128 -29.54 -12.63 -7.12
N ARG P 129 -30.42 -11.63 -7.19
CA ARG P 129 -31.47 -11.46 -6.18
C ARG P 129 -32.28 -12.73 -5.95
N SER P 130 -32.61 -13.45 -7.01
CA SER P 130 -33.42 -14.64 -6.89
C SER P 130 -32.73 -15.86 -6.28
N THR P 131 -31.41 -15.79 -6.06
CA THR P 131 -30.65 -16.89 -5.46
C THR P 131 -30.62 -16.73 -3.93
N ARG P 132 -31.18 -15.63 -3.44
CA ARG P 132 -31.18 -15.35 -2.02
C ARG P 132 -32.59 -15.30 -1.51
N VAL P 133 -32.85 -16.12 -0.49
CA VAL P 133 -34.17 -16.19 0.15
C VAL P 133 -34.18 -15.13 1.26
N TYR P 134 -34.96 -14.08 1.05
CA TYR P 134 -35.04 -13.02 2.03
C TYR P 134 -36.12 -13.35 3.05
N GLN P 135 -36.24 -12.48 4.06
CA GLN P 135 -37.24 -12.63 5.11
C GLN P 135 -37.71 -11.23 5.48
N PRO P 136 -38.97 -10.88 5.15
CA PRO P 136 -39.93 -11.74 4.47
C PRO P 136 -39.47 -12.01 3.06
N PRO P 137 -39.90 -13.14 2.47
CA PRO P 137 -39.50 -13.50 1.10
C PRO P 137 -40.04 -12.56 0.04
N ASP P 138 -39.35 -12.47 -1.09
CA ASP P 138 -39.81 -11.61 -2.18
C ASP P 138 -41.18 -12.13 -2.70
N SER P 139 -42.22 -11.31 -2.62
CA SER P 139 -43.53 -11.72 -3.10
C SER P 139 -43.46 -11.90 -4.61
N PRO P 140 -44.55 -12.36 -5.23
CA PRO P 140 -44.49 -12.53 -6.69
C PRO P 140 -44.42 -11.18 -7.39
N GLY P 141 -43.34 -10.96 -8.14
CA GLY P 141 -43.18 -9.72 -8.88
C GLY P 141 -42.76 -8.55 -8.03
N TYR P 142 -42.13 -8.88 -6.91
CA TYR P 142 -41.66 -7.88 -5.97
C TYR P 142 -40.49 -7.10 -6.53
N PHE P 143 -39.57 -7.81 -7.19
CA PHE P 143 -38.39 -7.18 -7.79
C PHE P 143 -38.80 -6.06 -8.77
N ASP P 144 -39.64 -6.39 -9.73
CA ASP P 144 -40.09 -5.42 -10.72
C ASP P 144 -41.04 -4.38 -10.14
N GLY P 145 -41.89 -4.83 -9.21
CA GLY P 145 -42.86 -3.93 -8.60
C GLY P 145 -42.39 -2.99 -7.51
N HIS P 146 -41.29 -3.33 -6.81
CA HIS P 146 -40.79 -2.49 -5.74
C HIS P 146 -39.28 -2.27 -5.77
N VAL P 147 -38.53 -3.36 -5.82
CA VAL P 147 -37.07 -3.28 -5.84
C VAL P 147 -36.45 -2.46 -6.97
N TRP P 148 -36.69 -2.81 -8.23
CA TRP P 148 -36.09 -2.03 -9.31
C TRP P 148 -36.56 -0.58 -9.37
N PRO P 149 -37.89 -0.36 -9.29
CA PRO P 149 -38.46 1.00 -9.34
C PRO P 149 -37.88 1.89 -8.25
N TYR P 151 -34.92 1.52 -6.87
CA TYR P 151 -33.49 1.75 -7.12
C TYR P 151 -33.34 2.89 -8.11
N LEU P 152 -34.22 2.93 -9.10
CA LEU P 152 -34.20 3.98 -10.11
C LEU P 152 -34.57 5.34 -9.50
N LYS P 153 -35.47 5.29 -8.53
CA LYS P 153 -35.90 6.48 -7.84
C LYS P 153 -34.72 7.03 -7.03
N TYR P 154 -33.86 6.13 -6.59
CA TYR P 154 -32.68 6.48 -5.80
C TYR P 154 -31.61 7.07 -6.75
N ARG P 155 -31.42 6.45 -7.90
CA ARG P 155 -30.45 6.90 -8.91
C ARG P 155 -30.75 8.33 -9.30
N GLN P 156 -32.03 8.65 -9.36
CA GLN P 156 -32.51 9.97 -9.70
C GLN P 156 -32.31 11.00 -8.57
N GLU P 157 -32.56 10.59 -7.32
CA GLU P 157 -32.35 11.44 -6.14
C GLU P 157 -30.85 11.65 -5.97
N GLN P 159 -29.00 12.61 -8.75
CA GLN P 159 -28.66 13.54 -9.82
C GLN P 159 -28.24 14.89 -9.19
N ASP P 160 -28.66 15.13 -7.95
CA ASP P 160 -28.36 16.35 -7.20
C ASP P 160 -27.02 16.32 -6.45
N ILE P 161 -26.43 15.13 -6.29
CA ILE P 161 -25.14 15.01 -5.61
C ILE P 161 -24.13 16.07 -6.11
N THR P 162 -23.60 16.85 -5.16
CA THR P 162 -22.61 17.87 -5.47
C THR P 162 -21.19 17.32 -5.40
N TRP P 163 -20.96 16.34 -4.51
CA TRP P 163 -19.62 15.76 -4.35
C TRP P 163 -19.25 14.66 -5.36
N GLU P 164 -18.02 14.15 -5.27
CA GLU P 164 -17.59 13.13 -6.21
C GLU P 164 -17.78 11.69 -5.77
N VAL P 165 -18.53 10.96 -6.60
CA VAL P 165 -18.78 9.56 -6.35
C VAL P 165 -18.09 8.83 -7.47
N VAL P 166 -17.23 7.89 -7.09
CA VAL P 166 -16.51 7.06 -8.04
C VAL P 166 -17.38 5.85 -8.43
N TYR P 167 -17.78 5.77 -9.69
CA TYR P 167 -18.60 4.66 -10.12
C TYR P 167 -17.82 3.38 -10.46
N LEU P 168 -18.29 2.25 -9.92
CA LEU P 168 -17.65 0.96 -10.12
C LEU P 168 -18.51 -0.04 -10.89
N ASP P 169 -17.87 -0.80 -11.78
CA ASP P 169 -18.53 -1.79 -12.59
C ASP P 169 -18.69 -3.08 -11.78
N GLY P 170 -19.91 -3.34 -11.30
CA GLY P 170 -20.13 -4.54 -10.50
C GLY P 170 -20.02 -5.89 -11.20
N THR P 171 -19.90 -5.87 -12.53
CA THR P 171 -19.80 -7.09 -13.32
C THR P 171 -18.35 -7.53 -13.38
N LYS P 172 -17.45 -6.58 -13.15
CA LYS P 172 -16.02 -6.86 -13.15
C LYS P 172 -15.70 -7.96 -12.16
N SER P 173 -14.42 -8.26 -12.05
CA SER P 173 -13.92 -9.27 -11.13
C SER P 173 -14.11 -8.84 -9.69
N GLU P 174 -14.20 -9.79 -8.79
CA GLU P 174 -14.37 -9.44 -7.40
C GLU P 174 -13.08 -8.84 -6.88
N GLU P 175 -11.95 -9.36 -7.35
CA GLU P 175 -10.64 -8.84 -6.91
C GLU P 175 -10.27 -7.58 -7.68
N ASP P 176 -10.72 -7.49 -8.94
CA ASP P 176 -10.45 -6.31 -9.74
C ASP P 176 -11.10 -5.07 -9.11
N LEU P 177 -12.34 -5.22 -8.62
CA LEU P 177 -13.02 -4.10 -7.96
C LEU P 177 -12.31 -3.76 -6.65
N PHE P 178 -11.90 -4.78 -5.91
CA PHE P 178 -11.20 -4.60 -4.64
C PHE P 178 -9.88 -3.89 -4.84
N LEU P 179 -9.18 -4.25 -5.90
CA LEU P 179 -7.88 -3.64 -6.19
C LEU P 179 -8.04 -2.21 -6.67
N GLN P 180 -9.09 -1.96 -7.45
CA GLN P 180 -9.36 -0.63 -7.97
C GLN P 180 -9.59 0.34 -6.84
N VAL P 181 -10.31 -0.11 -5.83
CA VAL P 181 -10.63 0.70 -4.67
C VAL P 181 -9.45 0.76 -3.71
N TYR P 182 -8.69 -0.32 -3.67
CA TYR P 182 -7.54 -0.44 -2.78
C TYR P 182 -6.40 0.47 -3.16
N GLU P 183 -6.18 0.66 -4.46
CA GLU P 183 -5.13 1.55 -4.95
C GLU P 183 -5.55 2.95 -4.55
N ASP P 184 -6.67 3.38 -5.11
CA ASP P 184 -7.23 4.69 -4.86
C ASP P 184 -7.20 5.11 -3.38
N LEU P 185 -7.55 4.16 -2.50
CA LEU P 185 -7.59 4.40 -1.05
C LEU P 185 -6.24 4.67 -0.46
N ILE P 186 -5.20 4.27 -1.17
CA ILE P 186 -3.85 4.53 -0.69
C ILE P 186 -3.33 5.76 -1.43
N GLN P 187 -3.91 6.01 -2.61
CA GLN P 187 -3.57 7.19 -3.41
C GLN P 187 -4.41 8.37 -2.87
N GLU P 188 -5.10 8.14 -1.75
CA GLU P 188 -5.93 9.16 -1.09
C GLU P 188 -5.37 9.30 0.33
N LEU P 189 -4.85 8.18 0.83
CA LEU P 189 -4.23 8.14 2.16
C LEU P 189 -2.79 8.56 1.98
N ALA P 190 -2.39 8.69 0.71
CA ALA P 190 -1.06 9.15 0.38
C ALA P 190 -1.08 10.63 0.74
N LYS P 191 -2.13 11.33 0.30
CA LYS P 191 -2.28 12.74 0.60
C LYS P 191 -2.66 13.02 2.06
N GLN P 192 -2.28 12.12 2.97
CA GLN P 192 -2.58 12.27 4.42
C GLN P 192 -1.27 12.38 5.19
#